data_4XZ2
#
_entry.id   4XZ2
#
_cell.length_a   76.652
_cell.length_b   164.524
_cell.length_c   133.200
_cell.angle_alpha   90.00
_cell.angle_beta   102.96
_cell.angle_gamma   90.00
#
_symmetry.space_group_name_H-M   'P 1 21 1'
#
loop_
_entity.id
_entity.type
_entity.pdbx_description
1 polymer 'ATP-dependent 6-phosphofructokinase, platelet type'
2 non-polymer 'PHOSPHATE ION'
3 non-polymer 1,6-di-O-phosphono-beta-D-fructofuranose
4 non-polymer "ADENOSINE-5'-DIPHOSPHATE"
5 non-polymer 6-O-phosphono-beta-D-fructofuranose
#
_entity_poly.entity_id   1
_entity_poly.type   'polypeptide(L)'
_entity_poly.pdbx_seq_one_letter_code
;MASWSHPQFEKGADDDDKVPDPTSAIGVLTSGGDAQGMNAAVRAVVRMGIYVGAKVYFIYEGYQGMVDGGSNIAEADWES
VSSILQVGGTIIGSARCQAFRTREGRLKAACNLLQRGITNLCVIGGDGSLTGANLFRKEWSGLLEELARNGQIDKEAVQK
YAYLNVVGMVGSIDNDFCGTDMTIGTDSALHRIIEVVDAIMTTAQSHQRTFVLEVMGRHCGYLALVSALACGADWVFLPE
SPPEEGWEEQMCVKLSENRARKKRLNIIIVAEGAIDTQNKPITSEKIKELVVTQLGYDTRVTILGHVQRGGTPSAFDRIL
ASRMGVEAVIALLEATPDTPACVVSLNGNHAVRLPLMECVQMTQDVQKAMDERRFQDAVRLRGRSFAGNLNTYKRLAIKL
PDDQIPKTNCNVAVINVGAPAAGMNAAVRSAVRVGIADGHRMLAIYDGFDGFAKGQIKEIGWTDVGGWTGQGGSILGTKR
VLPGKYLEEIATQMRTHSINALLIIGGFEAYLGLLELSAAREKHEEFCVPMVMVPATVSNNVPGSDFSIGADTALNTITD
TCDRIKQSASGTKRRVFIIETMGGYCGYLANMGGLAAGADAAYIFEEPFDIRDLQSNVEHLTEKMKTTIQRGLVLRNESC
SENYTTDFIYQLYSEEGKGVFDCRKNVLGHMQQGGAPSPFDRNFGTKISARAMEWITAKLKEARGRGKKFTTDDSICVLG
ISKRNVIFQPVAELKKQTDFEHRIPKEQWWLKLRPLMKILA
;
_entity_poly.pdbx_strand_id   A,B,C,D
#
# COMPACT_ATOMS: atom_id res chain seq x y z
N SER A 24 26.71 -21.49 -44.72
CA SER A 24 26.16 -20.82 -43.52
C SER A 24 24.62 -20.93 -43.46
N ALA A 25 24.08 -22.04 -43.94
CA ALA A 25 22.66 -22.34 -43.75
C ALA A 25 22.53 -23.60 -42.90
N ILE A 26 21.48 -23.65 -42.09
CA ILE A 26 21.22 -24.77 -41.19
C ILE A 26 19.85 -25.37 -41.45
N GLY A 27 19.81 -26.69 -41.58
CA GLY A 27 18.56 -27.42 -41.61
C GLY A 27 18.36 -28.19 -40.31
N VAL A 28 17.14 -28.08 -39.76
CA VAL A 28 16.76 -28.75 -38.50
C VAL A 28 15.55 -29.65 -38.78
N LEU A 29 15.57 -30.87 -38.27
CA LEU A 29 14.44 -31.76 -38.45
C LEU A 29 14.22 -32.65 -37.24
N THR A 30 13.01 -33.20 -37.14
CA THR A 30 12.65 -34.12 -36.05
C THR A 30 12.28 -35.45 -36.68
N SER A 31 12.78 -36.52 -36.10
CA SER A 31 12.53 -37.84 -36.63
C SER A 31 12.32 -38.84 -35.47
N GLY A 32 11.80 -40.01 -35.82
CA GLY A 32 11.48 -41.02 -34.81
C GLY A 32 10.35 -40.56 -33.92
N GLY A 33 10.07 -41.34 -32.88
CA GLY A 33 9.01 -41.01 -31.93
C GLY A 33 9.13 -39.61 -31.37
N ASP A 34 8.00 -38.93 -31.22
CA ASP A 34 7.98 -37.59 -30.69
C ASP A 34 8.20 -37.60 -29.16
N ALA A 35 8.73 -36.51 -28.64
CA ALA A 35 8.99 -36.38 -27.23
C ALA A 35 8.72 -34.95 -26.82
N GLN A 36 8.13 -34.80 -25.64
CA GLN A 36 7.79 -33.50 -25.12
C GLN A 36 9.09 -32.69 -24.88
N GLY A 37 9.15 -31.49 -25.44
CA GLY A 37 10.39 -30.66 -25.42
C GLY A 37 11.04 -30.46 -26.80
N MET A 38 10.59 -31.23 -27.78
CA MET A 38 11.12 -31.09 -29.13
C MET A 38 10.93 -29.67 -29.69
N ASN A 39 9.75 -29.09 -29.48
CA ASN A 39 9.52 -27.74 -29.93
C ASN A 39 10.47 -26.71 -29.32
N ALA A 40 10.78 -26.88 -28.04
CA ALA A 40 11.75 -26.03 -27.36
C ALA A 40 13.13 -26.16 -27.97
N ALA A 41 13.51 -27.39 -28.29
CA ALA A 41 14.78 -27.64 -28.97
C ALA A 41 14.88 -26.93 -30.33
N VAL A 42 13.81 -27.05 -31.10
CA VAL A 42 13.71 -26.42 -32.40
C VAL A 42 13.75 -24.91 -32.25
N ARG A 43 12.97 -24.39 -31.31
CA ARG A 43 12.96 -22.97 -31.05
C ARG A 43 14.37 -22.48 -30.84
N ALA A 44 15.12 -23.21 -30.03
CA ALA A 44 16.46 -22.79 -29.67
C ALA A 44 17.46 -22.93 -30.84
N VAL A 45 17.26 -23.89 -31.72
CA VAL A 45 18.16 -24.02 -32.86
C VAL A 45 17.93 -22.85 -33.82
N VAL A 46 16.68 -22.53 -34.08
CA VAL A 46 16.38 -21.44 -34.97
C VAL A 46 16.96 -20.13 -34.42
N ARG A 47 16.65 -19.82 -33.18
CA ARG A 47 17.01 -18.52 -32.62
C ARG A 47 18.53 -18.40 -32.43
N MET A 48 19.19 -19.45 -32.00
CA MET A 48 20.64 -19.38 -31.85
C MET A 48 21.28 -19.27 -33.22
N GLY A 49 20.74 -20.05 -34.17
CA GLY A 49 21.17 -19.96 -35.57
C GLY A 49 21.13 -18.55 -36.13
N ILE A 50 19.96 -17.94 -36.08
CA ILE A 50 19.79 -16.58 -36.57
C ILE A 50 20.70 -15.61 -35.80
N TYR A 51 20.74 -15.73 -34.50
CA TYR A 51 21.55 -14.83 -33.68
C TYR A 51 23.03 -14.88 -34.06
N VAL A 52 23.54 -16.04 -34.45
CA VAL A 52 24.95 -16.12 -34.90
C VAL A 52 25.12 -15.72 -36.37
N GLY A 53 24.02 -15.48 -37.08
CA GLY A 53 24.09 -14.93 -38.43
C GLY A 53 24.05 -15.99 -39.50
N ALA A 54 23.49 -17.15 -39.17
CA ALA A 54 23.22 -18.18 -40.14
C ALA A 54 21.78 -18.04 -40.63
N LYS A 55 21.43 -18.77 -41.67
CA LYS A 55 20.02 -18.91 -42.09
C LYS A 55 19.60 -20.29 -41.65
N VAL A 56 18.35 -20.41 -41.22
CA VAL A 56 17.86 -21.69 -40.73
C VAL A 56 16.58 -22.09 -41.44
N TYR A 57 16.56 -23.35 -41.88
CA TYR A 57 15.40 -23.92 -42.53
C TYR A 57 14.79 -25.06 -41.71
N PHE A 58 13.46 -25.03 -41.52
CA PHE A 58 12.71 -26.18 -41.02
C PHE A 58 12.67 -27.20 -42.13
N ILE A 59 12.84 -28.45 -41.77
CA ILE A 59 12.58 -29.54 -42.66
C ILE A 59 11.44 -30.28 -42.01
N TYR A 60 10.30 -30.29 -42.71
CA TYR A 60 9.08 -30.90 -42.19
C TYR A 60 9.11 -32.41 -42.38
N GLU A 61 8.33 -33.10 -41.57
CA GLU A 61 8.13 -34.54 -41.71
C GLU A 61 9.45 -35.29 -41.77
N GLY A 62 10.39 -34.90 -40.92
CA GLY A 62 11.65 -35.63 -40.78
C GLY A 62 12.35 -35.84 -42.10
N TYR A 63 12.93 -37.01 -42.29
CA TYR A 63 13.71 -37.29 -43.49
C TYR A 63 12.85 -37.26 -44.75
N GLN A 64 11.60 -37.70 -44.64
CA GLN A 64 10.72 -37.70 -45.80
C GLN A 64 10.64 -36.30 -46.40
N GLY A 65 10.50 -35.30 -45.55
CA GLY A 65 10.43 -33.93 -46.03
C GLY A 65 11.71 -33.52 -46.74
N MET A 66 12.83 -34.07 -46.28
CA MET A 66 14.11 -33.82 -46.91
C MET A 66 14.11 -34.44 -48.30
N VAL A 67 13.60 -35.67 -48.39
CA VAL A 67 13.51 -36.39 -49.68
C VAL A 67 12.51 -35.71 -50.65
N ASP A 68 11.30 -35.41 -50.16
CA ASP A 68 10.26 -34.79 -50.99
C ASP A 68 10.62 -33.37 -51.40
N GLY A 69 11.35 -32.64 -50.56
CA GLY A 69 11.80 -31.29 -50.90
C GLY A 69 10.64 -30.33 -50.99
N GLY A 70 10.81 -29.27 -51.76
CA GLY A 70 9.70 -28.36 -52.04
C GLY A 70 9.27 -27.57 -50.81
N SER A 71 7.97 -27.50 -50.57
CA SER A 71 7.45 -26.71 -49.45
C SER A 71 7.79 -27.36 -48.11
N ASN A 72 8.14 -28.65 -48.12
CA ASN A 72 8.62 -29.32 -46.91
C ASN A 72 9.93 -28.75 -46.34
N ILE A 73 10.63 -27.91 -47.11
CA ILE A 73 11.76 -27.18 -46.57
C ILE A 73 11.39 -25.72 -46.61
N ALA A 74 11.37 -25.08 -45.45
CA ALA A 74 10.98 -23.67 -45.34
C ALA A 74 11.94 -22.92 -44.45
N GLU A 75 12.29 -21.70 -44.85
CA GLU A 75 13.15 -20.86 -44.04
C GLU A 75 12.36 -20.41 -42.83
N ALA A 76 13.07 -20.28 -41.71
CA ALA A 76 12.47 -19.93 -40.45
C ALA A 76 12.96 -18.56 -40.05
N ASP A 77 12.05 -17.72 -39.61
CA ASP A 77 12.40 -16.42 -39.07
C ASP A 77 12.24 -16.42 -37.54
N TRP A 78 12.65 -15.32 -36.94
CA TRP A 78 12.50 -15.10 -35.50
C TRP A 78 11.07 -15.33 -35.03
N GLU A 79 10.08 -14.71 -35.69
CA GLU A 79 8.66 -14.88 -35.31
C GLU A 79 8.16 -16.29 -35.34
N SER A 80 8.70 -17.14 -36.21
CA SER A 80 8.12 -18.47 -36.37
C SER A 80 8.18 -19.28 -35.06
N VAL A 81 9.10 -18.87 -34.20
CA VAL A 81 9.30 -19.37 -32.85
C VAL A 81 10.40 -20.42 -32.90
N GLN A 98 11.18 -44.22 -44.99
CA GLN A 98 11.36 -45.30 -45.99
C GLN A 98 12.32 -44.89 -47.13
N ALA A 99 11.93 -43.88 -47.90
CA ALA A 99 12.71 -43.45 -49.05
C ALA A 99 14.15 -43.04 -48.68
N PHE A 100 14.36 -42.64 -47.42
CA PHE A 100 15.70 -42.31 -46.92
C PHE A 100 16.59 -43.53 -46.63
N ARG A 101 15.96 -44.67 -46.35
CA ARG A 101 16.68 -45.94 -46.24
C ARG A 101 17.16 -46.49 -47.59
N THR A 102 16.82 -45.82 -48.70
CA THR A 102 17.32 -46.18 -50.02
C THR A 102 18.30 -45.14 -50.57
N ARG A 103 19.25 -45.57 -51.40
CA ARG A 103 20.18 -44.64 -52.03
C ARG A 103 19.49 -43.60 -52.90
N GLU A 104 18.41 -43.99 -53.57
CA GLU A 104 17.71 -43.07 -54.46
C GLU A 104 17.21 -41.87 -53.68
N GLY A 105 16.64 -42.13 -52.51
CA GLY A 105 16.13 -41.08 -51.65
C GLY A 105 17.20 -40.10 -51.24
N ARG A 106 18.28 -40.62 -50.66
CA ARG A 106 19.39 -39.80 -50.18
C ARG A 106 19.94 -38.92 -51.27
N LEU A 107 19.99 -39.43 -52.51
CA LEU A 107 20.41 -38.62 -53.66
C LEU A 107 19.51 -37.40 -53.80
N LYS A 108 18.19 -37.63 -53.78
CA LYS A 108 17.27 -36.51 -53.90
C LYS A 108 17.35 -35.60 -52.66
N ALA A 109 17.51 -36.22 -51.50
CA ALA A 109 17.68 -35.49 -50.25
C ALA A 109 18.88 -34.55 -50.33
N ALA A 110 20.02 -35.11 -50.71
CA ALA A 110 21.24 -34.33 -50.86
C ALA A 110 21.04 -33.21 -51.84
N CYS A 111 20.30 -33.46 -52.92
CA CYS A 111 20.08 -32.43 -53.92
C CYS A 111 19.28 -31.25 -53.35
N ASN A 112 18.17 -31.58 -52.69
CA ASN A 112 17.31 -30.57 -52.09
C ASN A 112 18.06 -29.66 -51.13
N LEU A 113 18.97 -30.24 -50.35
CA LEU A 113 19.79 -29.43 -49.43
C LEU A 113 20.70 -28.47 -50.19
N LEU A 114 21.32 -28.97 -51.27
CA LEU A 114 22.26 -28.17 -52.03
C LEU A 114 21.59 -27.00 -52.73
N GLN A 115 20.35 -27.19 -53.15
CA GLN A 115 19.59 -26.10 -53.72
C GLN A 115 19.45 -24.95 -52.74
N ARG A 116 19.32 -25.26 -51.45
CA ARG A 116 19.10 -24.24 -50.45
C ARG A 116 20.44 -23.83 -49.80
N GLY A 117 21.54 -24.41 -50.26
CA GLY A 117 22.86 -24.10 -49.69
C GLY A 117 23.04 -24.63 -48.27
N ILE A 118 22.32 -25.71 -47.94
CA ILE A 118 22.34 -26.29 -46.60
C ILE A 118 23.40 -27.38 -46.49
N THR A 119 24.50 -27.07 -45.81
CA THR A 119 25.51 -28.05 -45.49
C THR A 119 25.62 -28.35 -43.97
N ASN A 120 24.74 -27.73 -43.18
CA ASN A 120 24.68 -28.00 -41.75
C ASN A 120 23.34 -28.61 -41.35
N LEU A 121 23.42 -29.79 -40.75
CA LEU A 121 22.22 -30.50 -40.31
C LEU A 121 22.14 -30.69 -38.82
N CYS A 122 20.98 -30.35 -38.24
CA CYS A 122 20.66 -30.69 -36.87
C CYS A 122 19.51 -31.69 -36.85
N VAL A 123 19.77 -32.89 -36.36
CA VAL A 123 18.74 -33.92 -36.30
C VAL A 123 18.35 -34.23 -34.85
N ILE A 124 17.04 -34.18 -34.59
CA ILE A 124 16.47 -34.41 -33.27
C ILE A 124 15.64 -35.68 -33.38
N GLY A 125 16.08 -36.77 -32.75
CA GLY A 125 15.35 -38.03 -32.84
C GLY A 125 15.97 -39.11 -31.99
N GLY A 126 15.69 -40.36 -32.32
CA GLY A 126 16.20 -41.47 -31.54
C GLY A 126 17.36 -42.21 -32.19
N ASP A 127 17.53 -43.45 -31.76
CA ASP A 127 18.56 -44.35 -32.24
C ASP A 127 18.62 -44.41 -33.75
N GLY A 128 17.47 -44.66 -34.35
CA GLY A 128 17.40 -44.85 -35.79
C GLY A 128 17.70 -43.60 -36.60
N SER A 129 17.11 -42.48 -36.18
CA SER A 129 17.28 -41.23 -36.90
C SER A 129 18.73 -40.79 -36.91
N LEU A 130 19.44 -40.98 -35.79
CA LEU A 130 20.84 -40.61 -35.71
C LEU A 130 21.76 -41.55 -36.52
N THR A 131 21.54 -42.86 -36.49
CA THR A 131 22.26 -43.76 -37.44
C THR A 131 21.99 -43.40 -38.89
N GLY A 132 20.78 -42.97 -39.21
CA GLY A 132 20.47 -42.48 -40.54
C GLY A 132 21.36 -41.32 -40.95
N ALA A 133 21.62 -40.43 -40.00
CA ALA A 133 22.43 -39.24 -40.25
C ALA A 133 23.91 -39.61 -40.34
N ASN A 134 24.32 -40.59 -39.53
CA ASN A 134 25.67 -41.18 -39.59
C ASN A 134 25.90 -41.67 -41.01
N LEU A 135 24.97 -42.49 -41.48
CA LEU A 135 25.02 -43.08 -42.83
C LEU A 135 25.07 -42.01 -43.91
N PHE A 136 24.23 -40.99 -43.76
CA PHE A 136 24.16 -39.89 -44.72
C PHE A 136 25.49 -39.14 -44.81
N ARG A 137 26.19 -38.97 -43.69
CA ARG A 137 27.47 -38.26 -43.71
C ARG A 137 28.54 -39.04 -44.45
N LYS A 138 28.60 -40.36 -44.19
CA LYS A 138 29.51 -41.31 -44.88
C LYS A 138 29.36 -41.25 -46.39
N GLU A 139 28.11 -41.21 -46.84
CA GLU A 139 27.78 -41.23 -48.26
C GLU A 139 27.68 -39.86 -48.90
N TRP A 140 28.16 -38.82 -48.24
CA TRP A 140 28.04 -37.48 -48.78
C TRP A 140 28.83 -37.40 -50.09
N SER A 141 29.72 -38.37 -50.29
CA SER A 141 30.17 -38.80 -51.64
C SER A 141 29.06 -38.95 -52.74
N GLY A 142 27.81 -39.20 -52.33
CA GLY A 142 26.66 -39.04 -53.22
C GLY A 142 26.75 -37.82 -54.14
N LEU A 143 27.50 -36.80 -53.73
CA LEU A 143 27.65 -35.64 -54.56
C LEU A 143 28.30 -35.94 -55.91
N LEU A 144 29.19 -36.92 -55.94
CA LEU A 144 29.81 -37.33 -57.22
C LEU A 144 28.76 -37.88 -58.22
N GLU A 145 27.85 -38.75 -57.77
CA GLU A 145 26.77 -39.20 -58.64
C GLU A 145 25.92 -38.01 -59.14
N GLU A 146 25.88 -36.94 -58.37
CA GLU A 146 25.23 -35.69 -58.80
C GLU A 146 25.98 -35.10 -60.00
N LEU A 147 27.31 -35.12 -59.91
CA LEU A 147 28.20 -34.75 -61.02
C LEU A 147 28.00 -35.64 -62.26
N ALA A 148 28.07 -36.95 -62.09
CA ALA A 148 27.91 -37.91 -63.21
C ALA A 148 26.55 -37.70 -63.89
N ARG A 149 25.49 -37.63 -63.10
CA ARG A 149 24.17 -37.24 -63.58
C ARG A 149 24.17 -35.73 -63.86
N ASN A 150 23.07 -35.21 -64.42
CA ASN A 150 22.87 -33.77 -64.60
C ASN A 150 23.02 -33.03 -63.27
N GLY A 151 22.34 -33.56 -62.25
CA GLY A 151 22.40 -33.09 -60.87
C GLY A 151 23.01 -31.72 -60.72
N GLN A 152 24.33 -31.66 -60.52
CA GLN A 152 25.01 -30.43 -60.12
C GLN A 152 26.26 -30.10 -60.90
N ILE A 153 26.59 -28.81 -60.91
CA ILE A 153 27.85 -28.30 -61.43
C ILE A 153 28.99 -28.98 -60.66
N ASP A 154 30.16 -29.10 -61.29
CA ASP A 154 31.35 -29.61 -60.61
C ASP A 154 31.80 -28.71 -59.45
N LYS A 155 31.73 -27.40 -59.65
CA LYS A 155 32.00 -26.42 -58.58
C LYS A 155 31.29 -26.78 -57.28
N GLU A 156 30.03 -27.19 -57.42
CA GLU A 156 29.23 -27.61 -56.27
C GLU A 156 29.80 -28.86 -55.60
N ALA A 157 30.12 -29.89 -56.38
CA ALA A 157 30.74 -31.09 -55.83
C ALA A 157 32.00 -30.76 -55.01
N VAL A 158 32.72 -29.70 -55.39
CA VAL A 158 33.92 -29.29 -54.64
C VAL A 158 33.57 -28.31 -53.51
N GLN A 159 32.60 -27.42 -53.74
CA GLN A 159 32.25 -26.35 -52.79
C GLN A 159 31.53 -26.83 -51.53
N LYS A 160 30.69 -27.86 -51.67
CA LYS A 160 29.92 -28.39 -50.57
C LYS A 160 30.41 -29.79 -50.19
N TYR A 161 31.63 -30.13 -50.56
CA TYR A 161 32.09 -31.53 -50.47
C TYR A 161 32.75 -31.82 -49.13
N ALA A 162 32.29 -32.87 -48.46
CA ALA A 162 32.72 -33.18 -47.09
C ALA A 162 32.59 -31.97 -46.18
N TYR A 163 31.68 -31.08 -46.55
CA TYR A 163 31.38 -29.91 -45.77
C TYR A 163 30.01 -30.16 -45.20
N LEU A 164 29.62 -31.43 -45.06
CA LEU A 164 28.42 -31.77 -44.29
C LEU A 164 28.70 -31.96 -42.80
N ASN A 165 28.44 -30.91 -42.01
CA ASN A 165 28.42 -31.02 -40.56
C ASN A 165 27.05 -31.51 -40.11
N VAL A 166 27.06 -32.59 -39.35
CA VAL A 166 25.87 -33.13 -38.76
C VAL A 166 26.03 -33.10 -37.24
N VAL A 167 25.02 -32.54 -36.58
CA VAL A 167 24.88 -32.62 -35.13
C VAL A 167 23.54 -33.26 -34.81
N GLY A 168 23.55 -34.15 -33.82
CA GLY A 168 22.31 -34.80 -33.35
C GLY A 168 21.90 -34.38 -31.95
N MET A 169 20.60 -34.43 -31.71
CA MET A 169 20.04 -34.34 -30.37
C MET A 169 19.13 -35.53 -30.20
N VAL A 170 19.20 -36.19 -29.04
CA VAL A 170 18.32 -37.29 -28.75
C VAL A 170 17.00 -36.78 -28.18
N GLY A 171 15.93 -37.18 -28.84
CA GLY A 171 14.58 -36.90 -28.37
C GLY A 171 13.77 -38.18 -28.46
N SER A 172 13.93 -39.03 -27.46
CA SER A 172 13.08 -40.18 -27.29
C SER A 172 13.00 -40.45 -25.81
N ILE A 173 11.87 -40.07 -25.24
CA ILE A 173 11.37 -40.53 -23.95
C ILE A 173 12.17 -41.70 -23.36
N MET A 182 20.95 -37.80 -19.82
CA MET A 182 19.56 -37.34 -19.83
C MET A 182 19.08 -36.87 -21.20
N THR A 183 17.95 -37.41 -21.65
CA THR A 183 17.42 -37.17 -23.00
C THR A 183 16.15 -36.37 -22.83
N ILE A 184 15.85 -35.59 -23.85
CA ILE A 184 14.67 -34.76 -23.87
C ILE A 184 13.40 -35.59 -23.89
N GLY A 185 12.51 -35.29 -22.95
CA GLY A 185 11.23 -35.94 -22.88
C GLY A 185 11.12 -36.95 -21.75
N THR A 186 12.25 -37.47 -21.28
CA THR A 186 12.23 -38.41 -20.20
C THR A 186 11.56 -37.82 -18.98
N ASP A 187 11.96 -36.64 -18.54
CA ASP A 187 11.34 -36.04 -17.36
C ASP A 187 9.83 -35.87 -17.58
N SER A 188 9.41 -35.48 -18.79
CA SER A 188 8.01 -35.25 -19.05
C SER A 188 7.21 -36.55 -18.95
N ALA A 189 7.73 -37.58 -19.62
CA ALA A 189 7.16 -38.91 -19.57
C ALA A 189 7.00 -39.43 -18.13
N LEU A 190 7.97 -39.09 -17.30
CA LEU A 190 7.97 -39.53 -15.95
C LEU A 190 6.86 -38.79 -15.18
N HIS A 191 6.72 -37.48 -15.38
CA HIS A 191 5.60 -36.75 -14.81
C HIS A 191 4.31 -37.46 -15.19
N ARG A 192 4.21 -37.87 -16.45
CA ARG A 192 3.00 -38.50 -16.92
C ARG A 192 2.71 -39.79 -16.16
N ILE A 193 3.74 -40.61 -15.97
CA ILE A 193 3.59 -41.89 -15.31
C ILE A 193 3.20 -41.72 -13.84
N ILE A 194 3.86 -40.77 -13.19
CA ILE A 194 3.63 -40.53 -11.80
C ILE A 194 2.30 -39.83 -11.53
N GLU A 195 1.83 -39.03 -12.46
CA GLU A 195 0.44 -38.56 -12.37
C GLU A 195 -0.51 -39.73 -12.35
N VAL A 196 -0.32 -40.68 -13.22
CA VAL A 196 -1.19 -41.85 -13.26
C VAL A 196 -1.08 -42.70 -12.01
N VAL A 197 0.15 -42.94 -11.56
CA VAL A 197 0.31 -43.69 -10.31
C VAL A 197 -0.36 -43.01 -9.13
N ASP A 198 -0.10 -41.73 -8.93
CA ASP A 198 -0.76 -41.00 -7.85
C ASP A 198 -2.26 -41.14 -7.93
N ALA A 199 -2.84 -41.10 -9.12
CA ALA A 199 -4.29 -41.19 -9.25
C ALA A 199 -4.77 -42.57 -8.86
N ILE A 200 -4.09 -43.58 -9.36
CA ILE A 200 -4.39 -44.95 -9.04
C ILE A 200 -4.26 -45.28 -7.55
N MET A 201 -3.34 -44.63 -6.86
CA MET A 201 -3.13 -44.92 -5.44
C MET A 201 -4.36 -44.69 -4.61
N THR A 202 -5.16 -43.66 -4.93
CA THR A 202 -6.30 -43.41 -4.10
C THR A 202 -7.29 -44.59 -4.22
N THR A 203 -7.46 -45.14 -5.43
CA THR A 203 -8.46 -46.20 -5.65
C THR A 203 -7.95 -47.53 -5.11
N ALA A 204 -6.66 -47.78 -5.19
CA ALA A 204 -6.08 -49.00 -4.62
C ALA A 204 -6.17 -49.05 -3.08
N GLN A 205 -5.90 -47.92 -2.43
CA GLN A 205 -6.16 -47.67 -1.02
C GLN A 205 -7.55 -48.16 -0.58
N SER A 206 -8.57 -47.66 -1.26
CA SER A 206 -9.97 -47.90 -0.92
C SER A 206 -10.27 -49.38 -0.90
N HIS A 207 -9.64 -50.14 -1.80
CA HIS A 207 -10.03 -51.50 -2.09
C HIS A 207 -9.00 -52.56 -1.73
N GLN A 208 -7.97 -52.16 -1.03
CA GLN A 208 -6.93 -53.08 -0.61
C GLN A 208 -6.39 -53.97 -1.78
N ARG A 209 -5.95 -53.26 -2.82
CA ARG A 209 -5.77 -53.82 -4.15
C ARG A 209 -4.38 -53.70 -4.71
N THR A 210 -4.00 -54.65 -5.56
CA THR A 210 -2.69 -54.68 -6.15
C THR A 210 -2.79 -54.25 -7.59
N PHE A 211 -1.96 -53.31 -8.00
CA PHE A 211 -2.03 -52.82 -9.37
C PHE A 211 -0.76 -53.12 -10.13
N VAL A 212 -0.95 -53.66 -11.33
CA VAL A 212 0.16 -53.93 -12.24
C VAL A 212 0.13 -52.95 -13.42
N LEU A 213 1.15 -52.09 -13.49
CA LEU A 213 1.20 -50.99 -14.43
C LEU A 213 2.28 -51.18 -15.47
N GLU A 214 1.88 -51.26 -16.73
CA GLU A 214 2.82 -51.40 -17.80
C GLU A 214 3.20 -50.02 -18.28
N VAL A 215 4.51 -49.73 -18.24
CA VAL A 215 5.07 -48.43 -18.68
C VAL A 215 5.94 -48.63 -19.89
N MET A 216 6.27 -47.54 -20.52
CA MET A 216 7.03 -47.62 -21.70
C MET A 216 8.44 -48.12 -21.45
N GLY A 217 8.95 -48.88 -22.42
CA GLY A 217 10.37 -49.16 -22.57
C GLY A 217 10.54 -50.61 -23.00
N ARG A 218 10.49 -50.79 -24.32
CA ARG A 218 10.70 -52.05 -24.98
C ARG A 218 12.15 -52.39 -24.98
N HIS A 219 13.01 -51.39 -25.07
CA HIS A 219 14.45 -51.64 -25.07
C HIS A 219 15.14 -51.16 -23.80
N CYS A 220 14.79 -49.96 -23.36
CA CYS A 220 15.40 -49.33 -22.18
C CYS A 220 14.49 -49.35 -20.95
N GLY A 221 15.09 -49.57 -19.78
CA GLY A 221 14.35 -49.75 -18.52
C GLY A 221 14.45 -48.54 -17.59
N TYR A 222 15.10 -47.49 -18.06
CA TYR A 222 15.29 -46.31 -17.24
C TYR A 222 13.97 -45.73 -16.73
N LEU A 223 12.97 -45.55 -17.60
CA LEU A 223 11.65 -45.05 -17.16
C LEU A 223 10.97 -45.89 -16.10
N ALA A 224 10.89 -47.20 -16.29
CA ALA A 224 10.30 -48.03 -15.26
C ALA A 224 11.06 -47.95 -13.94
N LEU A 225 12.38 -47.85 -14.03
CA LEU A 225 13.22 -47.86 -12.85
C LEU A 225 13.02 -46.60 -12.03
N VAL A 226 13.08 -45.50 -12.72
CA VAL A 226 12.96 -44.20 -12.10
C VAL A 226 11.52 -43.89 -11.64
N SER A 227 10.53 -44.48 -12.31
CA SER A 227 9.12 -44.40 -11.87
C SER A 227 8.91 -45.16 -10.61
N ALA A 228 9.45 -46.38 -10.59
CA ALA A 228 9.42 -47.22 -9.37
C ALA A 228 10.02 -46.47 -8.21
N LEU A 229 11.20 -45.91 -8.41
CA LEU A 229 11.84 -45.14 -7.34
C LEU A 229 10.99 -43.98 -6.92
N ALA A 230 10.39 -43.34 -7.88
CA ALA A 230 9.61 -42.14 -7.61
C ALA A 230 8.29 -42.41 -6.94
N CYS A 231 7.77 -43.63 -6.99
CA CYS A 231 6.49 -43.89 -6.33
C CYS A 231 6.54 -44.88 -5.20
N GLY A 232 7.75 -45.33 -4.85
CA GLY A 232 7.92 -46.39 -3.85
C GLY A 232 7.24 -47.68 -4.25
N ALA A 233 7.51 -48.13 -5.46
CA ALA A 233 6.84 -49.30 -5.97
C ALA A 233 7.29 -50.52 -5.19
N ASP A 234 6.45 -51.54 -5.18
CA ASP A 234 6.71 -52.77 -4.48
C ASP A 234 7.58 -53.74 -5.28
N TRP A 235 7.50 -53.67 -6.60
CA TRP A 235 8.35 -54.46 -7.49
C TRP A 235 8.50 -53.75 -8.82
N VAL A 236 9.58 -54.03 -9.53
CA VAL A 236 9.84 -53.44 -10.84
C VAL A 236 10.48 -54.47 -11.76
N PHE A 237 10.13 -54.42 -13.03
CA PHE A 237 10.65 -55.36 -14.03
C PHE A 237 11.25 -54.61 -15.19
N LEU A 238 12.53 -54.86 -15.44
CA LEU A 238 13.34 -54.15 -16.41
C LEU A 238 13.87 -55.09 -17.44
N PRO A 239 14.04 -54.62 -18.68
CA PRO A 239 14.79 -55.40 -19.68
C PRO A 239 16.29 -55.59 -19.37
N GLU A 240 16.97 -54.55 -18.91
CA GLU A 240 18.41 -54.66 -18.66
C GLU A 240 18.74 -55.67 -17.57
N SER A 241 17.92 -55.71 -16.53
CA SER A 241 18.15 -56.60 -15.41
C SER A 241 16.93 -57.47 -15.22
N PRO A 242 16.99 -58.71 -15.74
CA PRO A 242 15.90 -59.62 -15.46
C PRO A 242 15.84 -59.95 -14.01
N PRO A 243 14.72 -60.49 -13.57
CA PRO A 243 14.50 -60.78 -12.17
C PRO A 243 15.47 -61.72 -11.48
N GLU A 244 15.91 -62.76 -12.16
CA GLU A 244 16.67 -63.83 -11.47
C GLU A 244 15.68 -64.90 -10.87
N GLU A 245 16.11 -66.15 -10.95
CA GLU A 245 15.24 -67.30 -10.66
C GLU A 245 14.83 -67.28 -9.21
N GLY A 246 13.58 -67.64 -8.99
CA GLY A 246 12.97 -67.57 -7.68
C GLY A 246 12.27 -66.25 -7.41
N TRP A 247 12.24 -65.35 -8.39
CA TRP A 247 11.61 -64.05 -8.22
C TRP A 247 10.16 -64.18 -7.92
N GLU A 248 9.51 -65.16 -8.52
CA GLU A 248 8.09 -65.39 -8.28
C GLU A 248 7.78 -65.45 -6.79
N GLU A 249 8.57 -66.20 -6.06
CA GLU A 249 8.30 -66.41 -4.66
C GLU A 249 8.70 -65.18 -3.89
N GLN A 250 9.86 -64.63 -4.22
CA GLN A 250 10.38 -63.41 -3.58
C GLN A 250 9.41 -62.24 -3.65
N MET A 251 8.79 -62.07 -4.82
CA MET A 251 7.75 -61.06 -5.04
C MET A 251 6.51 -61.34 -4.20
N CYS A 252 6.04 -62.57 -4.24
CA CYS A 252 4.87 -62.93 -3.43
C CYS A 252 5.14 -62.78 -1.93
N VAL A 253 6.34 -63.11 -1.49
CA VAL A 253 6.70 -62.93 -0.09
C VAL A 253 6.64 -61.46 0.29
N LYS A 254 7.18 -60.60 -0.58
CA LYS A 254 7.14 -59.16 -0.36
C LYS A 254 5.71 -58.63 -0.24
N LEU A 255 4.83 -59.10 -1.10
CA LEU A 255 3.43 -58.69 -1.04
C LEU A 255 2.73 -59.20 0.23
N SER A 256 3.01 -60.43 0.65
CA SER A 256 2.49 -60.91 1.95
C SER A 256 2.97 -60.08 3.11
N GLU A 257 4.26 -59.75 3.10
CA GLU A 257 4.82 -58.91 4.14
C GLU A 257 4.11 -57.57 4.20
N ASN A 258 3.83 -56.99 3.05
CA ASN A 258 3.11 -55.75 3.01
C ASN A 258 1.74 -55.86 3.69
N ARG A 259 1.02 -56.95 3.41
CA ARG A 259 -0.31 -57.11 4.00
C ARG A 259 -0.18 -57.22 5.53
N ALA A 260 0.82 -57.97 5.98
CA ALA A 260 1.11 -58.07 7.40
C ALA A 260 1.48 -56.73 7.98
N ARG A 261 2.19 -55.91 7.23
CA ARG A 261 2.45 -54.54 7.67
C ARG A 261 1.21 -53.61 7.57
N LYS A 262 0.08 -54.13 7.06
CA LYS A 262 -1.18 -53.40 6.95
C LYS A 262 -1.21 -52.39 5.79
N LYS A 263 -0.27 -52.52 4.86
CA LYS A 263 -0.19 -51.62 3.76
C LYS A 263 -1.40 -51.91 2.90
N ARG A 264 -2.18 -50.88 2.60
CA ARG A 264 -3.47 -51.07 1.91
C ARG A 264 -3.42 -51.25 0.38
N LEU A 265 -2.25 -51.30 -0.22
CA LEU A 265 -2.15 -51.57 -1.66
C LEU A 265 -0.78 -51.98 -2.08
N ASN A 266 -0.71 -52.53 -3.27
CA ASN A 266 0.57 -52.76 -3.93
C ASN A 266 0.62 -52.14 -5.30
N ILE A 267 1.81 -51.68 -5.66
CA ILE A 267 2.07 -51.19 -7.00
C ILE A 267 3.27 -51.92 -7.56
N ILE A 268 3.06 -52.57 -8.70
CA ILE A 268 4.12 -53.22 -9.45
C ILE A 268 4.25 -52.58 -10.84
N ILE A 269 5.46 -52.08 -11.14
CA ILE A 269 5.75 -51.38 -12.40
C ILE A 269 6.45 -52.34 -13.32
N VAL A 270 6.00 -52.39 -14.56
CA VAL A 270 6.50 -53.36 -15.53
C VAL A 270 6.86 -52.69 -16.86
N ALA A 271 8.13 -52.70 -17.22
CA ALA A 271 8.55 -52.21 -18.50
C ALA A 271 7.87 -53.06 -19.58
N GLU A 272 7.42 -52.40 -20.66
CA GLU A 272 6.94 -53.04 -21.89
C GLU A 272 7.76 -54.25 -22.27
N GLY A 273 9.08 -54.11 -22.25
CA GLY A 273 9.98 -55.17 -22.71
C GLY A 273 10.65 -55.97 -21.62
N ALA A 274 9.98 -56.08 -20.48
CA ALA A 274 10.43 -56.90 -19.35
C ALA A 274 10.65 -58.33 -19.78
N ILE A 275 11.72 -58.95 -19.32
CA ILE A 275 12.05 -60.29 -19.77
C ILE A 275 12.71 -61.09 -18.67
N ASP A 276 12.60 -62.41 -18.76
CA ASP A 276 13.33 -63.29 -17.85
C ASP A 276 14.81 -63.50 -18.31
N THR A 277 15.58 -64.23 -17.52
CA THR A 277 16.97 -64.55 -17.89
C THR A 277 17.10 -65.40 -19.16
N GLN A 278 16.00 -66.02 -19.61
CA GLN A 278 15.98 -66.66 -20.94
C GLN A 278 15.42 -65.76 -22.05
N ASN A 279 15.26 -64.47 -21.77
CA ASN A 279 14.73 -63.51 -22.73
C ASN A 279 13.27 -63.70 -23.07
N LYS A 280 12.56 -64.54 -22.32
CA LYS A 280 11.12 -64.65 -22.50
C LYS A 280 10.47 -63.42 -21.89
N PRO A 281 9.40 -62.92 -22.52
CA PRO A 281 8.67 -61.81 -21.95
C PRO A 281 8.00 -62.15 -20.64
N ILE A 282 8.11 -61.21 -19.70
CA ILE A 282 7.29 -61.20 -18.52
C ILE A 282 6.22 -60.15 -18.73
N THR A 283 4.98 -60.61 -18.89
CA THR A 283 3.90 -59.72 -19.22
C THR A 283 3.15 -59.33 -17.97
N SER A 284 2.42 -58.23 -18.07
CA SER A 284 1.62 -57.75 -16.98
C SER A 284 0.53 -58.77 -16.64
N GLU A 285 0.00 -59.47 -17.63
CA GLU A 285 -1.02 -60.47 -17.39
C GLU A 285 -0.49 -61.64 -16.57
N LYS A 286 0.70 -62.12 -16.93
CA LYS A 286 1.36 -63.19 -16.15
C LYS A 286 1.59 -62.75 -14.71
N ILE A 287 2.03 -61.51 -14.52
CA ILE A 287 2.20 -60.99 -13.17
C ILE A 287 0.87 -61.04 -12.40
N LYS A 288 -0.22 -60.65 -13.05
CA LYS A 288 -1.54 -60.70 -12.43
C LYS A 288 -1.98 -62.12 -12.06
N GLU A 289 -1.82 -63.06 -12.99
CA GLU A 289 -2.11 -64.49 -12.77
C GLU A 289 -1.35 -65.01 -11.58
N LEU A 290 -0.08 -64.65 -11.51
CA LEU A 290 0.78 -65.08 -10.44
C LEU A 290 0.28 -64.62 -9.07
N VAL A 291 -0.08 -63.34 -8.97
CA VAL A 291 -0.54 -62.80 -7.70
C VAL A 291 -1.88 -63.38 -7.27
N VAL A 292 -2.79 -63.48 -8.22
CA VAL A 292 -4.11 -64.01 -7.94
C VAL A 292 -4.01 -65.48 -7.55
N THR A 293 -3.19 -66.22 -8.28
CA THR A 293 -2.93 -67.63 -7.96
C THR A 293 -2.32 -67.83 -6.57
N GLN A 294 -1.15 -67.25 -6.36
CA GLN A 294 -0.38 -67.50 -5.14
C GLN A 294 -1.02 -66.89 -3.91
N LEU A 295 -1.47 -65.65 -4.03
CA LEU A 295 -1.96 -64.91 -2.87
C LEU A 295 -3.45 -64.65 -2.86
N GLY A 296 -4.11 -64.83 -3.99
CA GLY A 296 -5.53 -64.51 -4.13
C GLY A 296 -5.93 -63.07 -3.84
N TYR A 297 -4.98 -62.14 -3.93
CA TYR A 297 -5.30 -60.73 -3.76
C TYR A 297 -6.04 -60.17 -4.98
N ASP A 298 -6.79 -59.12 -4.73
CA ASP A 298 -7.57 -58.45 -5.74
C ASP A 298 -6.60 -57.63 -6.64
N THR A 299 -6.49 -58.00 -7.92
CA THR A 299 -5.47 -57.45 -8.80
C THR A 299 -6.06 -56.90 -10.10
N ARG A 300 -5.52 -55.79 -10.57
CA ARG A 300 -5.91 -55.21 -11.85
C ARG A 300 -4.65 -54.79 -12.63
N VAL A 301 -4.76 -54.77 -13.96
CA VAL A 301 -3.66 -54.35 -14.84
C VAL A 301 -4.03 -53.07 -15.59
N THR A 302 -3.11 -52.12 -15.65
CA THR A 302 -3.31 -50.90 -16.44
C THR A 302 -2.13 -50.74 -17.37
N ILE A 303 -2.41 -50.64 -18.66
CA ILE A 303 -1.36 -50.31 -19.65
C ILE A 303 -1.43 -48.83 -19.92
N LEU A 304 -0.45 -48.08 -19.48
CA LEU A 304 -0.50 -46.61 -19.60
C LEU A 304 -0.62 -46.16 -21.06
N GLY A 305 0.15 -46.77 -21.94
CA GLY A 305 0.07 -46.41 -23.34
C GLY A 305 0.56 -45.00 -23.66
N HIS A 306 0.02 -44.42 -24.74
CA HIS A 306 0.56 -43.21 -25.37
C HIS A 306 0.37 -41.90 -24.63
N VAL A 307 -0.44 -41.90 -23.58
CA VAL A 307 -0.44 -40.76 -22.68
C VAL A 307 1.01 -40.41 -22.17
N GLN A 308 1.90 -41.39 -22.06
CA GLN A 308 3.26 -41.14 -21.58
C GLN A 308 4.06 -40.27 -22.52
N ARG A 309 3.73 -40.31 -23.80
CA ARG A 309 4.38 -39.46 -24.79
C ARG A 309 3.79 -38.04 -24.87
N GLY A 310 2.73 -37.77 -24.11
CA GLY A 310 1.94 -36.58 -24.30
C GLY A 310 1.97 -35.62 -23.15
N GLY A 311 1.03 -34.68 -23.17
CA GLY A 311 0.95 -33.68 -22.13
C GLY A 311 1.95 -32.58 -22.40
N THR A 312 2.09 -31.64 -21.48
CA THR A 312 2.97 -30.53 -21.70
C THR A 312 4.41 -30.81 -21.24
N PRO A 313 5.39 -30.18 -21.87
CA PRO A 313 6.74 -30.46 -21.38
C PRO A 313 6.95 -29.92 -19.97
N SER A 314 7.65 -30.68 -19.15
CA SER A 314 8.05 -30.22 -17.84
C SER A 314 9.01 -29.07 -17.98
N ALA A 315 9.25 -28.41 -16.86
CA ALA A 315 10.21 -27.31 -16.80
C ALA A 315 11.63 -27.74 -17.13
N PHE A 316 12.00 -28.91 -16.64
CA PHE A 316 13.33 -29.47 -16.87
C PHE A 316 13.50 -29.73 -18.36
N ASP A 317 12.53 -30.42 -18.99
CA ASP A 317 12.65 -30.72 -20.42
C ASP A 317 12.70 -29.48 -21.31
N ARG A 318 11.97 -28.45 -20.96
CA ARG A 318 12.03 -27.20 -21.72
C ARG A 318 13.43 -26.56 -21.63
N ILE A 319 13.97 -26.49 -20.41
CA ILE A 319 15.25 -25.88 -20.19
C ILE A 319 16.35 -26.74 -20.80
N LEU A 320 16.24 -28.04 -20.66
CA LEU A 320 17.23 -28.97 -21.21
C LEU A 320 17.26 -28.85 -22.73
N ALA A 321 16.08 -28.88 -23.33
CA ALA A 321 15.95 -28.72 -24.79
C ALA A 321 16.52 -27.41 -25.28
N SER A 322 16.34 -26.36 -24.50
CA SER A 322 16.86 -25.07 -24.90
C SER A 322 18.38 -25.06 -24.92
N ARG A 323 18.98 -25.54 -23.84
CA ARG A 323 20.43 -25.58 -23.70
C ARG A 323 21.05 -26.48 -24.76
N MET A 324 20.37 -27.57 -25.06
CA MET A 324 20.82 -28.48 -26.12
C MET A 324 20.72 -27.87 -27.53
N GLY A 325 19.64 -27.14 -27.79
CA GLY A 325 19.48 -26.44 -29.05
C GLY A 325 20.59 -25.45 -29.27
N VAL A 326 20.88 -24.66 -28.25
CA VAL A 326 21.94 -23.67 -28.35
C VAL A 326 23.31 -24.35 -28.53
N GLU A 327 23.54 -25.41 -27.79
CA GLU A 327 24.79 -26.12 -27.89
C GLU A 327 24.97 -26.84 -29.23
N ALA A 328 23.87 -27.24 -29.86
CA ALA A 328 23.93 -27.90 -31.17
C ALA A 328 24.39 -26.93 -32.25
N VAL A 329 23.87 -25.71 -32.20
CA VAL A 329 24.26 -24.69 -33.14
C VAL A 329 25.75 -24.40 -32.97
N ILE A 330 26.18 -24.25 -31.73
CA ILE A 330 27.57 -23.91 -31.49
C ILE A 330 28.47 -25.02 -32.01
N ALA A 331 28.11 -26.27 -31.76
CA ALA A 331 28.87 -27.41 -32.28
C ALA A 331 29.04 -27.33 -33.81
N LEU A 332 27.97 -26.93 -34.50
CA LEU A 332 28.01 -26.86 -35.96
C LEU A 332 28.99 -25.81 -36.41
N LEU A 333 28.94 -24.64 -35.78
CA LEU A 333 29.86 -23.56 -36.12
C LEU A 333 31.29 -23.97 -35.92
N GLU A 334 31.55 -24.58 -34.78
CA GLU A 334 32.91 -24.96 -34.44
C GLU A 334 33.39 -26.19 -35.21
N ALA A 335 32.49 -26.95 -35.81
CA ALA A 335 32.88 -28.15 -36.56
C ALA A 335 33.78 -27.86 -37.74
N THR A 336 34.71 -28.77 -37.98
CA THR A 336 35.59 -28.78 -39.17
C THR A 336 35.37 -30.06 -39.98
N PRO A 337 35.98 -30.17 -41.17
CA PRO A 337 35.87 -31.43 -41.88
C PRO A 337 36.58 -32.54 -41.13
N ASP A 338 37.64 -32.19 -40.42
CA ASP A 338 38.36 -33.17 -39.62
C ASP A 338 37.53 -33.61 -38.42
N THR A 339 36.64 -32.75 -37.90
CA THR A 339 35.85 -33.13 -36.73
C THR A 339 34.67 -34.05 -37.10
N PRO A 340 34.50 -35.13 -36.35
CA PRO A 340 33.42 -36.06 -36.62
C PRO A 340 32.04 -35.54 -36.23
N ALA A 341 31.00 -36.09 -36.84
CA ALA A 341 29.63 -35.79 -36.43
C ALA A 341 29.45 -36.11 -34.94
N CYS A 342 28.71 -35.28 -34.23
CA CYS A 342 28.54 -35.39 -32.79
C CYS A 342 27.07 -35.46 -32.39
N VAL A 343 26.86 -35.85 -31.15
CA VAL A 343 25.60 -35.67 -30.49
C VAL A 343 25.84 -34.77 -29.27
N VAL A 344 25.10 -33.67 -29.19
CA VAL A 344 25.14 -32.81 -28.02
C VAL A 344 24.44 -33.49 -26.86
N SER A 345 25.01 -33.32 -25.66
CA SER A 345 24.48 -33.97 -24.46
C SER A 345 24.75 -33.15 -23.20
N LEU A 346 24.13 -33.56 -22.10
CA LEU A 346 24.36 -32.93 -20.81
C LEU A 346 24.97 -33.97 -19.89
N ASN A 347 26.23 -33.77 -19.54
CA ASN A 347 26.89 -34.63 -18.57
C ASN A 347 27.36 -33.77 -17.41
N GLY A 348 26.84 -34.04 -16.22
CA GLY A 348 27.18 -33.29 -15.01
C GLY A 348 26.83 -31.81 -15.16
N ASN A 349 25.68 -31.55 -15.78
CA ASN A 349 25.23 -30.18 -15.90
C ASN A 349 26.17 -29.33 -16.76
N HIS A 350 26.94 -30.01 -17.63
CA HIS A 350 27.78 -29.32 -18.60
C HIS A 350 27.38 -29.84 -19.97
N ALA A 351 27.53 -28.96 -20.95
CA ALA A 351 27.21 -29.29 -22.34
C ALA A 351 28.40 -29.98 -22.96
N VAL A 352 28.20 -31.20 -23.46
CA VAL A 352 29.29 -31.98 -24.07
C VAL A 352 28.89 -32.53 -25.45
N ARG A 353 29.88 -32.84 -26.26
CA ARG A 353 29.68 -33.32 -27.63
C ARG A 353 30.28 -34.70 -27.70
N LEU A 354 29.45 -35.69 -27.96
CA LEU A 354 29.93 -37.06 -27.98
C LEU A 354 29.97 -37.51 -29.42
N PRO A 355 31.01 -38.24 -29.83
CA PRO A 355 31.06 -38.67 -31.23
C PRO A 355 29.88 -39.56 -31.62
N LEU A 356 29.23 -39.21 -32.70
CA LEU A 356 27.99 -39.85 -33.11
C LEU A 356 28.21 -41.32 -33.41
N MET A 357 29.26 -41.62 -34.15
CA MET A 357 29.62 -42.98 -34.50
C MET A 357 29.79 -43.84 -33.21
N GLU A 358 30.48 -43.30 -32.20
CA GLU A 358 30.69 -44.03 -30.95
C GLU A 358 29.40 -44.32 -30.23
N CYS A 359 28.47 -43.38 -30.29
CA CYS A 359 27.19 -43.51 -29.60
C CYS A 359 26.34 -44.57 -30.26
N VAL A 360 26.43 -44.66 -31.58
CA VAL A 360 25.72 -45.69 -32.34
C VAL A 360 26.25 -47.07 -31.97
N GLN A 361 27.56 -47.17 -31.88
CA GLN A 361 28.24 -48.42 -31.55
C GLN A 361 27.82 -48.91 -30.16
N MET A 362 27.88 -48.01 -29.19
CA MET A 362 27.37 -48.21 -27.83
C MET A 362 25.98 -48.84 -27.77
N THR A 363 25.06 -48.33 -28.58
CA THR A 363 23.68 -48.80 -28.53
C THR A 363 23.59 -50.22 -29.02
N GLN A 364 24.33 -50.56 -30.07
CA GLN A 364 24.38 -51.92 -30.57
C GLN A 364 24.91 -52.87 -29.51
N ASP A 365 25.98 -52.44 -28.85
CA ASP A 365 26.65 -53.23 -27.83
C ASP A 365 25.76 -53.61 -26.65
N VAL A 366 24.88 -52.70 -26.25
CA VAL A 366 23.91 -53.04 -25.20
C VAL A 366 23.00 -54.13 -25.71
N GLN A 367 22.48 -53.99 -26.92
CA GLN A 367 21.63 -55.03 -27.50
C GLN A 367 22.34 -56.36 -27.60
N LYS A 368 23.56 -56.30 -28.09
CA LYS A 368 24.39 -57.48 -28.20
C LYS A 368 24.52 -58.19 -26.85
N ALA A 369 24.85 -57.41 -25.81
CA ALA A 369 24.97 -57.98 -24.46
C ALA A 369 23.66 -58.64 -24.04
N MET A 370 22.55 -57.97 -24.37
CA MET A 370 21.21 -58.46 -24.06
C MET A 370 20.92 -59.76 -24.74
N ASP A 371 21.29 -59.82 -26.02
CA ASP A 371 21.04 -60.99 -26.81
C ASP A 371 21.87 -62.14 -26.24
N GLU A 372 23.14 -61.85 -25.96
CA GLU A 372 24.02 -62.86 -25.38
C GLU A 372 23.66 -63.15 -23.90
N ARG A 373 22.78 -62.37 -23.30
CA ARG A 373 22.35 -62.62 -21.92
C ARG A 373 23.45 -62.31 -20.95
N ARG A 374 24.28 -61.36 -21.34
CA ARG A 374 25.30 -60.80 -20.48
C ARG A 374 24.63 -59.61 -19.83
N PHE A 375 23.77 -59.88 -18.86
CA PHE A 375 22.91 -58.85 -18.29
C PHE A 375 23.62 -57.86 -17.40
N GLN A 376 24.61 -58.36 -16.66
CA GLN A 376 25.56 -57.49 -15.93
C GLN A 376 26.18 -56.45 -16.81
N ASP A 377 26.54 -56.87 -18.02
CA ASP A 377 27.18 -55.99 -18.98
C ASP A 377 26.21 -54.93 -19.48
N ALA A 378 24.99 -55.35 -19.78
CA ALA A 378 23.94 -54.43 -20.16
C ALA A 378 23.85 -53.28 -19.14
N VAL A 379 23.73 -53.62 -17.85
CA VAL A 379 23.60 -52.59 -16.79
C VAL A 379 24.84 -51.73 -16.70
N ARG A 380 26.00 -52.37 -16.82
CA ARG A 380 27.27 -51.66 -16.90
C ARG A 380 27.27 -50.62 -18.01
N LEU A 381 26.85 -51.05 -19.20
CA LEU A 381 26.77 -50.18 -20.34
C LEU A 381 25.78 -49.02 -20.18
N ARG A 382 24.75 -49.17 -19.36
CA ARG A 382 23.77 -48.08 -19.15
C ARG A 382 24.32 -46.94 -18.30
N GLY A 383 25.41 -47.17 -17.59
CA GLY A 383 26.12 -46.09 -16.86
C GLY A 383 26.03 -46.17 -15.36
N ARG A 384 26.83 -45.32 -14.70
CA ARG A 384 26.94 -45.29 -13.22
C ARG A 384 25.62 -44.99 -12.53
N SER A 385 24.93 -43.96 -12.99
CA SER A 385 23.71 -43.53 -12.34
C SER A 385 22.57 -44.54 -12.51
N PHE A 386 22.60 -45.37 -13.56
CA PHE A 386 21.59 -46.40 -13.75
C PHE A 386 21.71 -47.40 -12.63
N ALA A 387 22.90 -47.93 -12.42
CA ALA A 387 23.14 -48.85 -11.31
C ALA A 387 22.86 -48.17 -9.96
N GLY A 388 23.09 -46.86 -9.87
CA GLY A 388 22.76 -46.07 -8.68
C GLY A 388 21.28 -46.08 -8.32
N ASN A 389 20.45 -45.74 -9.30
CA ASN A 389 18.99 -45.84 -9.18
C ASN A 389 18.53 -47.25 -8.84
N LEU A 390 19.19 -48.26 -9.40
CA LEU A 390 18.79 -49.63 -9.23
C LEU A 390 19.11 -50.10 -7.82
N ASN A 391 20.30 -49.79 -7.32
CA ASN A 391 20.70 -50.18 -5.96
C ASN A 391 19.91 -49.42 -4.90
N THR A 392 19.72 -48.13 -5.10
CA THR A 392 18.87 -47.34 -4.21
C THR A 392 17.42 -47.84 -4.20
N TYR A 393 16.87 -48.15 -5.38
CA TYR A 393 15.54 -48.71 -5.40
C TYR A 393 15.51 -49.95 -4.53
N LYS A 394 16.37 -50.93 -4.78
CA LYS A 394 16.29 -52.20 -4.03
C LYS A 394 16.41 -51.99 -2.52
N ARG A 395 17.41 -51.22 -2.10
CA ARG A 395 17.60 -50.90 -0.69
C ARG A 395 16.31 -50.47 0.01
N LEU A 396 15.47 -49.68 -0.67
CA LEU A 396 14.33 -49.08 -0.01
C LEU A 396 13.06 -49.90 -0.18
N ALA A 397 13.10 -50.87 -1.10
CA ALA A 397 11.93 -51.70 -1.37
C ALA A 397 11.98 -52.95 -0.54
N ILE A 398 13.17 -53.50 -0.33
CA ILE A 398 13.33 -54.81 0.29
C ILE A 398 14.09 -54.71 1.62
N LYS A 399 13.39 -54.98 2.71
CA LYS A 399 13.99 -55.01 4.03
C LYS A 399 14.47 -56.41 4.39
N LEU A 400 15.75 -56.57 4.71
CA LEU A 400 16.24 -57.86 5.28
C LEU A 400 15.59 -58.09 6.64
N PRO A 401 15.34 -59.38 7.00
CA PRO A 401 14.76 -59.67 8.33
C PRO A 401 15.62 -59.08 9.44
N ASP A 402 14.99 -58.67 10.54
CA ASP A 402 15.66 -57.93 11.58
C ASP A 402 16.90 -58.68 12.15
N ASP A 403 16.77 -59.99 12.29
CA ASP A 403 17.86 -60.84 12.80
C ASP A 403 19.08 -60.69 11.91
N GLN A 404 18.82 -60.61 10.61
CA GLN A 404 19.87 -60.48 9.58
C GLN A 404 20.68 -59.18 9.58
N ILE A 405 20.11 -58.13 10.14
CA ILE A 405 20.78 -56.87 10.14
C ILE A 405 21.59 -56.71 11.45
N PRO A 406 22.91 -56.76 11.38
CA PRO A 406 23.73 -56.51 12.62
C PRO A 406 23.56 -55.08 13.08
N LYS A 407 23.25 -54.92 14.36
CA LYS A 407 23.00 -53.60 14.92
C LYS A 407 24.27 -52.87 15.33
N THR A 408 24.40 -51.65 14.84
CA THR A 408 25.28 -50.68 15.45
C THR A 408 24.43 -50.46 16.66
N ASN A 409 24.95 -49.88 17.71
CA ASN A 409 23.99 -49.45 18.74
C ASN A 409 23.86 -47.95 18.74
N CYS A 410 23.80 -47.36 17.55
CA CYS A 410 23.68 -45.92 17.44
C CYS A 410 22.23 -45.47 17.18
N ASN A 411 21.89 -44.29 17.70
CA ASN A 411 20.63 -43.67 17.38
C ASN A 411 20.91 -42.47 16.50
N VAL A 412 20.27 -42.42 15.35
CA VAL A 412 20.46 -41.34 14.39
C VAL A 412 19.17 -40.56 14.23
N ALA A 413 19.29 -39.24 14.35
CA ALA A 413 18.14 -38.35 14.33
C ALA A 413 18.01 -37.65 12.97
N VAL A 414 16.75 -37.45 12.57
CA VAL A 414 16.33 -36.88 11.28
C VAL A 414 15.34 -35.76 11.55
N ILE A 415 15.46 -34.68 10.81
CA ILE A 415 14.76 -33.46 11.13
C ILE A 415 14.56 -32.58 9.87
N ASN A 416 13.58 -31.70 9.89
CA ASN A 416 13.32 -30.76 8.82
C ASN A 416 13.47 -29.34 9.34
N VAL A 417 14.19 -28.49 8.61
CA VAL A 417 14.44 -27.14 9.08
C VAL A 417 14.29 -26.18 7.93
N GLY A 418 13.55 -25.11 8.16
CA GLY A 418 13.30 -24.10 7.13
C GLY A 418 11.85 -24.14 6.74
N ALA A 419 11.52 -23.53 5.61
CA ALA A 419 10.16 -23.60 5.09
C ALA A 419 9.94 -24.96 4.50
N PRO A 420 8.69 -25.33 4.28
CA PRO A 420 8.38 -26.65 3.67
C PRO A 420 8.81 -26.71 2.25
N ALA A 421 9.30 -27.86 1.84
CA ALA A 421 9.74 -28.07 0.49
C ALA A 421 9.30 -29.45 0.06
N ALA A 422 8.71 -29.51 -1.12
CA ALA A 422 8.29 -30.77 -1.72
C ALA A 422 9.47 -31.72 -1.92
N GLY A 423 9.33 -32.92 -1.41
CA GLY A 423 10.43 -33.87 -1.43
C GLY A 423 11.05 -34.11 -0.07
N MET A 424 10.73 -33.29 0.91
CA MET A 424 11.20 -33.52 2.27
C MET A 424 10.77 -34.90 2.82
N ASN A 425 9.53 -35.29 2.60
CA ASN A 425 9.04 -36.59 3.08
C ASN A 425 9.73 -37.76 2.40
N ALA A 426 9.95 -37.66 1.10
CA ALA A 426 10.71 -38.68 0.42
C ALA A 426 12.09 -38.82 1.09
N ALA A 427 12.68 -37.67 1.42
CA ALA A 427 14.03 -37.61 2.00
C ALA A 427 14.10 -38.28 3.38
N VAL A 428 13.08 -38.01 4.20
CA VAL A 428 12.97 -38.64 5.47
C VAL A 428 12.84 -40.14 5.28
N ARG A 429 11.99 -40.53 4.34
CA ARG A 429 11.71 -41.96 4.12
C ARG A 429 12.96 -42.72 3.78
N SER A 430 13.74 -42.15 2.89
CA SER A 430 14.95 -42.76 2.43
C SER A 430 15.97 -42.84 3.55
N ALA A 431 16.09 -41.76 4.33
CA ALA A 431 17.11 -41.68 5.39
C ALA A 431 16.82 -42.68 6.51
N VAL A 432 15.56 -42.71 6.89
CA VAL A 432 15.06 -43.67 7.87
C VAL A 432 15.35 -45.12 7.43
N ARG A 433 15.00 -45.47 6.21
CA ARG A 433 15.06 -46.86 5.78
C ARG A 433 16.50 -47.30 5.56
N VAL A 434 17.33 -46.39 5.05
CA VAL A 434 18.77 -46.69 4.89
C VAL A 434 19.39 -46.84 6.27
N GLY A 435 19.00 -45.96 7.19
CA GLY A 435 19.46 -46.05 8.55
C GLY A 435 19.16 -47.38 9.20
N ILE A 436 17.90 -47.82 9.05
CA ILE A 436 17.48 -49.09 9.60
C ILE A 436 18.21 -50.24 8.92
N ALA A 437 18.30 -50.18 7.60
CA ALA A 437 19.08 -51.16 6.84
C ALA A 437 20.54 -51.26 7.31
N ASP A 438 21.08 -50.15 7.81
CA ASP A 438 22.47 -50.09 8.35
C ASP A 438 22.55 -50.46 9.82
N GLY A 439 21.43 -50.87 10.41
CA GLY A 439 21.41 -51.35 11.77
C GLY A 439 21.37 -50.27 12.82
N HIS A 440 21.08 -49.04 12.42
CA HIS A 440 20.86 -47.98 13.41
C HIS A 440 19.39 -48.01 13.88
N ARG A 441 19.13 -47.22 14.89
CA ARG A 441 17.83 -46.93 15.42
C ARG A 441 17.52 -45.49 14.98
N MET A 442 16.39 -45.27 14.31
CA MET A 442 16.11 -43.96 13.76
C MET A 442 15.14 -43.15 14.63
N LEU A 443 15.54 -41.93 14.96
CA LEU A 443 14.71 -41.02 15.74
C LEU A 443 14.21 -39.87 14.88
N ALA A 444 12.90 -39.63 14.93
CA ALA A 444 12.31 -38.54 14.20
C ALA A 444 12.18 -37.38 15.16
N ILE A 445 12.76 -36.24 14.79
CA ILE A 445 12.53 -34.98 15.48
C ILE A 445 11.47 -34.19 14.70
N TYR A 446 10.53 -33.59 15.43
CA TYR A 446 9.34 -32.99 14.88
C TYR A 446 9.50 -31.51 15.06
N ASP A 447 8.99 -30.76 14.08
CA ASP A 447 8.95 -29.29 14.16
C ASP A 447 10.30 -28.62 14.25
N GLY A 448 11.30 -29.18 13.58
CA GLY A 448 12.64 -28.53 13.55
C GLY A 448 13.26 -28.35 14.94
N PHE A 449 14.03 -27.29 15.10
CA PHE A 449 14.71 -27.03 16.36
C PHE A 449 13.73 -26.61 17.44
N ASP A 450 12.54 -26.20 17.03
CA ASP A 450 11.46 -25.90 17.98
C ASP A 450 11.07 -27.17 18.76
N GLY A 451 10.78 -28.25 18.03
CA GLY A 451 10.41 -29.50 18.62
C GLY A 451 11.59 -30.15 19.30
N PHE A 452 12.78 -29.91 18.74
CA PHE A 452 14.01 -30.45 19.28
C PHE A 452 14.21 -29.91 20.68
N ALA A 453 14.13 -28.60 20.85
CA ALA A 453 14.29 -27.98 22.17
C ALA A 453 13.24 -28.45 23.14
N LYS A 454 12.04 -28.72 22.62
CA LYS A 454 10.92 -29.21 23.43
C LYS A 454 10.85 -30.73 23.58
N GLY A 455 11.89 -31.45 23.17
CA GLY A 455 11.88 -32.92 23.26
C GLY A 455 10.80 -33.65 22.49
N GLN A 456 10.34 -33.09 21.37
CA GLN A 456 9.40 -33.79 20.49
C GLN A 456 10.14 -34.82 19.61
N ILE A 457 10.52 -35.94 20.20
CA ILE A 457 11.38 -36.88 19.55
C ILE A 457 10.85 -38.26 19.81
N LYS A 458 10.83 -39.09 18.79
CA LYS A 458 10.24 -40.40 18.90
C LYS A 458 10.91 -41.30 17.89
N GLU A 459 11.14 -42.55 18.27
CA GLU A 459 11.69 -43.55 17.37
C GLU A 459 10.75 -43.70 16.18
N ILE A 460 11.31 -44.01 15.00
CA ILE A 460 10.53 -44.18 13.81
C ILE A 460 11.07 -45.37 13.03
N GLY A 461 10.19 -46.14 12.40
CA GLY A 461 10.58 -47.36 11.73
C GLY A 461 10.22 -47.44 10.27
N TRP A 462 10.67 -48.53 9.66
CA TRP A 462 10.48 -48.81 8.25
C TRP A 462 9.06 -48.64 7.76
N THR A 463 8.11 -49.08 8.54
CA THR A 463 6.71 -49.02 8.14
C THR A 463 6.16 -47.61 8.30
N ASP A 464 6.65 -46.88 9.30
CA ASP A 464 6.18 -45.53 9.58
C ASP A 464 6.27 -44.60 8.38
N VAL A 465 7.30 -44.77 7.58
CA VAL A 465 7.56 -43.86 6.48
C VAL A 465 7.08 -44.43 5.18
N GLY A 466 6.31 -45.51 5.25
CA GLY A 466 5.72 -46.08 4.05
C GLY A 466 4.77 -45.10 3.38
N GLY A 467 4.91 -44.93 2.09
CA GLY A 467 4.00 -44.08 1.31
C GLY A 467 4.36 -42.62 1.27
N TRP A 468 5.46 -42.24 1.91
CA TRP A 468 5.80 -40.82 2.00
C TRP A 468 6.36 -40.24 0.72
N THR A 469 6.85 -41.08 -0.20
CA THR A 469 7.68 -40.54 -1.26
C THR A 469 6.95 -39.44 -1.99
N GLY A 470 5.69 -39.66 -2.31
CA GLY A 470 4.93 -38.70 -3.08
C GLY A 470 4.13 -37.68 -2.32
N GLN A 471 4.48 -37.47 -1.08
CA GLN A 471 3.76 -36.54 -0.23
C GLN A 471 4.46 -35.20 -0.12
N GLY A 472 3.70 -34.16 -0.44
CA GLY A 472 4.18 -32.79 -0.35
C GLY A 472 4.22 -32.36 1.08
N GLY A 473 4.72 -31.17 1.32
CA GLY A 473 4.89 -30.64 2.67
C GLY A 473 5.95 -31.32 3.50
N SER A 474 5.79 -31.21 4.81
CA SER A 474 6.65 -31.84 5.80
C SER A 474 5.74 -32.54 6.79
N ILE A 475 5.77 -33.86 6.82
CA ILE A 475 4.99 -34.62 7.79
C ILE A 475 5.55 -34.52 9.20
N LEU A 476 6.88 -34.47 9.34
CA LEU A 476 7.49 -34.25 10.65
C LEU A 476 7.25 -32.84 11.12
N GLY A 477 7.04 -31.93 10.18
CA GLY A 477 6.96 -30.52 10.54
C GLY A 477 8.31 -29.85 10.45
N THR A 478 8.31 -28.60 10.04
CA THR A 478 9.53 -27.81 9.86
C THR A 478 9.33 -26.44 10.41
N LYS A 479 10.37 -25.89 11.00
CA LYS A 479 10.34 -24.51 11.42
C LYS A 479 11.65 -23.79 11.06
N ARG A 480 11.58 -22.48 11.00
CA ARG A 480 12.76 -21.68 10.71
C ARG A 480 13.70 -21.41 11.89
N VAL A 481 13.21 -21.62 13.10
CA VAL A 481 13.92 -21.14 14.25
C VAL A 481 15.25 -21.85 14.38
N LEU A 482 16.26 -21.06 14.78
CA LEU A 482 17.65 -21.50 14.89
C LEU A 482 17.99 -21.96 16.31
N PRO A 483 18.99 -22.86 16.41
CA PRO A 483 19.27 -23.50 17.69
C PRO A 483 20.00 -22.62 18.69
N GLY A 484 20.63 -21.56 18.22
CA GLY A 484 21.56 -20.75 19.04
C GLY A 484 21.11 -20.35 20.42
N LYS A 485 19.86 -19.91 20.57
CA LYS A 485 19.32 -19.53 21.88
C LYS A 485 18.73 -20.70 22.66
N TYR A 486 18.86 -21.93 22.15
CA TYR A 486 18.27 -23.10 22.80
C TYR A 486 19.29 -24.22 22.89
N LEU A 487 20.56 -23.85 22.94
CA LEU A 487 21.63 -24.84 22.94
C LEU A 487 21.58 -25.83 24.12
N GLU A 488 21.23 -25.35 25.30
CA GLU A 488 21.21 -26.19 26.48
C GLU A 488 20.07 -27.21 26.44
N GLU A 489 18.89 -26.76 26.03
CA GLU A 489 17.73 -27.61 25.97
C GLU A 489 17.92 -28.70 24.91
N ILE A 490 18.56 -28.32 23.82
CA ILE A 490 18.85 -29.24 22.73
C ILE A 490 19.95 -30.24 23.14
N ALA A 491 21.00 -29.73 23.75
CA ALA A 491 22.02 -30.59 24.30
C ALA A 491 21.38 -31.63 25.23
N THR A 492 20.44 -31.20 26.06
CA THR A 492 19.80 -32.11 27.01
C THR A 492 19.09 -33.23 26.29
N GLN A 493 18.34 -32.89 25.24
CA GLN A 493 17.62 -33.89 24.50
C GLN A 493 18.56 -34.89 23.84
N MET A 494 19.70 -34.43 23.37
CA MET A 494 20.62 -35.34 22.69
C MET A 494 21.13 -36.35 23.67
N ARG A 495 21.43 -35.87 24.87
CA ARG A 495 21.90 -36.71 25.96
C ARG A 495 20.79 -37.66 26.38
N THR A 496 19.61 -37.09 26.62
CA THR A 496 18.43 -37.85 27.04
C THR A 496 18.15 -38.97 26.04
N HIS A 497 18.21 -38.69 24.74
CA HIS A 497 17.88 -39.69 23.73
C HIS A 497 19.09 -40.39 23.16
N SER A 498 20.25 -40.19 23.76
CA SER A 498 21.53 -40.81 23.29
C SER A 498 21.74 -40.71 21.77
N ILE A 499 21.72 -39.48 21.27
CA ILE A 499 21.71 -39.23 19.82
C ILE A 499 23.11 -39.21 19.30
N ASN A 500 23.40 -40.15 18.42
CA ASN A 500 24.77 -40.33 17.91
C ASN A 500 25.10 -39.56 16.64
N ALA A 501 24.08 -39.20 15.87
CA ALA A 501 24.29 -38.43 14.64
C ALA A 501 23.00 -37.70 14.25
N LEU A 502 23.15 -36.74 13.34
CA LEU A 502 22.08 -35.87 12.96
C LEU A 502 22.10 -35.63 11.45
N LEU A 503 20.97 -35.92 10.81
CA LEU A 503 20.72 -35.58 9.42
C LEU A 503 19.67 -34.48 9.40
N ILE A 504 20.02 -33.31 8.84
CA ILE A 504 19.06 -32.19 8.68
C ILE A 504 18.70 -31.99 7.22
N ILE A 505 17.43 -32.18 6.91
CA ILE A 505 16.89 -31.91 5.61
C ILE A 505 16.29 -30.51 5.69
N GLY A 506 16.88 -29.55 4.95
CA GLY A 506 16.35 -28.18 4.96
C GLY A 506 17.15 -27.12 4.23
N GLY A 507 16.82 -25.86 4.52
CA GLY A 507 17.34 -24.79 3.72
C GLY A 507 18.52 -24.05 4.31
N PHE A 508 18.57 -22.75 4.07
CA PHE A 508 19.64 -21.94 4.57
C PHE A 508 19.69 -21.95 6.09
N GLU A 509 18.55 -21.99 6.78
CA GLU A 509 18.60 -22.08 8.25
C GLU A 509 19.19 -23.40 8.75
N ALA A 510 19.02 -24.47 7.99
CA ALA A 510 19.66 -25.72 8.31
C ALA A 510 21.18 -25.49 8.36
N TYR A 511 21.69 -24.72 7.41
CA TYR A 511 23.12 -24.48 7.28
C TYR A 511 23.59 -23.59 8.43
N LEU A 512 22.86 -22.51 8.71
CA LEU A 512 23.15 -21.68 9.85
C LEU A 512 23.12 -22.52 11.12
N GLY A 513 22.13 -23.41 11.23
CA GLY A 513 22.00 -24.27 12.37
C GLY A 513 23.27 -25.08 12.57
N LEU A 514 23.79 -25.67 11.49
CA LEU A 514 25.01 -26.47 11.58
C LEU A 514 26.19 -25.63 12.05
N LEU A 515 26.26 -24.38 11.59
CA LEU A 515 27.32 -23.48 11.99
C LEU A 515 27.26 -23.25 13.49
N GLU A 516 26.06 -23.05 14.00
CA GLU A 516 25.86 -22.79 15.41
C GLU A 516 26.26 -24.01 16.25
N LEU A 517 25.84 -25.18 15.82
CA LEU A 517 26.11 -26.41 16.57
C LEU A 517 27.58 -26.72 16.54
N SER A 518 28.24 -26.45 15.41
CA SER A 518 29.67 -26.61 15.32
C SER A 518 30.36 -25.73 16.35
N ALA A 519 29.94 -24.48 16.42
CA ALA A 519 30.54 -23.53 17.34
C ALA A 519 30.30 -23.92 18.79
N ALA A 520 29.16 -24.56 19.05
CA ALA A 520 28.78 -24.92 20.40
C ALA A 520 29.44 -26.21 20.91
N ARG A 521 30.28 -26.83 20.11
CA ARG A 521 30.94 -28.07 20.52
C ARG A 521 31.83 -27.97 21.78
N GLU A 522 32.47 -26.83 22.00
CA GLU A 522 33.44 -26.73 23.10
C GLU A 522 32.69 -26.71 24.40
N LYS A 523 31.55 -26.03 24.42
CA LYS A 523 30.75 -25.90 25.63
C LYS A 523 29.77 -27.07 25.82
N HIS A 524 29.45 -27.80 24.75
CA HIS A 524 28.54 -28.92 24.83
C HIS A 524 29.06 -30.13 24.05
N GLU A 525 29.43 -31.18 24.76
CA GLU A 525 30.02 -32.38 24.14
C GLU A 525 29.00 -33.18 23.33
N GLU A 526 27.73 -32.94 23.63
CA GLU A 526 26.65 -33.63 22.96
C GLU A 526 26.61 -33.32 21.47
N PHE A 527 27.16 -32.18 21.06
CA PHE A 527 27.27 -31.88 19.64
C PHE A 527 28.54 -32.40 18.97
N CYS A 528 29.39 -33.13 19.69
CA CYS A 528 30.61 -33.68 19.09
C CYS A 528 30.30 -35.00 18.42
N VAL A 529 29.41 -34.92 17.45
CA VAL A 529 28.89 -36.06 16.71
C VAL A 529 28.83 -35.68 15.22
N PRO A 530 28.78 -36.68 14.35
CA PRO A 530 28.71 -36.37 12.94
C PRO A 530 27.34 -35.77 12.60
N MET A 531 27.37 -34.66 11.87
CA MET A 531 26.19 -33.95 11.44
C MET A 531 26.30 -33.60 9.98
N VAL A 532 25.21 -33.84 9.24
CA VAL A 532 25.17 -33.56 7.81
C VAL A 532 23.80 -33.08 7.40
N MET A 533 23.78 -32.28 6.37
CA MET A 533 22.55 -31.71 5.91
C MET A 533 22.44 -31.89 4.42
N VAL A 534 21.22 -32.16 3.96
CA VAL A 534 20.92 -32.13 2.52
C VAL A 534 20.02 -30.92 2.21
N PRO A 535 20.17 -30.32 1.03
CA PRO A 535 19.48 -29.06 0.78
C PRO A 535 18.07 -29.29 0.31
N ALA A 536 17.12 -28.74 1.06
CA ALA A 536 15.72 -28.81 0.69
C ALA A 536 15.09 -27.45 0.84
N THR A 537 14.67 -26.90 -0.30
CA THR A 537 14.14 -25.55 -0.34
C THR A 537 13.75 -25.23 -1.76
N VAL A 538 12.62 -24.54 -1.91
CA VAL A 538 12.16 -24.20 -3.25
C VAL A 538 13.13 -23.19 -3.88
N SER A 539 13.85 -22.45 -3.04
CA SER A 539 14.67 -21.37 -3.50
C SER A 539 16.00 -21.71 -4.15
N ASN A 540 16.54 -22.87 -3.85
CA ASN A 540 17.86 -23.26 -4.33
C ASN A 540 18.98 -22.27 -3.97
N ASN A 541 18.98 -21.82 -2.74
CA ASN A 541 19.96 -20.87 -2.26
C ASN A 541 20.88 -21.45 -1.19
N VAL A 542 21.05 -22.76 -1.14
CA VAL A 542 21.92 -23.34 -0.13
C VAL A 542 23.36 -23.42 -0.64
N PRO A 543 24.31 -22.81 0.07
CA PRO A 543 25.68 -22.92 -0.42
C PRO A 543 26.19 -24.37 -0.38
N GLY A 544 26.94 -24.76 -1.40
CA GLY A 544 27.40 -26.10 -1.52
C GLY A 544 26.54 -26.98 -2.40
N SER A 545 25.43 -26.48 -2.93
CA SER A 545 24.64 -27.29 -3.85
C SER A 545 24.12 -26.50 -5.03
N ASP A 546 24.18 -27.09 -6.20
CA ASP A 546 23.70 -26.48 -7.41
C ASP A 546 22.20 -26.61 -7.44
N PHE A 547 21.70 -27.60 -6.72
CA PHE A 547 20.27 -27.91 -6.68
C PHE A 547 19.81 -28.18 -5.28
N SER A 548 18.56 -27.82 -5.01
CA SER A 548 17.91 -28.17 -3.76
C SER A 548 16.56 -28.84 -3.99
N ILE A 549 16.21 -29.72 -3.05
CA ILE A 549 15.01 -30.52 -3.11
C ILE A 549 13.84 -29.59 -3.00
N GLY A 550 13.00 -29.61 -4.03
CA GLY A 550 11.78 -28.82 -4.00
C GLY A 550 11.73 -27.77 -5.08
N ALA A 551 12.89 -27.38 -5.61
CA ALA A 551 12.94 -26.28 -6.58
C ALA A 551 12.33 -26.67 -7.92
N ASP A 552 12.57 -27.87 -8.39
CA ASP A 552 11.91 -28.40 -9.61
C ASP A 552 10.39 -28.34 -9.50
N THR A 553 9.86 -28.67 -8.33
CA THR A 553 8.42 -28.68 -8.14
C THR A 553 7.90 -27.29 -8.26
N ALA A 554 8.58 -26.37 -7.60
CA ALA A 554 8.23 -24.96 -7.72
C ALA A 554 8.32 -24.45 -9.19
N LEU A 555 9.38 -24.82 -9.91
CA LEU A 555 9.54 -24.42 -11.30
C LEU A 555 8.38 -24.91 -12.12
N ASN A 556 7.89 -26.09 -11.80
CA ASN A 556 6.82 -26.68 -12.58
C ASN A 556 5.53 -25.97 -12.28
N THR A 557 5.40 -25.48 -11.08
CA THR A 557 4.18 -24.72 -10.70
C THR A 557 4.20 -23.37 -11.40
N ILE A 558 5.33 -22.68 -11.36
CA ILE A 558 5.49 -21.41 -12.02
C ILE A 558 5.25 -21.53 -13.52
N THR A 559 5.87 -22.54 -14.11
CA THR A 559 5.76 -22.79 -15.51
C THR A 559 4.31 -23.09 -15.89
N ASP A 560 3.63 -23.92 -15.12
CA ASP A 560 2.26 -24.29 -15.40
C ASP A 560 1.35 -23.07 -15.23
N THR A 561 1.59 -22.26 -14.22
CA THR A 561 0.84 -21.03 -14.01
C THR A 561 1.05 -20.06 -15.17
N CYS A 562 2.28 -19.92 -15.64
CA CYS A 562 2.55 -19.07 -16.82
C CYS A 562 1.81 -19.61 -18.08
N ASP A 563 1.82 -20.92 -18.28
CA ASP A 563 1.07 -21.53 -19.39
C ASP A 563 -0.43 -21.22 -19.33
N ARG A 564 -1.00 -21.33 -18.15
CA ARG A 564 -2.40 -21.09 -17.92
C ARG A 564 -2.78 -19.66 -18.22
N ILE A 565 -1.94 -18.73 -17.79
CA ILE A 565 -2.23 -17.31 -17.96
C ILE A 565 -2.28 -16.97 -19.43
N LYS A 566 -1.33 -17.53 -20.16
CA LYS A 566 -1.26 -17.38 -21.59
C LYS A 566 -2.46 -18.02 -22.34
N GLN A 567 -3.00 -19.11 -21.80
CA GLN A 567 -4.15 -19.85 -22.36
C GLN A 567 -5.49 -19.14 -22.16
N SER A 568 -5.69 -18.59 -20.98
CA SER A 568 -6.94 -17.93 -20.69
C SER A 568 -7.14 -16.61 -21.45
N ALA A 569 -6.20 -16.21 -22.29
CA ALA A 569 -6.13 -14.85 -22.80
C ALA A 569 -7.12 -14.60 -23.98
N SER A 570 -7.63 -13.37 -24.02
CA SER A 570 -8.30 -12.87 -25.21
C SER A 570 -7.30 -12.95 -26.38
N GLY A 571 -7.61 -13.70 -27.42
CA GLY A 571 -6.62 -13.98 -28.43
C GLY A 571 -6.31 -12.67 -29.11
N THR A 572 -7.30 -11.80 -29.13
CA THR A 572 -7.20 -10.48 -29.75
C THR A 572 -6.42 -9.38 -28.97
N LYS A 573 -6.46 -9.42 -27.64
CA LYS A 573 -5.86 -8.41 -26.76
C LYS A 573 -4.33 -8.46 -26.70
N ARG A 574 -3.75 -7.29 -26.46
CA ARG A 574 -2.34 -7.18 -26.25
C ARG A 574 -2.03 -6.81 -24.82
N ARG A 575 -1.34 -7.71 -24.16
CA ARG A 575 -1.22 -7.64 -22.71
C ARG A 575 0.09 -8.17 -22.21
N VAL A 576 0.57 -7.59 -21.13
CA VAL A 576 1.81 -8.04 -20.54
C VAL A 576 1.52 -8.38 -19.11
N PHE A 577 1.93 -9.57 -18.69
CA PHE A 577 1.84 -9.95 -17.26
C PHE A 577 3.12 -9.79 -16.46
N ILE A 578 3.03 -9.13 -15.32
CA ILE A 578 4.14 -8.97 -14.43
C ILE A 578 3.88 -9.93 -13.31
N ILE A 579 4.79 -10.88 -13.14
CA ILE A 579 4.58 -11.99 -12.22
C ILE A 579 5.68 -12.11 -11.20
N GLU A 580 5.35 -12.02 -9.93
CA GLU A 580 6.34 -12.09 -8.84
C GLU A 580 6.50 -13.51 -8.40
N THR A 581 7.73 -13.96 -8.36
CA THR A 581 8.05 -15.32 -7.90
C THR A 581 8.73 -15.32 -6.56
N MET A 582 8.74 -16.45 -5.91
CA MET A 582 9.48 -16.65 -4.67
C MET A 582 10.99 -16.82 -4.98
N GLY A 583 11.76 -17.02 -3.92
CA GLY A 583 13.18 -17.30 -4.01
C GLY A 583 14.02 -16.50 -3.07
N GLY A 584 13.44 -15.53 -2.38
CA GLY A 584 14.21 -14.63 -1.52
C GLY A 584 15.03 -13.69 -2.37
N TYR A 585 16.30 -13.59 -2.03
CA TYR A 585 17.26 -12.94 -2.89
C TYR A 585 17.80 -13.91 -3.96
N CYS A 586 17.42 -15.18 -3.90
CA CYS A 586 17.91 -16.12 -4.90
C CYS A 586 17.08 -16.09 -6.19
N GLY A 587 17.73 -15.76 -7.31
CA GLY A 587 17.08 -15.59 -8.59
C GLY A 587 16.78 -16.87 -9.37
N TYR A 588 17.06 -18.01 -8.78
CA TYR A 588 16.98 -19.25 -9.53
C TYR A 588 15.57 -19.50 -10.08
N LEU A 589 14.55 -19.28 -9.27
CA LEU A 589 13.21 -19.58 -9.72
C LEU A 589 12.78 -18.62 -10.81
N ALA A 590 13.08 -17.34 -10.64
CA ALA A 590 12.62 -16.37 -11.61
C ALA A 590 13.36 -16.54 -12.92
N ASN A 591 14.61 -16.92 -12.83
CA ASN A 591 15.40 -17.10 -14.03
C ASN A 591 15.06 -18.37 -14.76
N MET A 592 15.03 -19.49 -14.06
CA MET A 592 14.79 -20.75 -14.73
C MET A 592 13.34 -20.80 -15.15
N GLY A 593 12.43 -20.36 -14.29
CA GLY A 593 11.06 -20.19 -14.66
C GLY A 593 10.90 -19.33 -15.91
N GLY A 594 11.63 -18.22 -15.95
CA GLY A 594 11.59 -17.33 -17.11
C GLY A 594 11.93 -18.06 -18.40
N LEU A 595 12.98 -18.88 -18.35
CA LEU A 595 13.39 -19.68 -19.50
C LEU A 595 12.38 -20.71 -19.89
N ALA A 596 11.89 -21.44 -18.93
CA ALA A 596 10.90 -22.47 -19.19
C ALA A 596 9.57 -21.90 -19.71
N ALA A 597 9.20 -20.71 -19.25
CA ALA A 597 7.94 -20.11 -19.62
C ALA A 597 8.03 -19.24 -20.88
N GLY A 598 9.23 -18.99 -21.38
CA GLY A 598 9.39 -18.13 -22.52
C GLY A 598 9.14 -16.69 -22.16
N ALA A 599 9.55 -16.29 -20.97
CA ALA A 599 9.35 -14.92 -20.53
C ALA A 599 10.23 -14.01 -21.33
N ASP A 600 9.83 -12.75 -21.39
CA ASP A 600 10.55 -11.70 -22.10
C ASP A 600 11.57 -10.99 -21.21
N ALA A 601 11.47 -11.21 -19.91
CA ALA A 601 12.40 -10.64 -18.95
C ALA A 601 12.20 -11.33 -17.60
N ALA A 602 13.26 -11.35 -16.81
CA ALA A 602 13.24 -11.89 -15.49
C ALA A 602 14.22 -11.09 -14.65
N TYR A 603 13.68 -10.21 -13.81
CA TYR A 603 14.49 -9.36 -12.97
C TYR A 603 14.91 -10.11 -11.69
N ILE A 604 16.20 -10.13 -11.44
CA ILE A 604 16.72 -10.80 -10.27
C ILE A 604 17.70 -9.96 -9.53
N PHE A 605 17.90 -10.33 -8.28
CA PHE A 605 18.80 -9.60 -7.39
C PHE A 605 20.26 -9.72 -7.83
N GLU A 606 20.63 -10.87 -8.36
CA GLU A 606 22.03 -11.13 -8.70
C GLU A 606 22.51 -10.31 -9.88
N GLU A 607 21.62 -9.60 -10.57
CA GLU A 607 21.98 -8.78 -11.71
C GLU A 607 21.31 -7.42 -11.57
N PRO A 608 22.04 -6.46 -11.02
CA PRO A 608 21.44 -5.14 -10.87
C PRO A 608 20.89 -4.59 -12.16
N PHE A 609 19.78 -3.88 -12.05
CA PHE A 609 19.13 -3.27 -13.19
C PHE A 609 18.66 -1.90 -12.75
N ASP A 610 18.61 -0.96 -13.69
CA ASP A 610 18.20 0.39 -13.38
C ASP A 610 17.08 0.79 -14.30
N ILE A 611 16.61 2.03 -14.15
CA ILE A 611 15.51 2.54 -14.94
C ILE A 611 15.78 2.51 -16.44
N ARG A 612 17.04 2.63 -16.86
CA ARG A 612 17.38 2.48 -18.29
C ARG A 612 17.15 1.08 -18.81
N ASP A 613 17.57 0.09 -18.02
CA ASP A 613 17.32 -1.31 -18.36
C ASP A 613 15.84 -1.58 -18.49
N LEU A 614 15.07 -1.01 -17.57
CA LEU A 614 13.61 -1.19 -17.59
C LEU A 614 12.96 -0.57 -18.84
N GLN A 615 13.33 0.68 -19.11
CA GLN A 615 12.82 1.42 -20.25
C GLN A 615 13.10 0.68 -21.53
N SER A 616 14.28 0.09 -21.55
CA SER A 616 14.72 -0.63 -22.71
C SER A 616 13.87 -1.87 -22.98
N ASN A 617 13.53 -2.64 -21.94
CA ASN A 617 12.67 -3.81 -22.14
C ASN A 617 11.26 -3.39 -22.52
N VAL A 618 10.80 -2.26 -22.00
CA VAL A 618 9.49 -1.77 -22.36
C VAL A 618 9.46 -1.43 -23.85
N GLU A 619 10.51 -0.76 -24.31
CA GLU A 619 10.59 -0.38 -25.72
C GLU A 619 10.66 -1.63 -26.57
N HIS A 620 11.43 -2.62 -26.14
CA HIS A 620 11.46 -3.86 -26.88
C HIS A 620 10.07 -4.47 -26.97
N LEU A 621 9.36 -4.57 -25.85
CA LEU A 621 8.03 -5.18 -25.86
C LEU A 621 7.08 -4.41 -26.73
N THR A 622 7.15 -3.10 -26.64
CA THR A 622 6.37 -2.23 -27.49
C THR A 622 6.57 -2.59 -28.96
N GLU A 623 7.81 -2.75 -29.38
CA GLU A 623 8.10 -3.23 -30.74
C GLU A 623 7.47 -4.58 -31.04
N LYS A 624 7.53 -5.49 -30.08
CA LYS A 624 6.99 -6.83 -30.24
C LYS A 624 5.45 -6.82 -30.46
N MET A 625 4.75 -5.82 -29.94
CA MET A 625 3.31 -5.75 -30.12
C MET A 625 2.88 -5.41 -31.54
N LYS A 626 3.79 -4.91 -32.37
CA LYS A 626 3.50 -4.79 -33.79
C LYS A 626 3.42 -6.16 -34.46
N THR A 627 4.14 -7.12 -33.92
CA THR A 627 4.19 -8.42 -34.55
C THR A 627 2.91 -9.19 -34.22
N THR A 628 2.91 -10.46 -34.62
CA THR A 628 1.80 -11.37 -34.35
C THR A 628 1.76 -11.79 -32.88
N ILE A 629 2.92 -11.87 -32.25
CA ILE A 629 3.04 -12.44 -30.91
C ILE A 629 2.80 -11.37 -29.86
N GLN A 630 1.52 -11.13 -29.57
CA GLN A 630 1.10 -10.02 -28.76
C GLN A 630 0.74 -10.41 -27.27
N ARG A 631 1.53 -11.24 -26.62
CA ARG A 631 1.37 -11.44 -25.15
C ARG A 631 2.72 -11.56 -24.52
N GLY A 632 2.94 -10.81 -23.45
CA GLY A 632 4.26 -10.57 -22.87
C GLY A 632 4.26 -11.14 -21.49
N LEU A 633 5.44 -11.54 -21.05
CA LEU A 633 5.58 -12.09 -19.73
C LEU A 633 6.88 -11.57 -19.08
N VAL A 634 6.72 -10.91 -17.95
CA VAL A 634 7.83 -10.41 -17.19
C VAL A 634 7.80 -11.06 -15.81
N LEU A 635 8.87 -11.74 -15.42
CA LEU A 635 9.01 -12.25 -14.06
C LEU A 635 9.87 -11.36 -13.18
N ARG A 636 9.51 -11.28 -11.92
CA ARG A 636 10.26 -10.46 -10.97
C ARG A 636 10.47 -11.29 -9.73
N ASN A 637 11.71 -11.62 -9.44
CA ASN A 637 12.03 -12.19 -8.17
C ASN A 637 11.57 -11.24 -7.06
N GLU A 638 10.98 -11.81 -6.01
CA GLU A 638 10.35 -11.03 -4.95
C GLU A 638 11.26 -10.00 -4.26
N SER A 639 12.55 -10.29 -4.12
CA SER A 639 13.46 -9.40 -3.40
C SER A 639 14.50 -8.78 -4.30
N CYS A 640 14.22 -8.75 -5.59
CA CYS A 640 15.24 -8.31 -6.56
C CYS A 640 15.61 -6.84 -6.38
N SER A 641 14.75 -6.05 -5.78
CA SER A 641 15.04 -4.66 -5.56
C SER A 641 14.11 -4.13 -4.50
N GLU A 642 14.63 -3.30 -3.62
CA GLU A 642 13.82 -2.66 -2.56
C GLU A 642 12.90 -1.57 -3.13
N ASN A 643 13.36 -0.78 -4.08
CA ASN A 643 12.52 0.23 -4.72
C ASN A 643 11.73 -0.27 -5.90
N TYR A 644 12.35 -1.09 -6.74
CA TYR A 644 11.71 -1.45 -7.98
C TYR A 644 10.90 -2.68 -7.74
N THR A 645 9.76 -2.43 -7.10
CA THR A 645 8.87 -3.47 -6.63
C THR A 645 8.05 -4.02 -7.77
N THR A 646 7.26 -5.04 -7.49
CA THR A 646 6.35 -5.57 -8.47
C THR A 646 5.37 -4.51 -8.94
N ASP A 647 4.86 -3.69 -8.04
CA ASP A 647 3.96 -2.59 -8.44
C ASP A 647 4.69 -1.56 -9.27
N PHE A 648 5.92 -1.21 -8.86
CA PHE A 648 6.68 -0.23 -9.60
C PHE A 648 6.78 -0.60 -11.08
N ILE A 649 7.20 -1.83 -11.31
CA ILE A 649 7.38 -2.32 -12.64
C ILE A 649 6.02 -2.33 -13.34
N TYR A 650 5.01 -2.84 -12.67
CA TYR A 650 3.65 -2.87 -13.23
C TYR A 650 3.25 -1.46 -13.69
N GLN A 651 3.59 -0.46 -12.89
CA GLN A 651 3.22 0.89 -13.18
C GLN A 651 3.96 1.45 -14.36
N LEU A 652 5.25 1.16 -14.45
CA LEU A 652 6.10 1.66 -15.51
C LEU A 652 5.67 1.08 -16.82
N TYR A 653 5.53 -0.24 -16.85
CA TYR A 653 5.10 -0.93 -18.08
C TYR A 653 3.68 -0.50 -18.50
N SER A 654 2.79 -0.33 -17.53
CA SER A 654 1.47 0.19 -17.82
C SER A 654 1.51 1.56 -18.46
N GLU A 655 2.24 2.48 -17.83
CA GLU A 655 2.25 3.87 -18.27
C GLU A 655 2.92 4.04 -19.62
N GLU A 656 4.10 3.45 -19.77
CA GLU A 656 4.84 3.53 -21.01
C GLU A 656 4.27 2.59 -22.09
N GLY A 657 3.40 1.65 -21.73
CA GLY A 657 2.72 0.82 -22.69
C GLY A 657 1.41 1.41 -23.16
N LYS A 658 1.02 2.55 -22.61
CA LYS A 658 -0.29 3.11 -22.95
C LYS A 658 -0.47 3.29 -24.44
N GLY A 659 -1.66 2.91 -24.90
CA GLY A 659 -1.97 2.94 -26.30
C GLY A 659 -1.44 1.75 -27.06
N VAL A 660 -0.66 0.88 -26.43
CA VAL A 660 -0.07 -0.27 -27.11
C VAL A 660 -0.40 -1.57 -26.41
N PHE A 661 -0.27 -1.59 -25.09
CA PHE A 661 -0.61 -2.79 -24.32
C PHE A 661 -0.99 -2.39 -22.92
N ASP A 662 -1.68 -3.28 -22.23
CA ASP A 662 -1.93 -3.10 -20.82
C ASP A 662 -1.25 -4.20 -20.00
N CYS A 663 -1.27 -4.07 -18.67
CA CYS A 663 -0.63 -5.07 -17.80
C CYS A 663 -1.53 -5.63 -16.75
N ARG A 664 -1.18 -6.81 -16.28
CA ARG A 664 -1.72 -7.29 -15.02
C ARG A 664 -0.57 -7.79 -14.17
N LYS A 665 -0.72 -7.69 -12.86
CA LYS A 665 0.27 -8.21 -11.96
C LYS A 665 -0.30 -9.36 -11.17
N ASN A 666 0.56 -10.27 -10.79
CA ASN A 666 0.18 -11.42 -10.02
C ASN A 666 1.32 -11.77 -9.17
N VAL A 667 1.08 -11.94 -7.88
CA VAL A 667 2.06 -12.52 -6.96
C VAL A 667 1.69 -13.96 -6.73
N LEU A 668 2.44 -14.90 -7.25
CA LEU A 668 2.07 -16.31 -7.15
C LEU A 668 1.91 -16.81 -5.73
N GLY A 669 2.78 -16.42 -4.83
CA GLY A 669 2.60 -16.83 -3.42
C GLY A 669 2.99 -18.26 -3.03
N HIS A 670 2.55 -18.66 -1.85
CA HIS A 670 2.94 -19.94 -1.23
C HIS A 670 2.46 -21.17 -1.95
N MET A 671 1.62 -21.05 -2.97
CA MET A 671 1.35 -22.23 -3.78
C MET A 671 2.64 -22.85 -4.32
N GLN A 672 3.64 -22.00 -4.54
CA GLN A 672 4.92 -22.45 -5.08
C GLN A 672 5.60 -23.48 -4.16
N GLN A 673 5.37 -23.38 -2.86
CA GLN A 673 5.89 -24.37 -1.90
C GLN A 673 5.30 -25.73 -2.13
N GLY A 674 3.99 -25.73 -2.32
CA GLY A 674 3.17 -26.89 -2.02
C GLY A 674 2.76 -27.64 -3.26
N GLY A 675 1.84 -28.55 -3.05
CA GLY A 675 1.61 -29.68 -3.90
C GLY A 675 2.62 -30.80 -3.74
N ALA A 676 2.25 -31.88 -4.41
CA ALA A 676 3.06 -33.05 -4.46
C ALA A 676 4.34 -32.80 -5.22
N PRO A 677 5.44 -33.39 -4.74
CA PRO A 677 6.70 -33.15 -5.42
C PRO A 677 6.74 -33.77 -6.79
N SER A 678 7.49 -33.13 -7.67
CA SER A 678 7.77 -33.66 -8.97
C SER A 678 8.66 -34.90 -8.85
N PRO A 679 8.67 -35.72 -9.90
CA PRO A 679 9.47 -36.93 -9.90
C PRO A 679 10.94 -36.65 -9.60
N PHE A 680 11.44 -35.57 -10.16
CA PHE A 680 12.83 -35.17 -9.90
C PHE A 680 13.05 -34.89 -8.42
N ASP A 681 12.16 -34.12 -7.78
CA ASP A 681 12.33 -33.82 -6.37
C ASP A 681 12.15 -35.05 -5.48
N ARG A 682 11.26 -35.96 -5.85
CA ARG A 682 11.12 -37.19 -5.11
C ARG A 682 12.43 -37.96 -5.12
N ASN A 683 12.95 -38.17 -6.32
CA ASN A 683 14.14 -38.96 -6.51
C ASN A 683 15.39 -38.25 -6.02
N PHE A 684 15.45 -36.94 -6.18
CA PHE A 684 16.58 -36.17 -5.59
C PHE A 684 16.56 -36.36 -4.06
N GLY A 685 15.42 -36.07 -3.46
CA GLY A 685 15.24 -36.28 -2.03
C GLY A 685 15.71 -37.65 -1.60
N THR A 686 15.21 -38.67 -2.30
CA THR A 686 15.49 -40.04 -1.94
C THR A 686 16.99 -40.36 -2.05
N LYS A 687 17.57 -40.06 -3.20
CA LYS A 687 18.93 -40.45 -3.50
C LYS A 687 19.92 -39.67 -2.66
N ILE A 688 19.78 -38.36 -2.58
CA ILE A 688 20.71 -37.56 -1.79
C ILE A 688 20.66 -37.94 -0.28
N SER A 689 19.50 -38.29 0.24
CA SER A 689 19.40 -38.61 1.65
C SER A 689 20.04 -39.94 1.93
N ALA A 690 19.83 -40.88 1.03
CA ALA A 690 20.44 -42.17 1.13
C ALA A 690 21.92 -42.00 1.24
N ARG A 691 22.46 -41.12 0.42
CA ARG A 691 23.87 -40.90 0.37
C ARG A 691 24.39 -40.27 1.68
N ALA A 692 23.58 -39.41 2.27
CA ALA A 692 23.96 -38.76 3.51
C ALA A 692 24.01 -39.79 4.62
N MET A 693 23.07 -40.74 4.60
CA MET A 693 23.01 -41.76 5.63
C MET A 693 24.24 -42.66 5.54
N GLU A 694 24.66 -42.99 4.32
CA GLU A 694 25.87 -43.81 4.14
C GLU A 694 27.06 -43.14 4.78
N TRP A 695 27.14 -41.84 4.63
CA TRP A 695 28.24 -41.08 5.19
C TRP A 695 28.19 -41.07 6.68
N ILE A 696 26.98 -41.01 7.24
CA ILE A 696 26.81 -41.04 8.69
C ILE A 696 27.28 -42.39 9.25
N THR A 697 26.79 -43.47 8.67
CA THR A 697 27.22 -44.80 9.01
C THR A 697 28.72 -44.94 9.00
N ALA A 698 29.32 -44.40 7.95
CA ALA A 698 30.76 -44.53 7.74
C ALA A 698 31.51 -43.77 8.82
N LYS A 699 31.06 -42.56 9.11
CA LYS A 699 31.66 -41.79 10.18
C LYS A 699 31.54 -42.50 11.52
N LEU A 700 30.45 -43.21 11.75
CA LEU A 700 30.22 -43.85 13.03
C LEU A 700 31.08 -45.10 13.22
N LYS A 701 31.44 -45.75 12.12
CA LYS A 701 32.35 -46.89 12.22
C LYS A 701 33.67 -46.47 12.86
N GLU A 702 34.06 -45.21 12.73
CA GLU A 702 35.28 -44.70 13.35
C GLU A 702 35.27 -44.79 14.84
N ALA A 703 34.12 -44.55 15.48
CA ALA A 703 33.96 -44.85 16.93
C ALA A 703 33.78 -46.36 17.19
N PHE A 710 32.37 -35.99 17.67
CA PHE A 710 33.54 -35.77 16.82
C PHE A 710 33.89 -34.28 16.90
N THR A 711 35.13 -33.89 16.61
CA THR A 711 35.54 -32.50 16.72
C THR A 711 36.10 -31.90 15.44
N THR A 712 36.15 -32.64 14.36
CA THR A 712 36.79 -32.10 13.21
C THR A 712 35.78 -31.21 12.54
N ASP A 713 36.24 -30.20 11.80
CA ASP A 713 35.44 -29.48 10.79
C ASP A 713 34.78 -30.43 9.79
N ASP A 714 35.50 -31.49 9.44
CA ASP A 714 35.00 -32.45 8.45
C ASP A 714 33.88 -33.38 8.93
N SER A 715 33.39 -33.24 10.16
CA SER A 715 32.27 -34.06 10.60
C SER A 715 30.97 -33.28 10.56
N ILE A 716 31.03 -32.00 10.19
CA ILE A 716 29.82 -31.16 10.05
C ILE A 716 29.77 -30.64 8.62
N CYS A 717 28.89 -31.22 7.80
CA CYS A 717 28.97 -31.02 6.36
C CYS A 717 27.66 -30.68 5.67
N VAL A 718 27.77 -30.09 4.49
CA VAL A 718 26.65 -30.02 3.56
C VAL A 718 26.88 -31.04 2.45
N LEU A 719 25.92 -31.93 2.23
CA LEU A 719 26.01 -32.84 1.09
C LEU A 719 25.28 -32.18 -0.06
N GLY A 720 26.05 -31.64 -1.00
CA GLY A 720 25.46 -30.90 -2.10
C GLY A 720 25.94 -31.38 -3.43
N ILE A 721 25.27 -30.91 -4.47
CA ILE A 721 25.62 -31.27 -5.82
C ILE A 721 26.55 -30.19 -6.35
N SER A 722 27.71 -30.59 -6.87
CA SER A 722 28.68 -29.67 -7.46
C SER A 722 29.24 -30.22 -8.79
N LYS A 723 28.76 -29.69 -9.92
CA LYS A 723 29.22 -30.07 -11.27
C LYS A 723 29.49 -31.56 -11.46
N ARG A 724 28.45 -32.36 -11.66
CA ARG A 724 28.62 -33.82 -11.94
C ARG A 724 28.77 -34.64 -10.65
N ASN A 725 29.17 -34.01 -9.55
CA ASN A 725 29.47 -34.72 -8.31
C ASN A 725 28.54 -34.35 -7.18
N VAL A 726 28.20 -35.32 -6.34
CA VAL A 726 27.65 -35.02 -5.03
C VAL A 726 28.80 -35.07 -4.03
N ILE A 727 29.01 -34.00 -3.26
CA ILE A 727 30.17 -33.94 -2.37
C ILE A 727 29.87 -33.38 -0.98
N PHE A 728 30.62 -33.86 -0.01
CA PHE A 728 30.48 -33.44 1.37
C PHE A 728 31.43 -32.25 1.61
N GLN A 729 30.90 -31.10 1.95
CA GLN A 729 31.71 -29.95 2.20
C GLN A 729 31.52 -29.45 3.61
N PRO A 730 32.62 -29.35 4.36
CA PRO A 730 32.55 -28.76 5.70
C PRO A 730 31.87 -27.41 5.70
N VAL A 731 30.95 -27.20 6.62
CA VAL A 731 30.28 -25.90 6.73
C VAL A 731 31.29 -24.76 6.97
N ALA A 732 32.39 -25.03 7.65
CA ALA A 732 33.45 -24.01 7.85
C ALA A 732 34.04 -23.51 6.53
N GLU A 733 34.21 -24.42 5.56
CA GLU A 733 34.69 -24.05 4.24
C GLU A 733 33.65 -23.36 3.34
N LEU A 734 32.37 -23.54 3.64
CA LEU A 734 31.32 -22.87 2.89
C LEU A 734 31.08 -21.41 3.27
N LYS A 735 31.57 -20.99 4.45
CA LYS A 735 31.35 -19.62 4.93
C LYS A 735 31.88 -18.57 3.95
N LYS A 736 33.11 -18.78 3.47
CA LYS A 736 33.79 -17.87 2.54
C LYS A 736 33.00 -17.74 1.26
N GLN A 737 32.28 -18.81 0.90
CA GLN A 737 31.50 -18.88 -0.34
C GLN A 737 30.05 -18.39 -0.21
N THR A 738 29.71 -17.77 0.89
CA THR A 738 28.31 -17.46 1.20
C THR A 738 28.12 -15.99 1.47
N ASP A 739 27.04 -15.42 0.92
CA ASP A 739 26.60 -14.08 1.26
C ASP A 739 25.53 -14.16 2.35
N PHE A 740 25.91 -13.95 3.60
CA PHE A 740 25.01 -14.11 4.74
C PHE A 740 23.93 -13.06 4.84
N GLU A 741 24.19 -11.89 4.29
CA GLU A 741 23.23 -10.80 4.33
C GLU A 741 22.01 -11.12 3.48
N HIS A 742 22.24 -11.73 2.33
CA HIS A 742 21.15 -12.03 1.40
C HIS A 742 20.81 -13.52 1.34
N ARG A 743 21.46 -14.32 2.18
CA ARG A 743 21.28 -15.78 2.22
C ARG A 743 21.34 -16.45 0.85
N ILE A 744 22.38 -16.14 0.09
CA ILE A 744 22.61 -16.83 -1.16
C ILE A 744 24.05 -17.18 -1.29
N PRO A 745 24.35 -18.17 -2.13
CA PRO A 745 25.74 -18.43 -2.47
C PRO A 745 26.38 -17.26 -3.23
N LYS A 746 27.69 -17.12 -3.12
CA LYS A 746 28.44 -16.10 -3.89
C LYS A 746 28.56 -16.44 -5.38
N GLU A 747 28.68 -17.72 -5.70
CA GLU A 747 28.86 -18.17 -7.06
C GLU A 747 27.69 -19.05 -7.34
N GLN A 748 26.95 -18.72 -8.41
CA GLN A 748 25.77 -19.50 -8.77
C GLN A 748 25.85 -19.91 -10.21
N TRP A 749 25.89 -21.21 -10.42
CA TRP A 749 26.22 -21.79 -11.72
C TRP A 749 25.33 -21.34 -12.84
N TRP A 750 24.05 -21.14 -12.53
CA TRP A 750 23.02 -20.89 -13.53
C TRP A 750 23.08 -19.48 -14.13
N LEU A 751 23.81 -18.55 -13.52
CA LEU A 751 23.97 -17.22 -14.07
C LEU A 751 24.65 -17.20 -15.46
N LYS A 752 25.41 -18.26 -15.79
CA LYS A 752 26.01 -18.38 -17.11
C LYS A 752 24.91 -18.50 -18.18
N LEU A 753 23.72 -18.93 -17.79
CA LEU A 753 22.60 -19.02 -18.71
C LEU A 753 21.85 -17.71 -18.98
N ARG A 754 22.17 -16.61 -18.30
CA ARG A 754 21.39 -15.37 -18.47
C ARG A 754 21.27 -14.92 -19.92
N PRO A 755 22.35 -15.00 -20.70
CA PRO A 755 22.20 -14.64 -22.13
C PRO A 755 21.11 -15.41 -22.88
N LEU A 756 20.75 -16.61 -22.44
CA LEU A 756 19.77 -17.41 -23.17
C LEU A 756 18.41 -16.77 -23.25
N MET A 757 18.00 -16.02 -22.24
CA MET A 757 16.65 -15.49 -22.29
C MET A 757 16.49 -14.45 -23.37
N LYS A 758 17.53 -13.62 -23.52
CA LYS A 758 17.61 -12.63 -24.58
C LYS A 758 17.36 -13.31 -25.89
N ILE A 759 18.21 -14.29 -26.15
CA ILE A 759 18.23 -15.02 -27.39
C ILE A 759 16.89 -15.72 -27.62
N LEU A 760 16.43 -16.49 -26.64
CA LEU A 760 15.25 -17.37 -26.82
C LEU A 760 13.87 -16.67 -26.67
N ALA A 761 13.90 -15.39 -26.29
CA ALA A 761 12.74 -14.53 -26.39
C ALA A 761 13.17 -13.15 -26.88
N SER B 24 -29.55 -41.82 19.26
CA SER B 24 -29.01 -41.08 18.09
C SER B 24 -27.54 -41.38 17.88
N ALA B 25 -27.28 -42.59 17.40
CA ALA B 25 -25.95 -42.90 16.89
C ALA B 25 -26.10 -43.13 15.42
N ILE B 26 -25.06 -42.75 14.67
CA ILE B 26 -25.06 -42.88 13.25
C ILE B 26 -23.85 -43.68 12.78
N GLY B 27 -24.11 -44.65 11.91
CA GLY B 27 -23.07 -45.40 11.22
C GLY B 27 -23.02 -44.97 9.76
N VAL B 28 -21.80 -44.73 9.27
CA VAL B 28 -21.53 -44.32 7.89
C VAL B 28 -20.58 -45.29 7.24
N LEU B 29 -20.86 -45.72 6.01
CA LEU B 29 -19.96 -46.63 5.34
C LEU B 29 -19.91 -46.38 3.85
N THR B 30 -18.88 -46.90 3.20
CA THR B 30 -18.69 -46.77 1.76
C THR B 30 -18.60 -48.14 1.13
N SER B 31 -19.33 -48.36 0.05
CA SER B 31 -19.43 -49.69 -0.55
C SER B 31 -19.42 -49.57 -2.06
N GLY B 32 -19.18 -50.70 -2.73
CA GLY B 32 -19.03 -50.68 -4.18
C GLY B 32 -17.80 -49.95 -4.63
N GLY B 33 -17.67 -49.71 -5.94
CA GLY B 33 -16.54 -48.95 -6.49
C GLY B 33 -16.36 -47.63 -5.78
N ASP B 34 -15.11 -47.30 -5.48
CA ASP B 34 -14.81 -46.02 -4.86
C ASP B 34 -14.96 -44.88 -5.91
N ALA B 35 -15.27 -43.70 -5.41
CA ALA B 35 -15.45 -42.54 -6.23
C ALA B 35 -14.87 -41.32 -5.50
N GLN B 36 -14.24 -40.41 -6.26
CA GLN B 36 -13.65 -39.21 -5.72
C GLN B 36 -14.72 -38.31 -5.17
N GLY B 37 -14.55 -37.87 -3.93
CA GLY B 37 -15.60 -37.12 -3.22
C GLY B 37 -16.20 -37.89 -2.06
N MET B 38 -15.92 -39.18 -2.00
CA MET B 38 -16.41 -40.01 -0.92
C MET B 38 -15.94 -39.51 0.44
N ASN B 39 -14.68 -39.14 0.53
CA ASN B 39 -14.14 -38.56 1.76
C ASN B 39 -14.84 -37.29 2.19
N ALA B 40 -15.17 -36.41 1.24
CA ALA B 40 -15.95 -35.21 1.52
C ALA B 40 -17.35 -35.55 2.08
N ALA B 41 -17.99 -36.56 1.47
CA ALA B 41 -19.30 -37.02 1.91
C ALA B 41 -19.25 -37.53 3.33
N VAL B 42 -18.22 -38.33 3.61
CA VAL B 42 -17.97 -38.85 4.95
C VAL B 42 -17.66 -37.71 5.92
N ARG B 43 -16.79 -36.78 5.50
CA ARG B 43 -16.45 -35.66 6.32
C ARG B 43 -17.71 -34.95 6.76
N ALA B 44 -18.63 -34.72 5.80
CA ALA B 44 -19.84 -33.96 6.07
C ALA B 44 -20.82 -34.74 6.94
N VAL B 45 -20.82 -36.06 6.84
CA VAL B 45 -21.74 -36.82 7.65
C VAL B 45 -21.28 -36.74 9.09
N VAL B 46 -19.98 -36.92 9.31
CA VAL B 46 -19.44 -36.92 10.67
C VAL B 46 -19.65 -35.53 11.31
N ARG B 47 -19.27 -34.48 10.61
CA ARG B 47 -19.36 -33.12 11.16
C ARG B 47 -20.81 -32.62 11.35
N MET B 48 -21.71 -32.92 10.42
CA MET B 48 -23.11 -32.57 10.61
C MET B 48 -23.71 -33.39 11.75
N GLY B 49 -23.36 -34.67 11.78
CA GLY B 49 -23.75 -35.55 12.85
C GLY B 49 -23.38 -34.97 14.20
N ILE B 50 -22.11 -34.69 14.38
CA ILE B 50 -21.62 -34.16 15.67
C ILE B 50 -22.23 -32.82 15.98
N TYR B 51 -22.28 -31.94 15.00
CA TYR B 51 -22.89 -30.63 15.19
C TYR B 51 -24.35 -30.70 15.67
N VAL B 52 -25.13 -31.67 15.20
CA VAL B 52 -26.52 -31.85 15.70
C VAL B 52 -26.56 -32.57 17.06
N GLY B 53 -25.45 -33.11 17.53
CA GLY B 53 -25.41 -33.75 18.82
C GLY B 53 -25.66 -35.25 18.78
N ALA B 54 -25.37 -35.88 17.64
CA ALA B 54 -25.38 -37.33 17.54
C ALA B 54 -23.98 -37.86 17.76
N LYS B 55 -23.87 -39.18 17.91
CA LYS B 55 -22.60 -39.84 17.86
C LYS B 55 -22.48 -40.45 16.48
N VAL B 56 -21.28 -40.41 15.90
CA VAL B 56 -21.08 -41.02 14.59
C VAL B 56 -19.95 -42.02 14.58
N TYR B 57 -20.22 -43.19 14.00
CA TYR B 57 -19.25 -44.26 13.88
C TYR B 57 -18.89 -44.52 12.44
N PHE B 58 -17.61 -44.60 12.16
CA PHE B 58 -17.14 -45.13 10.89
C PHE B 58 -17.39 -46.63 10.90
N ILE B 59 -17.82 -47.15 9.77
CA ILE B 59 -17.79 -48.57 9.53
C ILE B 59 -16.83 -48.79 8.38
N TYR B 60 -15.75 -49.50 8.67
CA TYR B 60 -14.69 -49.68 7.71
C TYR B 60 -15.02 -50.79 6.72
N GLU B 61 -14.36 -50.77 5.57
CA GLU B 61 -14.45 -51.85 4.59
C GLU B 61 -15.89 -52.17 4.25
N GLY B 62 -16.72 -51.15 4.11
CA GLY B 62 -18.10 -51.35 3.69
C GLY B 62 -18.87 -52.33 4.54
N TYR B 63 -19.67 -53.16 3.89
CA TYR B 63 -20.52 -54.10 4.60
C TYR B 63 -19.70 -55.14 5.35
N GLN B 64 -18.56 -55.54 4.79
CA GLN B 64 -17.71 -56.53 5.43
C GLN B 64 -17.35 -56.07 6.83
N GLY B 65 -16.98 -54.81 6.97
CA GLY B 65 -16.64 -54.28 8.29
C GLY B 65 -17.82 -54.31 9.24
N MET B 66 -19.02 -54.15 8.69
CA MET B 66 -20.25 -54.27 9.49
C MET B 66 -20.44 -55.71 9.97
N VAL B 67 -20.23 -56.67 9.05
CA VAL B 67 -20.31 -58.09 9.39
C VAL B 67 -19.20 -58.52 10.40
N ASP B 68 -17.95 -58.15 10.11
CA ASP B 68 -16.84 -58.53 10.97
C ASP B 68 -16.89 -57.86 12.34
N GLY B 69 -17.41 -56.64 12.40
CA GLY B 69 -17.55 -55.94 13.67
C GLY B 69 -16.22 -55.58 14.26
N GLY B 70 -16.17 -55.41 15.58
CA GLY B 70 -14.92 -55.23 16.29
C GLY B 70 -14.33 -53.89 16.02
N SER B 71 -13.03 -53.87 15.77
CA SER B 71 -12.34 -52.63 15.51
C SER B 71 -12.78 -51.99 14.14
N ASN B 72 -13.39 -52.77 13.24
CA ASN B 72 -13.96 -52.24 12.01
C ASN B 72 -15.11 -51.24 12.22
N ILE B 73 -15.61 -51.14 13.44
CA ILE B 73 -16.55 -50.06 13.77
C ILE B 73 -15.89 -49.17 14.83
N ALA B 74 -15.73 -47.89 14.53
CA ALA B 74 -15.03 -46.95 15.41
C ALA B 74 -15.77 -45.65 15.46
N GLU B 75 -15.84 -45.06 16.64
CA GLU B 75 -16.43 -43.74 16.77
C GLU B 75 -15.53 -42.70 16.15
N ALA B 76 -16.15 -41.66 15.60
CA ALA B 76 -15.44 -40.60 14.89
C ALA B 76 -15.59 -39.30 15.62
N ASP B 77 -14.47 -38.59 15.78
CA ASP B 77 -14.50 -37.25 16.34
C ASP B 77 -14.31 -36.18 15.24
N TRP B 78 -14.41 -34.91 15.63
CA TRP B 78 -14.20 -33.80 14.72
C TRP B 78 -12.89 -33.91 13.97
N GLU B 79 -11.80 -34.17 14.69
CA GLU B 79 -10.48 -34.33 14.05
C GLU B 79 -10.37 -35.49 13.04
N SER B 80 -11.10 -36.56 13.24
CA SER B 80 -10.89 -37.73 12.40
C SER B 80 -11.15 -37.48 10.91
N VAL B 81 -11.88 -36.43 10.55
CA VAL B 81 -12.16 -36.19 9.13
C VAL B 81 -11.46 -34.94 8.53
N SER B 82 -10.49 -34.41 9.26
CA SER B 82 -9.59 -33.43 8.71
C SER B 82 -8.53 -34.05 7.76
N SER B 83 -8.16 -33.29 6.74
CA SER B 83 -7.14 -33.69 5.75
C SER B 83 -7.57 -34.74 4.73
N ILE B 84 -8.85 -34.90 4.59
CA ILE B 84 -9.38 -36.02 3.89
C ILE B 84 -10.14 -35.54 2.66
N LEU B 85 -10.74 -34.36 2.73
CA LEU B 85 -11.68 -33.98 1.66
C LEU B 85 -11.02 -33.76 0.31
N GLN B 86 -9.76 -33.35 0.31
CA GLN B 86 -9.03 -33.11 -0.94
C GLN B 86 -8.41 -34.37 -1.55
N VAL B 87 -8.67 -35.53 -0.97
CA VAL B 87 -8.12 -36.78 -1.46
C VAL B 87 -9.16 -37.71 -2.10
N GLY B 88 -8.77 -38.35 -3.19
CA GLY B 88 -9.60 -39.34 -3.86
C GLY B 88 -9.84 -40.52 -2.93
N GLY B 89 -10.75 -41.40 -3.33
CA GLY B 89 -10.99 -42.64 -2.59
C GLY B 89 -11.86 -42.49 -1.36
N THR B 90 -11.78 -43.51 -0.51
CA THR B 90 -12.46 -43.51 0.74
C THR B 90 -11.47 -43.97 1.79
N ILE B 91 -11.25 -43.10 2.76
CA ILE B 91 -10.22 -43.31 3.77
C ILE B 91 -10.67 -44.41 4.74
N ILE B 92 -11.97 -44.69 4.81
CA ILE B 92 -12.51 -45.75 5.64
C ILE B 92 -12.73 -47.04 4.84
N GLY B 93 -12.39 -47.04 3.56
CA GLY B 93 -12.38 -48.28 2.80
C GLY B 93 -13.72 -48.74 2.27
N SER B 94 -13.65 -49.56 1.22
CA SER B 94 -14.82 -50.18 0.59
C SER B 94 -14.49 -51.58 0.12
N ALA B 95 -15.53 -52.38 -0.12
CA ALA B 95 -15.37 -53.82 -0.32
C ALA B 95 -16.66 -54.48 -0.80
N ARG B 96 -16.51 -55.45 -1.72
CA ARG B 96 -17.55 -56.42 -2.06
C ARG B 96 -17.55 -57.48 -1.00
N CYS B 97 -18.65 -57.59 -0.26
CA CYS B 97 -18.78 -58.50 0.87
C CYS B 97 -19.80 -59.61 0.60
N GLN B 98 -19.32 -60.81 0.30
CA GLN B 98 -20.20 -61.94 0.07
C GLN B 98 -21.05 -62.17 1.31
N ALA B 99 -20.43 -62.08 2.49
CA ALA B 99 -21.12 -62.45 3.72
C ALA B 99 -22.42 -61.66 3.97
N PHE B 100 -22.50 -60.45 3.42
CA PHE B 100 -23.70 -59.62 3.56
C PHE B 100 -24.86 -60.09 2.62
N ARG B 101 -24.52 -60.73 1.51
CA ARG B 101 -25.52 -61.35 0.64
C ARG B 101 -26.12 -62.62 1.25
N THR B 102 -25.66 -63.04 2.43
CA THR B 102 -26.25 -64.17 3.15
C THR B 102 -26.96 -63.74 4.42
N ARG B 103 -27.99 -64.49 4.81
CA ARG B 103 -28.72 -64.19 6.04
C ARG B 103 -27.83 -64.24 7.27
N GLU B 104 -26.87 -65.16 7.28
CA GLU B 104 -25.98 -65.31 8.43
C GLU B 104 -25.22 -64.03 8.69
N GLY B 105 -24.71 -63.43 7.61
CA GLY B 105 -23.95 -62.19 7.71
C GLY B 105 -24.77 -61.06 8.31
N ARG B 106 -25.93 -60.82 7.72
CA ARG B 106 -26.81 -59.74 8.16
C ARG B 106 -27.20 -59.86 9.61
N LEU B 107 -27.38 -61.10 10.08
CA LEU B 107 -27.62 -61.34 11.49
C LEU B 107 -26.46 -60.79 12.34
N LYS B 108 -25.24 -61.15 11.97
CA LYS B 108 -24.09 -60.67 12.72
C LYS B 108 -23.95 -59.15 12.55
N ALA B 109 -24.22 -58.67 11.33
CA ALA B 109 -24.18 -57.23 11.06
C ALA B 109 -25.14 -56.49 11.98
N ALA B 110 -26.39 -56.94 11.99
CA ALA B 110 -27.40 -56.34 12.85
C ALA B 110 -26.98 -56.37 14.31
N CYS B 111 -26.34 -57.46 14.74
CA CYS B 111 -25.91 -57.56 16.12
C CYS B 111 -24.86 -56.50 16.46
N ASN B 112 -23.84 -56.41 15.60
CA ASN B 112 -22.78 -55.43 15.77
C ASN B 112 -23.27 -53.99 15.89
N LEU B 113 -24.29 -53.65 15.10
CA LEU B 113 -24.88 -52.32 15.21
C LEU B 113 -25.53 -52.10 16.56
N LEU B 114 -26.26 -53.12 17.02
CA LEU B 114 -27.03 -53.00 18.26
C LEU B 114 -26.12 -52.85 19.45
N GLN B 115 -24.96 -53.49 19.39
CA GLN B 115 -23.97 -53.33 20.43
C GLN B 115 -23.55 -51.87 20.59
N ARG B 116 -23.51 -51.13 19.49
CA ARG B 116 -23.05 -49.75 19.53
C ARG B 116 -24.22 -48.77 19.59
N GLY B 117 -25.45 -49.30 19.65
CA GLY B 117 -26.66 -48.47 19.70
C GLY B 117 -26.94 -47.75 18.39
N ILE B 118 -26.48 -48.32 17.28
CA ILE B 118 -26.60 -47.70 15.98
C ILE B 118 -27.86 -48.16 15.27
N THR B 119 -28.84 -47.29 15.19
CA THR B 119 -30.06 -47.55 14.42
C THR B 119 -30.20 -46.60 13.20
N ASN B 120 -29.19 -45.74 13.00
CA ASN B 120 -29.17 -44.88 11.86
C ASN B 120 -27.98 -45.17 10.94
N LEU B 121 -28.30 -45.50 9.69
CA LEU B 121 -27.32 -45.93 8.76
C LEU B 121 -27.24 -45.05 7.48
N CYS B 122 -26.04 -44.57 7.17
CA CYS B 122 -25.78 -43.83 5.95
C CYS B 122 -24.87 -44.67 5.07
N VAL B 123 -25.37 -45.06 3.90
CA VAL B 123 -24.62 -45.86 2.95
C VAL B 123 -24.28 -45.08 1.68
N ILE B 124 -23.00 -45.06 1.36
CA ILE B 124 -22.47 -44.34 0.23
C ILE B 124 -21.96 -45.42 -0.72
N GLY B 125 -22.61 -45.61 -1.84
CA GLY B 125 -22.19 -46.64 -2.79
C GLY B 125 -22.99 -46.60 -4.07
N GLY B 126 -22.98 -47.69 -4.83
CA GLY B 126 -23.67 -47.72 -6.11
C GLY B 126 -24.98 -48.47 -6.05
N ASP B 127 -25.44 -48.93 -7.22
CA ASP B 127 -26.68 -49.73 -7.38
C ASP B 127 -26.72 -50.92 -6.43
N GLY B 128 -25.63 -51.68 -6.38
CA GLY B 128 -25.60 -52.87 -5.52
C GLY B 128 -25.67 -52.56 -4.04
N SER B 129 -24.85 -51.60 -3.60
CA SER B 129 -24.73 -51.32 -2.15
C SER B 129 -26.08 -50.84 -1.62
N LEU B 130 -26.77 -50.02 -2.40
CA LEU B 130 -28.07 -49.50 -1.97
C LEU B 130 -29.18 -50.56 -1.96
N THR B 131 -29.24 -51.42 -2.99
CA THR B 131 -30.15 -52.58 -2.89
C THR B 131 -29.87 -53.44 -1.66
N GLY B 132 -28.58 -53.56 -1.30
CA GLY B 132 -28.22 -54.28 -0.10
C GLY B 132 -28.86 -53.67 1.13
N ALA B 133 -28.90 -52.35 1.16
CA ALA B 133 -29.42 -51.64 2.30
C ALA B 133 -30.95 -51.70 2.32
N ASN B 134 -31.53 -51.67 1.12
CA ASN B 134 -32.98 -51.89 0.92
C ASN B 134 -33.35 -53.20 1.60
N LEU B 135 -32.64 -54.25 1.18
CA LEU B 135 -32.86 -55.60 1.68
C LEU B 135 -32.71 -55.68 3.20
N PHE B 136 -31.68 -55.02 3.71
CA PHE B 136 -31.37 -55.01 5.13
C PHE B 136 -32.50 -54.38 5.93
N ARG B 137 -33.12 -53.32 5.39
CA ARG B 137 -34.22 -52.64 6.11
C ARG B 137 -35.45 -53.53 6.21
N LYS B 138 -35.79 -54.19 5.10
CA LYS B 138 -36.90 -55.15 5.02
C LYS B 138 -36.78 -56.23 6.08
N GLU B 139 -35.56 -56.74 6.23
CA GLU B 139 -35.28 -57.86 7.11
C GLU B 139 -34.89 -57.46 8.52
N TRP B 140 -35.08 -56.21 8.89
CA TRP B 140 -34.65 -55.76 10.21
C TRP B 140 -35.45 -56.52 11.28
N SER B 141 -36.54 -57.14 10.86
CA SER B 141 -37.11 -58.29 11.58
C SER B 141 -36.12 -59.41 12.01
N GLY B 142 -34.96 -59.49 11.36
CA GLY B 142 -33.82 -60.26 11.88
C GLY B 142 -33.64 -60.13 13.39
N LEU B 143 -34.11 -59.02 13.97
CA LEU B 143 -34.01 -58.85 15.39
C LEU B 143 -34.74 -59.93 16.18
N LEU B 144 -35.85 -60.45 15.64
CA LEU B 144 -36.55 -61.55 16.30
C LEU B 144 -35.68 -62.82 16.41
N GLU B 145 -34.99 -63.20 15.34
CA GLU B 145 -34.06 -64.34 15.43
C GLU B 145 -32.98 -64.09 16.48
N GLU B 146 -32.67 -62.82 16.74
CA GLU B 146 -31.77 -62.44 17.84
C GLU B 146 -32.39 -62.82 19.17
N LEU B 147 -33.69 -62.54 19.31
CA LEU B 147 -34.49 -62.96 20.47
C LEU B 147 -34.53 -64.49 20.62
N ALA B 148 -34.89 -65.21 19.55
CA ALA B 148 -35.00 -66.68 19.58
C ALA B 148 -33.66 -67.30 19.98
N ARG B 149 -32.59 -66.84 19.33
CA ARG B 149 -31.22 -67.17 19.75
C ARG B 149 -30.87 -66.39 21.03
N ASN B 150 -29.69 -66.66 21.61
CA ASN B 150 -29.16 -65.90 22.76
C ASN B 150 -29.11 -64.41 22.42
N GLY B 151 -28.55 -64.13 21.25
CA GLY B 151 -28.47 -62.79 20.68
C GLY B 151 -28.74 -61.67 21.66
N GLN B 152 -30.01 -61.26 21.76
CA GLN B 152 -30.37 -60.03 22.49
C GLN B 152 -31.52 -60.18 23.46
N ILE B 153 -31.54 -59.28 24.44
CA ILE B 153 -32.66 -59.11 25.37
C ILE B 153 -33.91 -58.77 24.54
N ASP B 154 -35.09 -59.11 25.06
CA ASP B 154 -36.36 -58.75 24.43
C ASP B 154 -36.56 -57.23 24.35
N LYS B 155 -36.17 -56.53 25.43
CA LYS B 155 -36.19 -55.05 25.46
C LYS B 155 -35.54 -54.46 24.21
N GLU B 156 -34.43 -55.05 23.80
CA GLU B 156 -33.73 -54.61 22.59
C GLU B 156 -34.56 -54.84 21.32
N ALA B 157 -35.13 -56.03 21.15
CA ALA B 157 -35.99 -56.31 20.01
C ALA B 157 -37.14 -55.28 19.91
N VAL B 158 -37.63 -54.77 21.04
CA VAL B 158 -38.69 -53.72 21.00
C VAL B 158 -38.07 -52.31 20.89
N GLN B 159 -36.95 -52.07 21.55
CA GLN B 159 -36.35 -50.72 21.62
C GLN B 159 -35.71 -50.21 20.31
N LYS B 160 -35.14 -51.13 19.54
CA LYS B 160 -34.49 -50.78 18.28
C LYS B 160 -35.28 -51.33 17.08
N TYR B 161 -36.57 -51.63 17.27
CA TYR B 161 -37.32 -52.42 16.27
C TYR B 161 -38.00 -51.54 15.24
N ALA B 162 -37.78 -51.82 13.97
CA ALA B 162 -38.24 -50.96 12.87
C ALA B 162 -37.82 -49.52 13.07
N TYR B 163 -36.73 -49.35 13.82
CA TYR B 163 -36.16 -48.05 14.04
C TYR B 163 -34.97 -47.87 13.14
N LEU B 164 -34.79 -48.81 12.22
CA LEU B 164 -33.65 -48.70 11.34
C LEU B 164 -33.92 -47.68 10.23
N ASN B 165 -33.41 -46.46 10.42
CA ASN B 165 -33.42 -45.46 9.37
C ASN B 165 -32.20 -45.68 8.52
N VAL B 166 -32.44 -45.85 7.23
CA VAL B 166 -31.40 -45.97 6.25
C VAL B 166 -31.53 -44.83 5.27
N VAL B 167 -30.41 -44.13 5.07
CA VAL B 167 -30.28 -43.13 4.01
C VAL B 167 -29.11 -43.50 3.14
N GLY B 168 -29.29 -43.39 1.83
CA GLY B 168 -28.26 -43.69 0.87
C GLY B 168 -27.74 -42.47 0.14
N MET B 169 -26.47 -42.53 -0.26
CA MET B 169 -25.86 -41.57 -1.18
C MET B 169 -25.19 -42.36 -2.26
N VAL B 170 -25.38 -41.94 -3.49
CA VAL B 170 -24.77 -42.64 -4.61
C VAL B 170 -23.37 -42.11 -4.80
N GLY B 171 -22.40 -43.03 -4.79
CA GLY B 171 -21.01 -42.74 -5.11
C GLY B 171 -20.45 -43.73 -6.10
N SER B 172 -20.77 -43.51 -7.37
CA SER B 172 -20.16 -44.21 -8.48
C SER B 172 -19.79 -43.12 -9.47
N ILE B 173 -18.70 -43.37 -10.19
CA ILE B 173 -18.35 -42.54 -11.35
C ILE B 173 -19.34 -42.77 -12.52
N ASP B 174 -20.07 -43.88 -12.51
CA ASP B 174 -20.88 -44.28 -13.66
C ASP B 174 -22.04 -43.32 -13.98
N ASN B 175 -22.60 -42.67 -12.96
CA ASN B 175 -23.92 -42.01 -13.03
C ASN B 175 -25.05 -43.02 -13.38
N ASP B 176 -25.03 -44.14 -12.64
CA ASP B 176 -25.86 -45.35 -12.89
C ASP B 176 -27.32 -45.27 -12.40
N PHE B 177 -27.75 -44.12 -11.89
CA PHE B 177 -28.82 -44.07 -10.89
C PHE B 177 -29.77 -42.88 -11.11
N MET B 182 -27.22 -36.33 -11.13
CA MET B 182 -25.79 -36.22 -10.77
C MET B 182 -25.31 -37.00 -9.52
N THR B 183 -24.31 -37.85 -9.75
CA THR B 183 -23.75 -38.72 -8.70
C THR B 183 -22.29 -38.30 -8.38
N ILE B 184 -21.87 -38.56 -7.15
CA ILE B 184 -20.56 -38.17 -6.66
C ILE B 184 -19.48 -38.93 -7.40
N GLY B 185 -18.56 -38.17 -7.97
CA GLY B 185 -17.43 -38.75 -8.64
C GLY B 185 -17.50 -38.65 -10.11
N THR B 186 -18.70 -38.49 -10.68
CA THR B 186 -18.84 -38.31 -12.13
C THR B 186 -18.03 -37.13 -12.65
N ASP B 187 -18.17 -35.96 -12.05
CA ASP B 187 -17.38 -34.82 -12.48
C ASP B 187 -15.86 -35.09 -12.38
N SER B 188 -15.42 -35.76 -11.32
CA SER B 188 -14.00 -36.01 -11.14
C SER B 188 -13.50 -36.95 -12.20
N ALA B 189 -14.26 -38.01 -12.41
CA ALA B 189 -13.97 -39.01 -13.45
C ALA B 189 -13.83 -38.39 -14.85
N LEU B 190 -14.66 -37.39 -15.07
CA LEU B 190 -14.69 -36.71 -16.31
C LEU B 190 -13.43 -35.82 -16.46
N HIS B 191 -13.04 -35.09 -15.41
CA HIS B 191 -11.77 -34.40 -15.38
C HIS B 191 -10.65 -35.38 -15.75
N ARG B 192 -10.68 -36.56 -15.16
CA ARG B 192 -9.66 -37.58 -15.40
C ARG B 192 -9.59 -37.95 -16.87
N ILE B 193 -10.74 -38.24 -17.47
CA ILE B 193 -10.81 -38.64 -18.88
C ILE B 193 -10.29 -37.52 -19.79
N ILE B 194 -10.71 -36.31 -19.51
CA ILE B 194 -10.38 -35.17 -20.35
C ILE B 194 -8.93 -34.73 -20.18
N GLU B 195 -8.37 -34.97 -19.00
CA GLU B 195 -6.93 -34.78 -18.83
C GLU B 195 -6.18 -35.72 -19.74
N VAL B 196 -6.61 -36.97 -19.77
CA VAL B 196 -6.00 -37.95 -20.66
C VAL B 196 -6.18 -37.55 -22.12
N VAL B 197 -7.39 -37.16 -22.51
CA VAL B 197 -7.63 -36.81 -23.91
C VAL B 197 -6.76 -35.61 -24.31
N ASP B 198 -6.76 -34.54 -23.52
CA ASP B 198 -5.91 -33.36 -23.76
C ASP B 198 -4.41 -33.70 -23.83
N ALA B 199 -3.92 -34.61 -23.00
CA ALA B 199 -2.55 -35.10 -23.13
C ALA B 199 -2.32 -35.88 -24.42
N ILE B 200 -3.21 -36.83 -24.74
CA ILE B 200 -3.13 -37.63 -25.96
C ILE B 200 -3.16 -36.75 -27.21
N MET B 201 -3.87 -35.63 -27.18
CA MET B 201 -4.01 -34.80 -28.38
C MET B 201 -2.68 -34.23 -28.86
N THR B 202 -1.75 -33.91 -27.96
CA THR B 202 -0.41 -33.44 -28.40
C THR B 202 0.41 -34.54 -29.13
N THR B 203 0.35 -35.79 -28.69
CA THR B 203 1.06 -36.90 -29.40
C THR B 203 0.37 -37.38 -30.69
N ALA B 204 -0.96 -37.40 -30.73
CA ALA B 204 -1.71 -37.74 -31.97
C ALA B 204 -1.42 -36.72 -33.08
N GLN B 205 -1.36 -35.44 -32.71
CA GLN B 205 -0.95 -34.34 -33.60
C GLN B 205 0.32 -34.64 -34.41
N SER B 206 1.38 -35.06 -33.71
CA SER B 206 2.70 -35.38 -34.29
C SER B 206 2.68 -36.58 -35.29
N HIS B 207 2.70 -36.34 -36.61
CA HIS B 207 2.23 -37.34 -37.63
C HIS B 207 0.67 -37.40 -37.43
N GLN B 208 -0.14 -38.16 -38.17
CA GLN B 208 -1.60 -37.97 -38.09
C GLN B 208 -2.25 -39.27 -37.62
N ARG B 209 -2.62 -39.40 -36.33
CA ARG B 209 -3.06 -40.70 -35.74
C ARG B 209 -4.49 -40.71 -35.22
N THR B 210 -5.13 -41.88 -35.28
CA THR B 210 -6.47 -42.07 -34.74
C THR B 210 -6.43 -42.81 -33.43
N PHE B 211 -7.09 -42.27 -32.41
CA PHE B 211 -7.03 -42.87 -31.08
C PHE B 211 -8.39 -43.40 -30.65
N VAL B 212 -8.41 -44.65 -30.19
CA VAL B 212 -9.62 -45.30 -29.69
C VAL B 212 -9.48 -45.46 -28.19
N LEU B 213 -10.32 -44.73 -27.45
CA LEU B 213 -10.23 -44.64 -26.01
C LEU B 213 -11.41 -45.34 -25.33
N GLU B 214 -11.14 -46.38 -24.55
CA GLU B 214 -12.17 -47.07 -23.80
C GLU B 214 -12.30 -46.43 -22.44
N VAL B 215 -13.51 -45.98 -22.15
CA VAL B 215 -13.82 -45.30 -20.90
C VAL B 215 -14.76 -46.16 -20.08
N MET B 216 -14.92 -45.80 -18.81
CA MET B 216 -15.76 -46.56 -17.87
C MET B 216 -17.26 -46.27 -18.06
N GLY B 217 -18.07 -47.04 -17.35
CA GLY B 217 -19.51 -46.95 -17.37
C GLY B 217 -19.94 -48.34 -17.77
N ARG B 218 -20.09 -49.21 -16.79
CA ARG B 218 -20.34 -50.61 -17.12
C ARG B 218 -21.47 -50.72 -18.11
N HIS B 219 -22.67 -50.42 -17.65
CA HIS B 219 -23.81 -50.47 -18.51
C HIS B 219 -24.40 -49.07 -18.65
N CYS B 220 -23.75 -48.05 -18.08
CA CYS B 220 -24.15 -46.65 -18.29
C CYS B 220 -23.22 -45.94 -19.25
N GLY B 221 -23.80 -45.13 -20.13
CA GLY B 221 -23.08 -44.45 -21.19
C GLY B 221 -22.88 -42.98 -20.95
N TYR B 222 -23.34 -42.50 -19.80
CA TYR B 222 -23.21 -41.11 -19.48
C TYR B 222 -21.76 -40.60 -19.61
N LEU B 223 -20.81 -41.28 -19.01
CA LEU B 223 -19.42 -40.80 -19.02
C LEU B 223 -18.85 -40.68 -20.44
N ALA B 224 -19.05 -41.70 -21.25
CA ALA B 224 -18.57 -41.64 -22.61
C ALA B 224 -19.25 -40.51 -23.38
N LEU B 225 -20.53 -40.31 -23.14
CA LEU B 225 -21.27 -39.34 -23.88
C LEU B 225 -20.78 -37.97 -23.56
N VAL B 226 -20.69 -37.70 -22.27
CA VAL B 226 -20.27 -36.40 -21.79
C VAL B 226 -18.79 -36.09 -22.05
N SER B 227 -17.95 -37.12 -22.11
CA SER B 227 -16.53 -36.96 -22.52
C SER B 227 -16.43 -36.64 -23.96
N ALA B 228 -17.20 -37.35 -24.78
CA ALA B 228 -17.27 -37.09 -26.24
C ALA B 228 -17.69 -35.66 -26.53
N LEU B 229 -18.76 -35.23 -25.89
CA LEU B 229 -19.18 -33.85 -25.97
C LEU B 229 -18.06 -32.90 -25.52
N ALA B 230 -17.39 -33.25 -24.44
CA ALA B 230 -16.41 -32.36 -23.87
C ALA B 230 -15.12 -32.23 -24.68
N CYS B 231 -14.83 -33.20 -25.55
CA CYS B 231 -13.58 -33.14 -26.31
C CYS B 231 -13.79 -33.01 -27.81
N GLY B 232 -15.03 -32.89 -28.26
CA GLY B 232 -15.36 -32.85 -29.69
C GLY B 232 -14.93 -34.12 -30.36
N ALA B 233 -15.31 -35.25 -29.79
CA ALA B 233 -14.89 -36.54 -30.32
C ALA B 233 -15.55 -36.78 -31.66
N ASP B 234 -14.88 -37.60 -32.47
CA ASP B 234 -15.26 -37.87 -33.85
C ASP B 234 -16.34 -38.91 -33.90
N TRP B 235 -16.36 -39.79 -32.90
CA TRP B 235 -17.39 -40.79 -32.78
C TRP B 235 -17.50 -41.22 -31.32
N VAL B 236 -18.66 -41.73 -30.95
CA VAL B 236 -18.90 -42.24 -29.60
C VAL B 236 -19.78 -43.49 -29.65
N PHE B 237 -19.52 -44.44 -28.75
CA PHE B 237 -20.29 -45.65 -28.65
C PHE B 237 -20.84 -45.81 -27.25
N LEU B 238 -22.17 -45.92 -27.15
CA LEU B 238 -22.88 -46.00 -25.89
C LEU B 238 -23.69 -47.28 -25.79
N PRO B 239 -23.88 -47.80 -24.57
CA PRO B 239 -24.79 -48.92 -24.39
C PRO B 239 -26.26 -48.54 -24.61
N GLU B 240 -26.68 -47.37 -24.11
CA GLU B 240 -28.09 -46.98 -24.19
C GLU B 240 -28.57 -46.78 -25.62
N SER B 241 -27.72 -46.20 -26.47
CA SER B 241 -28.06 -45.99 -27.92
C SER B 241 -27.01 -46.69 -28.78
N PRO B 242 -27.33 -47.89 -29.28
CA PRO B 242 -26.39 -48.51 -30.19
C PRO B 242 -26.25 -47.72 -31.48
N PRO B 243 -25.20 -48.01 -32.27
CA PRO B 243 -25.02 -47.43 -33.59
C PRO B 243 -26.09 -48.05 -34.55
N GLU B 244 -26.75 -47.22 -35.37
CA GLU B 244 -27.50 -47.59 -36.58
C GLU B 244 -26.71 -48.52 -37.49
N GLU B 245 -27.39 -49.37 -38.26
CA GLU B 245 -26.66 -50.46 -38.97
C GLU B 245 -25.47 -50.12 -39.87
N GLY B 246 -25.61 -49.21 -40.84
CA GLY B 246 -24.46 -48.78 -41.65
C GLY B 246 -23.41 -47.94 -40.94
N TRP B 247 -23.25 -48.09 -39.62
CA TRP B 247 -22.32 -47.22 -38.86
C TRP B 247 -20.87 -47.36 -39.29
N GLU B 248 -20.48 -48.60 -39.62
CA GLU B 248 -19.12 -48.87 -40.06
C GLU B 248 -18.68 -47.93 -41.20
N GLU B 249 -19.54 -47.78 -42.20
CA GLU B 249 -19.24 -46.96 -43.36
C GLU B 249 -19.33 -45.49 -42.99
N GLN B 250 -20.38 -45.14 -42.26
CA GLN B 250 -20.61 -43.76 -41.78
C GLN B 250 -19.41 -43.20 -40.99
N MET B 251 -18.87 -44.05 -40.10
CA MET B 251 -17.70 -43.71 -39.30
C MET B 251 -16.47 -43.53 -40.17
N CYS B 252 -16.24 -44.48 -41.06
CA CYS B 252 -15.10 -44.38 -41.96
C CYS B 252 -15.19 -43.18 -42.88
N VAL B 253 -16.39 -42.86 -43.35
CA VAL B 253 -16.57 -41.68 -44.19
C VAL B 253 -16.18 -40.43 -43.42
N LYS B 254 -16.65 -40.34 -42.17
CA LYS B 254 -16.33 -39.20 -41.30
C LYS B 254 -14.81 -39.04 -41.12
N LEU B 255 -14.11 -40.15 -40.91
CA LEU B 255 -12.67 -40.10 -40.71
C LEU B 255 -11.94 -39.69 -41.98
N SER B 256 -12.37 -40.21 -43.13
CA SER B 256 -11.79 -39.78 -44.41
C SER B 256 -12.01 -38.29 -44.62
N GLU B 257 -13.20 -37.79 -44.32
CA GLU B 257 -13.48 -36.36 -44.43
C GLU B 257 -12.54 -35.54 -43.57
N ASN B 258 -12.29 -36.01 -42.36
CA ASN B 258 -11.34 -35.34 -41.48
C ASN B 258 -9.94 -35.25 -42.06
N ARG B 259 -9.46 -36.33 -42.68
CA ARG B 259 -8.13 -36.29 -43.27
C ARG B 259 -8.09 -35.29 -44.44
N ALA B 260 -9.12 -35.31 -45.27
CA ALA B 260 -9.24 -34.35 -46.35
C ALA B 260 -9.27 -32.94 -45.79
N ARG B 261 -9.93 -32.74 -44.65
CA ARG B 261 -9.93 -31.44 -43.98
C ARG B 261 -8.59 -31.11 -43.34
N LYS B 262 -7.64 -32.05 -43.37
CA LYS B 262 -6.28 -31.88 -42.83
C LYS B 262 -6.21 -32.01 -41.30
N LYS B 263 -7.27 -32.54 -40.68
CA LYS B 263 -7.31 -32.68 -39.23
C LYS B 263 -6.27 -33.72 -38.86
N ARG B 264 -5.33 -33.35 -37.99
CA ARG B 264 -4.15 -34.16 -37.76
C ARG B 264 -4.37 -35.30 -36.78
N LEU B 265 -5.60 -35.49 -36.30
CA LEU B 265 -5.90 -36.65 -35.47
C LEU B 265 -7.39 -36.92 -35.30
N ASN B 266 -7.73 -38.16 -34.99
CA ASN B 266 -9.10 -38.53 -34.69
C ASN B 266 -9.16 -39.06 -33.27
N ILE B 267 -10.29 -38.82 -32.61
CA ILE B 267 -10.58 -39.36 -31.29
C ILE B 267 -11.93 -40.03 -31.27
N ILE B 268 -11.93 -41.32 -30.96
CA ILE B 268 -13.14 -42.12 -30.85
C ILE B 268 -13.26 -42.65 -29.41
N ILE B 269 -14.37 -42.31 -28.75
CA ILE B 269 -14.61 -42.68 -27.37
C ILE B 269 -15.53 -43.87 -27.36
N VAL B 270 -15.18 -44.88 -26.56
CA VAL B 270 -15.95 -46.14 -26.51
C VAL B 270 -16.28 -46.57 -25.09
N ALA B 271 -17.56 -46.62 -24.77
CA ALA B 271 -17.97 -47.11 -23.46
C ALA B 271 -17.58 -48.57 -23.33
N GLU B 272 -17.11 -48.94 -22.13
CA GLU B 272 -16.86 -50.35 -21.73
C GLU B 272 -17.90 -51.31 -22.24
N GLY B 273 -19.16 -50.96 -22.07
CA GLY B 273 -20.27 -51.83 -22.49
C GLY B 273 -21.00 -51.43 -23.76
N ALA B 274 -20.28 -50.81 -24.68
CA ALA B 274 -20.80 -50.50 -26.00
C ALA B 274 -21.34 -51.77 -26.66
N ILE B 275 -22.47 -51.66 -27.34
CA ILE B 275 -23.08 -52.82 -27.96
C ILE B 275 -23.82 -52.46 -29.23
N ASP B 276 -23.98 -53.44 -30.11
CA ASP B 276 -24.76 -53.23 -31.34
C ASP B 276 -26.26 -53.40 -31.05
N THR B 277 -27.09 -53.16 -32.05
CA THR B 277 -28.55 -53.37 -31.89
C THR B 277 -28.94 -54.82 -31.59
N GLN B 278 -28.02 -55.76 -31.81
CA GLN B 278 -28.24 -57.15 -31.45
C GLN B 278 -27.61 -57.46 -30.07
N ASN B 279 -27.17 -56.44 -29.34
CA ASN B 279 -26.51 -56.61 -28.05
C ASN B 279 -25.15 -57.28 -28.07
N LYS B 280 -24.57 -57.44 -29.25
CA LYS B 280 -23.20 -57.89 -29.31
C LYS B 280 -22.27 -56.75 -28.90
N PRO B 281 -21.19 -57.08 -28.16
CA PRO B 281 -20.25 -56.05 -27.80
C PRO B 281 -19.53 -55.47 -29.00
N ILE B 282 -19.40 -54.15 -29.01
CA ILE B 282 -18.48 -53.47 -29.90
C ILE B 282 -17.26 -53.11 -29.07
N THR B 283 -16.14 -53.76 -29.35
CA THR B 283 -14.93 -53.56 -28.58
C THR B 283 -14.01 -52.54 -29.24
N SER B 284 -13.11 -51.98 -28.43
CA SER B 284 -12.14 -51.04 -28.93
C SER B 284 -11.22 -51.70 -29.95
N GLU B 285 -10.92 -52.99 -29.76
CA GLU B 285 -10.07 -53.70 -30.72
C GLU B 285 -10.73 -53.85 -32.08
N LYS B 286 -12.00 -54.23 -32.10
CA LYS B 286 -12.75 -54.27 -33.34
C LYS B 286 -12.80 -52.91 -34.04
N ILE B 287 -13.01 -51.83 -33.28
CA ILE B 287 -12.98 -50.48 -33.86
C ILE B 287 -11.61 -50.22 -34.52
N LYS B 288 -10.52 -50.60 -33.85
CA LYS B 288 -9.18 -50.43 -34.41
C LYS B 288 -8.97 -51.24 -35.69
N GLU B 289 -9.36 -52.51 -35.68
CA GLU B 289 -9.33 -53.39 -36.87
C GLU B 289 -10.08 -52.76 -38.04
N LEU B 290 -11.27 -52.24 -37.75
CA LEU B 290 -12.10 -51.62 -38.76
C LEU B 290 -11.40 -50.45 -39.42
N VAL B 291 -10.81 -49.56 -38.62
CA VAL B 291 -10.16 -48.36 -39.16
C VAL B 291 -8.91 -48.72 -39.96
N VAL B 292 -8.11 -49.63 -39.42
CA VAL B 292 -6.89 -50.07 -40.09
C VAL B 292 -7.23 -50.79 -41.40
N THR B 293 -8.22 -51.67 -41.36
CA THR B 293 -8.70 -52.37 -42.54
C THR B 293 -9.20 -51.39 -43.60
N GLN B 294 -10.21 -50.61 -43.27
CA GLN B 294 -10.90 -49.79 -44.27
C GLN B 294 -10.06 -48.63 -44.75
N LEU B 295 -9.41 -47.95 -43.83
CA LEU B 295 -8.71 -46.72 -44.16
C LEU B 295 -7.19 -46.83 -44.05
N GLY B 296 -6.69 -47.89 -43.42
CA GLY B 296 -5.27 -48.04 -43.22
C GLY B 296 -4.59 -46.96 -42.42
N TYR B 297 -5.35 -46.21 -41.62
CA TYR B 297 -4.77 -45.15 -40.78
C TYR B 297 -4.06 -45.73 -39.57
N ASP B 298 -3.10 -44.97 -39.07
CA ASP B 298 -2.34 -45.39 -37.92
C ASP B 298 -3.22 -45.23 -36.67
N THR B 299 -3.52 -46.35 -36.03
CA THR B 299 -4.50 -46.41 -34.95
C THR B 299 -3.95 -47.06 -33.70
N ARG B 300 -4.28 -46.49 -32.54
CA ARG B 300 -3.87 -47.04 -31.25
C ARG B 300 -5.07 -47.05 -30.32
N VAL B 301 -5.09 -48.00 -29.40
CA VAL B 301 -6.16 -48.14 -28.43
C VAL B 301 -5.60 -47.87 -27.04
N THR B 302 -6.31 -47.08 -26.25
CA THR B 302 -5.94 -46.84 -24.87
C THR B 302 -7.16 -47.19 -24.02
N ILE B 303 -7.01 -48.11 -23.07
CA ILE B 303 -8.03 -48.40 -22.08
C ILE B 303 -7.65 -47.58 -20.88
N LEU B 304 -8.43 -46.55 -20.57
CA LEU B 304 -8.08 -45.64 -19.45
C LEU B 304 -7.97 -46.38 -18.12
N GLY B 305 -8.91 -47.28 -17.86
CA GLY B 305 -8.85 -48.09 -16.68
C GLY B 305 -9.08 -47.26 -15.43
N HIS B 306 -8.50 -47.74 -14.33
CA HIS B 306 -8.79 -47.25 -13.00
C HIS B 306 -8.31 -45.85 -12.64
N VAL B 307 -7.47 -45.25 -13.49
CA VAL B 307 -7.21 -43.82 -13.34
C VAL B 307 -8.49 -43.02 -13.25
N GLN B 308 -9.56 -43.45 -13.91
CA GLN B 308 -10.78 -42.68 -13.95
C GLN B 308 -11.43 -42.62 -12.60
N ARG B 309 -11.15 -43.62 -11.75
CA ARG B 309 -11.66 -43.62 -10.39
C ARG B 309 -10.82 -42.83 -9.40
N GLY B 310 -9.69 -42.30 -9.84
CA GLY B 310 -8.69 -41.79 -8.92
C GLY B 310 -8.48 -40.30 -9.01
N GLY B 311 -7.38 -39.83 -8.42
CA GLY B 311 -7.02 -38.44 -8.53
C GLY B 311 -7.80 -37.67 -7.52
N THR B 312 -7.68 -36.36 -7.52
CA THR B 312 -8.29 -35.55 -6.46
C THR B 312 -9.73 -35.17 -6.85
N PRO B 313 -10.61 -35.05 -5.86
CA PRO B 313 -11.95 -34.64 -6.22
C PRO B 313 -12.01 -33.22 -6.76
N SER B 314 -12.80 -33.05 -7.81
CA SER B 314 -13.03 -31.74 -8.37
C SER B 314 -13.76 -30.89 -7.35
N ALA B 315 -13.84 -29.61 -7.62
CA ALA B 315 -14.56 -28.68 -6.76
C ALA B 315 -16.06 -29.05 -6.67
N PHE B 316 -16.62 -29.41 -7.81
CA PHE B 316 -18.04 -29.75 -7.90
C PHE B 316 -18.33 -30.98 -7.05
N ASP B 317 -17.53 -32.03 -7.20
CA ASP B 317 -17.73 -33.24 -6.40
C ASP B 317 -17.55 -33.01 -4.92
N ARG B 318 -16.64 -32.14 -4.51
CA ARG B 318 -16.48 -31.87 -3.09
C ARG B 318 -17.69 -31.18 -2.54
N ILE B 319 -18.16 -30.19 -3.26
CA ILE B 319 -19.29 -29.41 -2.83
C ILE B 319 -20.56 -30.28 -2.84
N LEU B 320 -20.71 -31.10 -3.89
CA LEU B 320 -21.87 -31.95 -4.06
C LEU B 320 -21.91 -32.94 -2.91
N ALA B 321 -20.78 -33.58 -2.67
CA ALA B 321 -20.64 -34.53 -1.57
C ALA B 321 -20.94 -33.90 -0.22
N SER B 322 -20.52 -32.64 -0.03
CA SER B 322 -20.74 -31.99 1.27
C SER B 322 -22.22 -31.75 1.50
N ARG B 323 -22.89 -31.19 0.50
CA ARG B 323 -24.32 -30.91 0.56
C ARG B 323 -25.12 -32.17 0.75
N MET B 324 -24.69 -33.23 0.08
CA MET B 324 -25.32 -34.52 0.25
C MET B 324 -25.10 -35.11 1.64
N GLY B 325 -23.89 -35.01 2.18
CA GLY B 325 -23.58 -35.49 3.53
C GLY B 325 -24.45 -34.82 4.55
N VAL B 326 -24.58 -33.52 4.43
CA VAL B 326 -25.38 -32.76 5.38
C VAL B 326 -26.84 -33.14 5.25
N GLU B 327 -27.29 -33.28 4.02
CA GLU B 327 -28.69 -33.59 3.78
C GLU B 327 -29.02 -35.00 4.23
N ALA B 328 -28.04 -35.89 4.22
CA ALA B 328 -28.25 -37.29 4.65
C ALA B 328 -28.46 -37.38 6.14
N VAL B 329 -27.68 -36.61 6.91
CA VAL B 329 -27.84 -36.53 8.36
C VAL B 329 -29.23 -35.96 8.71
N ILE B 330 -29.61 -34.90 8.03
CA ILE B 330 -30.88 -34.30 8.31
C ILE B 330 -32.00 -35.30 8.02
N ALA B 331 -31.92 -35.99 6.89
CA ALA B 331 -32.94 -36.97 6.53
C ALA B 331 -33.11 -38.01 7.65
N LEU B 332 -31.98 -38.43 8.22
CA LEU B 332 -32.00 -39.44 9.28
C LEU B 332 -32.68 -38.94 10.53
N LEU B 333 -32.33 -37.73 10.97
CA LEU B 333 -33.00 -37.11 12.10
C LEU B 333 -34.51 -37.01 11.89
N GLU B 334 -34.91 -36.55 10.71
CA GLU B 334 -36.30 -36.34 10.44
C GLU B 334 -37.07 -37.65 10.21
N ALA B 335 -36.39 -38.72 9.87
CA ALA B 335 -37.07 -39.94 9.50
C ALA B 335 -37.92 -40.47 10.63
N THR B 336 -39.09 -41.02 10.27
CA THR B 336 -40.00 -41.66 11.22
C THR B 336 -39.82 -43.15 11.04
N PRO B 337 -40.40 -43.95 11.94
CA PRO B 337 -40.26 -45.39 11.73
C PRO B 337 -41.03 -45.83 10.48
N ASP B 338 -42.08 -45.09 10.15
CA ASP B 338 -42.86 -45.29 8.90
C ASP B 338 -42.31 -44.68 7.60
N THR B 339 -41.32 -43.81 7.75
CA THR B 339 -40.67 -43.14 6.61
C THR B 339 -39.86 -44.16 5.87
N PRO B 340 -40.07 -44.27 4.54
CA PRO B 340 -39.28 -45.26 3.82
C PRO B 340 -37.86 -44.81 3.70
N ALA B 341 -36.98 -45.78 3.54
CA ALA B 341 -35.59 -45.47 3.28
C ALA B 341 -35.49 -44.64 2.02
N CYS B 342 -34.59 -43.66 2.04
CA CYS B 342 -34.45 -42.74 0.91
C CYS B 342 -33.01 -42.68 0.43
N VAL B 343 -32.86 -42.05 -0.73
CA VAL B 343 -31.58 -41.65 -1.23
C VAL B 343 -31.59 -40.14 -1.35
N VAL B 344 -30.64 -39.48 -0.70
CA VAL B 344 -30.48 -38.04 -0.88
C VAL B 344 -29.89 -37.75 -2.25
N SER B 345 -30.40 -36.70 -2.89
CA SER B 345 -30.03 -36.42 -4.26
C SER B 345 -30.07 -34.93 -4.51
N LEU B 346 -29.56 -34.55 -5.67
CA LEU B 346 -29.65 -33.18 -6.13
C LEU B 346 -30.49 -33.11 -7.38
N ASN B 347 -31.67 -32.54 -7.27
CA ASN B 347 -32.53 -32.35 -8.44
C ASN B 347 -32.75 -30.88 -8.62
N GLY B 348 -32.27 -30.39 -9.76
CA GLY B 348 -32.40 -28.99 -10.11
C GLY B 348 -31.76 -28.12 -9.05
N ASN B 349 -30.61 -28.57 -8.57
CA ASN B 349 -29.86 -27.78 -7.63
C ASN B 349 -30.59 -27.62 -6.30
N HIS B 350 -31.43 -28.58 -5.97
CA HIS B 350 -32.12 -28.64 -4.70
C HIS B 350 -31.84 -29.98 -4.08
N ALA B 351 -31.78 -30.04 -2.75
CA ALA B 351 -31.60 -31.32 -2.01
C ALA B 351 -32.95 -32.03 -1.86
N VAL B 352 -33.04 -33.24 -2.40
CA VAL B 352 -34.29 -34.01 -2.36
C VAL B 352 -34.04 -35.42 -1.87
N ARG B 353 -35.09 -36.04 -1.35
CA ARG B 353 -35.01 -37.40 -0.81
C ARG B 353 -35.91 -38.28 -1.66
N LEU B 354 -35.32 -39.25 -2.36
CA LEU B 354 -36.09 -40.11 -3.26
C LEU B 354 -36.25 -41.46 -2.61
N PRO B 355 -37.42 -42.08 -2.74
CA PRO B 355 -37.57 -43.37 -2.12
C PRO B 355 -36.57 -44.37 -2.67
N LEU B 356 -35.88 -45.05 -1.78
CA LEU B 356 -34.83 -45.97 -2.17
C LEU B 356 -35.36 -47.13 -3.02
N MET B 357 -36.44 -47.74 -2.57
CA MET B 357 -37.07 -48.82 -3.32
C MET B 357 -37.40 -48.45 -4.78
N GLU B 358 -37.98 -47.26 -4.98
CA GLU B 358 -38.32 -46.80 -6.33
C GLU B 358 -37.10 -46.62 -7.22
N CYS B 359 -36.00 -46.16 -6.63
CA CYS B 359 -34.78 -45.91 -7.38
C CYS B 359 -34.13 -47.20 -7.83
N VAL B 360 -34.21 -48.22 -6.96
CA VAL B 360 -33.66 -49.52 -7.28
C VAL B 360 -34.40 -50.09 -8.48
N GLN B 361 -35.72 -49.96 -8.45
CA GLN B 361 -36.57 -50.52 -9.47
C GLN B 361 -36.24 -49.89 -10.81
N MET B 362 -36.19 -48.56 -10.83
CA MET B 362 -35.73 -47.76 -11.97
C MET B 362 -34.46 -48.28 -12.64
N THR B 363 -33.45 -48.62 -11.84
CA THR B 363 -32.18 -49.07 -12.39
C THR B 363 -32.32 -50.44 -13.09
N GLN B 364 -33.09 -51.34 -12.51
CA GLN B 364 -33.35 -52.62 -13.15
C GLN B 364 -34.07 -52.41 -14.49
N ASP B 365 -35.07 -51.53 -14.48
CA ASP B 365 -35.91 -51.24 -15.66
C ASP B 365 -35.13 -50.76 -16.87
N VAL B 366 -34.09 -49.98 -16.63
CA VAL B 366 -33.22 -49.59 -17.73
C VAL B 366 -32.50 -50.80 -18.32
N GLN B 367 -31.91 -51.63 -17.46
CA GLN B 367 -31.25 -52.84 -17.95
C GLN B 367 -32.23 -53.73 -18.70
N LYS B 368 -33.42 -53.88 -18.13
CA LYS B 368 -34.47 -54.65 -18.76
C LYS B 368 -34.76 -54.13 -20.17
N ALA B 369 -34.95 -52.83 -20.30
CA ALA B 369 -35.19 -52.22 -21.62
C ALA B 369 -34.05 -52.49 -22.58
N MET B 370 -32.83 -52.39 -22.07
CA MET B 370 -31.64 -52.70 -22.86
C MET B 370 -31.67 -54.13 -23.35
N ASP B 371 -32.06 -55.05 -22.48
CA ASP B 371 -32.08 -56.46 -22.83
C ASP B 371 -33.18 -56.67 -23.85
N GLU B 372 -34.33 -56.02 -23.64
CA GLU B 372 -35.45 -56.04 -24.61
C GLU B 372 -35.12 -55.44 -25.97
N ARG B 373 -34.05 -54.65 -25.99
CA ARG B 373 -33.67 -53.92 -27.21
C ARG B 373 -34.63 -52.77 -27.49
N ARG B 374 -35.22 -52.30 -26.42
CA ARG B 374 -36.09 -51.16 -26.44
C ARG B 374 -35.19 -50.00 -26.10
N PHE B 375 -34.37 -49.63 -27.06
CA PHE B 375 -33.29 -48.68 -26.81
C PHE B 375 -33.83 -47.27 -26.56
N GLN B 376 -34.82 -46.86 -27.32
CA GLN B 376 -35.48 -45.60 -27.10
C GLN B 376 -35.86 -45.48 -25.64
N ASP B 377 -36.36 -46.58 -25.07
CA ASP B 377 -36.87 -46.57 -23.70
C ASP B 377 -35.72 -46.40 -22.74
N ALA B 378 -34.65 -47.11 -23.02
CA ALA B 378 -33.44 -46.97 -22.23
C ALA B 378 -33.07 -45.49 -22.10
N VAL B 379 -32.99 -44.80 -23.24
CA VAL B 379 -32.61 -43.40 -23.25
C VAL B 379 -33.63 -42.54 -22.53
N ARG B 380 -34.91 -42.82 -22.75
CA ARG B 380 -35.92 -42.10 -22.01
C ARG B 380 -35.77 -42.28 -20.52
N LEU B 381 -35.54 -43.50 -20.06
CA LEU B 381 -35.35 -43.75 -18.65
C LEU B 381 -34.13 -43.06 -18.03
N ARG B 382 -33.11 -42.76 -18.82
CA ARG B 382 -31.93 -42.09 -18.27
C ARG B 382 -32.20 -40.63 -17.92
N GLY B 383 -33.31 -40.08 -18.43
CA GLY B 383 -33.72 -38.71 -18.09
C GLY B 383 -33.56 -37.70 -19.22
N ARG B 384 -34.15 -36.53 -19.01
CA ARG B 384 -34.20 -35.47 -20.02
C ARG B 384 -32.80 -34.99 -20.45
N SER B 385 -31.94 -34.76 -19.48
CA SER B 385 -30.62 -34.23 -19.78
C SER B 385 -29.72 -35.24 -20.51
N PHE B 386 -29.98 -36.53 -20.36
CA PHE B 386 -29.24 -37.54 -21.13
C PHE B 386 -29.52 -37.40 -22.63
N ALA B 387 -30.79 -37.39 -22.99
CA ALA B 387 -31.19 -37.16 -24.36
C ALA B 387 -30.67 -35.81 -24.87
N GLY B 388 -30.60 -34.82 -23.97
CA GLY B 388 -30.05 -33.49 -24.31
C GLY B 388 -28.61 -33.53 -24.75
N ASN B 389 -27.77 -34.15 -23.92
CA ASN B 389 -26.39 -34.42 -24.28
C ASN B 389 -26.22 -35.20 -25.58
N LEU B 390 -27.11 -36.16 -25.81
CA LEU B 390 -26.98 -37.04 -26.97
C LEU B 390 -27.32 -36.34 -28.25
N ASN B 391 -28.42 -35.58 -28.23
CA ASN B 391 -28.84 -34.84 -29.41
C ASN B 391 -27.83 -33.79 -29.74
N THR B 392 -27.38 -33.05 -28.72
CA THR B 392 -26.37 -32.02 -28.92
C THR B 392 -25.06 -32.61 -29.43
N TYR B 393 -24.60 -33.74 -28.88
CA TYR B 393 -23.41 -34.35 -29.42
C TYR B 393 -23.54 -34.61 -30.92
N LYS B 394 -24.58 -35.34 -31.32
CA LYS B 394 -24.72 -35.75 -32.72
C LYS B 394 -24.83 -34.54 -33.68
N ARG B 395 -25.65 -33.55 -33.32
CA ARG B 395 -25.71 -32.28 -34.04
C ARG B 395 -24.35 -31.65 -34.36
N LEU B 396 -23.40 -31.72 -33.42
CA LEU B 396 -22.13 -31.04 -33.61
C LEU B 396 -21.05 -31.89 -34.23
N ALA B 397 -21.26 -33.20 -34.27
CA ALA B 397 -20.26 -34.12 -34.80
C ALA B 397 -20.51 -34.43 -36.24
N ILE B 398 -21.78 -34.50 -36.64
CA ILE B 398 -22.14 -34.91 -37.99
C ILE B 398 -22.86 -33.83 -38.78
N LYS B 399 -22.19 -33.34 -39.81
CA LYS B 399 -22.75 -32.32 -40.68
C LYS B 399 -23.42 -32.97 -41.87
N LEU B 400 -24.70 -32.69 -42.07
CA LEU B 400 -25.37 -33.10 -43.32
C LEU B 400 -24.74 -32.37 -44.50
N PRO B 401 -24.68 -33.01 -45.68
CA PRO B 401 -24.14 -32.33 -46.86
C PRO B 401 -24.91 -31.03 -47.11
N ASP B 402 -24.23 -30.03 -47.67
CA ASP B 402 -24.82 -28.68 -47.80
C ASP B 402 -26.16 -28.70 -48.58
N ASP B 403 -26.20 -29.50 -49.64
CA ASP B 403 -27.38 -29.62 -50.51
C ASP B 403 -28.58 -29.98 -49.70
N GLN B 404 -28.37 -30.87 -48.75
CA GLN B 404 -29.46 -31.32 -47.89
C GLN B 404 -29.90 -30.35 -46.82
N ILE B 405 -29.13 -29.30 -46.53
CA ILE B 405 -29.58 -28.32 -45.55
C ILE B 405 -30.35 -27.15 -46.20
N PRO B 406 -31.69 -27.11 -46.01
CA PRO B 406 -32.42 -26.01 -46.63
C PRO B 406 -31.96 -24.71 -45.98
N LYS B 407 -31.51 -23.80 -46.81
CA LYS B 407 -30.94 -22.58 -46.37
C LYS B 407 -31.98 -21.48 -46.18
N THR B 408 -32.10 -21.00 -44.96
CA THR B 408 -32.90 -19.82 -44.66
C THR B 408 -32.00 -18.76 -45.26
N ASN B 409 -32.46 -17.54 -45.45
CA ASN B 409 -31.51 -16.54 -45.86
C ASN B 409 -31.14 -15.54 -44.79
N CYS B 410 -30.92 -16.02 -43.57
CA CYS B 410 -30.54 -15.14 -42.47
C CYS B 410 -29.07 -15.23 -42.13
N ASN B 411 -28.53 -14.10 -41.69
CA ASN B 411 -27.17 -14.05 -41.20
C ASN B 411 -27.24 -13.84 -39.71
N VAL B 412 -26.59 -14.72 -38.96
CA VAL B 412 -26.60 -14.65 -37.50
C VAL B 412 -25.20 -14.37 -37.01
N ALA B 413 -25.10 -13.38 -36.13
CA ALA B 413 -23.80 -12.93 -35.61
C ALA B 413 -23.56 -13.49 -34.20
N VAL B 414 -22.29 -13.77 -33.93
CA VAL B 414 -21.80 -14.33 -32.65
C VAL B 414 -20.64 -13.48 -32.16
N ILE B 415 -20.60 -13.25 -30.86
CA ILE B 415 -19.67 -12.28 -30.28
C ILE B 415 -19.33 -12.64 -28.81
N ASN B 416 -18.18 -12.18 -28.32
CA ASN B 416 -17.77 -12.35 -26.92
C ASN B 416 -17.65 -10.98 -26.26
N VAL B 417 -18.24 -10.81 -25.09
CA VAL B 417 -18.23 -9.51 -24.42
C VAL B 417 -17.99 -9.65 -22.93
N GLY B 418 -17.06 -8.85 -22.41
CA GLY B 418 -16.63 -8.94 -21.03
C GLY B 418 -15.25 -9.52 -20.98
N ALA B 419 -14.82 -9.96 -19.79
CA ALA B 419 -13.48 -10.53 -19.65
C ALA B 419 -13.53 -11.91 -20.27
N PRO B 420 -12.37 -12.44 -20.67
CA PRO B 420 -12.33 -13.81 -21.12
C PRO B 420 -12.80 -14.80 -20.04
N ALA B 421 -13.50 -15.85 -20.47
CA ALA B 421 -14.01 -16.88 -19.57
C ALA B 421 -13.87 -18.22 -20.27
N ALA B 422 -13.30 -19.18 -19.53
CA ALA B 422 -13.08 -20.50 -20.05
C ALA B 422 -14.41 -21.13 -20.47
N GLY B 423 -14.48 -21.63 -21.70
CA GLY B 423 -15.70 -22.18 -22.23
C GLY B 423 -16.30 -21.29 -23.31
N MET B 424 -15.82 -20.05 -23.44
CA MET B 424 -16.31 -19.18 -24.54
C MET B 424 -16.14 -19.78 -25.93
N ASN B 425 -14.97 -20.39 -26.20
CA ASN B 425 -14.70 -20.99 -27.51
C ASN B 425 -15.61 -22.18 -27.78
N ALA B 426 -15.83 -23.02 -26.77
CA ALA B 426 -16.80 -24.10 -26.93
C ALA B 426 -18.16 -23.55 -27.32
N ALA B 427 -18.53 -22.45 -26.69
CA ALA B 427 -19.80 -21.81 -26.92
C ALA B 427 -19.94 -21.31 -28.35
N VAL B 428 -18.89 -20.65 -28.86
CA VAL B 428 -18.89 -20.16 -30.22
C VAL B 428 -19.01 -21.33 -31.18
N ARG B 429 -18.25 -22.37 -30.88
CA ARG B 429 -18.23 -23.55 -31.74
C ARG B 429 -19.62 -24.15 -31.90
N SER B 430 -20.31 -24.27 -30.79
CA SER B 430 -21.61 -24.87 -30.77
C SER B 430 -22.60 -23.99 -31.51
N ALA B 431 -22.53 -22.68 -31.28
CA ALA B 431 -23.50 -21.75 -31.85
C ALA B 431 -23.35 -21.68 -33.37
N VAL B 432 -22.12 -21.62 -33.82
CA VAL B 432 -21.80 -21.62 -35.22
C VAL B 432 -22.33 -22.87 -35.92
N ARG B 433 -22.09 -24.03 -35.34
CA ARG B 433 -22.40 -25.28 -36.02
C ARG B 433 -23.89 -25.56 -35.99
N VAL B 434 -24.56 -25.18 -34.91
CA VAL B 434 -26.01 -25.30 -34.84
C VAL B 434 -26.64 -24.33 -35.84
N GLY B 435 -26.07 -23.12 -35.94
CA GLY B 435 -26.52 -22.12 -36.90
C GLY B 435 -26.43 -22.60 -38.33
N ILE B 436 -25.29 -23.18 -38.68
CA ILE B 436 -25.12 -23.74 -40.01
C ILE B 436 -26.05 -24.93 -40.25
N ALA B 437 -26.15 -25.82 -39.27
CA ALA B 437 -27.10 -26.95 -39.34
C ALA B 437 -28.55 -26.48 -39.57
N ASP B 438 -28.89 -25.28 -39.06
CA ASP B 438 -30.22 -24.68 -39.26
C ASP B 438 -30.33 -23.87 -40.55
N GLY B 439 -29.28 -23.89 -41.36
CA GLY B 439 -29.29 -23.25 -42.67
C GLY B 439 -29.07 -21.76 -42.65
N HIS B 440 -28.57 -21.22 -41.53
CA HIS B 440 -28.16 -19.82 -41.49
C HIS B 440 -26.75 -19.69 -42.00
N ARG B 441 -26.35 -18.44 -42.17
CA ARG B 441 -24.98 -18.05 -42.49
C ARG B 441 -24.42 -17.44 -41.20
N MET B 442 -23.27 -17.90 -40.73
CA MET B 442 -22.78 -17.44 -39.44
C MET B 442 -21.70 -16.41 -39.60
N LEU B 443 -21.88 -15.29 -38.89
CA LEU B 443 -20.88 -14.23 -38.88
C LEU B 443 -20.20 -14.12 -37.51
N ALA B 444 -18.87 -14.08 -37.55
CA ALA B 444 -18.11 -13.94 -36.33
C ALA B 444 -17.76 -12.48 -36.18
N ILE B 445 -18.12 -11.89 -35.05
CA ILE B 445 -17.64 -10.59 -34.68
C ILE B 445 -16.47 -10.78 -33.71
N TYR B 446 -15.43 -9.97 -33.91
CA TYR B 446 -14.17 -10.09 -33.20
C TYR B 446 -14.06 -8.90 -32.26
N ASP B 447 -13.44 -9.13 -31.11
CA ASP B 447 -13.12 -8.08 -30.17
C ASP B 447 -14.37 -7.35 -29.59
N GLY B 448 -15.48 -8.07 -29.40
CA GLY B 448 -16.64 -7.50 -28.74
C GLY B 448 -17.14 -6.30 -29.50
N PHE B 449 -17.73 -5.35 -28.79
CA PHE B 449 -18.34 -4.20 -29.44
C PHE B 449 -17.29 -3.29 -30.04
N ASP B 450 -16.05 -3.43 -29.58
CA ASP B 450 -14.97 -2.66 -30.12
C ASP B 450 -14.78 -3.04 -31.57
N GLY B 451 -14.67 -4.34 -31.84
CA GLY B 451 -14.52 -4.84 -33.21
C GLY B 451 -15.79 -4.64 -34.01
N PHE B 452 -16.92 -4.73 -33.33
CA PHE B 452 -18.23 -4.56 -33.95
C PHE B 452 -18.32 -3.15 -34.53
N ALA B 453 -18.01 -2.14 -33.73
CA ALA B 453 -18.03 -0.75 -34.20
C ALA B 453 -17.06 -0.52 -35.32
N LYS B 454 -15.93 -1.21 -35.27
CA LYS B 454 -14.91 -1.14 -36.33
C LYS B 454 -15.11 -2.09 -37.52
N GLY B 455 -16.27 -2.75 -37.62
CA GLY B 455 -16.50 -3.71 -38.71
C GLY B 455 -15.57 -4.91 -38.80
N GLN B 456 -15.04 -5.40 -37.67
CA GLN B 456 -14.24 -6.63 -37.64
C GLN B 456 -15.16 -7.84 -37.67
N ILE B 457 -15.74 -8.12 -38.83
CA ILE B 457 -16.77 -9.13 -38.97
C ILE B 457 -16.49 -9.97 -40.20
N LYS B 458 -16.60 -11.27 -40.08
CA LYS B 458 -16.22 -12.20 -41.14
C LYS B 458 -17.12 -13.40 -41.00
N GLU B 459 -17.55 -13.95 -42.13
CA GLU B 459 -18.31 -15.19 -42.14
C GLU B 459 -17.43 -16.28 -41.55
N ILE B 460 -18.05 -17.27 -40.92
CA ILE B 460 -17.33 -18.35 -40.27
C ILE B 460 -18.08 -19.65 -40.51
N GLY B 461 -17.34 -20.74 -40.77
CA GLY B 461 -17.93 -22.01 -41.10
C GLY B 461 -17.61 -23.16 -40.15
N TRP B 462 -18.27 -24.28 -40.40
CA TRP B 462 -18.18 -25.51 -39.61
C TRP B 462 -16.74 -25.90 -39.30
N THR B 463 -15.89 -25.77 -40.29
CA THR B 463 -14.50 -26.20 -40.15
C THR B 463 -13.71 -25.21 -39.33
N ASP B 464 -14.03 -23.93 -39.44
CA ASP B 464 -13.33 -22.85 -38.75
C ASP B 464 -13.30 -23.03 -37.26
N VAL B 465 -14.36 -23.60 -36.68
CA VAL B 465 -14.47 -23.75 -35.23
C VAL B 465 -14.06 -25.13 -34.75
N GLY B 466 -13.50 -25.94 -35.64
CA GLY B 466 -13.09 -27.28 -35.29
C GLY B 466 -12.02 -27.19 -34.22
N GLY B 467 -12.16 -27.98 -33.18
CA GLY B 467 -11.12 -28.08 -32.17
C GLY B 467 -11.19 -27.01 -31.09
N TRP B 468 -12.19 -26.15 -31.13
CA TRP B 468 -12.28 -25.08 -30.14
C TRP B 468 -12.73 -25.55 -28.75
N THR B 469 -13.35 -26.71 -28.66
CA THR B 469 -14.09 -27.01 -27.45
C THR B 469 -13.25 -26.90 -26.20
N GLY B 470 -12.05 -27.46 -26.25
CA GLY B 470 -11.16 -27.43 -25.09
C GLY B 470 -10.23 -26.24 -24.96
N GLN B 471 -10.49 -25.17 -25.68
CA GLN B 471 -9.60 -24.03 -25.73
C GLN B 471 -10.06 -22.95 -24.77
N GLY B 472 -9.16 -22.55 -23.87
CA GLY B 472 -9.39 -21.47 -22.95
C GLY B 472 -9.37 -20.16 -23.68
N GLY B 473 -9.65 -19.07 -22.96
CA GLY B 473 -9.60 -17.76 -23.53
C GLY B 473 -10.76 -17.49 -24.48
N SER B 474 -10.56 -16.50 -25.34
CA SER B 474 -11.51 -16.12 -26.36
C SER B 474 -10.73 -16.00 -27.67
N ILE B 475 -11.01 -16.86 -28.63
CA ILE B 475 -10.35 -16.82 -29.91
C ILE B 475 -10.85 -15.67 -30.76
N LEU B 476 -12.13 -15.37 -30.69
CA LEU B 476 -12.67 -14.19 -31.36
C LEU B 476 -12.21 -12.91 -30.70
N GLY B 477 -11.86 -13.00 -29.43
CA GLY B 477 -11.49 -11.83 -28.69
C GLY B 477 -12.70 -11.25 -28.01
N THR B 478 -12.48 -10.63 -26.87
CA THR B 478 -13.54 -10.09 -26.04
C THR B 478 -13.08 -8.80 -25.42
N LYS B 479 -14.00 -7.85 -25.29
CA LYS B 479 -13.70 -6.60 -24.64
C LYS B 479 -14.86 -6.17 -23.76
N ARG B 480 -14.57 -5.31 -22.79
CA ARG B 480 -15.58 -4.85 -21.84
C ARG B 480 -16.40 -3.69 -22.35
N VAL B 481 -15.94 -3.02 -23.41
CA VAL B 481 -16.55 -1.77 -23.84
C VAL B 481 -17.99 -2.00 -24.28
N LEU B 482 -18.83 -1.06 -23.86
CA LEU B 482 -20.27 -1.11 -24.09
C LEU B 482 -20.66 -0.36 -25.37
N PRO B 483 -21.78 -0.75 -25.99
CA PRO B 483 -22.17 -0.24 -27.29
C PRO B 483 -22.73 1.18 -27.28
N GLY B 484 -23.17 1.67 -26.13
CA GLY B 484 -23.90 2.92 -26.01
C GLY B 484 -23.36 4.13 -26.76
N LYS B 485 -22.04 4.35 -26.71
CA LYS B 485 -21.41 5.47 -27.43
C LYS B 485 -21.00 5.14 -28.86
N TYR B 486 -21.36 3.96 -29.37
CA TYR B 486 -21.01 3.56 -30.72
C TYR B 486 -22.22 3.01 -31.45
N LEU B 487 -23.41 3.45 -31.07
CA LEU B 487 -24.65 2.90 -31.63
C LEU B 487 -24.76 3.07 -33.16
N GLU B 488 -24.35 4.22 -33.69
CA GLU B 488 -24.47 4.48 -35.13
C GLU B 488 -23.53 3.58 -35.95
N GLU B 489 -22.29 3.47 -35.50
CA GLU B 489 -21.29 2.68 -36.21
C GLU B 489 -21.70 1.22 -36.20
N ILE B 490 -22.28 0.77 -35.08
CA ILE B 490 -22.72 -0.60 -34.94
C ILE B 490 -23.96 -0.85 -35.79
N ALA B 491 -24.90 0.08 -35.73
CA ALA B 491 -26.06 0.01 -36.61
C ALA B 491 -25.62 -0.11 -38.08
N THR B 492 -24.61 0.66 -38.45
CA THR B 492 -24.11 0.61 -39.81
C THR B 492 -23.63 -0.78 -40.17
N GLN B 493 -22.84 -1.38 -39.30
CA GLN B 493 -22.31 -2.72 -39.58
C GLN B 493 -23.41 -3.78 -39.69
N MET B 494 -24.48 -3.60 -38.92
CA MET B 494 -25.57 -4.56 -39.00
C MET B 494 -26.24 -4.49 -40.34
N ARG B 495 -26.42 -3.27 -40.81
CA ARG B 495 -27.03 -2.99 -42.10
C ARG B 495 -26.10 -3.46 -43.23
N THR B 496 -24.84 -3.07 -43.13
CA THR B 496 -23.81 -3.47 -44.08
C THR B 496 -23.74 -4.98 -44.22
N HIS B 497 -23.75 -5.73 -43.10
CA HIS B 497 -23.61 -7.19 -43.15
C HIS B 497 -24.94 -7.93 -43.06
N SER B 498 -26.04 -7.19 -43.18
CA SER B 498 -27.38 -7.76 -43.19
C SER B 498 -27.57 -8.75 -42.04
N ILE B 499 -27.34 -8.28 -40.82
CA ILE B 499 -27.35 -9.14 -39.64
C ILE B 499 -28.77 -9.30 -39.10
N ASN B 500 -29.26 -10.54 -39.11
CA ASN B 500 -30.63 -10.84 -38.74
C ASN B 500 -30.82 -11.17 -37.26
N ALA B 501 -29.76 -11.62 -36.59
CA ALA B 501 -29.83 -11.94 -35.16
C ALA B 501 -28.46 -11.87 -34.53
N LEU B 502 -28.46 -11.80 -33.20
CA LEU B 502 -27.24 -11.66 -32.43
C LEU B 502 -27.25 -12.59 -31.22
N LEU B 503 -26.20 -13.42 -31.10
CA LEU B 503 -25.91 -14.19 -29.90
C LEU B 503 -24.69 -13.60 -29.21
N ILE B 504 -24.84 -13.15 -27.96
CA ILE B 504 -23.70 -12.64 -27.19
C ILE B 504 -23.31 -13.58 -26.05
N ILE B 505 -22.10 -14.10 -26.11
CA ILE B 505 -21.55 -14.94 -25.04
C ILE B 505 -20.70 -14.04 -24.16
N GLY B 506 -21.12 -13.80 -22.92
CA GLY B 506 -20.37 -12.89 -22.04
C GLY B 506 -20.96 -12.59 -20.67
N GLY B 507 -20.41 -11.59 -20.00
CA GLY B 507 -20.71 -11.35 -18.62
C GLY B 507 -21.71 -10.24 -18.40
N PHE B 508 -21.50 -9.49 -17.32
CA PHE B 508 -22.44 -8.45 -16.93
C PHE B 508 -22.47 -7.39 -18.01
N GLU B 509 -21.35 -7.09 -18.65
CA GLU B 509 -21.39 -6.11 -19.74
C GLU B 509 -22.20 -6.57 -20.96
N ALA B 510 -22.25 -7.87 -21.21
CA ALA B 510 -23.13 -8.40 -22.25
C ALA B 510 -24.57 -8.04 -21.94
N TYR B 511 -24.93 -8.10 -20.68
CA TYR B 511 -26.31 -7.83 -20.25
C TYR B 511 -26.60 -6.33 -20.36
N LEU B 512 -25.69 -5.50 -19.87
CA LEU B 512 -25.78 -4.06 -20.04
C LEU B 512 -25.84 -3.70 -21.53
N GLY B 513 -25.01 -4.35 -22.34
CA GLY B 513 -25.07 -4.20 -23.77
C GLY B 513 -26.46 -4.43 -24.34
N LEU B 514 -27.09 -5.54 -23.96
CA LEU B 514 -28.43 -5.85 -24.45
C LEU B 514 -29.42 -4.78 -24.04
N LEU B 515 -29.26 -4.26 -22.82
CA LEU B 515 -30.14 -3.20 -22.35
C LEU B 515 -30.03 -1.97 -23.23
N GLU B 516 -28.80 -1.63 -23.58
CA GLU B 516 -28.54 -0.46 -24.40
C GLU B 516 -29.11 -0.63 -25.79
N LEU B 517 -28.91 -1.82 -26.38
CA LEU B 517 -29.42 -2.09 -27.71
C LEU B 517 -30.94 -2.12 -27.73
N SER B 518 -31.55 -2.66 -26.68
CA SER B 518 -33.00 -2.63 -26.56
C SER B 518 -33.53 -1.20 -26.58
N ALA B 519 -32.88 -0.35 -25.78
CA ALA B 519 -33.27 1.05 -25.65
C ALA B 519 -33.05 1.80 -26.95
N ALA B 520 -32.05 1.39 -27.73
CA ALA B 520 -31.73 2.03 -29.00
C ALA B 520 -32.61 1.58 -30.19
N ARG B 521 -33.56 0.67 -29.96
CA ARG B 521 -34.43 0.20 -31.05
C ARG B 521 -35.28 1.27 -31.72
N GLU B 522 -35.71 2.29 -30.98
CA GLU B 522 -36.65 3.28 -31.54
C GLU B 522 -35.90 4.19 -32.54
N LYS B 523 -34.65 4.51 -32.22
CA LYS B 523 -33.85 5.35 -33.07
C LYS B 523 -33.14 4.57 -34.17
N HIS B 524 -32.89 3.28 -33.98
CA HIS B 524 -32.17 2.44 -34.95
C HIS B 524 -32.94 1.14 -35.19
N GLU B 525 -33.49 0.97 -36.39
CA GLU B 525 -34.28 -0.22 -36.74
C GLU B 525 -33.42 -1.47 -36.88
N GLU B 526 -32.11 -1.28 -37.09
CA GLU B 526 -31.19 -2.38 -37.24
C GLU B 526 -31.10 -3.25 -35.99
N PHE B 527 -31.44 -2.69 -34.82
CA PHE B 527 -31.52 -3.49 -33.58
C PHE B 527 -32.88 -4.15 -33.31
N CYS B 528 -33.85 -4.01 -34.23
CA CYS B 528 -35.16 -4.65 -34.07
C CYS B 528 -35.09 -6.08 -34.58
N VAL B 529 -34.18 -6.83 -33.98
CA VAL B 529 -33.90 -8.22 -34.35
C VAL B 529 -33.83 -9.04 -33.07
N PRO B 530 -33.96 -10.36 -33.19
CA PRO B 530 -33.85 -11.18 -31.99
C PRO B 530 -32.42 -11.19 -31.48
N MET B 531 -32.26 -10.93 -30.18
CA MET B 531 -30.97 -10.92 -29.53
C MET B 531 -31.02 -11.73 -28.25
N VAL B 532 -30.03 -12.57 -28.05
CA VAL B 532 -29.96 -13.40 -26.83
C VAL B 532 -28.53 -13.52 -26.35
N MET B 533 -28.40 -13.70 -25.04
CA MET B 533 -27.09 -13.82 -24.45
C MET B 533 -27.03 -15.03 -23.56
N VAL B 534 -25.88 -15.71 -23.58
CA VAL B 534 -25.56 -16.78 -22.65
C VAL B 534 -24.47 -16.30 -21.66
N PRO B 535 -24.55 -16.71 -20.38
CA PRO B 535 -23.66 -16.08 -19.40
C PRO B 535 -22.32 -16.75 -19.36
N ALA B 536 -21.28 -15.96 -19.60
CA ALA B 536 -19.93 -16.47 -19.53
C ALA B 536 -19.07 -15.50 -18.72
N THR B 537 -18.60 -15.96 -17.56
CA THR B 537 -17.79 -15.17 -16.66
C THR B 537 -17.37 -16.07 -15.52
N VAL B 538 -16.17 -15.85 -15.04
CA VAL B 538 -15.68 -16.61 -13.88
C VAL B 538 -16.46 -16.22 -12.63
N SER B 539 -17.02 -15.02 -12.60
CA SER B 539 -17.61 -14.45 -11.37
C SER B 539 -19.01 -14.96 -11.01
N ASN B 540 -19.73 -15.49 -11.99
CA ASN B 540 -21.12 -15.95 -11.82
C ASN B 540 -22.00 -14.88 -11.26
N ASN B 541 -21.90 -13.68 -11.81
CA ASN B 541 -22.70 -12.54 -11.36
C ASN B 541 -23.70 -12.03 -12.42
N VAL B 542 -24.11 -12.88 -13.35
CA VAL B 542 -25.06 -12.46 -14.37
C VAL B 542 -26.51 -12.69 -13.93
N PRO B 543 -27.32 -11.64 -13.86
CA PRO B 543 -28.70 -11.87 -13.44
C PRO B 543 -29.45 -12.75 -14.42
N GLY B 544 -30.28 -13.64 -13.90
CA GLY B 544 -30.97 -14.62 -14.73
C GLY B 544 -30.32 -15.99 -14.85
N SER B 545 -29.15 -16.18 -14.23
CA SER B 545 -28.54 -17.51 -14.27
C SER B 545 -27.91 -17.86 -12.96
N ASP B 546 -28.06 -19.10 -12.55
CA ASP B 546 -27.51 -19.59 -11.33
C ASP B 546 -26.05 -19.93 -11.54
N PHE B 547 -25.71 -20.18 -12.81
CA PHE B 547 -24.34 -20.53 -13.19
C PHE B 547 -23.89 -19.78 -14.44
N SER B 548 -22.60 -19.54 -14.51
CA SER B 548 -22.01 -18.96 -15.68
C SER B 548 -20.83 -19.77 -16.17
N ILE B 549 -20.65 -19.74 -17.48
CA ILE B 549 -19.58 -20.46 -18.15
C ILE B 549 -18.27 -19.87 -17.69
N GLY B 550 -17.44 -20.72 -17.07
CA GLY B 550 -16.12 -20.33 -16.65
C GLY B 550 -15.92 -20.42 -15.15
N ALA B 551 -16.99 -20.34 -14.38
CA ALA B 551 -16.85 -20.28 -12.96
C ALA B 551 -16.32 -21.61 -12.35
N ASP B 552 -16.80 -22.75 -12.86
CA ASP B 552 -16.30 -24.06 -12.45
C ASP B 552 -14.78 -24.18 -12.64
N THR B 553 -14.29 -23.62 -13.75
CA THR B 553 -12.88 -23.67 -14.04
C THR B 553 -12.14 -22.90 -12.98
N ALA B 554 -12.62 -21.70 -12.70
CA ALA B 554 -12.00 -20.86 -11.68
C ALA B 554 -12.02 -21.56 -10.32
N LEU B 555 -13.13 -22.17 -9.97
CA LEU B 555 -13.27 -22.84 -8.69
C LEU B 555 -12.26 -23.96 -8.55
N ASN B 556 -12.02 -24.65 -9.66
CA ASN B 556 -11.07 -25.74 -9.63
C ASN B 556 -9.65 -25.22 -9.43
N THR B 557 -9.37 -24.03 -9.96
CA THR B 557 -8.07 -23.46 -9.80
C THR B 557 -7.85 -22.95 -8.39
N ILE B 558 -8.85 -22.27 -7.85
CA ILE B 558 -8.82 -21.81 -6.48
C ILE B 558 -8.63 -22.97 -5.53
N THR B 559 -9.38 -24.03 -5.77
CA THR B 559 -9.40 -25.20 -4.90
C THR B 559 -8.03 -25.83 -4.91
N ASP B 560 -7.45 -25.99 -6.09
CA ASP B 560 -6.12 -26.60 -6.17
C ASP B 560 -5.08 -25.71 -5.49
N THR B 561 -5.20 -24.41 -5.68
CA THR B 561 -4.28 -23.49 -5.05
C THR B 561 -4.42 -23.50 -3.54
N CYS B 562 -5.65 -23.58 -3.07
CA CYS B 562 -5.83 -23.69 -1.63
C CYS B 562 -5.36 -25.00 -1.01
N ASP B 563 -5.49 -26.11 -1.73
CA ASP B 563 -4.94 -27.36 -1.28
C ASP B 563 -3.48 -27.22 -1.01
N ARG B 564 -2.79 -26.54 -1.91
CA ARG B 564 -1.34 -26.33 -1.78
C ARG B 564 -0.99 -25.40 -0.62
N ILE B 565 -1.75 -24.34 -0.46
CA ILE B 565 -1.49 -23.40 0.63
C ILE B 565 -1.68 -24.07 1.98
N LYS B 566 -2.74 -24.87 2.10
CA LYS B 566 -3.00 -25.59 3.31
C LYS B 566 -1.88 -26.55 3.66
N GLN B 567 -1.29 -27.17 2.63
CA GLN B 567 -0.19 -28.09 2.84
C GLN B 567 1.00 -27.33 3.44
N SER B 568 1.34 -26.23 2.77
CA SER B 568 2.33 -25.30 3.27
C SER B 568 2.09 -24.95 4.72
N ALA B 569 0.86 -24.62 5.10
CA ALA B 569 0.54 -24.31 6.49
C ALA B 569 0.66 -25.50 7.40
N SER B 570 0.28 -26.68 6.93
CA SER B 570 0.42 -27.88 7.72
C SER B 570 1.84 -28.34 7.87
N GLY B 571 2.72 -27.88 7.00
CA GLY B 571 4.13 -28.18 7.14
C GLY B 571 4.77 -27.39 8.27
N THR B 572 4.35 -26.15 8.38
CA THR B 572 4.93 -25.21 9.31
C THR B 572 4.27 -25.37 10.65
N LYS B 573 2.96 -25.63 10.64
CA LYS B 573 2.12 -25.67 11.82
C LYS B 573 1.94 -24.32 12.50
N ARG B 574 0.78 -24.14 13.08
CA ARG B 574 0.34 -22.92 13.75
C ARG B 574 0.39 -21.74 12.79
N ARG B 575 -0.25 -21.90 11.65
CA ARG B 575 -0.26 -20.86 10.68
C ARG B 575 -1.64 -20.73 10.04
N VAL B 576 -2.01 -19.49 9.78
CA VAL B 576 -3.27 -19.19 9.14
C VAL B 576 -3.00 -18.38 7.88
N PHE B 577 -3.52 -18.83 6.76
CA PHE B 577 -3.44 -18.05 5.52
C PHE B 577 -4.70 -17.24 5.27
N ILE B 578 -4.50 -15.98 4.99
CA ILE B 578 -5.58 -15.10 4.56
C ILE B 578 -5.43 -14.94 3.06
N ILE B 579 -6.44 -15.35 2.32
CA ILE B 579 -6.35 -15.45 0.87
C ILE B 579 -7.43 -14.62 0.20
N GLU B 580 -7.04 -13.69 -0.67
CA GLU B 580 -7.98 -12.87 -1.44
C GLU B 580 -8.34 -13.54 -2.77
N THR B 581 -9.64 -13.66 -3.07
CA THR B 581 -10.13 -14.24 -4.32
C THR B 581 -10.84 -13.23 -5.17
N MET B 582 -11.11 -13.62 -6.41
CA MET B 582 -11.78 -12.78 -7.38
C MET B 582 -13.29 -12.91 -7.24
N GLY B 583 -14.00 -12.16 -8.09
CA GLY B 583 -15.43 -12.22 -8.21
C GLY B 583 -16.09 -10.87 -8.17
N GLY B 584 -15.33 -9.81 -7.95
CA GLY B 584 -15.89 -8.46 -7.80
C GLY B 584 -16.62 -8.35 -6.48
N TYR B 585 -17.85 -7.86 -6.54
CA TYR B 585 -18.73 -7.88 -5.41
C TYR B 585 -19.43 -9.27 -5.31
N CYS B 586 -19.27 -10.15 -6.30
CA CYS B 586 -19.95 -11.43 -6.28
C CYS B 586 -19.15 -12.43 -5.45
N GLY B 587 -19.79 -12.93 -4.39
CA GLY B 587 -19.17 -13.83 -3.42
C GLY B 587 -19.14 -15.29 -3.82
N TYR B 588 -19.62 -15.62 -5.01
CA TYR B 588 -19.70 -17.02 -5.41
C TYR B 588 -18.36 -17.77 -5.34
N LEU B 589 -17.28 -17.18 -5.84
CA LEU B 589 -16.00 -17.88 -5.88
C LEU B 589 -15.42 -18.04 -4.48
N ALA B 590 -15.51 -17.01 -3.64
CA ALA B 590 -14.93 -17.09 -2.30
C ALA B 590 -15.72 -18.08 -1.48
N ASN B 591 -17.01 -18.09 -1.70
CA ASN B 591 -17.86 -18.97 -0.92
C ASN B 591 -17.76 -20.41 -1.35
N MET B 592 -17.89 -20.68 -2.64
CA MET B 592 -17.87 -22.06 -3.08
C MET B 592 -16.45 -22.59 -2.98
N GLY B 593 -15.47 -21.78 -3.38
CA GLY B 593 -14.08 -22.11 -3.11
C GLY B 593 -13.82 -22.42 -1.63
N GLY B 594 -14.33 -21.58 -0.73
CA GLY B 594 -14.20 -21.84 0.71
C GLY B 594 -14.69 -23.23 1.09
N LEU B 595 -15.85 -23.61 0.59
CA LEU B 595 -16.42 -24.92 0.87
C LEU B 595 -15.62 -26.05 0.29
N ALA B 596 -15.23 -25.92 -0.95
CA ALA B 596 -14.43 -26.96 -1.61
C ALA B 596 -13.01 -27.11 -1.00
N ALA B 597 -12.44 -26.02 -0.47
CA ALA B 597 -11.10 -26.04 0.08
C ALA B 597 -11.07 -26.35 1.56
N GLY B 598 -12.24 -26.36 2.20
CA GLY B 598 -12.30 -26.58 3.64
C GLY B 598 -11.80 -25.39 4.42
N ALA B 599 -12.12 -24.21 3.95
CA ALA B 599 -11.71 -23.00 4.63
C ALA B 599 -12.48 -22.90 5.94
N ASP B 600 -11.88 -22.16 6.88
CA ASP B 600 -12.49 -21.89 8.15
C ASP B 600 -13.40 -20.64 8.13
N ALA B 601 -13.32 -19.83 7.07
CA ALA B 601 -14.11 -18.63 6.91
C ALA B 601 -13.97 -18.10 5.50
N ALA B 602 -14.99 -17.39 5.03
CA ALA B 602 -14.99 -16.78 3.71
C ALA B 602 -15.81 -15.49 3.78
N TYR B 603 -15.14 -14.36 3.77
CA TYR B 603 -15.80 -13.08 3.90
C TYR B 603 -16.28 -12.61 2.55
N ILE B 604 -17.55 -12.27 2.46
CA ILE B 604 -18.12 -11.81 1.21
C ILE B 604 -18.96 -10.54 1.37
N PHE B 605 -19.16 -9.85 0.24
CA PHE B 605 -19.92 -8.63 0.23
C PHE B 605 -21.39 -8.84 0.57
N GLU B 606 -21.93 -9.97 0.17
CA GLU B 606 -23.34 -10.22 0.35
C GLU B 606 -23.75 -10.48 1.79
N GLU B 607 -22.79 -10.60 2.70
CA GLU B 607 -23.06 -10.83 4.10
C GLU B 607 -22.21 -9.91 4.98
N PRO B 608 -22.83 -8.81 5.47
CA PRO B 608 -22.02 -7.88 6.25
C PRO B 608 -21.42 -8.58 7.41
N PHE B 609 -20.22 -8.17 7.77
CA PHE B 609 -19.55 -8.70 8.93
C PHE B 609 -18.88 -7.52 9.61
N ASP B 610 -18.72 -7.60 10.93
CA ASP B 610 -18.14 -6.52 11.66
C ASP B 610 -16.99 -7.05 12.47
N ILE B 611 -16.39 -6.16 13.26
CA ILE B 611 -15.24 -6.51 14.07
C ILE B 611 -15.55 -7.64 15.05
N ARG B 612 -16.78 -7.75 15.52
CA ARG B 612 -17.19 -8.83 16.42
C ARG B 612 -17.18 -10.16 15.70
N ASP B 613 -17.70 -10.20 14.48
CA ASP B 613 -17.66 -11.42 13.68
C ASP B 613 -16.20 -11.85 13.44
N LEU B 614 -15.32 -10.88 13.18
CA LEU B 614 -13.90 -11.17 12.95
C LEU B 614 -13.21 -11.73 14.20
N GLN B 615 -13.41 -11.07 15.33
CA GLN B 615 -12.84 -11.46 16.63
C GLN B 615 -13.28 -12.89 16.94
N SER B 616 -14.53 -13.18 16.60
CA SER B 616 -15.13 -14.44 16.91
C SER B 616 -14.45 -15.57 16.13
N ASN B 617 -14.17 -15.35 14.85
CA ASN B 617 -13.46 -16.37 14.10
C ASN B 617 -12.01 -16.54 14.56
N VAL B 618 -11.41 -15.45 15.04
CA VAL B 618 -10.04 -15.52 15.57
C VAL B 618 -10.01 -16.38 16.81
N GLU B 619 -10.99 -16.16 17.67
CA GLU B 619 -11.10 -16.95 18.87
C GLU B 619 -11.33 -18.40 18.52
N HIS B 620 -12.19 -18.66 17.53
CA HIS B 620 -12.43 -20.04 17.12
C HIS B 620 -11.15 -20.68 16.67
N LEU B 621 -10.43 -19.99 15.79
CA LEU B 621 -9.17 -20.52 15.30
C LEU B 621 -8.18 -20.75 16.40
N THR B 622 -8.10 -19.81 17.33
CA THR B 622 -7.22 -19.94 18.51
C THR B 622 -7.52 -21.24 19.26
N GLU B 623 -8.79 -21.54 19.47
CA GLU B 623 -9.18 -22.84 20.01
C GLU B 623 -8.70 -24.03 19.15
N LYS B 624 -8.82 -23.90 17.85
CA LYS B 624 -8.44 -24.97 16.93
C LYS B 624 -6.93 -25.30 17.02
N MET B 625 -6.12 -24.33 17.42
CA MET B 625 -4.69 -24.57 17.53
C MET B 625 -4.33 -25.46 18.71
N LYS B 626 -5.25 -25.64 19.64
CA LYS B 626 -5.12 -26.63 20.71
C LYS B 626 -5.31 -28.06 20.21
N THR B 627 -5.88 -28.23 19.03
CA THR B 627 -6.07 -29.55 18.45
C THR B 627 -4.85 -29.94 17.63
N THR B 628 -4.96 -31.05 16.92
CA THR B 628 -3.90 -31.50 16.03
C THR B 628 -3.84 -30.67 14.75
N ILE B 629 -4.97 -30.15 14.31
CA ILE B 629 -5.09 -29.52 13.00
C ILE B 629 -4.73 -28.05 13.12
N GLN B 630 -3.44 -27.78 13.13
CA GLN B 630 -2.93 -26.46 13.47
C GLN B 630 -2.68 -25.58 12.23
N ARG B 631 -3.67 -25.52 11.38
CA ARG B 631 -3.64 -24.73 10.21
C ARG B 631 -4.94 -23.99 10.17
N GLY B 632 -4.92 -22.90 9.42
CA GLY B 632 -6.15 -22.22 9.11
C GLY B 632 -6.17 -21.57 7.78
N LEU B 633 -7.37 -21.44 7.22
CA LEU B 633 -7.56 -20.89 5.90
C LEU B 633 -8.75 -19.95 5.90
N VAL B 634 -8.47 -18.67 5.62
CA VAL B 634 -9.48 -17.65 5.57
C VAL B 634 -9.53 -17.07 4.18
N LEU B 635 -10.67 -17.15 3.50
CA LEU B 635 -10.84 -16.51 2.19
C LEU B 635 -11.52 -15.12 2.32
N ARG B 636 -11.11 -14.19 1.48
CA ARG B 636 -11.70 -12.86 1.47
C ARG B 636 -12.00 -12.48 0.05
N ASN B 637 -13.27 -12.37 -0.29
CA ASN B 637 -13.62 -11.81 -1.60
C ASN B 637 -13.01 -10.44 -1.71
N GLU B 638 -12.46 -10.16 -2.87
CA GLU B 638 -11.67 -8.93 -3.10
C GLU B 638 -12.40 -7.61 -2.77
N SER B 639 -13.70 -7.56 -2.98
CA SER B 639 -14.45 -6.31 -2.77
C SER B 639 -15.42 -6.39 -1.61
N CYS B 640 -15.19 -7.33 -0.70
CA CYS B 640 -16.18 -7.62 0.36
C CYS B 640 -16.33 -6.48 1.35
N SER B 641 -15.34 -5.60 1.46
CA SER B 641 -15.45 -4.47 2.38
C SER B 641 -14.43 -3.42 2.02
N GLU B 642 -14.81 -2.14 2.09
CA GLU B 642 -13.86 -1.08 1.80
C GLU B 642 -12.84 -0.88 2.87
N ASN B 643 -13.24 -1.02 4.12
CA ASN B 643 -12.30 -0.85 5.24
C ASN B 643 -11.63 -2.13 5.67
N TYR B 644 -12.38 -3.22 5.69
CA TYR B 644 -11.83 -4.47 6.16
C TYR B 644 -11.16 -5.22 5.01
N THR B 645 -9.98 -4.71 4.66
CA THR B 645 -9.23 -5.15 3.51
C THR B 645 -8.51 -6.45 3.82
N THR B 646 -7.87 -7.02 2.81
CA THR B 646 -7.07 -8.19 3.03
C THR B 646 -5.97 -7.92 4.07
N ASP B 647 -5.32 -6.77 4.01
CA ASP B 647 -4.28 -6.42 5.01
C ASP B 647 -4.88 -6.22 6.39
N PHE B 648 -6.03 -5.56 6.47
CA PHE B 648 -6.70 -5.38 7.74
C PHE B 648 -6.90 -6.70 8.47
N ILE B 649 -7.49 -7.66 7.78
CA ILE B 649 -7.78 -8.95 8.34
C ILE B 649 -6.46 -9.63 8.72
N TYR B 650 -5.50 -9.59 7.81
CA TYR B 650 -4.18 -10.16 8.09
C TYR B 650 -3.61 -9.58 9.41
N GLN B 651 -3.78 -8.27 9.61
CA GLN B 651 -3.23 -7.57 10.76
C GLN B 651 -3.93 -7.93 12.03
N LEU B 652 -5.25 -8.07 11.96
CA LEU B 652 -6.06 -8.48 13.11
C LEU B 652 -5.74 -9.90 13.57
N TYR B 653 -5.80 -10.85 12.64
CA TYR B 653 -5.51 -12.23 12.94
C TYR B 653 -4.09 -12.35 13.47
N SER B 654 -3.15 -11.64 12.86
CA SER B 654 -1.76 -11.67 13.32
C SER B 654 -1.66 -11.22 14.75
N GLU B 655 -2.21 -10.05 15.05
CA GLU B 655 -2.04 -9.44 16.35
C GLU B 655 -2.73 -10.23 17.46
N GLU B 656 -3.97 -10.61 17.21
CA GLU B 656 -4.75 -11.41 18.16
C GLU B 656 -4.34 -12.88 18.20
N GLY B 657 -3.60 -13.34 17.20
CA GLY B 657 -3.08 -14.71 17.19
C GLY B 657 -1.72 -14.80 17.84
N LYS B 658 -1.16 -13.68 18.25
CA LYS B 658 0.21 -13.71 18.77
C LYS B 658 0.34 -14.70 19.89
N GLY B 659 1.45 -15.42 19.84
CA GLY B 659 1.72 -16.47 20.80
C GLY B 659 1.02 -17.77 20.50
N VAL B 660 0.14 -17.80 19.52
CA VAL B 660 -0.61 -19.01 19.19
C VAL B 660 -0.46 -19.39 17.71
N PHE B 661 -0.55 -18.43 16.81
CA PHE B 661 -0.31 -18.71 15.39
C PHE B 661 0.15 -17.47 14.69
N ASP B 662 0.73 -17.66 13.51
CA ASP B 662 1.09 -16.52 12.69
C ASP B 662 0.33 -16.57 11.36
N CYS B 663 0.39 -15.50 10.56
CA CYS B 663 -0.36 -15.48 9.30
C CYS B 663 0.47 -15.16 8.13
N ARG B 664 -0.04 -15.54 6.98
CA ARG B 664 0.45 -15.04 5.74
C ARG B 664 -0.72 -14.61 4.93
N LYS B 665 -0.51 -13.64 4.04
CA LYS B 665 -1.54 -13.27 3.07
C LYS B 665 -1.09 -13.59 1.67
N ASN B 666 -2.03 -13.90 0.79
CA ASN B 666 -1.77 -14.16 -0.59
C ASN B 666 -2.93 -13.61 -1.36
N VAL B 667 -2.67 -12.80 -2.39
CA VAL B 667 -3.70 -12.41 -3.34
C VAL B 667 -3.58 -13.26 -4.58
N LEU B 668 -4.51 -14.17 -4.83
CA LEU B 668 -4.38 -15.12 -5.94
C LEU B 668 -4.23 -14.45 -7.30
N GLY B 669 -5.03 -13.42 -7.58
CA GLY B 669 -4.86 -12.71 -8.83
C GLY B 669 -5.41 -13.43 -10.05
N HIS B 670 -5.01 -12.96 -11.21
CA HIS B 670 -5.53 -13.44 -12.48
C HIS B 670 -5.46 -14.93 -12.71
N MET B 671 -4.53 -15.57 -12.05
CA MET B 671 -4.31 -16.98 -12.30
C MET B 671 -5.55 -17.78 -11.94
N GLN B 672 -6.42 -17.23 -11.12
CA GLN B 672 -7.67 -17.90 -10.79
C GLN B 672 -8.53 -18.14 -12.00
N GLN B 673 -8.47 -17.24 -12.97
CA GLN B 673 -9.24 -17.44 -14.16
C GLN B 673 -9.00 -18.88 -14.63
N GLY B 674 -7.75 -19.34 -14.47
CA GLY B 674 -7.34 -20.71 -14.85
C GLY B 674 -6.95 -20.68 -16.32
N GLY B 675 -6.88 -21.84 -16.95
CA GLY B 675 -6.53 -21.97 -18.38
C GLY B 675 -7.60 -22.63 -19.24
N ALA B 676 -7.37 -23.87 -19.65
CA ALA B 676 -8.35 -24.63 -20.41
C ALA B 676 -9.56 -24.86 -19.55
N PRO B 677 -10.75 -24.79 -20.16
CA PRO B 677 -11.93 -24.99 -19.36
C PRO B 677 -12.09 -26.40 -18.82
N SER B 678 -12.71 -26.49 -17.66
CA SER B 678 -13.10 -27.75 -17.10
C SER B 678 -14.18 -28.40 -17.96
N PRO B 679 -14.33 -29.71 -17.86
CA PRO B 679 -15.38 -30.42 -18.60
C PRO B 679 -16.80 -29.81 -18.43
N PHE B 680 -17.12 -29.39 -17.21
CA PHE B 680 -18.40 -28.77 -16.93
C PHE B 680 -18.53 -27.49 -17.77
N ASP B 681 -17.49 -26.63 -17.78
CA ASP B 681 -17.58 -25.38 -18.53
C ASP B 681 -17.59 -25.59 -20.04
N ARG B 682 -16.87 -26.60 -20.52
CA ARG B 682 -16.97 -26.98 -21.93
C ARG B 682 -18.37 -27.35 -22.33
N ASN B 683 -18.94 -28.26 -21.58
CA ASN B 683 -20.29 -28.73 -21.87
C ASN B 683 -21.40 -27.74 -21.57
N PHE B 684 -21.25 -26.95 -20.52
CA PHE B 684 -22.18 -25.86 -20.26
C PHE B 684 -22.14 -24.93 -21.47
N GLY B 685 -20.95 -24.45 -21.81
CA GLY B 685 -20.81 -23.58 -22.97
C GLY B 685 -21.52 -24.14 -24.19
N THR B 686 -21.21 -25.40 -24.50
CA THR B 686 -21.71 -26.04 -25.69
C THR B 686 -23.24 -26.15 -25.69
N LYS B 687 -23.78 -26.69 -24.62
CA LYS B 687 -25.19 -26.97 -24.53
C LYS B 687 -26.03 -25.71 -24.48
N ILE B 688 -25.66 -24.79 -23.59
CA ILE B 688 -26.45 -23.58 -23.47
C ILE B 688 -26.43 -22.77 -24.81
N SER B 689 -25.32 -22.79 -25.57
CA SER B 689 -25.24 -22.00 -26.78
C SER B 689 -26.10 -22.61 -27.85
N ALA B 690 -26.07 -23.92 -27.92
CA ALA B 690 -26.92 -24.66 -28.84
C ALA B 690 -28.35 -24.28 -28.59
N ARG B 691 -28.74 -24.20 -27.33
CA ARG B 691 -30.10 -23.88 -26.97
C ARG B 691 -30.47 -22.46 -27.41
N ALA B 692 -29.51 -21.56 -27.32
CA ALA B 692 -29.74 -20.18 -27.67
C ALA B 692 -29.94 -20.05 -29.18
N MET B 693 -29.19 -20.85 -29.93
CA MET B 693 -29.32 -20.85 -31.39
C MET B 693 -30.67 -21.38 -31.84
N GLU B 694 -31.17 -22.41 -31.16
CA GLU B 694 -32.50 -22.94 -31.45
C GLU B 694 -33.54 -21.87 -31.27
N TRP B 695 -33.37 -21.07 -30.23
CA TRP B 695 -34.31 -19.99 -29.95
C TRP B 695 -34.25 -18.91 -30.99
N ILE B 696 -33.05 -18.64 -31.49
CA ILE B 696 -32.87 -17.66 -32.56
C ILE B 696 -33.53 -18.14 -33.87
N THR B 697 -33.25 -19.37 -34.27
CA THR B 697 -33.89 -19.96 -35.44
C THR B 697 -35.42 -19.93 -35.34
N ALA B 698 -35.93 -20.23 -34.16
CA ALA B 698 -37.38 -20.26 -33.92
C ALA B 698 -37.99 -18.86 -34.06
N LYS B 699 -37.33 -17.86 -33.46
CA LYS B 699 -37.80 -16.48 -33.55
C LYS B 699 -37.78 -16.00 -34.99
N LEU B 700 -36.82 -16.45 -35.78
CA LEU B 700 -36.69 -16.04 -37.17
C LEU B 700 -37.76 -16.66 -38.07
N LYS B 701 -38.26 -17.84 -37.71
CA LYS B 701 -39.38 -18.43 -38.43
C LYS B 701 -40.64 -17.56 -38.37
N GLU B 702 -40.78 -16.77 -37.32
CA GLU B 702 -41.90 -15.82 -37.25
C GLU B 702 -41.70 -14.67 -38.26
N ALA B 703 -40.96 -14.92 -39.33
CA ALA B 703 -40.74 -13.94 -40.39
C ALA B 703 -40.25 -14.62 -41.67
N PHE B 710 -40.33 -4.38 -35.54
CA PHE B 710 -40.51 -5.82 -35.67
C PHE B 710 -40.46 -6.55 -34.32
N THR B 711 -39.92 -5.88 -33.31
CA THR B 711 -39.46 -6.53 -32.11
C THR B 711 -39.95 -5.87 -30.77
N THR B 712 -40.30 -6.70 -29.78
CA THR B 712 -40.69 -6.29 -28.40
C THR B 712 -39.71 -6.84 -27.30
N ASP B 713 -40.07 -6.68 -26.02
CA ASP B 713 -39.23 -7.09 -24.88
C ASP B 713 -38.78 -8.54 -24.92
N ASP B 714 -39.69 -9.43 -25.31
CA ASP B 714 -39.40 -10.86 -25.30
C ASP B 714 -38.45 -11.31 -26.42
N SER B 715 -37.92 -10.39 -27.22
CA SER B 715 -36.97 -10.80 -28.26
C SER B 715 -35.57 -10.43 -27.85
N ILE B 716 -35.41 -9.82 -26.67
CA ILE B 716 -34.07 -9.53 -26.10
C ILE B 716 -33.92 -10.19 -24.73
N CYS B 717 -33.17 -11.28 -24.67
CA CYS B 717 -33.24 -12.18 -23.53
C CYS B 717 -31.89 -12.63 -22.99
N VAL B 718 -31.91 -13.05 -21.73
CA VAL B 718 -30.81 -13.82 -21.15
C VAL B 718 -31.23 -15.27 -21.05
N LEU B 719 -30.45 -16.18 -21.64
CA LEU B 719 -30.72 -17.58 -21.51
C LEU B 719 -29.92 -18.07 -20.33
N GLY B 720 -30.60 -18.25 -19.21
CA GLY B 720 -29.91 -18.62 -17.98
C GLY B 720 -30.47 -19.87 -17.34
N ILE B 721 -29.76 -20.37 -16.34
CA ILE B 721 -30.18 -21.52 -15.60
C ILE B 721 -30.91 -21.04 -14.36
N SER B 722 -32.12 -21.55 -14.17
CA SER B 722 -32.93 -21.18 -13.01
C SER B 722 -33.62 -22.40 -12.42
N LYS B 723 -33.10 -22.87 -11.28
CA LYS B 723 -33.69 -23.96 -10.48
C LYS B 723 -34.20 -25.10 -11.35
N ARG B 724 -33.29 -25.93 -11.87
CA ARG B 724 -33.69 -27.12 -12.63
C ARG B 724 -33.89 -26.84 -14.12
N ASN B 725 -34.19 -25.59 -14.48
CA ASN B 725 -34.53 -25.26 -15.88
C ASN B 725 -33.62 -24.24 -16.52
N VAL B 726 -33.47 -24.33 -17.83
CA VAL B 726 -32.84 -23.24 -18.60
C VAL B 726 -33.96 -22.42 -19.22
N ILE B 727 -33.97 -21.11 -18.96
CA ILE B 727 -35.10 -20.26 -19.39
C ILE B 727 -34.69 -18.92 -19.97
N PHE B 728 -35.50 -18.44 -20.90
CA PHE B 728 -35.27 -17.16 -21.59
C PHE B 728 -35.98 -16.04 -20.88
N GLN B 729 -35.22 -15.08 -20.35
CA GLN B 729 -35.82 -14.02 -19.57
C GLN B 729 -35.52 -12.69 -20.20
N PRO B 730 -36.57 -11.92 -20.51
CA PRO B 730 -36.38 -10.59 -21.07
C PRO B 730 -35.46 -9.77 -20.19
N VAL B 731 -34.49 -9.09 -20.80
CA VAL B 731 -33.60 -8.21 -20.03
C VAL B 731 -34.39 -7.15 -19.28
N ALA B 732 -35.53 -6.72 -19.82
CA ALA B 732 -36.36 -5.70 -19.14
C ALA B 732 -36.86 -6.20 -17.81
N GLU B 733 -37.20 -7.49 -17.74
CA GLU B 733 -37.64 -8.10 -16.49
C GLU B 733 -36.52 -8.36 -15.51
N LEU B 734 -35.29 -8.46 -16.00
CA LEU B 734 -34.15 -8.68 -15.12
C LEU B 734 -33.64 -7.43 -14.39
N LYS B 735 -34.04 -6.25 -14.86
CA LYS B 735 -33.55 -5.00 -14.26
C LYS B 735 -33.90 -4.90 -12.79
N LYS B 736 -35.16 -5.23 -12.48
CA LYS B 736 -35.69 -5.15 -11.13
C LYS B 736 -34.94 -6.10 -10.21
N GLN B 737 -34.43 -7.17 -10.78
CA GLN B 737 -33.70 -8.20 -10.06
C GLN B 737 -32.18 -7.97 -9.95
N THR B 738 -31.70 -6.79 -10.35
CA THR B 738 -30.28 -6.55 -10.49
C THR B 738 -29.82 -5.37 -9.67
N ASP B 739 -28.67 -5.54 -9.01
CA ASP B 739 -27.99 -4.44 -8.32
C ASP B 739 -26.92 -3.87 -9.25
N PHE B 740 -27.25 -2.79 -9.95
CA PHE B 740 -26.35 -2.21 -10.95
C PHE B 740 -25.10 -1.57 -10.38
N GLU B 741 -25.17 -1.11 -9.13
CA GLU B 741 -24.06 -0.48 -8.49
C GLU B 741 -22.91 -1.47 -8.26
N HIS B 742 -23.27 -2.69 -7.87
CA HIS B 742 -22.28 -3.71 -7.52
C HIS B 742 -22.18 -4.82 -8.56
N ARG B 743 -22.95 -4.68 -9.64
CA ARG B 743 -23.02 -5.66 -10.72
C ARG B 743 -23.21 -7.08 -10.20
N ILE B 744 -24.21 -7.26 -9.35
CA ILE B 744 -24.58 -8.62 -8.92
C ILE B 744 -26.09 -8.76 -8.93
N PRO B 745 -26.58 -9.99 -8.99
CA PRO B 745 -28.00 -10.22 -8.83
C PRO B 745 -28.44 -9.85 -7.42
N LYS B 746 -29.72 -9.50 -7.25
CA LYS B 746 -30.28 -9.22 -5.93
C LYS B 746 -30.50 -10.47 -5.11
N GLU B 747 -30.84 -11.57 -5.76
CA GLU B 747 -31.10 -12.83 -5.06
C GLU B 747 -30.14 -13.85 -5.64
N GLN B 748 -29.39 -14.50 -4.78
CA GLN B 748 -28.37 -15.44 -5.21
C GLN B 748 -28.57 -16.74 -4.49
N TRP B 749 -28.82 -17.79 -5.27
CA TRP B 749 -29.29 -19.06 -4.74
C TRP B 749 -28.34 -19.66 -3.71
N TRP B 750 -27.02 -19.48 -3.94
CA TRP B 750 -25.98 -20.14 -3.15
C TRP B 750 -25.79 -19.59 -1.72
N LEU B 751 -26.37 -18.42 -1.42
CA LEU B 751 -26.33 -17.90 -0.04
C LEU B 751 -26.99 -18.81 0.99
N LYS B 752 -27.91 -19.68 0.56
CA LYS B 752 -28.56 -20.60 1.48
C LYS B 752 -27.54 -21.61 2.02
N LEU B 753 -26.44 -21.78 1.31
CA LEU B 753 -25.35 -22.66 1.77
C LEU B 753 -24.38 -22.06 2.78
N ARG B 754 -24.51 -20.78 3.11
CA ARG B 754 -23.57 -20.17 4.03
C ARG B 754 -23.40 -20.92 5.35
N PRO B 755 -24.49 -21.43 5.94
CA PRO B 755 -24.28 -22.17 7.18
C PRO B 755 -23.31 -23.36 7.08
N LEU B 756 -23.17 -23.95 5.89
CA LEU B 756 -22.35 -25.13 5.75
C LEU B 756 -20.90 -24.91 6.11
N MET B 757 -20.36 -23.72 5.88
CA MET B 757 -18.95 -23.56 6.14
C MET B 757 -18.61 -23.58 7.59
N LYS B 758 -19.48 -22.96 8.40
CA LYS B 758 -19.37 -22.98 9.87
C LYS B 758 -19.28 -24.42 10.30
N ILE B 759 -20.29 -25.19 9.88
CA ILE B 759 -20.42 -26.58 10.26
C ILE B 759 -19.25 -27.43 9.78
N LEU B 760 -18.97 -27.36 8.48
CA LEU B 760 -18.02 -28.25 7.91
C LEU B 760 -16.65 -27.96 8.33
N ALA B 761 -16.35 -26.77 8.86
CA ALA B 761 -14.97 -26.51 9.34
C ALA B 761 -14.80 -27.07 10.73
N ALA C 25 -18.77 20.66 47.21
CA ALA C 25 -18.86 21.56 46.02
C ALA C 25 -17.60 22.43 45.87
N ILE C 26 -17.24 22.71 44.61
CA ILE C 26 -16.04 23.49 44.33
C ILE C 26 -16.38 24.70 43.48
N GLY C 27 -15.86 25.85 43.90
CA GLY C 27 -15.93 27.08 43.10
C GLY C 27 -14.55 27.43 42.55
N VAL C 28 -14.52 27.77 41.26
CA VAL C 28 -13.30 28.10 40.56
C VAL C 28 -13.48 29.50 39.97
N LEU C 29 -12.48 30.36 40.10
CA LEU C 29 -12.57 31.67 39.48
C LEU C 29 -11.21 32.14 38.99
N THR C 30 -11.21 33.14 38.11
CA THR C 30 -9.99 33.73 37.57
C THR C 30 -9.98 35.20 37.93
N SER C 31 -8.84 35.69 38.39
CA SER C 31 -8.74 37.05 38.83
C SER C 31 -7.40 37.65 38.41
N GLY C 32 -7.31 38.97 38.49
CA GLY C 32 -6.10 39.67 38.08
C GLY C 32 -5.90 39.55 36.60
N GLY C 33 -4.74 40.00 36.13
CA GLY C 33 -4.42 39.94 34.69
C GLY C 33 -4.59 38.55 34.09
N ASP C 34 -5.14 38.49 32.90
CA ASP C 34 -5.35 37.21 32.23
C ASP C 34 -4.03 36.67 31.68
N ALA C 35 -3.98 35.35 31.54
CA ALA C 35 -2.82 34.69 31.01
C ALA C 35 -3.27 33.51 30.16
N GLN C 36 -2.57 33.28 29.06
CA GLN C 36 -2.86 32.17 28.15
C GLN C 36 -2.64 30.83 28.87
N GLY C 37 -3.65 29.96 28.85
CA GLY C 37 -3.64 28.69 29.59
C GLY C 37 -4.70 28.64 30.68
N MET C 38 -5.27 29.78 31.02
CA MET C 38 -6.25 29.85 32.09
C MET C 38 -7.40 28.94 31.82
N ASN C 39 -7.87 28.91 30.58
CA ASN C 39 -8.95 28.02 30.18
C ASN C 39 -8.65 26.54 30.32
N ALA C 40 -7.43 26.14 30.00
CA ALA C 40 -6.95 24.78 30.28
C ALA C 40 -6.97 24.45 31.77
N ALA C 41 -6.54 25.41 32.59
CA ALA C 41 -6.58 25.23 34.06
C ALA C 41 -7.98 25.01 34.58
N VAL C 42 -8.90 25.85 34.10
CA VAL C 42 -10.29 25.74 34.45
C VAL C 42 -10.86 24.42 33.95
N ARG C 43 -10.56 24.06 32.71
CA ARG C 43 -11.02 22.80 32.16
C ARG C 43 -10.65 21.66 33.10
N ALA C 44 -9.42 21.67 33.56
CA ALA C 44 -8.92 20.59 34.39
C ALA C 44 -9.50 20.58 35.80
N VAL C 45 -9.84 21.74 36.33
CA VAL C 45 -10.42 21.76 37.65
C VAL C 45 -11.84 21.18 37.56
N VAL C 46 -12.60 21.59 36.55
CA VAL C 46 -13.95 21.09 36.40
C VAL C 46 -13.95 19.56 36.22
N ARG C 47 -13.16 19.07 35.27
CA ARG C 47 -13.18 17.65 34.95
C ARG C 47 -12.61 16.78 36.07
N MET C 48 -11.55 17.22 36.73
CA MET C 48 -11.03 16.45 37.84
C MET C 48 -12.03 16.47 38.99
N GLY C 49 -12.61 17.64 39.23
CA GLY C 49 -13.66 17.81 40.21
C GLY C 49 -14.78 16.80 40.01
N ILE C 50 -15.40 16.84 38.85
CA ILE C 50 -16.51 15.95 38.54
C ILE C 50 -16.08 14.48 38.63
N TYR C 51 -14.91 14.15 38.08
CA TYR C 51 -14.41 12.79 38.13
C TYR C 51 -14.24 12.26 39.55
N VAL C 52 -13.86 13.14 40.46
CA VAL C 52 -13.75 12.79 41.85
C VAL C 52 -15.10 12.75 42.60
N GLY C 53 -16.17 13.21 41.95
CA GLY C 53 -17.50 13.13 42.51
C GLY C 53 -17.92 14.36 43.28
N ALA C 54 -17.28 15.48 42.99
CA ALA C 54 -17.70 16.77 43.53
C ALA C 54 -18.59 17.48 42.52
N LYS C 55 -19.23 18.55 42.94
CA LYS C 55 -19.91 19.47 42.04
C LYS C 55 -19.03 20.68 41.88
N VAL C 56 -18.98 21.22 40.67
CA VAL C 56 -18.12 22.37 40.41
C VAL C 56 -18.90 23.52 39.80
N TYR C 57 -18.69 24.71 40.36
CA TYR C 57 -19.32 25.93 39.88
C TYR C 57 -18.29 26.90 39.32
N PHE C 58 -18.55 27.44 38.14
CA PHE C 58 -17.83 28.60 37.61
C PHE C 58 -18.28 29.81 38.40
N ILE C 59 -17.32 30.67 38.74
CA ILE C 59 -17.63 31.96 39.28
C ILE C 59 -17.08 32.96 38.27
N TYR C 60 -17.99 33.70 37.66
CA TYR C 60 -17.64 34.64 36.59
C TYR C 60 -17.08 35.93 37.14
N GLU C 61 -16.31 36.63 36.31
CA GLU C 61 -15.82 37.95 36.62
C GLU C 61 -15.10 37.97 37.97
N GLY C 62 -14.32 36.94 38.24
CA GLY C 62 -13.49 36.90 39.43
C GLY C 62 -14.27 37.12 40.72
N TYR C 63 -13.68 37.89 41.63
CA TYR C 63 -14.32 38.12 42.92
C TYR C 63 -15.62 38.88 42.82
N GLN C 64 -15.71 39.80 41.87
CA GLN C 64 -16.94 40.55 41.70
C GLN C 64 -18.12 39.61 41.49
N GLY C 65 -17.93 38.58 40.67
CA GLY C 65 -18.99 37.62 40.41
C GLY C 65 -19.38 36.86 41.66
N MET C 66 -18.40 36.66 42.54
CA MET C 66 -18.67 36.07 43.83
C MET C 66 -19.53 37.00 44.67
N VAL C 67 -19.17 38.29 44.68
CA VAL C 67 -19.93 39.30 45.45
C VAL C 67 -21.34 39.48 44.88
N ASP C 68 -21.44 39.66 43.55
CA ASP C 68 -22.74 39.88 42.90
C ASP C 68 -23.65 38.67 42.94
N GLY C 69 -23.07 37.47 42.93
CA GLY C 69 -23.86 36.26 43.08
C GLY C 69 -24.74 36.07 41.88
N GLY C 70 -25.84 35.34 42.07
CA GLY C 70 -26.81 35.19 41.02
C GLY C 70 -26.31 34.36 39.85
N SER C 71 -26.55 34.83 38.63
CA SER C 71 -26.14 34.10 37.43
C SER C 71 -24.62 34.07 37.27
N ASN C 72 -23.92 34.97 37.95
CA ASN C 72 -22.45 34.94 37.98
C ASN C 72 -21.86 33.68 38.64
N ILE C 73 -22.68 32.88 39.31
CA ILE C 73 -22.25 31.57 39.77
C ILE C 73 -23.09 30.54 39.04
N ALA C 74 -22.43 29.66 38.28
CA ALA C 74 -23.11 28.64 37.50
C ALA C 74 -22.43 27.30 37.64
N GLU C 75 -23.23 26.23 37.75
CA GLU C 75 -22.70 24.87 37.81
C GLU C 75 -22.16 24.51 36.46
N ALA C 76 -21.07 23.73 36.48
CA ALA C 76 -20.36 23.35 35.27
C ALA C 76 -20.50 21.87 35.09
N ASP C 77 -20.80 21.46 33.86
CA ASP C 77 -20.87 20.05 33.54
C ASP C 77 -19.66 19.66 32.71
N TRP C 78 -19.55 18.37 32.43
CA TRP C 78 -18.52 17.82 31.57
C TRP C 78 -18.43 18.55 30.21
N GLU C 79 -19.56 18.73 29.54
CA GLU C 79 -19.56 19.40 28.22
C GLU C 79 -19.02 20.81 28.21
N SER C 80 -19.17 21.53 29.31
CA SER C 80 -18.87 22.95 29.29
C SER C 80 -17.41 23.31 28.92
N VAL C 81 -16.48 22.36 29.05
CA VAL C 81 -15.05 22.66 28.92
C VAL C 81 -14.22 21.76 27.97
N GLN C 98 -13.27 45.63 43.61
CA GLN C 98 -13.33 46.63 44.67
C GLN C 98 -14.16 46.20 45.85
N ALA C 99 -15.40 45.79 45.57
CA ALA C 99 -16.34 45.38 46.62
C ALA C 99 -15.80 44.24 47.50
N PHE C 100 -14.87 43.45 46.94
CA PHE C 100 -14.19 42.40 47.72
C PHE C 100 -13.12 42.93 48.69
N ARG C 101 -12.55 44.09 48.39
CA ARG C 101 -11.63 44.75 49.32
C ARG C 101 -12.34 45.37 50.51
N THR C 102 -13.67 45.31 50.55
CA THR C 102 -14.44 45.77 51.70
C THR C 102 -15.08 44.62 52.44
N ARG C 103 -15.28 44.78 53.75
CA ARG C 103 -15.92 43.74 54.53
C ARG C 103 -17.33 43.45 54.05
N GLU C 104 -18.03 44.49 53.60
CA GLU C 104 -19.43 44.32 53.19
C GLU C 104 -19.53 43.33 52.03
N GLY C 105 -18.60 43.46 51.10
CA GLY C 105 -18.53 42.57 49.97
C GLY C 105 -18.33 41.12 50.38
N ARG C 106 -17.27 40.88 51.15
CA ARG C 106 -16.91 39.54 51.57
C ARG C 106 -18.03 38.86 52.29
N LEU C 107 -18.78 39.63 53.07
CA LEU C 107 -19.98 39.10 53.71
C LEU C 107 -20.96 38.55 52.67
N LYS C 108 -21.26 39.35 51.65
CA LYS C 108 -22.17 38.90 50.62
C LYS C 108 -21.55 37.73 49.83
N ALA C 109 -20.26 37.82 49.58
CA ALA C 109 -19.54 36.77 48.88
C ALA C 109 -19.68 35.47 49.65
N ALA C 110 -19.34 35.51 50.94
CA ALA C 110 -19.46 34.33 51.79
C ALA C 110 -20.87 33.78 51.76
N CYS C 111 -21.87 34.65 51.75
CA CYS C 111 -23.25 34.20 51.74
C CYS C 111 -23.57 33.44 50.46
N ASN C 112 -23.22 34.04 49.31
CA ASN C 112 -23.46 33.42 48.02
C ASN C 112 -22.88 32.03 47.93
N LEU C 113 -21.69 31.83 48.49
CA LEU C 113 -21.06 30.52 48.48
C LEU C 113 -21.85 29.53 49.31
N LEU C 114 -22.31 29.97 50.48
CA LEU C 114 -23.02 29.08 51.40
C LEU C 114 -24.34 28.64 50.82
N GLN C 115 -24.97 29.50 50.03
CA GLN C 115 -26.23 29.13 49.36
C GLN C 115 -26.01 27.95 48.43
N ARG C 116 -24.85 27.90 47.80
CA ARG C 116 -24.56 26.87 46.83
C ARG C 116 -23.80 25.71 47.49
N GLY C 117 -23.58 25.79 48.80
CA GLY C 117 -22.86 24.74 49.54
C GLY C 117 -21.38 24.67 49.17
N ILE C 118 -20.82 25.80 48.71
CA ILE C 118 -19.43 25.86 48.27
C ILE C 118 -18.48 26.24 49.41
N THR C 119 -17.73 25.27 49.90
CA THR C 119 -16.68 25.51 50.89
C THR C 119 -15.29 25.23 50.34
N ASN C 120 -15.22 24.90 49.06
CA ASN C 120 -13.92 24.71 48.40
C ASN C 120 -13.68 25.69 47.27
N LEU C 121 -12.60 26.46 47.38
CA LEU C 121 -12.28 27.50 46.42
C LEU C 121 -10.97 27.27 45.69
N CYS C 122 -11.01 27.37 44.36
CA CYS C 122 -9.81 27.38 43.56
C CYS C 122 -9.70 28.73 42.87
N VAL C 123 -8.65 29.46 43.22
CA VAL C 123 -8.43 30.78 42.67
C VAL C 123 -7.21 30.78 41.74
N ILE C 124 -7.43 31.28 40.53
CA ILE C 124 -6.41 31.35 39.49
C ILE C 124 -6.15 32.84 39.25
N GLY C 125 -4.99 33.33 39.64
CA GLY C 125 -4.68 34.76 39.47
C GLY C 125 -3.26 35.13 39.87
N GLY C 126 -3.03 36.41 40.15
CA GLY C 126 -1.70 36.87 40.51
C GLY C 126 -1.54 37.16 42.00
N ASP C 127 -0.54 37.98 42.32
CA ASP C 127 -0.21 38.34 43.71
C ASP C 127 -1.45 38.81 44.43
N GLY C 128 -2.18 39.73 43.81
CA GLY C 128 -3.31 40.37 44.47
C GLY C 128 -4.45 39.43 44.72
N SER C 129 -4.79 38.63 43.72
CA SER C 129 -5.92 37.72 43.84
C SER C 129 -5.70 36.72 44.96
N LEU C 130 -4.46 36.22 45.07
CA LEU C 130 -4.14 35.23 46.09
C LEU C 130 -4.10 35.83 47.49
N THR C 131 -3.53 37.02 47.66
CA THR C 131 -3.63 37.78 48.95
C THR C 131 -5.10 37.99 49.33
N GLY C 132 -5.95 38.24 48.34
CA GLY C 132 -7.38 38.37 48.59
C GLY C 132 -7.98 37.10 49.16
N ALA C 133 -7.52 35.96 48.67
CA ALA C 133 -8.01 34.66 49.11
C ALA C 133 -7.46 34.28 50.49
N ASN C 134 -6.20 34.66 50.73
CA ASN C 134 -5.58 34.55 52.03
C ASN C 134 -6.46 35.25 53.05
N LEU C 135 -6.75 36.52 52.74
CA LEU C 135 -7.52 37.39 53.63
C LEU C 135 -8.91 36.78 53.90
N PHE C 136 -9.52 36.27 52.84
CA PHE C 136 -10.87 35.70 52.92
C PHE C 136 -10.89 34.48 53.81
N ARG C 137 -9.83 33.68 53.79
CA ARG C 137 -9.78 32.50 54.65
C ARG C 137 -9.66 32.85 56.13
N LYS C 138 -8.80 33.83 56.44
CA LYS C 138 -8.65 34.40 57.81
C LYS C 138 -9.97 34.88 58.41
N GLU C 139 -10.75 35.57 57.59
CA GLU C 139 -12.00 36.16 58.01
C GLU C 139 -13.24 35.27 57.85
N TRP C 140 -13.04 33.99 57.58
CA TRP C 140 -14.16 33.11 57.31
C TRP C 140 -15.01 32.93 58.57
N SER C 141 -14.38 33.08 59.72
CA SER C 141 -15.04 32.84 60.95
C SER C 141 -16.11 33.91 61.24
N GLY C 142 -16.00 35.04 60.53
CA GLY C 142 -17.10 35.99 60.24
C GLY C 142 -18.19 35.48 59.26
N LEU C 143 -18.45 34.18 59.30
CA LEU C 143 -19.79 33.52 59.28
C LEU C 143 -20.62 33.88 60.52
N LEU C 144 -19.92 34.27 61.58
CA LEU C 144 -20.61 34.66 62.78
C LEU C 144 -21.49 35.89 62.58
N GLU C 145 -20.98 36.91 61.88
CA GLU C 145 -21.81 38.07 61.54
C GLU C 145 -23.06 37.66 60.72
N GLU C 146 -22.95 36.55 59.99
CA GLU C 146 -24.09 35.96 59.31
C GLU C 146 -25.12 35.47 60.31
N LEU C 147 -24.64 34.82 61.37
CA LEU C 147 -25.46 34.44 62.52
C LEU C 147 -26.12 35.66 63.18
N ALA C 148 -25.32 36.67 63.57
CA ALA C 148 -25.82 37.86 64.28
C ALA C 148 -26.89 38.56 63.43
N ARG C 149 -26.59 38.77 62.14
CA ARG C 149 -27.60 39.20 61.18
C ARG C 149 -28.53 38.03 60.87
N ASN C 150 -29.56 38.27 60.09
CA ASN C 150 -30.38 37.14 59.73
C ASN C 150 -29.66 36.13 58.86
N GLY C 151 -28.80 36.61 57.95
CA GLY C 151 -27.89 35.76 57.16
C GLY C 151 -28.22 34.28 57.19
N GLN C 152 -27.70 33.55 58.19
CA GLN C 152 -27.75 32.09 58.20
C GLN C 152 -28.15 31.45 59.51
N ILE C 153 -28.65 30.22 59.41
CA ILE C 153 -28.95 29.37 60.55
C ILE C 153 -27.63 29.15 61.32
N ASP C 154 -27.72 28.89 62.62
CA ASP C 154 -26.55 28.55 63.43
C ASP C 154 -25.89 27.26 62.97
N LYS C 155 -26.70 26.27 62.61
CA LYS C 155 -26.22 25.00 62.04
C LYS C 155 -25.20 25.26 60.95
N GLU C 156 -25.49 26.24 60.12
CA GLU C 156 -24.60 26.61 59.03
C GLU C 156 -23.27 27.15 59.54
N ALA C 157 -23.33 28.09 60.49
CA ALA C 157 -22.12 28.63 61.08
C ALA C 157 -21.22 27.51 61.63
N VAL C 158 -21.79 26.41 62.11
CA VAL C 158 -20.97 25.27 62.61
C VAL C 158 -20.64 24.29 61.46
N GLN C 159 -21.56 24.08 60.53
CA GLN C 159 -21.40 23.08 59.45
C GLN C 159 -20.38 23.44 58.37
N LYS C 160 -20.27 24.73 58.05
CA LYS C 160 -19.34 25.20 57.05
C LYS C 160 -18.21 26.00 57.68
N TYR C 161 -17.96 25.80 58.96
CA TYR C 161 -17.09 26.72 59.70
C TYR C 161 -15.65 26.27 59.68
N ALA C 162 -14.75 27.18 59.30
CA ALA C 162 -13.34 26.84 59.13
C ALA C 162 -13.21 25.61 58.23
N TYR C 163 -14.22 25.41 57.39
CA TYR C 163 -14.22 24.37 56.39
C TYR C 163 -14.06 25.05 55.08
N LEU C 164 -13.45 26.23 55.06
CA LEU C 164 -13.05 26.86 53.80
C LEU C 164 -11.65 26.43 53.38
N ASN C 165 -11.58 25.45 52.47
CA ASN C 165 -10.33 25.10 51.81
C ASN C 165 -10.15 26.00 50.61
N VAL C 166 -9.02 26.67 50.57
CA VAL C 166 -8.63 27.52 49.47
C VAL C 166 -7.35 26.96 48.88
N VAL C 167 -7.36 26.77 47.57
CA VAL C 167 -6.17 26.45 46.80
C VAL C 167 -6.01 27.48 45.71
N GLY C 168 -4.79 27.95 45.52
CA GLY C 168 -4.48 28.95 44.49
C GLY C 168 -3.65 28.38 43.36
N MET C 169 -3.82 28.95 42.17
CA MET C 169 -2.93 28.72 41.05
C MET C 169 -2.54 30.10 40.57
N VAL C 170 -1.26 30.26 40.28
CA VAL C 170 -0.79 31.53 39.77
C VAL C 170 -0.93 31.54 38.24
N GLY C 171 -1.63 32.57 37.76
CA GLY C 171 -1.77 32.83 36.33
C GLY C 171 -1.48 34.31 36.08
N SER C 172 -0.20 34.66 36.00
CA SER C 172 0.17 36.04 35.63
C SER C 172 1.71 36.14 35.49
N MET C 182 7.72 28.15 37.77
CA MET C 182 7.02 28.39 36.49
C MET C 182 5.50 28.64 36.62
N THR C 183 5.04 29.74 36.03
CA THR C 183 3.67 30.18 36.16
C THR C 183 3.02 30.08 34.81
N ILE C 184 1.71 29.86 34.82
CA ILE C 184 0.92 29.68 33.61
C ILE C 184 0.91 30.97 32.80
N GLY C 185 1.29 30.86 31.54
CA GLY C 185 1.23 31.97 30.62
C GLY C 185 2.58 32.56 30.29
N THR C 186 3.57 32.32 31.13
CA THR C 186 4.89 32.79 30.84
C THR C 186 5.40 32.24 29.52
N ASP C 187 5.34 30.94 29.31
CA ASP C 187 5.84 30.38 28.06
C ASP C 187 5.09 30.98 26.88
N SER C 188 3.79 31.22 27.02
CA SER C 188 3.04 31.75 25.91
C SER C 188 3.47 33.17 25.55
N ALA C 189 3.60 33.99 26.60
CA ALA C 189 4.05 35.36 26.47
C ALA C 189 5.42 35.46 25.82
N LEU C 190 6.23 34.47 26.10
CA LEU C 190 7.55 34.41 25.57
C LEU C 190 7.53 34.06 24.09
N HIS C 191 6.69 33.10 23.70
CA HIS C 191 6.42 32.83 22.27
C HIS C 191 6.01 34.13 21.55
N ARG C 192 5.16 34.91 22.21
CA ARG C 192 4.70 36.17 21.65
C ARG C 192 5.83 37.14 21.41
N ILE C 193 6.68 37.31 22.40
CA ILE C 193 7.82 38.25 22.31
C ILE C 193 8.78 37.83 21.22
N ILE C 194 9.09 36.54 21.19
CA ILE C 194 10.08 36.02 20.26
C ILE C 194 9.54 36.01 18.84
N GLU C 195 8.22 35.87 18.68
CA GLU C 195 7.63 36.04 17.36
C GLU C 195 7.88 37.44 16.85
N VAL C 196 7.65 38.42 17.71
CA VAL C 196 7.94 39.82 17.37
C VAL C 196 9.41 40.09 17.12
N VAL C 197 10.30 39.59 17.98
CA VAL C 197 11.73 39.77 17.72
C VAL C 197 12.18 39.14 16.39
N ASP C 198 11.82 37.89 16.14
CA ASP C 198 12.12 37.25 14.86
C ASP C 198 11.63 38.05 13.66
N ALA C 199 10.45 38.64 13.76
CA ALA C 199 9.93 39.44 12.67
C ALA C 199 10.74 40.71 12.47
N ILE C 200 11.05 41.38 13.57
CA ILE C 200 11.86 42.60 13.55
C ILE C 200 13.28 42.37 13.05
N MET C 201 13.83 41.19 13.28
CA MET C 201 15.20 40.92 12.83
C MET C 201 15.36 41.02 11.31
N THR C 202 14.36 40.63 10.52
CA THR C 202 14.50 40.72 9.07
C THR C 202 14.60 42.19 8.64
N THR C 203 13.82 43.07 9.26
CA THR C 203 13.81 44.48 8.85
C THR C 203 15.01 45.29 9.38
N ALA C 204 15.50 44.93 10.58
CA ALA C 204 16.73 45.49 11.10
C ALA C 204 17.98 45.14 10.23
N GLN C 205 18.04 43.89 9.79
CA GLN C 205 19.02 43.37 8.84
C GLN C 205 19.17 44.29 7.65
N SER C 206 18.05 44.58 7.00
CA SER C 206 18.01 45.35 5.77
C SER C 206 18.63 46.73 5.95
N HIS C 207 18.47 47.30 7.14
CA HIS C 207 18.77 48.70 7.37
C HIS C 207 19.89 48.99 8.35
N GLN C 208 20.59 47.94 8.76
CA GLN C 208 21.69 48.09 9.67
C GLN C 208 21.32 48.94 10.90
N ARG C 209 20.27 48.47 11.55
CA ARG C 209 19.52 49.25 12.54
C ARG C 209 19.52 48.65 13.95
N THR C 210 19.43 49.53 14.95
CA THR C 210 19.36 49.11 16.33
C THR C 210 17.94 49.23 16.83
N PHE C 211 17.42 48.17 17.44
CA PHE C 211 16.04 48.17 17.90
C PHE C 211 15.96 48.09 19.41
N VAL C 212 15.14 48.97 19.99
CA VAL C 212 14.90 48.97 21.41
C VAL C 212 13.47 48.51 21.65
N LEU C 213 13.34 47.36 22.30
CA LEU C 213 12.07 46.72 22.51
C LEU C 213 11.66 46.73 23.96
N GLU C 214 10.52 47.34 24.25
CA GLU C 214 9.97 47.33 25.60
C GLU C 214 9.02 46.14 25.77
N VAL C 215 9.33 45.28 26.73
CA VAL C 215 8.54 44.09 27.04
C VAL C 215 7.90 44.22 28.41
N MET C 216 6.97 43.32 28.72
CA MET C 216 6.26 43.41 29.98
C MET C 216 7.18 43.08 31.14
N GLY C 217 6.93 43.80 32.23
CA GLY C 217 7.37 43.45 33.56
C GLY C 217 7.75 44.71 34.33
N ARG C 218 6.73 45.33 34.96
CA ARG C 218 6.88 46.50 35.83
C ARG C 218 7.53 46.10 37.10
N HIS C 219 7.24 44.89 37.59
CA HIS C 219 7.83 44.42 38.82
C HIS C 219 8.85 43.28 38.61
N CYS C 220 8.51 42.32 37.75
CA CYS C 220 9.35 41.14 37.50
C CYS C 220 10.09 41.21 36.16
N GLY C 221 11.34 40.75 36.15
CA GLY C 221 12.24 40.86 34.98
C GLY C 221 12.44 39.54 34.26
N TYR C 222 11.76 38.50 34.72
CA TYR C 222 11.94 37.18 34.17
C TYR C 222 11.68 37.12 32.66
N LEU C 223 10.57 37.70 32.21
CA LEU C 223 10.29 37.74 30.79
C LEU C 223 11.37 38.40 29.95
N ALA C 224 11.83 39.58 30.35
CA ALA C 224 12.85 40.28 29.58
C ALA C 224 14.13 39.47 29.57
N LEU C 225 14.42 38.81 30.68
CA LEU C 225 15.67 38.09 30.80
C LEU C 225 15.68 36.89 29.88
N VAL C 226 14.62 36.12 29.97
CA VAL C 226 14.48 34.91 29.20
C VAL C 226 14.23 35.17 27.72
N SER C 227 13.62 36.31 27.37
CA SER C 227 13.55 36.75 25.98
C SER C 227 14.91 37.09 25.42
N ALA C 228 15.67 37.86 26.21
CA ALA C 228 17.02 38.24 25.82
C ALA C 228 17.82 36.99 25.55
N LEU C 229 17.77 36.04 26.47
CA LEU C 229 18.50 34.80 26.29
C LEU C 229 18.04 34.09 25.03
N ALA C 230 16.74 34.15 24.79
CA ALA C 230 16.17 33.40 23.69
C ALA C 230 16.45 34.03 22.34
N CYS C 231 16.78 35.31 22.28
CA CYS C 231 17.05 35.92 20.98
C CYS C 231 18.48 36.44 20.78
N GLY C 232 19.34 36.15 21.75
CA GLY C 232 20.73 36.63 21.70
C GLY C 232 20.77 38.13 21.69
N ALA C 233 20.07 38.75 22.62
CA ALA C 233 19.98 40.18 22.62
C ALA C 233 21.32 40.75 23.02
N ASP C 234 21.54 41.98 22.58
CA ASP C 234 22.82 42.67 22.79
C ASP C 234 22.90 43.32 24.16
N TRP C 235 21.75 43.71 24.70
CA TRP C 235 21.67 44.24 26.07
C TRP C 235 20.28 43.99 26.64
N VAL C 236 20.20 43.94 27.97
CA VAL C 236 18.94 43.71 28.68
C VAL C 236 18.87 44.63 29.87
N PHE C 237 17.69 45.12 30.18
CA PHE C 237 17.46 45.91 31.38
C PHE C 237 16.34 45.31 32.22
N LEU C 238 16.67 45.00 33.47
CA LEU C 238 15.77 44.33 34.42
C LEU C 238 15.52 45.18 35.65
N PRO C 239 14.34 45.08 36.26
CA PRO C 239 14.12 45.70 37.57
C PRO C 239 14.92 45.07 38.70
N GLU C 240 15.01 43.74 38.74
CA GLU C 240 15.73 43.08 39.84
C GLU C 240 17.22 43.44 39.87
N SER C 241 17.82 43.55 38.70
CA SER C 241 19.23 43.84 38.60
C SER C 241 19.42 45.09 37.76
N PRO C 242 19.58 46.25 38.43
CA PRO C 242 19.93 47.42 37.66
C PRO C 242 21.31 47.30 36.97
N PRO C 243 21.58 48.16 35.98
CA PRO C 243 22.81 48.10 35.21
C PRO C 243 24.14 48.24 35.94
N GLU C 244 24.23 49.14 36.92
CA GLU C 244 25.53 49.52 37.51
C GLU C 244 26.19 50.67 36.72
N GLU C 245 26.87 51.55 37.46
CA GLU C 245 27.38 52.81 36.92
C GLU C 245 28.45 52.55 35.87
N GLY C 246 28.37 53.33 34.81
CA GLY C 246 29.24 53.15 33.67
C GLY C 246 28.63 52.28 32.59
N TRP C 247 27.38 51.82 32.80
CA TRP C 247 26.71 50.96 31.81
C TRP C 247 26.58 51.65 30.47
N GLU C 248 26.34 52.95 30.50
CA GLU C 248 26.18 53.73 29.27
C GLU C 248 27.34 53.50 28.32
N GLU C 249 28.54 53.55 28.85
CA GLU C 249 29.74 53.40 28.04
C GLU C 249 29.91 51.93 27.63
N GLN C 250 29.74 51.04 28.60
CA GLN C 250 29.81 49.60 28.38
C GLN C 250 28.89 49.12 27.24
N MET C 251 27.66 49.63 27.24
CA MET C 251 26.66 49.30 26.21
C MET C 251 27.08 49.84 24.85
N CYS C 252 27.49 51.09 24.82
CA CYS C 252 27.95 51.69 23.57
C CYS C 252 29.18 50.98 23.04
N VAL C 253 30.08 50.56 23.91
CA VAL C 253 31.26 49.81 23.48
C VAL C 253 30.85 48.50 22.82
N LYS C 254 29.91 47.81 23.44
CA LYS C 254 29.37 46.55 22.90
C LYS C 254 28.77 46.74 21.50
N LEU C 255 28.02 47.81 21.31
CA LEU C 255 27.40 48.08 20.03
C LEU C 255 28.43 48.42 18.96
N SER C 256 29.44 49.21 19.32
CA SER C 256 30.52 49.50 18.40
C SER C 256 31.25 48.23 18.01
N GLU C 257 31.51 47.37 18.99
CA GLU C 257 32.15 46.07 18.70
C GLU C 257 31.33 45.24 17.70
N ASN C 258 30.02 45.22 17.87
CA ASN C 258 29.16 44.53 16.94
C ASN C 258 29.27 45.06 15.52
N ARG C 259 29.35 46.38 15.35
CA ARG C 259 29.49 46.94 14.02
C ARG C 259 30.83 46.53 13.42
N ALA C 260 31.88 46.58 14.22
CA ALA C 260 33.21 46.13 13.79
C ALA C 260 33.18 44.65 13.43
N ARG C 261 32.41 43.86 14.17
CA ARG C 261 32.21 42.45 13.80
C ARG C 261 31.30 42.26 12.58
N LYS C 262 30.74 43.35 12.05
CA LYS C 262 29.87 43.35 10.85
C LYS C 262 28.43 42.87 11.12
N LYS C 263 28.03 42.85 12.39
CA LYS C 263 26.66 42.48 12.74
C LYS C 263 25.73 43.52 12.20
N ARG C 264 24.75 43.11 11.41
CA ARG C 264 23.90 44.07 10.71
C ARG C 264 22.75 44.65 11.54
N LEU C 265 22.67 44.32 12.82
CA LEU C 265 21.64 44.90 13.68
C LEU C 265 21.94 44.70 15.15
N ASN C 266 21.29 45.51 15.97
CA ASN C 266 21.29 45.31 17.41
C ASN C 266 19.90 45.20 17.95
N ILE C 267 19.77 44.39 18.99
CA ILE C 267 18.49 44.22 19.67
C ILE C 267 18.74 44.44 21.17
N ILE C 268 18.05 45.44 21.72
CA ILE C 268 18.10 45.73 23.15
C ILE C 268 16.71 45.52 23.74
N ILE C 269 16.62 44.65 24.74
CA ILE C 269 15.36 44.32 25.41
C ILE C 269 15.29 45.11 26.72
N VAL C 270 14.13 45.75 26.95
CA VAL C 270 13.96 46.62 28.11
C VAL C 270 12.65 46.30 28.86
N ALA C 271 12.77 45.83 30.10
CA ALA C 271 11.61 45.60 30.92
C ALA C 271 10.90 46.93 31.16
N GLU C 272 9.57 46.91 31.12
CA GLU C 272 8.71 48.05 31.48
C GLU C 272 9.21 48.80 32.68
N GLY C 273 9.58 48.06 33.73
CA GLY C 273 10.01 48.67 35.00
C GLY C 273 11.51 48.68 35.23
N ALA C 274 12.28 48.74 34.15
CA ALA C 274 13.73 48.87 34.22
C ALA C 274 14.09 50.12 35.02
N ILE C 275 15.12 50.00 35.86
CA ILE C 275 15.49 51.11 36.73
C ILE C 275 16.99 51.13 37.02
N ASP C 276 17.51 52.31 37.36
CA ASP C 276 18.91 52.48 37.83
C ASP C 276 19.11 52.06 39.27
N THR C 277 20.36 52.01 39.72
CA THR C 277 20.60 51.68 41.12
C THR C 277 19.96 52.68 42.06
N GLN C 278 19.61 53.86 41.55
CA GLN C 278 18.88 54.85 42.33
C GLN C 278 17.37 54.76 42.15
N ASN C 279 16.90 53.67 41.53
CA ASN C 279 15.48 53.43 41.25
C ASN C 279 14.88 54.41 40.25
N LYS C 280 15.69 55.20 39.56
CA LYS C 280 15.15 56.03 38.49
C LYS C 280 14.84 55.14 37.29
N PRO C 281 13.73 55.42 36.59
CA PRO C 281 13.41 54.64 35.40
C PRO C 281 14.43 54.81 34.31
N ILE C 282 14.78 53.69 33.68
CA ILE C 282 15.46 53.70 32.43
C ILE C 282 14.41 53.40 31.38
N THR C 283 14.10 54.38 30.56
CA THR C 283 13.08 54.22 29.55
C THR C 283 13.69 53.85 28.19
N SER C 284 12.85 53.31 27.33
CA SER C 284 13.27 52.94 25.99
C SER C 284 13.66 54.18 25.21
N GLU C 285 12.99 55.30 25.45
CA GLU C 285 13.35 56.54 24.76
C GLU C 285 14.76 57.03 25.15
N LYS C 286 15.08 57.02 26.43
CA LYS C 286 16.42 57.41 26.90
C LYS C 286 17.48 56.49 26.28
N ILE C 287 17.19 55.19 26.20
CA ILE C 287 18.12 54.27 25.56
C ILE C 287 18.35 54.67 24.09
N LYS C 288 17.28 55.03 23.39
CA LYS C 288 17.39 55.49 22.00
C LYS C 288 18.22 56.77 21.85
N GLU C 289 17.94 57.77 22.69
CA GLU C 289 18.71 59.01 22.74
C GLU C 289 20.19 58.74 22.94
N LEU C 290 20.49 57.84 23.87
CA LEU C 290 21.86 57.49 24.20
C LEU C 290 22.59 56.93 22.98
N VAL C 291 21.97 56.00 22.28
CA VAL C 291 22.61 55.36 21.13
C VAL C 291 22.81 56.33 19.98
N VAL C 292 21.78 57.11 19.71
CA VAL C 292 21.84 58.10 18.62
C VAL C 292 22.90 59.15 18.93
N THR C 293 22.92 59.63 20.18
CA THR C 293 23.91 60.59 20.62
C THR C 293 25.32 60.05 20.50
N GLN C 294 25.61 58.96 21.21
CA GLN C 294 26.97 58.45 21.33
C GLN C 294 27.50 57.85 20.03
N LEU C 295 26.68 57.06 19.35
CA LEU C 295 27.12 56.30 18.18
C LEU C 295 26.50 56.77 16.87
N GLY C 296 25.46 57.57 16.94
CA GLY C 296 24.74 58.03 15.74
C GLY C 296 24.12 56.93 14.89
N TYR C 297 23.89 55.75 15.46
CA TYR C 297 23.28 54.66 14.69
C TYR C 297 21.80 54.90 14.52
N ASP C 298 21.26 54.29 13.46
CA ASP C 298 19.84 54.37 13.16
C ASP C 298 19.02 53.50 14.15
N THR C 299 18.20 54.16 14.96
CA THR C 299 17.57 53.50 16.10
C THR C 299 16.06 53.70 16.10
N ARG C 300 15.31 52.65 16.44
CA ARG C 300 13.84 52.74 16.55
C ARG C 300 13.40 52.01 17.83
N VAL C 301 12.29 52.46 18.39
CA VAL C 301 11.74 51.86 19.62
C VAL C 301 10.41 51.19 19.33
N THR C 302 10.20 49.98 19.84
CA THR C 302 8.92 49.29 19.71
C THR C 302 8.44 48.89 21.07
N ILE C 303 7.24 49.31 21.44
CA ILE C 303 6.61 48.86 22.71
C ILE C 303 5.65 47.73 22.37
N LEU C 304 5.98 46.51 22.78
CA LEU C 304 5.17 45.35 22.37
C LEU C 304 3.72 45.46 22.84
N GLY C 305 3.53 45.87 24.07
CA GLY C 305 2.21 46.06 24.59
C GLY C 305 1.45 44.76 24.80
N HIS C 306 0.14 44.85 24.73
CA HIS C 306 -0.76 43.78 25.17
C HIS C 306 -0.83 42.52 24.28
N VAL C 307 -0.21 42.58 23.11
CA VAL C 307 0.03 41.41 22.32
C VAL C 307 0.65 40.30 23.15
N GLN C 308 1.49 40.67 24.11
CA GLN C 308 2.22 39.67 24.89
C GLN C 308 1.29 38.85 25.76
N ARG C 309 0.15 39.41 26.11
CA ARG C 309 -0.88 38.69 26.87
C ARG C 309 -1.81 37.87 26.02
N GLY C 310 -1.65 37.91 24.70
CA GLY C 310 -2.61 37.31 23.77
C GLY C 310 -2.10 36.13 22.98
N GLY C 311 -2.86 35.74 21.98
CA GLY C 311 -2.50 34.62 21.13
C GLY C 311 -2.90 33.31 21.79
N THR C 312 -2.55 32.19 21.19
CA THR C 312 -2.99 30.89 21.68
C THR C 312 -2.00 30.33 22.72
N PRO C 313 -2.48 29.50 23.63
CA PRO C 313 -1.53 28.96 24.61
C PRO C 313 -0.56 27.98 23.96
N SER C 314 0.70 28.06 24.38
CA SER C 314 1.70 27.12 23.94
C SER C 314 1.37 25.77 24.50
N ALA C 315 2.07 24.77 23.98
CA ALA C 315 1.88 23.38 24.42
C ALA C 315 2.25 23.20 25.88
N PHE C 316 3.33 23.87 26.28
CA PHE C 316 3.82 23.79 27.62
C PHE C 316 2.78 24.37 28.55
N ASP C 317 2.27 25.57 28.23
CA ASP C 317 1.25 26.20 29.10
C ASP C 317 -0.03 25.38 29.23
N ARG C 318 -0.43 24.72 28.16
CA ARG C 318 -1.63 23.92 28.23
C ARG C 318 -1.42 22.73 29.14
N ILE C 319 -0.29 22.08 29.00
CA ILE C 319 0.01 20.92 29.78
C ILE C 319 0.24 21.30 31.23
N LEU C 320 0.93 22.42 31.45
CA LEU C 320 1.22 22.89 32.79
C LEU C 320 -0.09 23.22 33.50
N ALA C 321 -0.94 23.97 32.83
CA ALA C 321 -2.22 24.33 33.37
C ALA C 321 -3.06 23.09 33.70
N SER C 322 -2.96 22.06 32.88
CA SER C 322 -3.77 20.84 33.10
C SER C 322 -3.33 20.11 34.35
N ARG C 323 -2.02 19.94 34.49
CA ARG C 323 -1.44 19.28 35.64
C ARG C 323 -1.69 20.07 36.92
N MET C 324 -1.65 21.40 36.83
CA MET C 324 -1.97 22.26 37.96
C MET C 324 -3.43 22.21 38.36
N GLY C 325 -4.31 22.15 37.38
CA GLY C 325 -5.73 22.02 37.64
C GLY C 325 -6.03 20.73 38.38
N VAL C 326 -5.45 19.62 37.90
CA VAL C 326 -5.70 18.31 38.55
C VAL C 326 -5.13 18.35 39.94
N GLU C 327 -3.97 18.93 40.09
CA GLU C 327 -3.32 18.96 41.40
C GLU C 327 -4.05 19.86 42.40
N ALA C 328 -4.73 20.88 41.90
CA ALA C 328 -5.48 21.80 42.76
C ALA C 328 -6.68 21.11 43.37
N VAL C 329 -7.37 20.31 42.56
CA VAL C 329 -8.51 19.55 43.02
C VAL C 329 -8.05 18.55 44.08
N ILE C 330 -6.95 17.87 43.81
CA ILE C 330 -6.49 16.87 44.74
C ILE C 330 -6.15 17.53 46.06
N ALA C 331 -5.45 18.67 46.00
CA ALA C 331 -5.10 19.39 47.22
C ALA C 331 -6.34 19.70 48.06
N LEU C 332 -7.43 20.08 47.40
CA LEU C 332 -8.66 20.43 48.09
C LEU C 332 -9.25 19.22 48.80
N LEU C 333 -9.30 18.09 48.11
CA LEU C 333 -9.81 16.84 48.71
C LEU C 333 -9.01 16.45 49.92
N GLU C 334 -7.70 16.51 49.79
CA GLU C 334 -6.82 16.09 50.85
C GLU C 334 -6.77 17.10 51.99
N ALA C 335 -7.16 18.34 51.75
CA ALA C 335 -7.09 19.38 52.77
C ALA C 335 -7.94 19.07 54.00
N THR C 336 -7.42 19.43 55.17
CA THR C 336 -8.14 19.39 56.46
C THR C 336 -8.25 20.79 57.04
N PRO C 337 -9.00 20.95 58.13
CA PRO C 337 -9.01 22.28 58.76
C PRO C 337 -7.64 22.63 59.34
N ASP C 338 -6.90 21.62 59.75
CA ASP C 338 -5.55 21.82 60.24
C ASP C 338 -4.62 22.24 59.10
N THR C 339 -4.92 21.81 57.89
CA THR C 339 -4.16 22.10 56.69
C THR C 339 -4.28 23.59 56.23
N PRO C 340 -3.14 24.28 56.03
CA PRO C 340 -3.23 25.68 55.58
C PRO C 340 -3.58 25.81 54.12
N ALA C 341 -4.12 26.95 53.72
CA ALA C 341 -4.32 27.23 52.30
C ALA C 341 -2.99 27.13 51.57
N CYS C 342 -3.01 26.53 50.38
CA CYS C 342 -1.79 26.36 49.60
C CYS C 342 -1.91 26.97 48.17
N VAL C 343 -0.76 27.04 47.51
CA VAL C 343 -0.70 27.27 46.09
C VAL C 343 -0.04 26.07 45.43
N VAL C 344 -0.73 25.47 44.46
CA VAL C 344 -0.14 24.37 43.69
C VAL C 344 0.90 24.92 42.75
N SER C 345 1.99 24.19 42.60
CA SER C 345 3.11 24.64 41.79
C SER C 345 3.82 23.47 41.16
N LEU C 346 4.72 23.78 40.24
CA LEU C 346 5.60 22.78 39.65
C LEU C 346 7.04 23.09 40.04
N ASN C 347 7.62 22.25 40.87
CA ASN C 347 9.01 22.38 41.23
C ASN C 347 9.72 21.12 40.81
N GLY C 348 10.68 21.26 39.90
CA GLY C 348 11.44 20.12 39.40
C GLY C 348 10.56 19.08 38.76
N ASN C 349 9.56 19.55 38.02
CA ASN C 349 8.68 18.64 37.32
C ASN C 349 7.87 17.74 38.25
N HIS C 350 7.68 18.21 39.49
CA HIS C 350 6.82 17.53 40.45
C HIS C 350 5.79 18.55 40.91
N ALA C 351 4.62 18.04 41.23
CA ALA C 351 3.50 18.85 41.71
C ALA C 351 3.66 19.06 43.22
N VAL C 352 3.76 20.31 43.63
CA VAL C 352 3.98 20.63 45.04
C VAL C 352 2.98 21.66 45.52
N ARG C 353 2.75 21.68 46.83
CA ARG C 353 1.79 22.58 47.44
C ARG C 353 2.57 23.48 48.38
N LEU C 354 2.59 24.77 48.09
CA LEU C 354 3.36 25.69 48.90
C LEU C 354 2.38 26.46 49.77
N PRO C 355 2.71 26.69 51.02
CA PRO C 355 1.78 27.46 51.85
C PRO C 355 1.52 28.84 51.30
N LEU C 356 0.25 29.19 51.17
CA LEU C 356 -0.15 30.42 50.53
C LEU C 356 0.36 31.63 51.27
N MET C 357 0.21 31.63 52.58
CA MET C 357 0.71 32.72 53.41
C MET C 357 2.21 33.00 53.17
N GLU C 358 3.01 31.94 53.11
CA GLU C 358 4.46 32.08 52.92
C GLU C 358 4.77 32.70 51.58
N CYS C 359 3.99 32.35 50.58
CA CYS C 359 4.21 32.85 49.22
C CYS C 359 3.88 34.32 49.10
N VAL C 360 2.86 34.76 49.83
CA VAL C 360 2.48 36.15 49.86
C VAL C 360 3.60 36.97 50.48
N GLN C 361 4.15 36.45 51.57
CA GLN C 361 5.21 37.14 52.30
C GLN C 361 6.42 37.32 51.41
N MET C 362 6.83 36.23 50.78
CA MET C 362 7.88 36.21 49.76
C MET C 362 7.77 37.34 48.74
N THR C 363 6.57 37.57 48.22
CA THR C 363 6.36 38.57 47.17
C THR C 363 6.63 39.96 47.72
N GLN C 364 6.14 40.23 48.93
CA GLN C 364 6.40 41.52 49.57
C GLN C 364 7.89 41.74 49.77
N ASP C 365 8.56 40.71 50.25
CA ASP C 365 9.98 40.77 50.55
C ASP C 365 10.85 41.13 49.36
N VAL C 366 10.49 40.66 48.17
CA VAL C 366 11.22 41.07 46.97
C VAL C 366 11.03 42.56 46.75
N GLN C 367 9.79 43.05 46.79
CA GLN C 367 9.52 44.50 46.56
C GLN C 367 10.22 45.33 47.64
N LYS C 368 10.19 44.85 48.89
CA LYS C 368 10.96 45.47 49.97
C LYS C 368 12.46 45.57 49.65
N ALA C 369 13.08 44.48 49.25
CA ALA C 369 14.50 44.51 48.88
C ALA C 369 14.75 45.50 47.74
N MET C 370 13.86 45.51 46.74
CA MET C 370 13.97 46.44 45.59
C MET C 370 13.93 47.87 46.12
N ASP C 371 13.10 48.16 47.10
CA ASP C 371 13.04 49.52 47.63
C ASP C 371 14.38 50.07 48.16
N GLU C 372 15.13 49.28 48.91
CA GLU C 372 16.41 49.77 49.44
C GLU C 372 17.67 49.31 48.75
N ARG C 373 17.56 48.91 47.50
CA ARG C 373 18.75 48.66 46.71
C ARG C 373 19.47 47.40 47.20
N ARG C 374 18.70 46.45 47.71
CA ARG C 374 19.20 45.17 48.14
C ARG C 374 19.04 44.40 46.87
N PHE C 375 19.73 44.84 45.82
CA PHE C 375 19.43 44.30 44.51
C PHE C 375 19.89 42.87 44.42
N GLN C 376 21.03 42.56 45.03
CA GLN C 376 21.50 41.19 45.16
C GLN C 376 20.45 40.31 45.83
N ASP C 377 19.78 40.87 46.84
CA ASP C 377 18.79 40.15 47.62
C ASP C 377 17.56 39.88 46.76
N ALA C 378 17.15 40.89 46.01
CA ALA C 378 16.07 40.74 45.03
C ALA C 378 16.32 39.52 44.13
N VAL C 379 17.52 39.46 43.53
CA VAL C 379 17.87 38.35 42.64
C VAL C 379 17.93 37.02 43.37
N ARG C 380 18.49 37.05 44.57
CA ARG C 380 18.50 35.89 45.46
C ARG C 380 17.09 35.35 45.69
N LEU C 381 16.17 36.25 46.03
CA LEU C 381 14.77 35.89 46.25
C LEU C 381 14.03 35.35 45.02
N ARG C 382 14.44 35.73 43.82
CA ARG C 382 13.80 35.23 42.61
C ARG C 382 14.11 33.75 42.33
N GLY C 383 15.15 33.21 42.98
CA GLY C 383 15.46 31.77 42.90
C GLY C 383 16.71 31.43 42.13
N ARG C 384 17.11 30.16 42.22
CA ARG C 384 18.36 29.66 41.63
C ARG C 384 18.39 29.81 40.11
N SER C 385 17.31 29.41 39.46
CA SER C 385 17.25 29.43 38.00
C SER C 385 17.23 30.86 37.43
N PHE C 386 16.76 31.83 38.20
CA PHE C 386 16.82 33.23 37.75
C PHE C 386 18.28 33.69 37.61
N ALA C 387 19.06 33.50 38.67
CA ALA C 387 20.48 33.82 38.62
C ALA C 387 21.17 33.00 37.53
N GLY C 388 20.71 31.77 37.29
CA GLY C 388 21.24 30.92 36.23
C GLY C 388 21.10 31.54 34.85
N ASN C 389 19.86 31.92 34.52
CA ASN C 389 19.57 32.65 33.29
C ASN C 389 20.38 33.91 33.15
N LEU C 390 20.59 34.62 34.26
CA LEU C 390 21.24 35.91 34.25
C LEU C 390 22.71 35.75 33.96
N ASN C 391 23.35 34.79 34.63
CA ASN C 391 24.78 34.55 34.40
C ASN C 391 25.05 34.00 33.03
N THR C 392 24.23 33.05 32.60
CA THR C 392 24.35 32.51 31.25
C THR C 392 24.14 33.59 30.20
N TYR C 393 23.14 34.45 30.38
CA TYR C 393 22.95 35.53 29.44
C TYR C 393 24.22 36.37 29.33
N LYS C 394 24.72 36.87 30.45
CA LYS C 394 25.90 37.77 30.44
C LYS C 394 27.16 37.11 29.81
N ARG C 395 27.45 35.87 30.21
CA ARG C 395 28.51 35.08 29.57
C ARG C 395 28.48 35.08 28.04
N LEU C 396 27.29 35.00 27.44
CA LEU C 396 27.18 34.82 25.98
C LEU C 396 27.03 36.13 25.25
N ALA C 397 26.74 37.19 25.99
CA ALA C 397 26.53 38.49 25.38
C ALA C 397 27.82 39.29 25.38
N ILE C 398 28.62 39.16 26.43
CA ILE C 398 29.80 40.01 26.61
C ILE C 398 31.11 39.22 26.60
N LYS C 399 31.90 39.44 25.57
CA LYS C 399 33.20 38.78 25.42
C LYS C 399 34.28 39.67 26.00
N LEU C 400 35.02 39.17 26.98
CA LEU C 400 36.20 39.89 27.45
C LEU C 400 37.21 39.96 26.31
N PRO C 401 38.00 41.06 26.24
CA PRO C 401 39.04 41.15 25.21
C PRO C 401 39.96 39.94 25.26
N ASP C 402 40.50 39.53 24.11
CA ASP C 402 41.27 38.28 24.00
C ASP C 402 42.47 38.25 24.98
N ASP C 403 43.16 39.38 25.13
CA ASP C 403 44.32 39.48 26.05
C ASP C 403 43.90 39.14 27.48
N GLN C 404 42.73 39.61 27.85
CA GLN C 404 42.20 39.39 29.17
C GLN C 404 41.96 37.90 29.50
N ILE C 405 41.57 37.09 28.51
CA ILE C 405 41.15 35.70 28.76
C ILE C 405 42.35 34.82 28.91
N PRO C 406 42.40 34.06 30.04
CA PRO C 406 43.52 33.18 30.34
C PRO C 406 43.42 31.90 29.57
N LYS C 407 44.46 31.63 28.80
CA LYS C 407 44.40 30.52 27.88
C LYS C 407 44.73 29.16 28.53
N THR C 408 43.89 28.20 28.18
CA THR C 408 44.16 26.78 28.29
C THR C 408 44.93 26.54 27.02
N ASN C 409 45.62 25.41 26.90
CA ASN C 409 46.01 25.01 25.58
C ASN C 409 45.18 23.95 24.85
N CYS C 410 43.92 23.85 25.22
CA CYS C 410 43.11 22.73 24.80
C CYS C 410 42.25 23.07 23.58
N ASN C 411 42.06 22.07 22.73
CA ASN C 411 41.11 22.18 21.65
C ASN C 411 39.90 21.32 21.97
N VAL C 412 38.71 21.94 21.95
CA VAL C 412 37.46 21.25 22.27
C VAL C 412 36.55 21.21 21.04
N ALA C 413 36.09 20.01 20.72
CA ALA C 413 35.31 19.79 19.52
C ALA C 413 33.84 19.70 19.84
N VAL C 414 33.03 20.20 18.91
CA VAL C 414 31.57 20.28 19.01
C VAL C 414 30.97 19.67 17.74
N ILE C 415 29.88 18.92 17.92
CA ILE C 415 29.34 18.11 16.83
C ILE C 415 27.82 17.88 17.00
N ASN C 416 27.14 17.59 15.91
CA ASN C 416 25.72 17.22 15.94
C ASN C 416 25.51 15.81 15.43
N VAL C 417 24.74 15.00 16.14
CA VAL C 417 24.58 13.61 15.76
C VAL C 417 23.14 13.19 15.91
N GLY C 418 22.60 12.53 14.89
CA GLY C 418 21.21 12.09 14.86
C GLY C 418 20.46 12.89 13.82
N ALA C 419 19.13 12.87 13.89
CA ALA C 419 18.29 13.70 13.03
C ALA C 419 18.36 15.14 13.51
N PRO C 420 17.96 16.09 12.66
CA PRO C 420 17.99 17.50 13.06
C PRO C 420 16.97 17.77 14.14
N ALA C 421 17.31 18.65 15.06
CA ALA C 421 16.43 19.03 16.13
C ALA C 421 16.57 20.53 16.37
N ALA C 422 15.43 21.21 16.43
CA ALA C 422 15.38 22.64 16.68
C ALA C 422 16.04 22.96 18.01
N GLY C 423 16.98 23.90 18.00
CA GLY C 423 17.73 24.23 19.19
C GLY C 423 19.16 23.77 19.11
N MET C 424 19.50 22.92 18.14
CA MET C 424 20.90 22.48 17.97
C MET C 424 21.87 23.62 17.72
N ASN C 425 21.49 24.58 16.89
CA ASN C 425 22.32 25.75 16.62
C ASN C 425 22.51 26.63 17.87
N ALA C 426 21.46 26.86 18.62
CA ALA C 426 21.60 27.57 19.88
C ALA C 426 22.64 26.88 20.74
N ALA C 427 22.57 25.55 20.77
CA ALA C 427 23.44 24.75 21.61
C ALA C 427 24.91 24.90 21.21
N VAL C 428 25.16 24.85 19.89
CA VAL C 428 26.50 25.02 19.37
C VAL C 428 27.00 26.40 19.74
N ARG C 429 26.12 27.40 19.57
CA ARG C 429 26.50 28.76 19.84
C ARG C 429 26.98 28.93 21.27
N SER C 430 26.20 28.36 22.18
CA SER C 430 26.48 28.50 23.60
C SER C 430 27.77 27.79 23.95
N ALA C 431 27.97 26.60 23.40
CA ALA C 431 29.12 25.78 23.74
C ALA C 431 30.40 26.42 23.25
N VAL C 432 30.34 26.91 22.02
CA VAL C 432 31.46 27.62 21.41
C VAL C 432 31.89 28.83 22.26
N ARG C 433 30.91 29.63 22.65
CA ARG C 433 31.22 30.90 23.28
C ARG C 433 31.69 30.69 24.69
N VAL C 434 31.12 29.70 25.37
CA VAL C 434 31.56 29.35 26.73
C VAL C 434 32.95 28.78 26.66
N GLY C 435 33.19 27.95 25.66
CA GLY C 435 34.52 27.41 25.42
C GLY C 435 35.58 28.50 25.23
N ILE C 436 35.28 29.47 24.38
CA ILE C 436 36.19 30.57 24.13
C ILE C 436 36.38 31.42 25.37
N ALA C 437 35.27 31.71 26.06
CA ALA C 437 35.34 32.43 27.33
C ALA C 437 36.21 31.72 28.36
N ASP C 438 36.29 30.39 28.29
CA ASP C 438 37.15 29.59 29.17
C ASP C 438 38.58 29.44 28.62
N GLY C 439 38.90 30.11 27.52
CA GLY C 439 40.26 30.10 26.96
C GLY C 439 40.63 28.86 26.17
N HIS C 440 39.63 28.07 25.77
CA HIS C 440 39.89 26.96 24.85
C HIS C 440 39.85 27.47 23.41
N ARG C 441 40.25 26.60 22.49
CA ARG C 441 40.03 26.83 21.06
C ARG C 441 38.93 25.88 20.66
N MET C 442 37.95 26.38 19.94
CA MET C 442 36.81 25.56 19.59
C MET C 442 36.86 25.05 18.17
N LEU C 443 36.68 23.75 18.02
CA LEU C 443 36.65 23.11 16.71
C LEU C 443 35.25 22.63 16.37
N ALA C 444 34.77 22.99 15.19
CA ALA C 444 33.47 22.57 14.73
C ALA C 444 33.68 21.36 13.86
N ILE C 445 33.03 20.27 14.19
CA ILE C 445 32.95 19.12 13.32
C ILE C 445 31.61 19.17 12.58
N TYR C 446 31.65 18.89 11.29
CA TYR C 446 30.53 19.05 10.40
C TYR C 446 30.04 17.66 10.02
N ASP C 447 28.73 17.54 9.83
CA ASP C 447 28.10 16.31 9.36
C ASP C 447 28.30 15.10 10.28
N GLY C 448 28.33 15.34 11.59
CA GLY C 448 28.41 14.22 12.54
C GLY C 448 29.66 13.38 12.39
N PHE C 449 29.57 12.10 12.69
CA PHE C 449 30.70 11.20 12.57
C PHE C 449 31.09 10.97 11.11
N ASP C 450 30.18 11.27 10.18
CA ASP C 450 30.48 11.17 8.76
C ASP C 450 31.57 12.17 8.40
N GLY C 451 31.35 13.43 8.78
CA GLY C 451 32.34 14.46 8.55
C GLY C 451 33.57 14.29 9.42
N PHE C 452 33.38 13.75 10.62
CA PHE C 452 34.47 13.48 11.56
C PHE C 452 35.47 12.50 10.92
N ALA C 453 34.97 11.38 10.40
CA ALA C 453 35.81 10.39 9.75
C ALA C 453 36.50 10.96 8.53
N LYS C 454 35.81 11.88 7.85
CA LYS C 454 36.37 12.54 6.67
C LYS C 454 37.19 13.82 6.97
N GLY C 455 37.51 14.08 8.24
CA GLY C 455 38.25 15.28 8.59
C GLY C 455 37.62 16.63 8.27
N GLN C 456 36.27 16.70 8.26
CA GLN C 456 35.55 17.97 8.05
C GLN C 456 35.54 18.75 9.35
N ILE C 457 36.68 19.33 9.68
CA ILE C 457 36.87 19.96 10.98
C ILE C 457 37.56 21.30 10.78
N LYS C 458 37.08 22.32 11.48
CA LYS C 458 37.57 23.66 11.27
C LYS C 458 37.37 24.42 12.55
N GLU C 459 38.35 25.26 12.90
CA GLU C 459 38.24 26.10 14.08
C GLU C 459 37.05 27.04 13.88
N ILE C 460 36.41 27.40 14.98
CA ILE C 460 35.23 28.26 14.94
C ILE C 460 35.31 29.26 16.09
N GLY C 461 34.90 30.50 15.84
CA GLY C 461 35.01 31.57 16.84
C GLY C 461 33.70 32.21 17.27
N TRP C 462 33.83 33.09 18.25
CA TRP C 462 32.72 33.84 18.81
C TRP C 462 31.78 34.47 17.78
N THR C 463 32.34 35.06 16.75
CA THR C 463 31.56 35.76 15.74
C THR C 463 30.87 34.77 14.82
N ASP C 464 31.51 33.63 14.58
CA ASP C 464 30.99 32.62 13.66
C ASP C 464 29.59 32.13 14.05
N VAL C 465 29.34 32.04 15.34
CA VAL C 465 28.07 31.52 15.81
C VAL C 465 27.08 32.62 16.14
N GLY C 466 27.38 33.85 15.75
CA GLY C 466 26.49 34.97 16.00
C GLY C 466 25.19 34.76 15.27
N GLY C 467 24.07 34.95 15.96
CA GLY C 467 22.76 34.88 15.31
C GLY C 467 22.18 33.49 15.18
N TRP C 468 22.88 32.48 15.70
CA TRP C 468 22.40 31.10 15.55
C TRP C 468 21.22 30.75 16.47
N THR C 469 21.02 31.53 17.53
CA THR C 469 20.19 31.08 18.61
C THR C 469 18.78 30.71 18.11
N GLY C 470 18.22 31.54 17.24
CA GLY C 470 16.87 31.28 16.71
C GLY C 470 16.77 30.47 15.41
N GLN C 471 17.82 29.76 15.05
CA GLN C 471 17.89 29.06 13.77
C GLN C 471 17.58 27.60 13.93
N GLY C 472 16.59 27.16 13.16
CA GLY C 472 16.20 25.76 13.15
C GLY C 472 17.24 24.95 12.41
N GLY C 473 17.03 23.64 12.36
CA GLY C 473 17.95 22.74 11.68
C GLY C 473 19.27 22.59 12.39
N SER C 474 20.25 22.15 11.60
CA SER C 474 21.62 22.00 12.05
C SER C 474 22.51 22.69 11.04
N ILE C 475 23.18 23.76 11.42
CA ILE C 475 24.07 24.48 10.50
C ILE C 475 25.36 23.72 10.28
N LEU C 476 25.89 23.06 11.32
CA LEU C 476 27.06 22.20 11.15
C LEU C 476 26.71 20.97 10.36
N GLY C 477 25.43 20.59 10.35
CA GLY C 477 25.02 19.34 9.74
C GLY C 477 25.06 18.21 10.76
N THR C 478 24.14 17.27 10.60
CA THR C 478 24.02 16.16 11.51
C THR C 478 23.72 14.89 10.72
N LYS C 479 24.31 13.78 11.14
CA LYS C 479 24.06 12.49 10.51
C LYS C 479 23.87 11.40 11.54
N ARG C 480 23.20 10.33 11.14
CA ARG C 480 22.91 9.25 12.09
C ARG C 480 24.04 8.26 12.24
N VAL C 481 24.99 8.28 11.32
CA VAL C 481 25.96 7.21 11.24
C VAL C 481 26.78 7.17 12.50
N LEU C 482 27.04 5.94 12.94
CA LEU C 482 27.77 5.65 14.16
C LEU C 482 29.28 5.46 13.93
N PRO C 483 30.09 5.74 14.95
CA PRO C 483 31.53 5.76 14.77
C PRO C 483 32.19 4.38 14.67
N GLY C 484 31.50 3.34 15.11
CA GLY C 484 32.09 2.01 15.29
C GLY C 484 32.92 1.45 14.15
N LYS C 485 32.46 1.61 12.91
CA LYS C 485 33.22 1.14 11.76
C LYS C 485 34.22 2.16 11.22
N TYR C 486 34.38 3.28 11.88
CA TYR C 486 35.29 4.35 11.41
C TYR C 486 36.21 4.80 12.55
N LEU C 487 36.46 3.90 13.49
CA LEU C 487 37.25 4.25 14.67
C LEU C 487 38.67 4.71 14.36
N GLU C 488 39.33 4.09 13.40
CA GLU C 488 40.70 4.45 13.06
C GLU C 488 40.79 5.83 12.39
N GLU C 489 39.88 6.12 11.46
CA GLU C 489 39.87 7.38 10.75
C GLU C 489 39.55 8.52 11.70
N ILE C 490 38.68 8.25 12.65
CA ILE C 490 38.29 9.24 13.65
C ILE C 490 39.43 9.47 14.64
N ALA C 491 40.02 8.38 15.12
CA ALA C 491 41.19 8.48 15.99
C ALA C 491 42.25 9.33 15.30
N THR C 492 42.44 9.12 14.01
CA THR C 492 43.43 9.90 13.28
C THR C 492 43.12 11.39 13.34
N GLN C 493 41.86 11.75 13.10
CA GLN C 493 41.49 13.15 13.11
C GLN C 493 41.68 13.79 14.48
N MET C 494 41.44 13.02 15.53
CA MET C 494 41.60 13.57 16.87
C MET C 494 43.04 13.90 17.13
N ARG C 495 43.90 13.00 16.67
CA ARG C 495 45.34 13.17 16.79
C ARG C 495 45.81 14.33 15.92
N THR C 496 45.39 14.31 14.66
CA THR C 496 45.71 15.35 13.69
C THR C 496 45.31 16.73 14.22
N HIS C 497 44.12 16.85 14.79
CA HIS C 497 43.66 18.17 15.27
C HIS C 497 43.85 18.37 16.76
N SER C 498 44.61 17.49 17.42
CA SER C 498 44.93 17.61 18.84
C SER C 498 43.68 17.90 19.68
N ILE C 499 42.69 17.02 19.55
CA ILE C 499 41.38 17.25 20.18
C ILE C 499 41.39 16.76 21.61
N ASN C 500 41.16 17.68 22.54
CA ASN C 500 41.25 17.39 23.96
C ASN C 500 39.94 16.99 24.63
N ALA C 501 38.82 17.40 24.04
CA ALA C 501 37.50 17.03 24.57
C ALA C 501 36.45 17.12 23.49
N LEU C 502 35.31 16.51 23.77
CA LEU C 502 34.24 16.37 22.79
C LEU C 502 32.89 16.62 23.45
N LEU C 503 32.15 17.57 22.88
CA LEU C 503 30.75 17.79 23.21
C LEU C 503 29.87 17.35 22.03
N ILE C 504 28.97 16.39 22.27
CA ILE C 504 28.04 15.92 21.23
C ILE C 504 26.63 16.35 21.54
N ILE C 505 26.06 17.15 20.67
CA ILE C 505 24.67 17.56 20.75
C ILE C 505 23.88 16.64 19.84
N GLY C 506 23.04 15.77 20.40
CA GLY C 506 22.29 14.82 19.58
C GLY C 506 21.45 13.79 20.29
N GLY C 507 20.97 12.82 19.53
CA GLY C 507 19.95 11.91 20.03
C GLY C 507 20.48 10.58 20.53
N PHE C 508 19.71 9.54 20.31
CA PHE C 508 20.07 8.23 20.79
C PHE C 508 21.34 7.76 20.13
N GLU C 509 21.55 8.09 18.85
CA GLU C 509 22.84 7.72 18.23
C GLU C 509 24.06 8.42 18.86
N ALA C 510 23.89 9.63 19.36
CA ALA C 510 24.95 10.29 20.10
C ALA C 510 25.36 9.42 21.28
N TYR C 511 24.37 8.82 21.93
CA TYR C 511 24.59 8.00 23.14
C TYR C 511 25.28 6.70 22.76
N LEU C 512 24.78 6.04 21.73
CA LEU C 512 25.42 4.86 21.20
C LEU C 512 26.85 5.19 20.80
N GLY C 513 27.04 6.33 20.16
CA GLY C 513 28.36 6.80 19.76
C GLY C 513 29.29 6.87 20.94
N LEU C 514 28.84 7.47 22.04
CA LEU C 514 29.65 7.53 23.23
C LEU C 514 30.02 6.15 23.77
N LEU C 515 29.07 5.22 23.72
CA LEU C 515 29.32 3.87 24.17
C LEU C 515 30.43 3.23 23.36
N GLU C 516 30.38 3.43 22.05
CA GLU C 516 31.36 2.87 21.14
C GLU C 516 32.74 3.46 21.41
N LEU C 517 32.81 4.79 21.60
CA LEU C 517 34.08 5.47 21.84
C LEU C 517 34.66 5.08 23.19
N SER C 518 33.81 4.91 24.18
CA SER C 518 34.23 4.40 25.49
C SER C 518 34.89 3.04 25.37
N ALA C 519 34.24 2.15 24.63
CA ALA C 519 34.73 0.79 24.42
C ALA C 519 36.02 0.78 23.62
N ALA C 520 36.18 1.74 22.70
CA ALA C 520 37.36 1.83 21.86
C ALA C 520 38.59 2.47 22.55
N ARG C 521 38.46 2.90 23.81
CA ARG C 521 39.58 3.52 24.51
C ARG C 521 40.84 2.65 24.67
N GLU C 522 40.65 1.34 24.78
CA GLU C 522 41.75 0.43 25.08
C GLU C 522 42.64 0.35 23.85
N LYS C 523 42.03 0.30 22.68
CA LYS C 523 42.76 0.22 21.40
C LYS C 523 43.17 1.56 20.82
N HIS C 524 42.52 2.64 21.24
CA HIS C 524 42.84 3.96 20.73
C HIS C 524 42.92 4.96 21.88
N GLU C 525 44.12 5.46 22.16
CA GLU C 525 44.34 6.39 23.28
C GLU C 525 43.78 7.78 23.01
N GLU C 526 43.55 8.07 21.73
CA GLU C 526 42.98 9.34 21.32
C GLU C 526 41.54 9.57 21.91
N PHE C 527 40.84 8.50 22.26
CA PHE C 527 39.54 8.61 22.92
C PHE C 527 39.60 8.66 24.44
N CYS C 528 40.80 8.68 25.02
CA CYS C 528 40.94 8.78 26.48
C CYS C 528 40.90 10.26 26.91
N VAL C 529 39.78 10.90 26.56
CA VAL C 529 39.56 12.32 26.81
C VAL C 529 38.17 12.47 27.39
N PRO C 530 37.88 13.61 28.04
CA PRO C 530 36.53 13.83 28.53
C PRO C 530 35.53 14.05 27.37
N MET C 531 34.41 13.32 27.43
CA MET C 531 33.36 13.36 26.43
C MET C 531 32.01 13.47 27.09
N VAL C 532 31.18 14.39 26.59
CA VAL C 532 29.86 14.59 27.14
C VAL C 532 28.87 14.89 26.04
N MET C 533 27.63 14.49 26.26
CA MET C 533 26.57 14.73 25.28
C MET C 533 25.41 15.42 25.96
N VAL C 534 24.77 16.32 25.22
CA VAL C 534 23.48 16.86 25.63
C VAL C 534 22.38 16.36 24.70
N PRO C 535 21.18 16.16 25.22
CA PRO C 535 20.20 15.48 24.40
C PRO C 535 19.49 16.45 23.49
N ALA C 536 19.56 16.19 22.19
CA ALA C 536 18.81 16.94 21.23
C ALA C 536 18.09 16.01 20.28
N THR C 537 16.76 16.06 20.31
CA THR C 537 15.91 15.25 19.47
C THR C 537 14.51 15.67 19.69
N VAL C 538 13.70 15.61 18.63
CA VAL C 538 12.28 15.86 18.78
C VAL C 538 11.60 14.75 19.58
N SER C 539 12.16 13.56 19.58
CA SER C 539 11.53 12.38 20.19
C SER C 539 11.57 12.28 21.72
N ASN C 540 12.52 12.94 22.37
CA ASN C 540 12.74 12.82 23.80
C ASN C 540 12.92 11.40 24.29
N ASN C 541 13.77 10.65 23.60
CA ASN C 541 14.04 9.25 23.94
C ASN C 541 15.46 8.98 24.41
N VAL C 542 16.14 10.00 24.88
CA VAL C 542 17.51 9.79 25.29
C VAL C 542 17.57 9.36 26.77
N PRO C 543 18.16 8.20 27.07
CA PRO C 543 18.26 7.83 28.48
C PRO C 543 19.13 8.79 29.27
N GLY C 544 18.69 9.10 30.48
CA GLY C 544 19.36 10.07 31.30
C GLY C 544 18.77 11.47 31.24
N SER C 545 17.76 11.69 30.43
CA SER C 545 17.12 13.01 30.43
C SER C 545 15.60 12.90 30.35
N ASP C 546 14.92 13.74 31.10
CA ASP C 546 13.48 13.80 31.07
C ASP C 546 13.03 14.63 29.86
N PHE C 547 13.92 15.48 29.37
CA PHE C 547 13.65 16.35 28.22
C PHE C 547 14.82 16.37 27.25
N SER C 548 14.49 16.55 25.99
CA SER C 548 15.47 16.76 24.97
C SER C 548 15.18 18.01 24.13
N ILE C 549 16.25 18.63 23.66
CA ILE C 549 16.20 19.85 22.89
C ILE C 549 15.49 19.53 21.59
N GLY C 550 14.39 20.22 21.34
CA GLY C 550 13.66 20.10 20.10
C GLY C 550 12.25 19.59 20.29
N ALA C 551 12.00 18.89 21.38
CA ALA C 551 10.73 18.23 21.56
C ALA C 551 9.61 19.25 21.77
N ASP C 552 9.87 20.31 22.54
CA ASP C 552 8.90 21.40 22.73
C ASP C 552 8.47 22.01 21.40
N THR C 553 9.41 22.15 20.49
CA THR C 553 9.11 22.75 19.21
C THR C 553 8.20 21.84 18.45
N ALA C 554 8.54 20.56 18.44
CA ALA C 554 7.69 19.57 17.80
C ALA C 554 6.28 19.55 18.43
N LEU C 555 6.20 19.56 19.77
CA LEU C 555 4.92 19.59 20.44
C LEU C 555 4.08 20.77 20.00
N ASN C 556 4.74 21.89 19.78
CA ASN C 556 4.02 23.10 19.40
C ASN C 556 3.54 22.98 17.99
N THR C 557 4.27 22.28 17.16
CA THR C 557 3.85 22.06 15.78
C THR C 557 2.66 21.12 15.69
N ILE C 558 2.73 20.04 16.45
CA ILE C 558 1.63 19.10 16.57
C ILE C 558 0.37 19.77 17.09
N THR C 559 0.56 20.51 18.16
CA THR C 559 -0.55 21.17 18.82
C THR C 559 -1.19 22.18 17.87
N ASP C 560 -0.37 22.95 17.17
CA ASP C 560 -0.89 23.94 16.27
C ASP C 560 -1.60 23.28 15.08
N THR C 561 -1.05 22.20 14.56
CA THR C 561 -1.70 21.46 13.52
C THR C 561 -3.06 20.88 13.98
N CYS C 562 -3.11 20.34 15.20
CA CYS C 562 -4.37 19.82 15.74
C CYS C 562 -5.41 20.95 15.87
N ASP C 563 -4.98 22.12 16.35
CA ASP C 563 -5.88 23.26 16.46
C ASP C 563 -6.48 23.61 15.09
N ARG C 564 -5.63 23.63 14.08
CA ARG C 564 -6.01 24.03 12.73
C ARG C 564 -7.01 23.07 12.14
N ILE C 565 -6.79 21.80 12.37
CA ILE C 565 -7.68 20.79 11.84
C ILE C 565 -9.08 20.97 12.43
N LYS C 566 -9.11 21.22 13.74
CA LYS C 566 -10.34 21.42 14.47
C LYS C 566 -11.05 22.72 14.02
N GLN C 567 -10.31 23.74 13.59
CA GLN C 567 -10.85 25.03 13.08
C GLN C 567 -11.47 24.91 11.71
N SER C 568 -10.84 24.11 10.86
CA SER C 568 -11.46 23.62 9.65
C SER C 568 -12.51 22.59 10.12
N ALA C 569 -13.24 21.99 9.19
CA ALA C 569 -13.99 20.77 9.51
C ALA C 569 -15.26 21.06 10.33
N SER C 570 -15.46 22.29 10.75
CA SER C 570 -16.69 22.68 11.43
C SER C 570 -17.88 22.31 10.57
N GLY C 571 -17.63 22.08 9.29
CA GLY C 571 -18.71 22.00 8.31
C GLY C 571 -19.43 20.68 8.27
N THR C 572 -18.68 19.59 8.42
CA THR C 572 -19.23 18.24 8.41
C THR C 572 -19.71 17.88 9.80
N LYS C 573 -18.96 18.30 10.82
CA LYS C 573 -19.23 17.87 12.20
C LYS C 573 -19.28 16.38 12.06
N ARG C 574 -19.28 15.66 13.17
CA ARG C 574 -19.29 14.19 13.18
C ARG C 574 -18.11 13.64 12.43
N ARG C 575 -16.93 14.07 12.83
CA ARG C 575 -15.73 13.61 12.19
C ARG C 575 -14.67 13.32 13.21
N VAL C 576 -13.89 12.30 12.94
CA VAL C 576 -12.79 11.93 13.81
C VAL C 576 -11.51 11.90 12.99
N PHE C 577 -10.51 12.61 13.43
CA PHE C 577 -9.17 12.55 12.79
C PHE C 577 -8.22 11.60 13.45
N ILE C 578 -7.60 10.75 12.67
CA ILE C 578 -6.59 9.86 13.12
C ILE C 578 -5.28 10.45 12.62
N ILE C 579 -4.41 10.80 13.55
CA ILE C 579 -3.23 11.55 13.25
C ILE C 579 -1.99 10.80 13.72
N GLU C 580 -1.05 10.52 12.81
CA GLU C 580 0.23 9.85 13.13
C GLU C 580 1.29 10.84 13.44
N THR C 581 1.93 10.66 14.59
CA THR C 581 3.02 11.54 15.05
C THR C 581 4.36 10.82 15.07
N MET C 582 5.40 11.60 15.13
CA MET C 582 6.74 11.08 15.16
C MET C 582 7.07 10.61 16.58
N GLY C 583 8.30 10.13 16.75
CA GLY C 583 8.80 9.76 18.05
C GLY C 583 9.49 8.44 18.09
N GLY C 584 9.44 7.68 17.01
CA GLY C 584 9.93 6.32 16.98
C GLY C 584 9.05 5.41 17.83
N TYR C 585 9.68 4.65 18.72
CA TYR C 585 8.98 3.92 19.74
C TYR C 585 8.70 4.81 20.94
N CYS C 586 9.22 6.03 20.96
CA CYS C 586 8.98 6.90 22.09
C CYS C 586 7.64 7.63 21.99
N GLY C 587 6.78 7.38 22.95
CA GLY C 587 5.43 7.93 22.98
C GLY C 587 5.29 9.36 23.47
N TYR C 588 6.38 10.03 23.77
CA TYR C 588 6.29 11.36 24.38
C TYR C 588 5.52 12.35 23.55
N LEU C 589 5.76 12.39 22.25
CA LEU C 589 5.12 13.39 21.39
C LEU C 589 3.66 13.12 21.23
N ALA C 590 3.31 11.85 21.04
CA ALA C 590 1.90 11.52 20.86
C ALA C 590 1.14 11.77 22.18
N ASN C 591 1.78 11.48 23.30
CA ASN C 591 1.12 11.59 24.56
C ASN C 591 0.99 13.03 24.98
N MET C 592 2.08 13.78 24.94
CA MET C 592 2.02 15.14 25.41
C MET C 592 1.25 15.98 24.41
N GLY C 593 1.50 15.77 23.13
CA GLY C 593 0.63 16.35 22.11
C GLY C 593 -0.85 16.04 22.32
N GLY C 594 -1.17 14.79 22.61
CA GLY C 594 -2.55 14.42 22.89
C GLY C 594 -3.17 15.25 23.98
N LEU C 595 -2.44 15.45 25.06
CA LEU C 595 -2.91 16.29 26.17
C LEU C 595 -3.08 17.73 25.80
N ALA C 596 -2.09 18.29 25.14
CA ALA C 596 -2.12 19.70 24.75
C ALA C 596 -3.23 19.98 23.74
N ALA C 597 -3.52 19.00 22.88
CA ALA C 597 -4.51 19.17 21.84
C ALA C 597 -5.93 18.77 22.24
N GLY C 598 -6.08 18.15 23.41
CA GLY C 598 -7.37 17.68 23.84
C GLY C 598 -7.83 16.47 23.06
N ALA C 599 -6.89 15.60 22.71
CA ALA C 599 -7.23 14.43 21.96
C ALA C 599 -8.05 13.52 22.84
N ASP C 600 -8.79 12.64 22.20
CA ASP C 600 -9.59 11.64 22.88
C ASP C 600 -8.85 10.33 23.14
N ALA C 601 -7.71 10.16 22.49
CA ALA C 601 -6.90 8.96 22.61
C ALA C 601 -5.53 9.22 21.99
N ALA C 602 -4.53 8.52 22.50
CA ALA C 602 -3.18 8.59 21.98
C ALA C 602 -2.55 7.22 22.19
N TYR C 603 -2.46 6.45 21.10
CA TYR C 603 -1.91 5.13 21.15
C TYR C 603 -0.38 5.17 21.09
N ILE C 604 0.25 4.54 22.06
CA ILE C 604 1.69 4.54 22.14
C ILE C 604 2.24 3.15 22.39
N PHE C 605 3.51 3.00 22.05
CA PHE C 605 4.20 1.73 22.19
C PHE C 605 4.31 1.32 23.65
N GLU C 606 4.48 2.29 24.55
CA GLU C 606 4.79 1.96 25.94
C GLU C 606 3.61 1.44 26.68
N GLU C 607 2.44 1.44 26.05
CA GLU C 607 1.22 0.93 26.66
C GLU C 607 0.48 0.04 25.65
N PRO C 608 0.74 -1.26 25.73
CA PRO C 608 0.07 -2.15 24.80
C PRO C 608 -1.43 -1.95 24.79
N PHE C 609 -2.02 -2.11 23.63
CA PHE C 609 -3.43 -1.98 23.45
C PHE C 609 -3.86 -3.04 22.47
N ASP C 610 -5.08 -3.53 22.63
CA ASP C 610 -5.58 -4.58 21.78
C ASP C 610 -6.88 -4.15 21.14
N ILE C 611 -7.47 -5.05 20.38
CA ILE C 611 -8.70 -4.77 19.68
C ILE C 611 -9.83 -4.42 20.62
N ARG C 612 -9.81 -4.95 21.83
CA ARG C 612 -10.82 -4.56 22.81
C ARG C 612 -10.66 -3.11 23.23
N ASP C 613 -9.44 -2.69 23.47
CA ASP C 613 -9.18 -1.29 23.84
C ASP C 613 -9.64 -0.37 22.72
N LEU C 614 -9.40 -0.77 21.49
CA LEU C 614 -9.79 0.03 20.33
C LEU C 614 -11.31 0.14 20.21
N GLN C 615 -12.00 -0.99 20.31
CA GLN C 615 -13.47 -1.07 20.24
C GLN C 615 -14.09 -0.19 21.32
N SER C 616 -13.46 -0.21 22.47
CA SER C 616 -13.90 0.58 23.59
C SER C 616 -13.79 2.09 23.36
N ASN C 617 -12.69 2.58 22.80
CA ASN C 617 -12.60 4.01 22.47
C ASN C 617 -13.55 4.42 21.32
N VAL C 618 -13.80 3.51 20.38
CA VAL C 618 -14.78 3.77 19.35
C VAL C 618 -16.17 3.95 19.96
N GLU C 619 -16.53 3.07 20.89
CA GLU C 619 -17.81 3.16 21.53
C GLU C 619 -17.91 4.43 22.34
N HIS C 620 -16.85 4.79 23.05
CA HIS C 620 -16.86 6.04 23.77
C HIS C 620 -17.08 7.22 22.82
N LEU C 621 -16.35 7.27 21.72
CA LEU C 621 -16.52 8.38 20.76
C LEU C 621 -17.89 8.40 20.18
N THR C 622 -18.42 7.23 19.85
CA THR C 622 -19.79 7.13 19.37
C THR C 622 -20.75 7.80 20.35
N GLU C 623 -20.59 7.54 21.64
CA GLU C 623 -21.39 8.23 22.66
C GLU C 623 -21.20 9.73 22.63
N LYS C 624 -19.97 10.17 22.48
CA LYS C 624 -19.63 11.59 22.43
C LYS C 624 -20.31 12.33 21.24
N MET C 625 -20.60 11.64 20.16
CA MET C 625 -21.29 12.25 19.02
C MET C 625 -22.77 12.57 19.32
N LYS C 626 -23.35 11.98 20.34
CA LYS C 626 -24.67 12.39 20.80
C LYS C 626 -24.62 13.79 21.40
N THR C 627 -23.48 14.18 21.93
CA THR C 627 -23.36 15.46 22.61
C THR C 627 -23.20 16.57 21.58
N THR C 628 -22.91 17.77 22.07
CA THR C 628 -22.63 18.92 21.21
C THR C 628 -21.25 18.83 20.56
N ILE C 629 -20.30 18.22 21.25
CA ILE C 629 -18.89 18.25 20.83
C ILE C 629 -18.62 17.11 19.86
N GLN C 630 -18.96 17.34 18.59
CA GLN C 630 -19.00 16.29 17.60
C GLN C 630 -17.74 16.26 16.74
N ARG C 631 -16.59 16.31 17.39
CA ARG C 631 -15.31 16.25 16.66
C ARG C 631 -14.20 15.63 17.44
N GLY C 632 -13.60 14.57 16.89
CA GLY C 632 -12.78 13.64 17.66
C GLY C 632 -11.37 13.70 17.14
N LEU C 633 -10.42 13.42 18.03
CA LEU C 633 -9.02 13.44 17.68
C LEU C 633 -8.32 12.26 18.32
N VAL C 634 -7.75 11.41 17.47
CA VAL C 634 -7.01 10.26 17.91
C VAL C 634 -5.58 10.39 17.40
N LEU C 635 -4.61 10.40 18.30
CA LEU C 635 -3.19 10.38 17.92
C LEU C 635 -2.60 8.97 17.95
N ARG C 636 -1.71 8.68 17.02
CA ARG C 636 -1.08 7.40 16.98
C ARG C 636 0.41 7.62 16.80
N ASN C 637 1.20 7.25 17.81
CA ASN C 637 2.63 7.19 17.62
C ASN C 637 2.94 6.26 16.46
N GLU C 638 3.87 6.69 15.62
CA GLU C 638 4.17 5.99 14.37
C GLU C 638 4.58 4.54 14.51
N SER C 639 5.25 4.17 15.60
CA SER C 639 5.73 2.80 15.79
C SER C 639 5.03 2.07 16.90
N CYS C 640 3.84 2.53 17.28
CA CYS C 640 3.17 2.00 18.44
C CYS C 640 2.77 0.52 18.26
N SER C 641 2.61 0.06 17.03
CA SER C 641 2.23 -1.32 16.79
C SER C 641 2.55 -1.68 15.37
N GLU C 642 3.05 -2.88 15.16
CA GLU C 642 3.39 -3.37 13.82
C GLU C 642 2.12 -3.68 12.97
N ASN C 643 1.10 -4.25 13.59
CA ASN C 643 -0.14 -4.53 12.90
C ASN C 643 -1.15 -3.42 12.96
N TYR C 644 -1.28 -2.77 14.12
CA TYR C 644 -2.32 -1.78 14.29
C TYR C 644 -1.83 -0.45 13.82
N THR C 645 -1.78 -0.33 12.50
CA THR C 645 -1.16 0.81 11.81
C THR C 645 -2.11 1.97 11.80
N THR C 646 -1.65 3.09 11.30
CA THR C 646 -2.52 4.25 11.16
C THR C 646 -3.71 3.95 10.26
N ASP C 647 -3.50 3.20 9.18
CA ASP C 647 -4.61 2.79 8.32
C ASP C 647 -5.53 1.84 9.04
N PHE C 648 -4.97 0.89 9.78
CA PHE C 648 -5.79 -0.07 10.51
C PHE C 648 -6.79 0.63 11.38
N ILE C 649 -6.30 1.54 12.18
CA ILE C 649 -7.12 2.27 13.10
C ILE C 649 -8.16 3.07 12.30
N TYR C 650 -7.69 3.76 11.26
CA TYR C 650 -8.57 4.57 10.42
C TYR C 650 -9.72 3.70 9.95
N GLN C 651 -9.40 2.48 9.58
CA GLN C 651 -10.37 1.57 9.02
C GLN C 651 -11.39 1.08 10.05
N LEU C 652 -10.91 0.78 11.25
CA LEU C 652 -11.77 0.32 12.31
C LEU C 652 -12.74 1.40 12.73
N TYR C 653 -12.22 2.58 13.01
CA TYR C 653 -13.03 3.70 13.43
C TYR C 653 -14.03 4.08 12.33
N SER C 654 -13.58 4.06 11.09
CA SER C 654 -14.49 4.34 9.97
C SER C 654 -15.65 3.34 9.96
N GLU C 655 -15.33 2.06 9.99
CA GLU C 655 -16.32 1.00 9.80
C GLU C 655 -17.30 0.92 10.97
N GLU C 656 -16.78 0.95 12.19
CA GLU C 656 -17.61 0.94 13.39
C GLU C 656 -18.26 2.29 13.69
N GLY C 657 -17.80 3.36 13.06
CA GLY C 657 -18.44 4.68 13.21
C GLY C 657 -19.52 4.91 12.17
N LYS C 658 -19.71 3.96 11.26
CA LYS C 658 -20.65 4.18 10.17
C LYS C 658 -22.03 4.53 10.69
N GLY C 659 -22.62 5.51 10.03
CA GLY C 659 -23.87 6.07 10.47
C GLY C 659 -23.77 7.07 11.61
N VAL C 660 -22.60 7.26 12.18
CA VAL C 660 -22.45 8.18 13.28
C VAL C 660 -21.34 9.22 13.02
N PHE C 661 -20.20 8.78 12.52
CA PHE C 661 -19.14 9.71 12.18
C PHE C 661 -18.28 9.13 11.08
N ASP C 662 -17.51 9.99 10.42
CA ASP C 662 -16.52 9.53 9.47
C ASP C 662 -15.10 9.91 9.94
N CYS C 663 -14.07 9.41 9.27
CA CYS C 663 -12.68 9.73 9.65
C CYS C 663 -11.84 10.28 8.54
N ARG C 664 -10.78 10.96 8.93
CA ARG C 664 -9.70 11.25 8.03
C ARG C 664 -8.43 10.86 8.73
N LYS C 665 -7.43 10.48 7.95
CA LYS C 665 -6.10 10.25 8.50
C LYS C 665 -5.11 11.25 7.95
N ASN C 666 -4.11 11.53 8.74
CA ASN C 666 -3.08 12.43 8.38
C ASN C 666 -1.82 11.97 9.03
N VAL C 667 -0.75 11.84 8.26
CA VAL C 667 0.59 11.61 8.83
C VAL C 667 1.32 12.92 8.83
N LEU C 668 1.56 13.52 9.96
CA LEU C 668 2.19 14.84 10.01
C LEU C 668 3.58 14.92 9.33
N GLY C 669 4.43 13.94 9.54
CA GLY C 669 5.70 13.91 8.83
C GLY C 669 6.82 14.80 9.38
N HIS C 670 7.86 14.99 8.56
CA HIS C 670 9.07 15.74 8.95
C HIS C 670 8.89 17.21 9.22
N MET C 671 7.73 17.79 8.96
CA MET C 671 7.52 19.14 9.44
C MET C 671 7.73 19.25 10.94
N GLN C 672 7.47 18.15 11.65
CA GLN C 672 7.64 18.13 13.10
C GLN C 672 9.08 18.41 13.53
N GLN C 673 10.06 18.01 12.72
CA GLN C 673 11.48 18.35 12.97
C GLN C 673 11.57 19.86 13.07
N GLY C 674 10.68 20.49 12.33
CA GLY C 674 10.16 21.80 12.67
C GLY C 674 10.89 22.83 11.88
N GLY C 675 10.63 24.09 12.22
CA GLY C 675 11.33 25.22 11.63
C GLY C 675 12.03 25.78 12.83
N ALA C 676 11.79 27.05 13.15
CA ALA C 676 12.56 27.73 14.19
C ALA C 676 12.21 27.19 15.56
N PRO C 677 13.21 27.10 16.44
CA PRO C 677 12.93 26.49 17.72
C PRO C 677 12.10 27.39 18.56
N SER C 678 11.32 26.77 19.43
CA SER C 678 10.57 27.51 20.42
C SER C 678 11.52 28.14 21.42
N PRO C 679 11.04 29.16 22.13
CA PRO C 679 11.84 29.78 23.18
C PRO C 679 12.41 28.77 24.20
N PHE C 680 11.60 27.80 24.59
CA PHE C 680 12.05 26.76 25.52
C PHE C 680 13.23 26.00 24.94
N ASP C 681 13.13 25.58 23.67
CA ASP C 681 14.21 24.81 23.07
C ASP C 681 15.45 25.65 22.83
N ARG C 682 15.28 26.92 22.50
CA ARG C 682 16.43 27.81 22.39
C ARG C 682 17.18 27.87 23.71
N ASN C 683 16.44 28.16 24.76
CA ASN C 683 17.04 28.33 26.07
C ASN C 683 17.50 27.05 26.70
N PHE C 684 16.79 25.96 26.50
CA PHE C 684 17.28 24.65 26.92
C PHE C 684 18.62 24.39 26.23
N GLY C 685 18.62 24.47 24.91
CA GLY C 685 19.84 24.27 24.15
C GLY C 685 20.99 25.08 24.71
N THR C 686 20.73 26.38 24.90
CA THR C 686 21.76 27.32 25.34
C THR C 686 22.29 26.97 26.72
N LYS C 687 21.38 26.82 27.67
CA LYS C 687 21.73 26.58 29.04
C LYS C 687 22.40 25.23 29.24
N ILE C 688 21.82 24.17 28.73
CA ILE C 688 22.38 22.84 28.97
C ILE C 688 23.78 22.72 28.33
N SER C 689 24.00 23.37 27.20
CA SER C 689 25.29 23.27 26.53
C SER C 689 26.37 24.02 27.30
N ALA C 690 25.99 25.20 27.79
CA ALA C 690 26.86 25.99 28.64
C ALA C 690 27.33 25.13 29.81
N ARG C 691 26.39 24.41 30.41
CA ARG C 691 26.68 23.59 31.56
C ARG C 691 27.64 22.45 31.21
N ALA C 692 27.48 21.91 30.01
CA ALA C 692 28.33 20.82 29.55
C ALA C 692 29.75 21.31 29.35
N MET C 693 29.88 22.53 28.84
CA MET C 693 31.17 23.12 28.60
C MET C 693 31.91 23.41 29.93
N GLU C 694 31.18 23.85 30.96
CA GLU C 694 31.77 24.04 32.28
C GLU C 694 32.36 22.74 32.81
N TRP C 695 31.65 21.65 32.57
CA TRP C 695 32.10 20.35 33.01
C TRP C 695 33.34 19.92 32.28
N ILE C 696 33.41 20.25 31.00
CA ILE C 696 34.57 19.91 30.19
C ILE C 696 35.80 20.68 30.68
N THR C 697 35.65 21.98 30.83
CA THR C 697 36.72 22.80 31.35
C THR C 697 37.21 22.31 32.73
N ALA C 698 36.28 21.92 33.58
CA ALA C 698 36.61 21.43 34.90
C ALA C 698 37.38 20.10 34.82
N LYS C 699 36.93 19.19 33.99
CA LYS C 699 37.63 17.93 33.81
C LYS C 699 39.03 18.14 33.29
N LEU C 700 39.22 19.15 32.42
CA LEU C 700 40.52 19.41 31.82
C LEU C 700 41.52 19.95 32.85
N LYS C 701 41.02 20.60 33.91
CA LYS C 701 41.85 20.96 35.08
C LYS C 701 42.22 19.75 35.99
N GLU C 702 42.78 18.69 35.40
CA GLU C 702 43.06 17.42 36.10
C GLU C 702 44.03 16.54 35.30
N THR C 711 41.88 7.79 31.80
CA THR C 711 40.46 8.12 31.93
C THR C 711 39.53 6.90 32.12
N THR C 712 38.47 7.12 32.90
CA THR C 712 37.52 6.09 33.33
C THR C 712 36.04 6.36 32.94
N ASP C 713 35.10 5.57 33.49
CA ASP C 713 33.68 5.68 33.18
C ASP C 713 33.08 7.07 33.39
N ASP C 714 33.48 7.74 34.47
CA ASP C 714 32.95 9.05 34.81
C ASP C 714 33.39 10.20 33.89
N SER C 715 34.19 9.93 32.88
CA SER C 715 34.59 10.98 31.95
C SER C 715 33.79 10.90 30.65
N ILE C 716 32.91 9.90 30.52
CA ILE C 716 32.02 9.79 29.34
C ILE C 716 30.58 9.80 29.81
N CYS C 717 29.91 10.94 29.63
CA CYS C 717 28.66 11.19 30.31
C CYS C 717 27.53 11.72 29.43
N VAL C 718 26.30 11.52 29.90
CA VAL C 718 25.14 12.23 29.37
C VAL C 718 24.78 13.31 30.37
N LEU C 719 24.71 14.56 29.91
CA LEU C 719 24.21 15.61 30.76
C LEU C 719 22.70 15.72 30.50
N GLY C 720 21.91 15.19 31.43
CA GLY C 720 20.47 15.17 31.27
C GLY C 720 19.73 15.78 32.43
N ILE C 721 18.44 16.01 32.23
CA ILE C 721 17.59 16.53 33.26
C ILE C 721 16.94 15.36 33.99
N SER C 722 17.08 15.34 35.32
CA SER C 722 16.43 14.31 36.16
C SER C 722 15.83 14.94 37.39
N LYS C 723 14.49 15.01 37.39
CA LYS C 723 13.71 15.47 38.54
C LYS C 723 14.34 16.68 39.23
N ARG C 724 14.22 17.88 38.65
CA ARG C 724 14.68 19.11 39.32
C ARG C 724 16.17 19.38 39.10
N ASN C 725 16.93 18.35 38.73
CA ASN C 725 18.37 18.47 38.60
C ASN C 725 18.85 18.22 37.20
N VAL C 726 19.89 18.93 36.80
CA VAL C 726 20.65 18.56 35.62
C VAL C 726 21.88 17.80 36.12
N ILE C 727 22.08 16.57 35.64
CA ILE C 727 23.13 15.71 36.19
C ILE C 727 23.91 14.94 35.15
N PHE C 728 25.19 14.71 35.45
CA PHE C 728 26.10 14.00 34.55
C PHE C 728 26.10 12.53 34.89
N GLN C 729 25.69 11.70 33.95
CA GLN C 729 25.58 10.28 34.23
C GLN C 729 26.45 9.51 33.27
N PRO C 730 27.36 8.69 33.81
CA PRO C 730 28.20 7.84 32.97
C PRO C 730 27.35 7.01 32.03
N VAL C 731 27.72 6.97 30.75
CA VAL C 731 27.00 6.14 29.78
C VAL C 731 26.99 4.68 30.20
N ALA C 732 28.03 4.20 30.87
CA ALA C 732 28.06 2.81 31.36
C ALA C 732 26.91 2.51 32.35
N GLU C 733 26.59 3.49 33.19
CA GLU C 733 25.47 3.35 34.12
C GLU C 733 24.09 3.46 33.46
N LEU C 734 24.02 4.10 32.30
CA LEU C 734 22.75 4.25 31.59
C LEU C 734 22.33 3.02 30.81
N LYS C 735 23.27 2.10 30.55
CA LYS C 735 22.96 0.91 29.75
C LYS C 735 21.85 0.08 30.36
N LYS C 736 21.94 -0.13 31.66
CA LYS C 736 20.96 -0.93 32.42
C LYS C 736 19.57 -0.31 32.32
N GLN C 737 19.54 1.01 32.19
CA GLN C 737 18.30 1.78 32.15
C GLN C 737 17.73 1.98 30.74
N THR C 738 18.28 1.29 29.74
CA THR C 738 17.94 1.55 28.35
C THR C 738 17.41 0.31 27.66
N ASP C 739 16.37 0.49 26.85
CA ASP C 739 15.87 -0.55 25.95
C ASP C 739 16.47 -0.32 24.57
N PHE C 740 17.55 -1.04 24.26
CA PHE C 740 18.29 -0.83 23.00
C PHE C 740 17.55 -1.27 21.76
N GLU C 741 16.66 -2.23 21.90
CA GLU C 741 15.89 -2.74 20.78
C GLU C 741 14.94 -1.66 20.23
N HIS C 742 14.33 -0.88 21.13
CA HIS C 742 13.37 0.14 20.73
C HIS C 742 13.88 1.56 20.90
N ARG C 743 15.15 1.68 21.32
CA ARG C 743 15.81 2.99 21.55
C ARG C 743 15.01 3.94 22.42
N ILE C 744 14.55 3.44 23.56
CA ILE C 744 13.87 4.29 24.51
C ILE C 744 14.35 3.97 25.91
N PRO C 745 14.14 4.89 26.85
CA PRO C 745 14.48 4.61 28.23
C PRO C 745 13.54 3.56 28.78
N LYS C 746 13.97 2.82 29.80
CA LYS C 746 13.11 1.83 30.48
C LYS C 746 12.08 2.47 31.38
N GLU C 747 12.43 3.58 31.99
CA GLU C 747 11.52 4.28 32.88
C GLU C 747 11.33 5.67 32.30
N GLN C 748 10.08 6.05 32.05
CA GLN C 748 9.79 7.33 31.45
C GLN C 748 8.83 8.08 32.33
N TRP C 749 9.26 9.25 32.82
CA TRP C 749 8.56 9.96 33.86
C TRP C 749 7.14 10.30 33.49
N TRP C 750 6.91 10.60 32.22
CA TRP C 750 5.64 11.15 31.76
C TRP C 750 4.50 10.11 31.69
N LEU C 751 4.82 8.82 31.73
CA LEU C 751 3.78 7.79 31.75
C LEU C 751 2.83 7.89 32.98
N LYS C 752 3.28 8.54 34.06
CA LYS C 752 2.41 8.77 35.22
C LYS C 752 1.24 9.68 34.83
N LEU C 753 1.39 10.46 33.77
CA LEU C 753 0.32 11.33 33.27
C LEU C 753 -0.74 10.65 32.39
N ARG C 754 -0.59 9.39 32.04
CA ARG C 754 -1.53 8.75 31.12
C ARG C 754 -2.98 8.86 31.59
N PRO C 755 -3.26 8.66 32.89
CA PRO C 755 -4.65 8.86 33.32
C PRO C 755 -5.28 10.23 32.97
N LEU C 756 -4.47 11.26 32.81
CA LEU C 756 -5.00 12.60 32.55
C LEU C 756 -5.80 12.69 31.27
N MET C 757 -5.43 11.94 30.25
CA MET C 757 -6.12 12.12 28.98
C MET C 757 -7.54 11.63 29.02
N LYS C 758 -7.76 10.50 29.71
CA LYS C 758 -9.10 9.96 29.96
C LYS C 758 -9.95 11.05 30.58
N ILE C 759 -9.45 11.56 31.70
CA ILE C 759 -10.13 12.56 32.49
C ILE C 759 -10.37 13.83 31.67
N LEU C 760 -9.33 14.39 31.08
CA LEU C 760 -9.45 15.72 30.43
C LEU C 760 -10.03 15.76 28.98
N ALA C 761 -10.13 14.59 28.32
CA ALA C 761 -10.45 14.55 26.86
C ALA C 761 -11.46 15.60 26.39
N ALA D 25 25.19 43.14 -18.97
CA ALA D 25 25.25 42.98 -17.50
C ALA D 25 24.05 43.67 -16.84
N ILE D 26 23.60 43.09 -15.73
CA ILE D 26 22.47 43.63 -14.98
C ILE D 26 22.85 43.91 -13.51
N GLY D 27 22.50 45.12 -13.05
CA GLY D 27 22.61 45.46 -11.63
C GLY D 27 21.21 45.49 -11.01
N VAL D 28 21.09 44.89 -9.83
CA VAL D 28 19.84 44.87 -9.05
C VAL D 28 20.10 45.46 -7.69
N LEU D 29 19.18 46.29 -7.21
CA LEU D 29 19.36 46.83 -5.87
C LEU D 29 18.02 47.03 -5.20
N THR D 30 18.06 47.17 -3.88
CA THR D 30 16.86 47.41 -3.08
C THR D 30 17.01 48.72 -2.34
N SER D 31 15.97 49.55 -2.37
CA SER D 31 16.04 50.89 -1.77
C SER D 31 14.75 51.22 -1.06
N GLY D 32 14.79 52.25 -0.24
CA GLY D 32 13.64 52.64 0.57
C GLY D 32 13.37 51.60 1.63
N GLY D 33 12.27 51.75 2.33
CA GLY D 33 11.85 50.75 3.30
C GLY D 33 11.86 49.33 2.73
N ASP D 34 12.34 48.40 3.52
CA ASP D 34 12.33 47.00 3.14
C ASP D 34 10.89 46.46 3.16
N ALA D 35 10.66 45.43 2.36
CA ALA D 35 9.37 44.76 2.30
C ALA D 35 9.59 43.25 2.09
N GLN D 36 8.77 42.45 2.74
CA GLN D 36 8.87 40.99 2.65
C GLN D 36 8.54 40.53 1.24
N GLY D 37 9.41 39.71 0.67
CA GLY D 37 9.32 39.35 -0.74
C GLY D 37 10.44 39.94 -1.60
N MET D 38 11.18 40.89 -1.04
CA MET D 38 12.29 41.50 -1.76
C MET D 38 13.31 40.45 -2.17
N ASN D 39 13.63 39.54 -1.25
CA ASN D 39 14.57 38.46 -1.53
C ASN D 39 14.12 37.55 -2.66
N ALA D 40 12.83 37.25 -2.71
CA ALA D 40 12.26 36.52 -3.83
C ALA D 40 12.44 37.27 -5.15
N ALA D 41 12.20 38.58 -5.12
CA ALA D 41 12.33 39.41 -6.32
C ALA D 41 13.76 39.39 -6.82
N VAL D 42 14.69 39.53 -5.89
CA VAL D 42 16.09 39.49 -6.20
C VAL D 42 16.44 38.12 -6.72
N ARG D 43 15.97 37.08 -6.04
CA ARG D 43 16.23 35.72 -6.49
C ARG D 43 15.85 35.56 -7.93
N ALA D 44 14.66 36.03 -8.29
CA ALA D 44 14.14 35.86 -9.63
C ALA D 44 14.88 36.71 -10.67
N VAL D 45 15.39 37.88 -10.28
CA VAL D 45 16.12 38.68 -11.23
C VAL D 45 17.44 37.98 -11.54
N VAL D 46 18.11 37.47 -10.51
CA VAL D 46 19.41 36.82 -10.71
C VAL D 46 19.22 35.60 -11.58
N ARG D 47 18.28 34.74 -11.22
CA ARG D 47 18.09 33.45 -11.92
C ARG D 47 17.54 33.62 -13.33
N MET D 48 16.63 34.55 -13.56
CA MET D 48 16.17 34.82 -14.91
C MET D 48 17.30 35.43 -15.73
N GLY D 49 18.01 36.38 -15.12
CA GLY D 49 19.17 36.99 -15.74
C GLY D 49 20.13 35.92 -16.24
N ILE D 50 20.58 35.06 -15.34
CA ILE D 50 21.56 34.03 -15.67
C ILE D 50 20.99 33.08 -16.71
N TYR D 51 19.76 32.64 -16.52
CA TYR D 51 19.10 31.75 -17.48
C TYR D 51 19.06 32.31 -18.91
N VAL D 52 18.88 33.63 -19.08
CA VAL D 52 18.91 34.23 -20.41
C VAL D 52 20.34 34.46 -20.90
N GLY D 53 21.34 34.29 -20.04
CA GLY D 53 22.73 34.43 -20.45
C GLY D 53 23.31 35.80 -20.22
N ALA D 54 22.75 36.55 -19.29
CA ALA D 54 23.33 37.82 -18.83
C ALA D 54 24.18 37.59 -17.59
N LYS D 55 24.96 38.61 -17.21
CA LYS D 55 25.67 38.59 -15.95
C LYS D 55 24.87 39.48 -15.03
N VAL D 56 24.76 39.09 -13.76
CA VAL D 56 24.01 39.87 -12.80
C VAL D 56 24.84 40.22 -11.58
N TYR D 57 24.82 41.50 -11.19
CA TYR D 57 25.53 42.02 -10.04
C TYR D 57 24.56 42.49 -8.97
N PHE D 58 24.78 42.05 -7.74
CA PHE D 58 24.14 42.66 -6.58
C PHE D 58 24.76 44.03 -6.37
N ILE D 59 23.93 45.00 -6.04
CA ILE D 59 24.39 46.26 -5.54
C ILE D 59 23.86 46.35 -4.11
N TYR D 60 24.78 46.36 -3.16
CA TYR D 60 24.44 46.34 -1.74
C TYR D 60 24.03 47.72 -1.24
N GLU D 61 23.26 47.75 -0.16
CA GLU D 61 22.89 48.99 0.52
C GLU D 61 22.29 50.01 -0.44
N GLY D 62 21.43 49.55 -1.35
CA GLY D 62 20.74 50.45 -2.25
C GLY D 62 21.63 51.37 -3.04
N TYR D 63 21.20 52.62 -3.18
CA TYR D 63 21.95 53.59 -3.96
C TYR D 63 23.30 53.88 -3.34
N GLN D 64 23.39 53.88 -1.99
CA GLN D 64 24.64 54.17 -1.33
C GLN D 64 25.71 53.22 -1.81
N GLY D 65 25.37 51.94 -1.93
CA GLY D 65 26.33 50.96 -2.44
C GLY D 65 26.75 51.23 -3.88
N MET D 66 25.83 51.78 -4.66
CA MET D 66 26.15 52.21 -6.02
C MET D 66 27.15 53.38 -5.98
N VAL D 67 26.91 54.34 -5.10
CA VAL D 67 27.80 55.49 -4.94
C VAL D 67 29.17 55.06 -4.40
N ASP D 68 29.18 54.28 -3.32
CA ASP D 68 30.44 53.85 -2.69
C ASP D 68 31.25 52.92 -3.59
N GLY D 69 30.58 52.13 -4.42
CA GLY D 69 31.28 51.22 -5.32
C GLY D 69 32.02 50.13 -4.58
N GLY D 70 33.05 49.59 -5.22
CA GLY D 70 33.95 48.65 -4.57
C GLY D 70 33.29 47.32 -4.30
N SER D 71 33.48 46.80 -3.08
CA SER D 71 32.93 45.51 -2.74
C SER D 71 31.38 45.55 -2.64
N ASN D 72 30.81 46.76 -2.51
CA ASN D 72 29.35 46.93 -2.53
C ASN D 72 28.71 46.52 -3.86
N ILE D 73 29.50 46.31 -4.89
CA ILE D 73 29.00 45.74 -6.12
C ILE D 73 29.66 44.38 -6.33
N ALA D 74 28.86 43.31 -6.38
CA ALA D 74 29.37 41.94 -6.50
C ALA D 74 28.57 41.15 -7.51
N GLU D 75 29.25 40.33 -8.31
CA GLU D 75 28.57 39.45 -9.24
C GLU D 75 27.88 38.34 -8.47
N ALA D 76 26.73 37.91 -8.99
CA ALA D 76 25.88 36.91 -8.35
C ALA D 76 25.83 35.66 -9.18
N ASP D 77 25.99 34.52 -8.53
CA ASP D 77 25.85 33.23 -9.19
C ASP D 77 24.52 32.55 -8.79
N TRP D 78 24.23 31.42 -9.44
CA TRP D 78 23.03 30.64 -9.15
C TRP D 78 22.91 30.34 -7.66
N GLU D 79 23.98 29.84 -7.06
CA GLU D 79 24.00 29.54 -5.62
C GLU D 79 23.75 30.75 -4.70
N SER D 80 24.15 31.96 -5.10
CA SER D 80 24.08 33.10 -4.17
C SER D 80 22.67 33.38 -3.67
N VAL D 81 21.63 32.95 -4.39
CA VAL D 81 20.27 33.29 -4.00
C VAL D 81 19.43 32.11 -3.52
N SER D 82 20.04 30.98 -3.22
CA SER D 82 19.31 29.95 -2.47
C SER D 82 19.21 30.32 -0.97
N SER D 83 18.14 29.86 -0.34
CA SER D 83 17.89 30.02 1.09
C SER D 83 17.45 31.38 1.48
N ILE D 84 16.99 32.14 0.50
CA ILE D 84 16.75 33.53 0.68
C ILE D 84 15.25 33.81 0.56
N LEU D 85 14.55 33.06 -0.29
CA LEU D 85 13.19 33.49 -0.67
C LEU D 85 12.20 33.43 0.46
N GLN D 86 12.42 32.52 1.40
CA GLN D 86 11.51 32.36 2.55
C GLN D 86 11.78 33.33 3.68
N VAL D 87 12.70 34.26 3.50
CA VAL D 87 13.06 35.21 4.54
C VAL D 87 12.58 36.63 4.24
N GLY D 88 12.12 37.31 5.27
CA GLY D 88 11.78 38.72 5.18
C GLY D 88 12.98 39.57 4.86
N GLY D 89 12.74 40.82 4.53
CA GLY D 89 13.81 41.76 4.30
C GLY D 89 14.50 41.67 2.95
N THR D 90 15.69 42.24 2.90
CA THR D 90 16.54 42.16 1.73
C THR D 90 17.93 41.77 2.19
N ILE D 91 18.40 40.65 1.67
CA ILE D 91 19.68 40.08 2.06
C ILE D 91 20.86 40.92 1.54
N ILE D 92 20.62 41.74 0.50
CA ILE D 92 21.63 42.66 -0.03
C ILE D 92 21.52 44.06 0.53
N GLY D 93 20.57 44.28 1.45
CA GLY D 93 20.49 45.56 2.15
C GLY D 93 19.83 46.69 1.39
N SER D 94 19.33 47.66 2.16
CA SER D 94 18.70 48.88 1.66
C SER D 94 19.07 50.06 2.53
N ALA D 95 18.89 51.27 2.00
CA ALA D 95 19.42 52.47 2.63
C ALA D 95 18.87 53.73 1.97
N ARG D 96 18.55 54.73 2.80
CA ARG D 96 18.33 56.09 2.35
C ARG D 96 19.73 56.69 2.18
N CYS D 97 20.05 57.04 0.94
CA CYS D 97 21.36 57.55 0.58
C CYS D 97 21.15 58.99 0.19
N GLN D 98 21.67 59.91 1.01
CA GLN D 98 21.68 61.32 0.67
C GLN D 98 22.63 61.58 -0.50
N ALA D 99 23.78 60.88 -0.58
CA ALA D 99 24.78 61.13 -1.63
C ALA D 99 24.23 61.02 -3.06
N PHE D 100 23.21 60.18 -3.25
CA PHE D 100 22.56 60.00 -4.55
C PHE D 100 21.66 61.18 -4.96
N ARG D 101 21.13 61.90 -3.97
CA ARG D 101 20.38 63.13 -4.26
C ARG D 101 21.29 64.26 -4.76
N THR D 102 22.60 64.11 -4.64
CA THR D 102 23.51 65.15 -5.06
C THR D 102 24.10 64.74 -6.39
N ARG D 103 24.42 65.74 -7.21
CA ARG D 103 25.06 65.49 -8.49
C ARG D 103 26.39 64.74 -8.35
N GLU D 104 27.15 65.05 -7.30
CA GLU D 104 28.48 64.45 -7.07
C GLU D 104 28.33 62.93 -6.98
N GLY D 105 27.34 62.50 -6.21
CA GLY D 105 27.07 61.09 -5.99
C GLY D 105 26.77 60.33 -7.26
N ARG D 106 25.76 60.81 -7.99
CA ARG D 106 25.35 60.16 -9.24
C ARG D 106 26.51 60.03 -10.22
N LEU D 107 27.39 61.03 -10.26
CA LEU D 107 28.58 60.95 -11.10
C LEU D 107 29.41 59.73 -10.72
N LYS D 108 29.68 59.58 -9.42
CA LYS D 108 30.47 58.44 -8.97
C LYS D 108 29.69 57.13 -9.19
N ALA D 109 28.38 57.19 -8.96
CA ALA D 109 27.52 56.03 -9.19
C ALA D 109 27.61 55.59 -10.64
N ALA D 110 27.42 56.53 -11.56
CA ALA D 110 27.52 56.24 -12.98
C ALA D 110 28.88 55.65 -13.33
N CYS D 111 29.94 56.16 -12.70
CA CYS D 111 31.27 55.65 -12.98
C CYS D 111 31.42 54.19 -12.56
N ASN D 112 31.00 53.88 -11.33
CA ASN D 112 31.06 52.51 -10.81
C ASN D 112 30.35 51.50 -11.68
N LEU D 113 29.20 51.88 -12.24
CA LEU D 113 28.47 50.99 -13.16
C LEU D 113 29.26 50.73 -14.43
N LEU D 114 29.86 51.80 -14.98
CA LEU D 114 30.61 51.69 -16.23
C LEU D 114 31.82 50.79 -16.08
N GLN D 115 32.43 50.82 -14.91
CA GLN D 115 33.56 49.94 -14.62
C GLN D 115 33.18 48.48 -14.76
N ARG D 116 31.94 48.14 -14.38
CA ARG D 116 31.47 46.75 -14.43
C ARG D 116 30.68 46.45 -15.70
N GLY D 117 30.59 47.43 -16.60
CA GLY D 117 29.86 47.26 -17.86
C GLY D 117 28.37 47.13 -17.66
N ILE D 118 27.87 47.72 -16.58
CA ILE D 118 26.45 47.63 -16.22
C ILE D 118 25.67 48.80 -16.80
N THR D 119 24.90 48.53 -17.84
CA THR D 119 23.97 49.51 -18.40
C THR D 119 22.50 49.11 -18.21
N ASN D 120 22.27 48.00 -17.51
CA ASN D 120 20.91 47.58 -17.17
C ASN D 120 20.66 47.58 -15.66
N LEU D 121 19.68 48.38 -15.23
CA LEU D 121 19.34 48.52 -13.82
C LEU D 121 17.97 48.03 -13.49
N CYS D 122 17.89 47.20 -12.45
CA CYS D 122 16.63 46.86 -11.83
C CYS D 122 16.59 47.41 -10.41
N VAL D 123 15.66 48.33 -10.17
CA VAL D 123 15.50 48.94 -8.86
C VAL D 123 14.21 48.47 -8.20
N ILE D 124 14.35 48.00 -6.97
CA ILE D 124 13.25 47.50 -6.16
C ILE D 124 13.13 48.45 -4.97
N GLY D 125 12.07 49.24 -4.92
CA GLY D 125 11.90 50.20 -3.83
C GLY D 125 10.56 50.91 -3.89
N GLY D 126 10.44 52.05 -3.22
CA GLY D 126 9.18 52.78 -3.18
C GLY D 126 9.15 53.99 -4.11
N ASP D 127 8.25 54.93 -3.80
CA ASP D 127 8.10 56.18 -4.55
C ASP D 127 9.43 56.87 -4.74
N GLY D 128 10.16 57.03 -3.64
CA GLY D 128 11.40 57.79 -3.68
C GLY D 128 12.47 57.12 -4.51
N SER D 129 12.66 55.82 -4.31
CA SER D 129 13.73 55.11 -5.00
C SER D 129 13.51 55.15 -6.51
N LEU D 130 12.25 55.02 -6.93
CA LEU D 130 11.95 55.04 -8.36
C LEU D 130 12.09 56.43 -9.00
N THR D 131 11.61 57.49 -8.31
CA THR D 131 11.89 58.89 -8.74
C THR D 131 13.40 59.12 -8.87
N GLY D 132 14.17 58.54 -7.97
CA GLY D 132 15.63 58.61 -8.05
C GLY D 132 16.17 58.00 -9.33
N ALA D 133 15.58 56.89 -9.74
CA ALA D 133 15.99 56.18 -10.96
C ALA D 133 15.53 56.91 -12.22
N ASN D 134 14.33 57.50 -12.14
CA ASN D 134 13.80 58.39 -13.18
C ASN D 134 14.81 59.48 -13.45
N LEU D 135 15.18 60.18 -12.37
CA LEU D 135 16.13 61.27 -12.42
C LEU D 135 17.46 60.80 -13.01
N PHE D 136 17.94 59.65 -12.57
CA PHE D 136 19.22 59.11 -12.99
C PHE D 136 19.22 58.83 -14.49
N ARG D 137 18.09 58.36 -15.04
CA ARG D 137 18.00 58.06 -16.49
C ARG D 137 18.07 59.34 -17.33
N LYS D 138 17.33 60.37 -16.90
CA LYS D 138 17.36 61.71 -17.53
C LYS D 138 18.76 62.26 -17.62
N GLU D 139 19.50 62.13 -16.53
CA GLU D 139 20.83 62.71 -16.41
C GLU D 139 21.94 61.77 -16.84
N TRP D 140 21.61 60.69 -17.55
CA TRP D 140 22.63 59.75 -17.96
C TRP D 140 23.62 60.45 -18.91
N SER D 141 23.18 61.61 -19.43
CA SER D 141 24.08 62.68 -19.91
C SER D 141 25.27 63.01 -18.98
N GLY D 142 25.17 62.72 -17.68
CA GLY D 142 26.31 62.72 -16.77
C GLY D 142 27.56 62.12 -17.38
N LEU D 143 27.39 61.23 -18.37
CA LEU D 143 28.53 60.64 -19.02
C LEU D 143 29.41 61.68 -19.69
N LEU D 144 28.83 62.76 -20.20
CA LEU D 144 29.62 63.84 -20.80
C LEU D 144 30.56 64.51 -19.78
N GLU D 145 30.07 64.83 -18.58
CA GLU D 145 30.95 65.34 -17.53
C GLU D 145 32.08 64.35 -17.21
N GLU D 146 31.84 63.06 -17.43
CA GLU D 146 32.88 62.03 -17.32
C GLU D 146 33.96 62.26 -18.38
N LEU D 147 33.51 62.57 -19.59
CA LEU D 147 34.40 62.98 -20.70
C LEU D 147 35.19 64.26 -20.39
N ALA D 148 34.50 65.34 -19.98
CA ALA D 148 35.13 66.63 -19.67
C ALA D 148 36.18 66.45 -18.59
N ARG D 149 35.80 65.77 -17.50
CA ARG D 149 36.75 65.32 -16.47
C ARG D 149 37.58 64.14 -17.01
N ASN D 150 38.58 63.69 -16.24
CA ASN D 150 39.36 62.48 -16.55
C ASN D 150 38.45 61.28 -16.75
N GLY D 151 37.52 61.12 -15.81
CA GLY D 151 36.48 60.09 -15.84
C GLY D 151 36.71 58.98 -16.84
N GLN D 152 36.20 59.16 -18.06
CA GLN D 152 36.14 58.07 -19.04
C GLN D 152 36.61 58.44 -20.45
N ILE D 153 37.02 57.42 -21.18
CA ILE D 153 37.37 57.51 -22.60
C ILE D 153 36.12 58.02 -23.33
N ASP D 154 36.31 58.71 -24.46
CA ASP D 154 35.20 59.14 -25.31
C ASP D 154 34.41 57.95 -25.88
N LYS D 155 35.11 56.88 -26.27
CA LYS D 155 34.47 55.63 -26.71
C LYS D 155 33.38 55.18 -25.75
N GLU D 156 33.68 55.28 -24.45
CA GLU D 156 32.72 54.92 -23.41
C GLU D 156 31.48 55.82 -23.43
N ALA D 157 31.69 57.15 -23.49
CA ALA D 157 30.57 58.08 -23.58
C ALA D 157 29.65 57.74 -24.77
N VAL D 158 30.19 57.20 -25.85
CA VAL D 158 29.39 56.81 -27.01
C VAL D 158 28.85 55.35 -26.86
N GLN D 159 29.66 54.45 -26.29
CA GLN D 159 29.33 53.02 -26.20
C GLN D 159 28.22 52.69 -25.19
N LYS D 160 28.17 53.42 -24.08
CA LYS D 160 27.19 53.18 -23.04
C LYS D 160 26.19 54.34 -22.97
N TYR D 161 26.06 55.11 -24.04
CA TYR D 161 25.32 56.38 -23.99
C TYR D 161 23.86 56.21 -24.33
N ALA D 162 22.98 56.70 -23.44
CA ALA D 162 21.54 56.47 -23.55
C ALA D 162 21.23 54.98 -23.72
N TYR D 163 22.14 54.16 -23.23
CA TYR D 163 21.98 52.74 -23.25
C TYR D 163 21.74 52.34 -21.81
N LEU D 164 21.22 53.28 -21.00
CA LEU D 164 20.76 52.93 -19.65
C LEU D 164 19.30 52.53 -19.63
N ASN D 165 19.05 51.21 -19.63
CA ASN D 165 17.71 50.68 -19.41
C ASN D 165 17.49 50.55 -17.92
N VAL D 166 16.43 51.17 -17.46
CA VAL D 166 16.03 51.09 -16.09
C VAL D 166 14.66 50.47 -16.05
N VAL D 167 14.53 49.44 -15.20
CA VAL D 167 13.25 48.84 -14.86
C VAL D 167 13.08 48.88 -13.36
N GLY D 168 11.89 49.28 -12.91
CA GLY D 168 11.58 49.37 -11.50
C GLY D 168 10.60 48.31 -11.05
N MET D 169 10.72 47.92 -9.79
CA MET D 169 9.71 47.11 -9.11
C MET D 169 9.39 47.83 -7.82
N VAL D 170 8.12 47.92 -7.50
CA VAL D 170 7.72 48.55 -6.25
C VAL D 170 7.79 47.53 -5.12
N GLY D 171 8.54 47.87 -4.07
CA GLY D 171 8.59 47.11 -2.82
C GLY D 171 8.42 48.03 -1.63
N SER D 172 7.16 48.36 -1.33
CA SER D 172 6.76 49.00 -0.10
C SER D 172 5.51 48.29 0.39
N ILE D 173 5.42 48.14 1.71
CA ILE D 173 4.23 47.60 2.33
C ILE D 173 3.06 48.56 2.12
N ASP D 174 3.34 49.82 1.81
CA ASP D 174 2.29 50.86 1.80
C ASP D 174 1.19 50.66 0.73
N ASN D 175 1.55 50.06 -0.40
CA ASN D 175 0.76 50.13 -1.64
C ASN D 175 0.60 51.57 -2.12
N ASP D 176 1.72 52.29 -2.13
CA ASP D 176 1.81 53.75 -2.30
C ASP D 176 1.61 54.31 -3.71
N PHE D 177 1.32 53.44 -4.67
CA PHE D 177 1.68 53.74 -6.04
C PHE D 177 0.76 53.05 -7.05
N MET D 182 -1.33 46.17 -6.86
CA MET D 182 -0.65 45.36 -5.85
C MET D 182 0.90 45.42 -5.84
N THR D 183 1.44 45.70 -4.66
CA THR D 183 2.85 45.90 -4.44
C THR D 183 3.40 44.81 -3.56
N ILE D 184 4.68 44.50 -3.73
CA ILE D 184 5.35 43.47 -2.95
C ILE D 184 5.46 43.85 -1.50
N GLY D 185 4.94 42.96 -0.65
CA GLY D 185 5.03 43.16 0.77
C GLY D 185 3.73 43.58 1.42
N THR D 186 2.81 44.16 0.64
CA THR D 186 1.50 44.48 1.17
C THR D 186 0.82 43.25 1.79
N ASP D 187 0.73 42.14 1.08
CA ASP D 187 0.05 40.96 1.63
C ASP D 187 0.74 40.50 2.91
N SER D 188 2.07 40.54 2.93
CA SER D 188 2.80 40.07 4.10
C SER D 188 2.53 40.97 5.31
N ALA D 189 2.61 42.27 5.07
CA ALA D 189 2.31 43.27 6.06
C ALA D 189 0.92 43.09 6.65
N LEU D 190 -0.01 42.70 5.80
CA LEU D 190 -1.37 42.50 6.20
C LEU D 190 -1.50 41.25 7.08
N HIS D 191 -0.83 40.16 6.70
CA HIS D 191 -0.69 38.98 7.57
C HIS D 191 -0.16 39.39 8.94
N ARG D 192 0.85 40.25 8.94
CA ARG D 192 1.45 40.73 10.17
C ARG D 192 0.40 41.44 11.03
N ILE D 193 -0.35 42.36 10.45
CA ILE D 193 -1.32 43.17 11.19
C ILE D 193 -2.41 42.27 11.75
N ILE D 194 -2.90 41.36 10.93
CA ILE D 194 -4.00 40.51 11.31
C ILE D 194 -3.57 39.47 12.33
N GLU D 195 -2.31 39.04 12.29
CA GLU D 195 -1.78 38.19 13.34
C GLU D 195 -1.86 38.94 14.65
N VAL D 196 -1.42 40.20 14.66
CA VAL D 196 -1.49 41.01 15.85
C VAL D 196 -2.93 41.22 16.31
N VAL D 197 -3.82 41.55 15.38
CA VAL D 197 -5.23 41.72 15.76
C VAL D 197 -5.81 40.44 16.36
N ASP D 198 -5.65 39.31 15.68
CA ASP D 198 -6.12 38.02 16.20
C ASP D 198 -5.54 37.69 17.59
N ALA D 199 -4.28 38.00 17.84
CA ALA D 199 -3.69 37.83 19.16
C ALA D 199 -4.31 38.76 20.19
N ILE D 200 -4.45 40.03 19.85
CA ILE D 200 -5.08 41.02 20.72
C ILE D 200 -6.51 40.62 21.07
N MET D 201 -7.23 39.97 20.17
CA MET D 201 -8.64 39.70 20.39
C MET D 201 -8.89 38.80 21.58
N THR D 202 -8.00 37.85 21.84
CA THR D 202 -8.15 36.99 23.03
C THR D 202 -8.00 37.76 24.35
N THR D 203 -7.08 38.71 24.42
CA THR D 203 -6.89 39.50 25.63
C THR D 203 -7.94 40.63 25.84
N ALA D 204 -8.41 41.25 24.76
CA ALA D 204 -9.50 42.24 24.84
C ALA D 204 -10.79 41.59 25.36
N GLN D 205 -11.06 40.37 24.87
CA GLN D 205 -12.17 39.54 25.34
C GLN D 205 -12.27 39.47 26.85
N SER D 206 -11.17 39.12 27.50
CA SER D 206 -11.15 38.96 28.95
C SER D 206 -11.63 40.25 29.61
N HIS D 207 -12.66 40.20 30.47
CA HIS D 207 -13.32 41.40 31.01
C HIS D 207 -13.89 42.13 29.77
N GLN D 208 -13.69 43.43 29.60
CA GLN D 208 -14.07 44.15 28.34
C GLN D 208 -13.04 45.21 27.99
N ARG D 209 -12.52 45.29 26.76
CA ARG D 209 -11.70 46.45 26.36
C ARG D 209 -11.75 46.96 24.92
N THR D 210 -11.48 48.26 24.72
CA THR D 210 -11.39 48.84 23.38
C THR D 210 -9.94 49.07 22.98
N PHE D 211 -9.56 48.61 21.80
CA PHE D 211 -8.18 48.71 21.38
C PHE D 211 -8.04 49.65 20.18
N VAL D 212 -7.09 50.58 20.28
CA VAL D 212 -6.76 51.50 19.21
C VAL D 212 -5.40 51.13 18.63
N LEU D 213 -5.42 50.67 17.38
CA LEU D 213 -4.24 50.13 16.74
C LEU D 213 -3.75 51.05 15.63
N GLU D 214 -2.52 51.56 15.75
CA GLU D 214 -1.92 52.37 14.72
C GLU D 214 -1.13 51.48 13.77
N VAL D 215 -1.51 51.53 12.49
CA VAL D 215 -0.88 50.72 11.45
C VAL D 215 -0.14 51.63 10.49
N MET D 216 0.68 51.02 9.64
CA MET D 216 1.53 51.77 8.71
C MET D 216 0.75 52.26 7.49
N GLY D 217 1.44 53.07 6.70
CA GLY D 217 0.90 53.65 5.48
C GLY D 217 1.05 55.14 5.68
N ARG D 218 2.21 55.65 5.33
CA ARG D 218 2.51 57.04 5.69
C ARG D 218 1.40 57.92 5.21
N HIS D 219 1.27 58.03 3.90
CA HIS D 219 0.20 58.82 3.35
C HIS D 219 -0.74 57.95 2.56
N CYS D 220 -0.52 56.63 2.55
CA CYS D 220 -1.49 55.69 1.95
C CYS D 220 -2.31 54.96 3.02
N GLY D 221 -3.60 54.79 2.71
CA GLY D 221 -4.56 54.19 3.66
C GLY D 221 -4.94 52.76 3.34
N TYR D 222 -4.37 52.23 2.29
CA TYR D 222 -4.74 50.92 1.83
C TYR D 222 -4.62 49.88 2.94
N LEU D 223 -3.49 49.86 3.62
CA LEU D 223 -3.27 48.86 4.66
C LEU D 223 -4.29 48.93 5.78
N ALA D 224 -4.57 50.12 6.27
CA ALA D 224 -5.56 50.27 7.32
C ALA D 224 -6.94 49.83 6.85
N LEU D 225 -7.26 50.16 5.61
CA LEU D 225 -8.56 49.88 5.09
C LEU D 225 -8.77 48.41 4.97
N VAL D 226 -7.80 47.76 4.37
CA VAL D 226 -7.87 46.33 4.11
C VAL D 226 -7.73 45.50 5.40
N SER D 227 -7.02 46.02 6.41
CA SER D 227 -6.95 45.38 7.72
C SER D 227 -8.27 45.47 8.43
N ALA D 228 -8.86 46.65 8.38
CA ALA D 228 -10.19 46.87 8.97
C ALA D 228 -11.20 45.91 8.36
N LEU D 229 -11.21 45.82 7.03
CA LEU D 229 -12.08 44.90 6.37
C LEU D 229 -11.81 43.47 6.80
N ALA D 230 -10.54 43.16 6.96
CA ALA D 230 -10.15 41.79 7.26
C ALA D 230 -10.46 41.36 8.68
N CYS D 231 -10.65 42.30 9.60
CA CYS D 231 -10.91 41.92 10.99
C CYS D 231 -12.27 42.34 11.51
N GLY D 232 -13.11 42.92 10.65
CA GLY D 232 -14.41 43.47 11.03
C GLY D 232 -14.26 44.59 12.07
N ALA D 233 -13.39 45.55 11.79
CA ALA D 233 -13.06 46.58 12.77
C ALA D 233 -14.27 47.46 12.95
N ASP D 234 -14.32 48.11 14.12
CA ASP D 234 -15.45 48.94 14.52
C ASP D 234 -15.37 50.34 13.94
N TRP D 235 -14.15 50.80 13.70
CA TRP D 235 -13.92 52.07 13.02
C TRP D 235 -12.56 52.05 12.33
N VAL D 236 -12.40 52.89 11.32
CA VAL D 236 -11.15 53.04 10.55
C VAL D 236 -10.89 54.48 10.24
N PHE D 237 -9.63 54.88 10.26
CA PHE D 237 -9.24 56.22 9.89
C PHE D 237 -8.21 56.17 8.80
N LEU D 238 -8.52 56.81 7.68
CA LEU D 238 -7.66 56.84 6.48
C LEU D 238 -7.25 58.25 6.13
N PRO D 239 -6.05 58.43 5.55
CA PRO D 239 -5.68 59.72 4.99
C PRO D 239 -6.53 60.11 3.77
N GLU D 240 -6.78 59.16 2.87
CA GLU D 240 -7.47 59.49 1.61
C GLU D 240 -8.88 59.99 1.86
N SER D 241 -9.55 59.40 2.85
CA SER D 241 -10.91 59.77 3.17
C SER D 241 -11.01 60.13 4.65
N PRO D 242 -11.04 61.43 4.96
CA PRO D 242 -11.22 61.84 6.36
C PRO D 242 -12.60 61.50 6.90
N PRO D 243 -12.79 61.55 8.21
CA PRO D 243 -14.03 61.15 8.86
C PRO D 243 -15.31 61.92 8.52
N GLU D 244 -15.22 63.24 8.39
CA GLU D 244 -16.42 64.10 8.28
C GLU D 244 -16.94 64.51 9.65
N GLU D 245 -17.43 65.74 9.72
CA GLU D 245 -17.77 66.37 10.99
C GLU D 245 -18.90 65.62 11.67
N GLY D 246 -18.77 65.50 12.99
CA GLY D 246 -19.69 64.73 13.78
C GLY D 246 -19.24 63.29 13.97
N TRP D 247 -18.09 62.92 13.43
CA TRP D 247 -17.60 61.55 13.55
C TRP D 247 -17.40 61.14 15.00
N GLU D 248 -16.97 62.09 15.82
CA GLU D 248 -16.75 61.83 17.23
C GLU D 248 -17.98 61.18 17.87
N GLU D 249 -19.15 61.73 17.60
CA GLU D 249 -20.38 61.27 18.20
C GLU D 249 -20.79 59.95 17.56
N GLN D 250 -20.70 59.91 16.24
CA GLN D 250 -21.01 58.70 15.45
C GLN D 250 -20.23 57.47 15.92
N MET D 251 -18.94 57.67 16.16
CA MET D 251 -18.06 56.62 16.65
C MET D 251 -18.45 56.17 18.05
N CYS D 252 -18.65 57.13 18.94
CA CYS D 252 -19.06 56.82 20.30
C CYS D 252 -20.42 56.14 20.35
N VAL D 253 -21.34 56.55 19.47
CA VAL D 253 -22.64 55.87 19.38
C VAL D 253 -22.47 54.40 18.98
N LYS D 254 -21.64 54.17 17.97
CA LYS D 254 -21.34 52.81 17.52
C LYS D 254 -20.77 51.94 18.67
N LEU D 255 -19.86 52.51 19.46
CA LEU D 255 -19.25 51.74 20.54
C LEU D 255 -20.23 51.46 21.67
N SER D 256 -21.08 52.43 22.00
CA SER D 256 -22.16 52.19 22.97
C SER D 256 -23.11 51.10 22.48
N GLU D 257 -23.48 51.14 21.22
CA GLU D 257 -24.32 50.09 20.63
C GLU D 257 -23.67 48.71 20.80
N ASN D 258 -22.37 48.62 20.53
CA ASN D 258 -21.67 47.37 20.72
C ASN D 258 -21.76 46.85 22.14
N ARG D 259 -21.61 47.73 23.14
CA ARG D 259 -21.68 47.27 24.53
C ARG D 259 -23.08 46.77 24.84
N ALA D 260 -24.08 47.49 24.36
CA ALA D 260 -25.46 47.05 24.49
C ALA D 260 -25.68 45.71 23.81
N ARG D 261 -25.03 45.51 22.67
CA ARG D 261 -25.08 44.22 21.98
C ARG D 261 -24.25 43.15 22.72
N LYS D 262 -23.55 43.53 23.80
CA LYS D 262 -22.75 42.61 24.63
C LYS D 262 -21.40 42.22 24.02
N LYS D 263 -20.99 42.95 22.98
CA LYS D 263 -19.73 42.64 22.32
C LYS D 263 -18.60 42.95 23.31
N ARG D 264 -17.74 41.98 23.58
CA ARG D 264 -16.75 42.08 24.65
C ARG D 264 -15.49 42.83 24.30
N LEU D 265 -15.41 43.38 23.09
CA LEU D 265 -14.29 44.25 22.74
C LEU D 265 -14.50 45.08 21.48
N ASN D 266 -13.77 46.18 21.37
CA ASN D 266 -13.80 47.02 20.19
C ASN D 266 -12.43 47.12 19.62
N ILE D 267 -12.36 47.22 18.29
CA ILE D 267 -11.12 47.39 17.58
C ILE D 267 -11.26 48.56 16.64
N ILE D 268 -10.40 49.55 16.83
CA ILE D 268 -10.33 50.73 15.97
C ILE D 268 -8.95 50.82 15.31
N ILE D 269 -8.94 50.83 13.99
CA ILE D 269 -7.71 50.82 13.22
C ILE D 269 -7.46 52.24 12.78
N VAL D 270 -6.21 52.70 12.96
CA VAL D 270 -5.83 54.08 12.62
C VAL D 270 -4.56 54.15 11.78
N ALA D 271 -4.70 54.65 10.55
CA ALA D 271 -3.54 54.88 9.71
C ALA D 271 -2.63 55.91 10.37
N GLU D 272 -1.32 55.66 10.31
CA GLU D 272 -0.28 56.61 10.71
C GLU D 272 -0.63 58.03 10.34
N GLY D 273 -1.05 58.25 9.09
CA GLY D 273 -1.32 59.60 8.59
C GLY D 273 -2.79 59.96 8.49
N ALA D 274 -3.60 59.40 9.37
CA ALA D 274 -5.01 59.77 9.49
C ALA D 274 -5.15 61.26 9.71
N ILE D 275 -6.13 61.87 9.08
CA ILE D 275 -6.31 63.31 9.19
C ILE D 275 -7.77 63.77 9.08
N ASP D 276 -8.01 64.97 9.63
CA ASP D 276 -9.16 65.87 9.57
C ASP D 276 -9.51 66.33 8.19
N THR D 277 -10.76 66.71 7.92
CA THR D 277 -11.05 67.40 6.65
C THR D 277 -10.23 68.68 6.53
N GLN D 278 -9.72 69.14 7.66
CA GLN D 278 -8.82 70.30 7.68
C GLN D 278 -7.36 69.88 7.65
N ASN D 279 -7.11 68.60 7.39
CA ASN D 279 -5.74 68.06 7.36
C ASN D 279 -5.02 68.02 8.68
N LYS D 280 -5.73 68.24 9.78
CA LYS D 280 -5.13 68.06 11.09
C LYS D 280 -5.00 66.56 11.36
N PRO D 281 -3.89 66.14 11.98
CA PRO D 281 -3.74 64.74 12.35
C PRO D 281 -4.76 64.28 13.36
N ILE D 282 -5.31 63.10 13.13
CA ILE D 282 -6.06 62.37 14.12
C ILE D 282 -5.14 61.29 14.64
N THR D 283 -4.72 61.42 15.88
CA THR D 283 -3.76 60.49 16.45
C THR D 283 -4.48 59.42 17.27
N SER D 284 -3.79 58.31 17.48
CA SER D 284 -4.32 57.22 18.28
C SER D 284 -4.56 57.67 19.70
N GLU D 285 -3.72 58.56 20.21
CA GLU D 285 -3.87 59.06 21.57
C GLU D 285 -5.14 59.88 21.71
N LYS D 286 -5.40 60.77 20.76
CA LYS D 286 -6.64 61.54 20.76
C LYS D 286 -7.86 60.62 20.70
N ILE D 287 -7.80 59.59 19.87
CA ILE D 287 -8.89 58.62 19.81
C ILE D 287 -9.11 58.01 21.21
N LYS D 288 -8.03 57.66 21.89
CA LYS D 288 -8.12 57.06 23.24
C LYS D 288 -8.75 58.02 24.23
N GLU D 289 -8.27 59.27 24.23
CA GLU D 289 -8.83 60.33 25.07
C GLU D 289 -10.32 60.49 24.85
N LEU D 290 -10.71 60.48 23.59
CA LEU D 290 -12.10 60.64 23.22
C LEU D 290 -12.97 59.52 23.80
N VAL D 291 -12.53 58.27 23.66
CA VAL D 291 -13.32 57.14 24.14
C VAL D 291 -13.41 57.12 25.66
N VAL D 292 -12.28 57.37 26.31
CA VAL D 292 -12.24 57.39 27.77
C VAL D 292 -13.09 58.54 28.31
N THR D 293 -12.97 59.71 27.70
CA THR D 293 -13.78 60.87 28.06
C THR D 293 -15.26 60.61 27.89
N GLN D 294 -15.68 60.31 26.67
CA GLN D 294 -17.10 60.19 26.35
C GLN D 294 -17.76 58.98 26.96
N LEU D 295 -17.11 57.83 26.87
CA LEU D 295 -17.72 56.56 27.28
C LEU D 295 -17.08 55.94 28.52
N GLY D 296 -15.90 56.42 28.91
CA GLY D 296 -15.20 55.86 30.07
C GLY D 296 -14.81 54.40 29.96
N TYR D 297 -14.76 53.88 28.73
CA TYR D 297 -14.38 52.46 28.54
C TYR D 297 -12.89 52.30 28.72
N ASP D 298 -12.51 51.08 29.07
CA ASP D 298 -11.13 50.73 29.27
C ASP D 298 -10.43 50.63 27.92
N THR D 299 -9.48 51.53 27.68
CA THR D 299 -8.90 51.70 26.34
C THR D 299 -7.38 51.62 26.37
N ARG D 300 -6.79 50.96 25.38
CA ARG D 300 -5.34 50.88 25.22
C ARG D 300 -4.97 51.14 23.77
N VAL D 301 -3.78 51.69 23.56
CA VAL D 301 -3.27 52.00 22.23
C VAL D 301 -2.05 51.13 21.94
N THR D 302 -2.02 50.54 20.76
CA THR D 302 -0.87 49.75 20.35
C THR D 302 -0.41 50.32 19.03
N ILE D 303 0.86 50.73 18.96
CA ILE D 303 1.47 51.15 17.69
C ILE D 303 2.24 49.96 17.17
N LEU D 304 1.77 49.34 16.09
CA LEU D 304 2.35 48.07 15.63
C LEU D 304 3.82 48.25 15.27
N GLY D 305 4.12 49.36 14.61
CA GLY D 305 5.52 49.66 14.29
C GLY D 305 6.09 48.71 13.27
N HIS D 306 7.40 48.51 13.37
CA HIS D 306 8.17 47.85 12.32
C HIS D 306 7.97 46.35 12.16
N VAL D 307 7.28 45.73 13.10
CA VAL D 307 6.83 44.37 12.95
C VAL D 307 6.09 44.18 11.62
N GLN D 308 5.40 45.21 11.15
CA GLN D 308 4.61 45.11 9.94
C GLN D 308 5.49 44.94 8.72
N ARG D 309 6.73 45.40 8.80
CA ARG D 309 7.70 45.22 7.72
C ARG D 309 8.45 43.90 7.79
N GLY D 310 8.22 43.09 8.82
CA GLY D 310 9.04 41.91 9.08
C GLY D 310 8.33 40.58 8.90
N GLY D 311 8.96 39.53 9.39
CA GLY D 311 8.35 38.21 9.37
C GLY D 311 8.60 37.60 8.02
N THR D 312 8.01 36.43 7.76
CA THR D 312 8.31 35.73 6.52
C THR D 312 7.35 36.18 5.40
N PRO D 313 7.82 36.16 4.16
CA PRO D 313 6.89 36.52 3.10
C PRO D 313 5.75 35.51 2.94
N SER D 314 4.56 36.02 2.69
CA SER D 314 3.42 35.21 2.41
C SER D 314 3.62 34.53 1.09
N ALA D 315 2.77 33.55 0.80
CA ALA D 315 2.81 32.82 -0.47
C ALA D 315 2.56 33.74 -1.66
N PHE D 316 1.61 34.66 -1.48
CA PHE D 316 1.24 35.61 -2.51
C PHE D 316 2.43 36.52 -2.82
N ASP D 317 3.04 37.08 -1.80
CA ASP D 317 4.19 37.95 -2.02
C ASP D 317 5.36 37.24 -2.69
N ARG D 318 5.60 35.99 -2.35
CA ARG D 318 6.72 35.26 -2.96
C ARG D 318 6.46 35.03 -4.41
N ILE D 319 5.24 34.63 -4.73
CA ILE D 319 4.86 34.39 -6.11
C ILE D 319 4.84 35.68 -6.91
N LEU D 320 4.31 36.73 -6.31
CA LEU D 320 4.22 38.03 -6.97
C LEU D 320 5.61 38.55 -7.29
N ALA D 321 6.48 38.51 -6.29
CA ALA D 321 7.86 38.93 -6.45
C ALA D 321 8.57 38.12 -7.50
N SER D 322 8.27 36.84 -7.61
CA SER D 322 8.94 35.99 -8.58
C SER D 322 8.56 36.36 -9.98
N ARG D 323 7.25 36.50 -10.22
CA ARG D 323 6.72 36.90 -11.51
C ARG D 323 7.23 38.27 -11.93
N MET D 324 7.32 39.18 -10.97
CA MET D 324 7.81 40.50 -11.22
C MET D 324 9.31 40.51 -11.54
N GLY D 325 10.09 39.70 -10.83
CA GLY D 325 11.52 39.54 -11.09
C GLY D 325 11.75 39.06 -12.49
N VAL D 326 11.01 38.03 -12.88
CA VAL D 326 11.18 37.49 -14.22
C VAL D 326 10.76 38.50 -15.29
N GLU D 327 9.66 39.17 -15.05
CA GLU D 327 9.17 40.13 -15.99
C GLU D 327 10.13 41.34 -16.13
N ALA D 328 10.85 41.68 -15.06
CA ALA D 328 11.75 42.84 -15.07
C ALA D 328 12.95 42.57 -15.94
N VAL D 329 13.48 41.36 -15.84
CA VAL D 329 14.58 40.94 -16.71
C VAL D 329 14.15 40.96 -18.17
N ILE D 330 12.97 40.43 -18.45
CA ILE D 330 12.52 40.39 -19.82
C ILE D 330 12.38 41.81 -20.33
N ALA D 331 11.81 42.70 -19.54
CA ALA D 331 11.64 44.10 -19.96
C ALA D 331 12.97 44.73 -20.35
N LEU D 332 14.02 44.42 -19.58
CA LEU D 332 15.34 44.98 -19.83
C LEU D 332 15.91 44.49 -21.15
N LEU D 333 15.81 43.18 -21.40
CA LEU D 333 16.26 42.62 -22.67
C LEU D 333 15.55 43.27 -23.84
N GLU D 334 14.24 43.38 -23.73
CA GLU D 334 13.45 43.90 -24.82
C GLU D 334 13.57 45.42 -24.99
N ALA D 335 14.04 46.12 -23.97
CA ALA D 335 14.14 47.58 -24.02
C ALA D 335 15.07 48.07 -25.12
N THR D 336 14.68 49.19 -25.74
CA THR D 336 15.41 49.95 -26.76
C THR D 336 15.78 51.33 -26.20
N PRO D 337 16.67 52.07 -26.88
CA PRO D 337 16.86 53.47 -26.45
C PRO D 337 15.60 54.30 -26.64
N ASP D 338 14.80 53.94 -27.64
CA ASP D 338 13.53 54.61 -27.86
C ASP D 338 12.53 54.27 -26.77
N THR D 339 12.62 53.08 -26.16
CA THR D 339 11.64 52.73 -25.11
C THR D 339 11.95 53.42 -23.76
N PRO D 340 10.92 53.99 -23.14
CA PRO D 340 11.10 54.66 -21.84
C PRO D 340 11.28 53.69 -20.67
N ALA D 341 11.89 54.17 -19.59
CA ALA D 341 12.00 53.38 -18.38
C ALA D 341 10.60 53.00 -17.91
N CYS D 342 10.48 51.77 -17.41
CA CYS D 342 9.22 51.22 -17.00
C CYS D 342 9.22 50.73 -15.57
N VAL D 343 8.03 50.49 -15.05
CA VAL D 343 7.85 49.74 -13.83
C VAL D 343 7.04 48.53 -14.18
N VAL D 344 7.57 47.35 -13.86
CA VAL D 344 6.79 46.12 -14.04
C VAL D 344 5.71 46.06 -12.97
N SER D 345 4.54 45.60 -13.36
CA SER D 345 3.42 45.57 -12.44
C SER D 345 2.51 44.42 -12.75
N LEU D 346 1.57 44.22 -11.86
CA LEU D 346 0.53 43.25 -12.06
C LEU D 346 -0.80 43.97 -12.15
N ASN D 347 -1.39 43.97 -13.34
CA ASN D 347 -2.72 44.53 -13.52
C ASN D 347 -3.62 43.45 -14.01
N GLY D 348 -4.63 43.15 -13.20
CA GLY D 348 -5.60 42.13 -13.56
C GLY D 348 -4.92 40.79 -13.80
N ASN D 349 -3.94 40.51 -12.94
CA ASN D 349 -3.28 39.24 -13.02
C ASN D 349 -2.52 39.04 -14.32
N HIS D 350 -2.14 40.14 -14.96
CA HIS D 350 -1.27 40.08 -16.14
C HIS D 350 -0.05 40.93 -15.80
N ALA D 351 1.11 40.56 -16.37
CA ALA D 351 2.37 41.32 -16.20
C ALA D 351 2.38 42.46 -17.21
N VAL D 352 2.48 43.68 -16.70
CA VAL D 352 2.44 44.86 -17.55
C VAL D 352 3.61 45.77 -17.22
N ARG D 353 3.97 46.60 -18.18
CA ARG D 353 5.07 47.54 -18.02
C ARG D 353 4.49 48.94 -18.12
N LEU D 354 4.56 49.71 -17.05
CA LEU D 354 3.96 51.04 -17.02
C LEU D 354 5.07 52.05 -17.12
N PRO D 355 4.87 53.14 -17.89
CA PRO D 355 5.95 54.13 -17.97
C PRO D 355 6.26 54.73 -16.62
N LEU D 356 7.54 54.70 -16.27
CA LEU D 356 7.98 55.09 -14.95
C LEU D 356 7.64 56.54 -14.66
N MET D 357 7.93 57.41 -15.62
CA MET D 357 7.59 58.82 -15.48
C MET D 357 6.11 59.06 -15.15
N GLU D 358 5.23 58.38 -15.86
CA GLU D 358 3.78 58.54 -15.63
C GLU D 358 3.37 58.13 -14.22
N CYS D 359 4.00 57.08 -13.72
CA CYS D 359 3.67 56.57 -12.40
C CYS D 359 4.11 57.51 -11.29
N VAL D 360 5.25 58.15 -11.51
CA VAL D 360 5.77 59.12 -10.55
C VAL D 360 4.80 60.29 -10.45
N GLN D 361 4.33 60.73 -11.61
CA GLN D 361 3.43 61.86 -11.67
C GLN D 361 2.15 61.58 -10.92
N MET D 362 1.56 60.43 -11.22
CA MET D 362 0.40 59.89 -10.50
C MET D 362 0.49 59.98 -8.98
N THR D 363 1.64 59.61 -8.43
CA THR D 363 1.81 59.60 -6.99
C THR D 363 1.81 61.01 -6.42
N GLN D 364 2.46 61.94 -7.11
CA GLN D 364 2.42 63.35 -6.69
C GLN D 364 0.98 63.87 -6.68
N ASP D 365 0.24 63.54 -7.75
CA ASP D 365 -1.13 64.02 -7.95
C ASP D 365 -2.09 63.61 -6.85
N VAL D 366 -1.90 62.42 -6.31
CA VAL D 366 -2.68 62.03 -5.15
C VAL D 366 -2.37 62.92 -3.95
N GLN D 367 -1.08 63.11 -3.65
CA GLN D 367 -0.69 63.99 -2.54
C GLN D 367 -1.21 65.42 -2.75
N LYS D 368 -1.09 65.92 -3.98
CA LYS D 368 -1.67 67.21 -4.38
C LYS D 368 -3.14 67.31 -4.02
N ALA D 369 -3.91 66.33 -4.46
CA ALA D 369 -5.34 66.28 -4.18
C ALA D 369 -5.61 66.28 -2.69
N MET D 370 -4.81 65.52 -1.94
CA MET D 370 -4.91 65.48 -0.47
C MET D 370 -4.63 66.84 0.15
N ASP D 371 -3.61 67.52 -0.35
CA ASP D 371 -3.25 68.82 0.17
C ASP D 371 -4.30 69.85 -0.15
N GLU D 372 -4.79 69.81 -1.39
CA GLU D 372 -5.82 70.73 -1.78
C GLU D 372 -7.21 70.37 -1.16
N ARG D 373 -7.32 69.19 -0.53
CA ARG D 373 -8.55 68.75 0.14
C ARG D 373 -9.63 68.38 -0.85
N ARG D 374 -9.20 67.82 -1.97
CA ARG D 374 -10.08 67.21 -2.95
C ARG D 374 -10.04 65.73 -2.64
N PHE D 375 -10.72 65.35 -1.57
CA PHE D 375 -10.59 64.02 -0.98
C PHE D 375 -11.23 62.96 -1.84
N GLN D 376 -12.36 63.29 -2.46
CA GLN D 376 -12.97 62.40 -3.46
C GLN D 376 -12.00 62.07 -4.59
N ASP D 377 -11.19 63.06 -4.99
CA ASP D 377 -10.23 62.86 -6.08
C ASP D 377 -9.12 61.92 -5.63
N ALA D 378 -8.64 62.12 -4.41
CA ALA D 378 -7.65 61.24 -3.81
C ALA D 378 -8.12 59.79 -3.94
N VAL D 379 -9.35 59.51 -3.50
CA VAL D 379 -9.90 58.15 -3.57
C VAL D 379 -10.08 57.64 -5.00
N ARG D 380 -10.54 58.53 -5.88
CA ARG D 380 -10.61 58.25 -7.31
C ARG D 380 -9.24 57.81 -7.85
N LEU D 381 -8.20 58.58 -7.54
CA LEU D 381 -6.85 58.29 -7.99
C LEU D 381 -6.27 56.98 -7.45
N ARG D 382 -6.72 56.53 -6.29
CA ARG D 382 -6.21 55.27 -5.74
C ARG D 382 -6.71 54.04 -6.52
N GLY D 383 -7.75 54.20 -7.33
CA GLY D 383 -8.23 53.13 -8.21
C GLY D 383 -9.58 52.55 -7.82
N ARG D 384 -10.12 51.72 -8.72
CA ARG D 384 -11.47 51.12 -8.56
C ARG D 384 -11.59 50.27 -7.31
N SER D 385 -10.62 49.40 -7.11
CA SER D 385 -10.65 48.46 -6.00
C SER D 385 -10.50 49.14 -4.64
N PHE D 386 -9.86 50.31 -4.58
CA PHE D 386 -9.79 51.05 -3.33
C PHE D 386 -11.17 51.51 -2.89
N ALA D 387 -11.88 52.18 -3.78
CA ALA D 387 -13.26 52.57 -3.51
C ALA D 387 -14.15 51.35 -3.21
N GLY D 388 -13.85 50.21 -3.84
CA GLY D 388 -14.55 48.95 -3.57
C GLY D 388 -14.42 48.47 -2.13
N ASN D 389 -13.17 48.37 -1.67
CA ASN D 389 -12.88 48.10 -0.27
C ASN D 389 -13.54 49.08 0.71
N LEU D 390 -13.58 50.35 0.34
CA LEU D 390 -14.06 51.38 1.23
C LEU D 390 -15.55 51.30 1.40
N ASN D 391 -16.24 51.14 0.28
CA ASN D 391 -17.69 51.07 0.34
C ASN D 391 -18.13 49.81 1.03
N THR D 392 -17.48 48.70 0.70
CA THR D 392 -17.77 47.45 1.34
C THR D 392 -17.50 47.51 2.84
N TYR D 393 -16.39 48.12 3.24
CA TYR D 393 -16.13 48.24 4.67
C TYR D 393 -17.28 48.94 5.37
N LYS D 394 -17.64 50.13 4.89
CA LYS D 394 -18.69 50.90 5.58
C LYS D 394 -20.01 50.15 5.65
N ARG D 395 -20.46 49.61 4.51
CA ARG D 395 -21.67 48.82 4.46
C ARG D 395 -21.76 47.78 5.57
N LEU D 396 -20.65 47.14 5.92
CA LEU D 396 -20.69 46.03 6.87
C LEU D 396 -20.44 46.46 8.33
N ALA D 397 -19.93 47.67 8.53
CA ALA D 397 -19.61 48.17 9.86
C ALA D 397 -20.75 48.95 10.46
N ILE D 398 -21.45 49.70 9.59
CA ILE D 398 -22.47 50.64 10.05
C ILE D 398 -23.89 50.22 9.54
N LYS D 399 -24.73 49.78 10.46
CA LYS D 399 -26.10 49.40 10.15
C LYS D 399 -27.03 50.58 10.36
N LEU D 400 -27.75 51.00 9.31
CA LEU D 400 -28.78 52.02 9.49
C LEU D 400 -29.85 51.45 10.41
N PRO D 401 -30.45 52.29 11.25
CA PRO D 401 -31.57 51.81 12.07
C PRO D 401 -32.65 51.16 11.20
N ASP D 402 -33.33 50.18 11.75
CA ASP D 402 -34.26 49.38 10.97
C ASP D 402 -35.33 50.24 10.24
N ASP D 403 -35.84 51.22 10.98
CA ASP D 403 -36.90 52.11 10.48
C ASP D 403 -36.44 52.74 9.19
N GLN D 404 -35.15 53.08 9.14
CA GLN D 404 -34.55 53.67 7.95
C GLN D 404 -34.40 52.75 6.76
N ILE D 405 -34.35 51.45 6.99
CA ILE D 405 -34.22 50.55 5.89
C ILE D 405 -35.60 50.10 5.50
N PRO D 406 -36.04 50.57 4.34
CA PRO D 406 -37.38 50.47 3.75
C PRO D 406 -37.96 49.05 3.81
N LYS D 407 -37.17 48.10 3.36
CA LYS D 407 -37.54 46.71 3.34
C LYS D 407 -38.35 46.49 2.11
N THR D 408 -38.16 45.30 1.60
CA THR D 408 -38.87 44.76 0.46
C THR D 408 -39.22 43.39 0.89
N ASN D 409 -40.14 42.76 0.19
CA ASN D 409 -40.65 41.53 0.75
C ASN D 409 -40.06 40.27 0.18
N CYS D 410 -38.71 40.22 0.07
CA CYS D 410 -38.06 39.00 -0.34
C CYS D 410 -37.30 38.29 0.77
N ASN D 411 -37.32 36.97 0.70
CA ASN D 411 -36.47 36.17 1.54
C ASN D 411 -35.35 35.59 0.70
N VAL D 412 -34.10 35.84 1.12
CA VAL D 412 -32.91 35.36 0.40
C VAL D 412 -32.17 34.34 1.26
N ALA D 413 -31.88 33.18 0.66
CA ALA D 413 -31.23 32.09 1.36
C ALA D 413 -29.74 32.03 1.04
N VAL D 414 -28.95 31.65 2.06
CA VAL D 414 -27.49 31.55 2.02
C VAL D 414 -27.11 30.17 2.49
N ILE D 415 -26.12 29.57 1.83
CA ILE D 415 -25.77 28.16 2.06
C ILE D 415 -24.29 27.88 1.74
N ASN D 416 -23.75 26.83 2.33
CA ASN D 416 -22.39 26.37 2.02
C ASN D 416 -22.42 24.98 1.43
N VAL D 417 -21.70 24.75 0.34
CA VAL D 417 -21.73 23.46 -0.35
C VAL D 417 -20.35 23.03 -0.82
N GLY D 418 -19.98 21.79 -0.51
CA GLY D 418 -18.66 21.27 -0.78
C GLY D 418 -17.90 21.06 0.52
N ALA D 419 -16.58 20.87 0.43
CA ALA D 419 -15.75 20.75 1.61
C ALA D 419 -15.64 22.11 2.25
N PRO D 420 -15.25 22.16 3.52
CA PRO D 420 -15.04 23.44 4.16
C PRO D 420 -13.89 24.19 3.52
N ALA D 421 -14.01 25.51 3.47
CA ALA D 421 -12.95 26.36 2.95
C ALA D 421 -12.85 27.62 3.79
N ALA D 422 -11.65 27.95 4.21
CA ALA D 422 -11.37 29.14 4.98
C ALA D 422 -11.85 30.40 4.25
N GLY D 423 -12.66 31.20 4.93
CA GLY D 423 -13.26 32.38 4.29
C GLY D 423 -14.77 32.22 4.05
N MET D 424 -15.31 31.01 4.18
CA MET D 424 -16.77 30.78 4.06
C MET D 424 -17.60 31.61 5.05
N ASN D 425 -17.16 31.68 6.30
CA ASN D 425 -17.85 32.46 7.32
C ASN D 425 -17.82 33.96 7.04
N ALA D 426 -16.67 34.49 6.62
CA ALA D 426 -16.60 35.87 6.18
C ALA D 426 -17.61 36.13 5.07
N ALA D 427 -17.73 35.18 4.15
CA ALA D 427 -18.65 35.27 3.02
C ALA D 427 -20.12 35.30 3.43
N VAL D 428 -20.49 34.42 4.35
CA VAL D 428 -21.84 34.41 4.90
C VAL D 428 -22.12 35.74 5.59
N ARG D 429 -21.14 36.20 6.39
CA ARG D 429 -21.31 37.42 7.14
C ARG D 429 -21.64 38.59 6.21
N SER D 430 -20.88 38.68 5.15
CA SER D 430 -21.02 39.77 4.23
C SER D 430 -22.36 39.69 3.51
N ALA D 431 -22.76 38.49 3.09
CA ALA D 431 -23.97 38.31 2.30
C ALA D 431 -25.20 38.64 3.12
N VAL D 432 -25.20 38.15 4.34
CA VAL D 432 -26.27 38.42 5.28
C VAL D 432 -26.44 39.91 5.53
N ARG D 433 -25.33 40.61 5.81
CA ARG D 433 -25.41 42.00 6.21
C ARG D 433 -25.77 42.91 5.04
N VAL D 434 -25.27 42.58 3.86
CA VAL D 434 -25.64 43.31 2.64
C VAL D 434 -27.11 43.06 2.33
N GLY D 435 -27.55 41.83 2.50
CA GLY D 435 -28.95 41.47 2.29
C GLY D 435 -29.88 42.26 3.19
N ILE D 436 -29.54 42.32 4.48
CA ILE D 436 -30.31 43.08 5.44
C ILE D 436 -30.27 44.59 5.11
N ALA D 437 -29.08 45.11 4.83
CA ALA D 437 -28.94 46.49 4.38
C ALA D 437 -29.80 46.81 3.15
N ASP D 438 -30.02 45.82 2.28
CA ASP D 438 -30.89 45.98 1.10
C ASP D 438 -32.35 45.73 1.40
N GLY D 439 -32.70 45.50 2.68
CA GLY D 439 -34.10 45.33 3.07
C GLY D 439 -34.70 43.97 2.79
N HIS D 440 -33.86 42.96 2.55
CA HIS D 440 -34.34 41.59 2.47
C HIS D 440 -34.37 40.99 3.85
N ARG D 441 -34.96 39.81 3.91
CA ARG D 441 -34.96 38.96 5.07
C ARG D 441 -33.98 37.81 4.76
N MET D 442 -33.01 37.55 5.62
CA MET D 442 -31.99 36.56 5.30
C MET D 442 -32.27 35.24 5.99
N LEU D 443 -32.27 34.17 5.20
CA LEU D 443 -32.42 32.82 5.70
C LEU D 443 -31.11 32.01 5.59
N ALA D 444 -30.69 31.41 6.70
CA ALA D 444 -29.50 30.59 6.72
C ALA D 444 -29.96 29.17 6.53
N ILE D 445 -29.40 28.50 5.52
CA ILE D 445 -29.54 27.07 5.39
C ILE D 445 -28.26 26.41 5.93
N TYR D 446 -28.45 25.32 6.68
CA TYR D 446 -27.41 24.65 7.43
C TYR D 446 -27.12 23.32 6.77
N ASP D 447 -25.85 22.90 6.79
CA ASP D 447 -25.40 21.62 6.24
C ASP D 447 -25.67 21.42 4.77
N GLY D 448 -25.58 22.47 3.97
CA GLY D 448 -25.71 22.30 2.54
C GLY D 448 -27.05 21.74 2.12
N PHE D 449 -27.08 21.01 1.02
CA PHE D 449 -28.33 20.49 0.50
C PHE D 449 -28.90 19.42 1.43
N ASP D 450 -28.06 18.85 2.28
CA ASP D 450 -28.50 17.87 3.26
C ASP D 450 -29.48 18.54 4.20
N GLY D 451 -29.09 19.67 4.77
CA GLY D 451 -29.96 20.41 5.68
C GLY D 451 -31.12 21.04 4.95
N PHE D 452 -30.87 21.42 3.70
CA PHE D 452 -31.90 22.04 2.86
C PHE D 452 -33.07 21.08 2.67
N ALA D 453 -32.75 19.85 2.28
CA ALA D 453 -33.77 18.82 2.10
C ALA D 453 -34.49 18.53 3.40
N LYS D 454 -33.76 18.61 4.50
CA LYS D 454 -34.34 18.39 5.81
C LYS D 454 -34.98 19.62 6.48
N GLY D 455 -35.17 20.70 5.73
CA GLY D 455 -35.70 21.94 6.31
C GLY D 455 -34.92 22.58 7.45
N GLN D 456 -33.60 22.42 7.49
CA GLN D 456 -32.75 23.09 8.50
C GLN D 456 -32.50 24.54 8.09
N ILE D 457 -33.53 25.37 8.25
CA ILE D 457 -33.51 26.71 7.74
C ILE D 457 -34.06 27.65 8.79
N LYS D 458 -33.39 28.78 8.98
CA LYS D 458 -33.71 29.71 10.04
C LYS D 458 -33.32 31.08 9.58
N GLU D 459 -34.13 32.08 9.94
CA GLU D 459 -33.80 33.49 9.70
C GLU D 459 -32.52 33.78 10.43
N ILE D 460 -31.75 34.70 9.88
CA ILE D 460 -30.49 35.09 10.49
C ILE D 460 -30.34 36.61 10.34
N GLY D 461 -29.79 37.26 11.37
CA GLY D 461 -29.69 38.69 11.39
C GLY D 461 -28.28 39.24 11.52
N TRP D 462 -28.18 40.56 11.42
CA TRP D 462 -26.94 41.31 11.49
C TRP D 462 -26.03 40.94 12.63
N THR D 463 -26.64 40.72 13.77
CA THR D 463 -25.91 40.45 14.98
C THR D 463 -25.39 38.98 14.98
N ASP D 464 -26.18 38.09 14.40
CA ASP D 464 -25.87 36.66 14.35
C ASP D 464 -24.52 36.35 13.72
N VAL D 465 -24.14 37.14 12.72
CA VAL D 465 -22.90 36.90 11.98
C VAL D 465 -21.76 37.76 12.46
N GLY D 466 -21.95 38.44 13.59
CA GLY D 466 -20.90 39.25 14.16
C GLY D 466 -19.70 38.40 14.53
N GLY D 467 -18.51 38.84 14.14
CA GLY D 467 -17.27 38.16 14.54
C GLY D 467 -16.88 37.00 13.65
N TRP D 468 -17.64 36.72 12.61
CA TRP D 468 -17.35 35.59 11.76
C TRP D 468 -16.11 35.79 10.83
N THR D 469 -15.70 37.03 10.58
CA THR D 469 -14.81 37.28 9.45
C THR D 469 -13.55 36.44 9.53
N GLY D 470 -12.95 36.38 10.71
CA GLY D 470 -11.70 35.61 10.91
C GLY D 470 -11.86 34.15 11.32
N GLN D 471 -13.03 33.57 11.12
CA GLN D 471 -13.31 32.21 11.55
C GLN D 471 -13.17 31.22 10.42
N GLY D 472 -12.33 30.22 10.64
CA GLY D 472 -12.13 29.15 9.69
C GLY D 472 -13.34 28.24 9.66
N GLY D 473 -13.31 27.25 8.78
CA GLY D 473 -14.38 26.27 8.70
C GLY D 473 -15.65 26.83 8.11
N SER D 474 -16.75 26.15 8.42
CA SER D 474 -18.10 26.55 8.04
C SER D 474 -18.98 26.49 9.26
N ILE D 475 -19.46 27.64 9.73
CA ILE D 475 -20.34 27.69 10.90
C ILE D 475 -21.75 27.20 10.59
N LEU D 476 -22.25 27.50 9.41
CA LEU D 476 -23.51 26.93 8.97
C LEU D 476 -23.40 25.46 8.69
N GLY D 477 -22.20 24.99 8.40
CA GLY D 477 -22.01 23.60 7.99
C GLY D 477 -22.13 23.46 6.48
N THR D 478 -21.36 22.52 5.94
CA THR D 478 -21.27 22.30 4.51
C THR D 478 -21.19 20.82 4.24
N LYS D 479 -21.82 20.40 3.16
CA LYS D 479 -21.78 19.00 2.74
C LYS D 479 -21.63 18.91 1.23
N ARG D 480 -21.14 17.78 0.78
CA ARG D 480 -20.90 17.60 -0.65
C ARG D 480 -22.11 17.14 -1.39
N VAL D 481 -23.13 16.67 -0.68
CA VAL D 481 -24.24 15.98 -1.33
C VAL D 481 -24.93 16.94 -2.26
N LEU D 482 -25.30 16.39 -3.42
CA LEU D 482 -25.98 17.13 -4.48
C LEU D 482 -27.51 17.07 -4.39
N PRO D 483 -28.18 18.10 -4.91
CA PRO D 483 -29.64 18.19 -4.77
C PRO D 483 -30.45 17.22 -5.61
N GLY D 484 -29.86 16.66 -6.66
CA GLY D 484 -30.60 15.92 -7.70
C GLY D 484 -31.62 14.89 -7.25
N LYS D 485 -31.26 14.10 -6.23
CA LYS D 485 -32.17 13.07 -5.70
C LYS D 485 -33.10 13.60 -4.61
N TYR D 486 -33.07 14.90 -4.33
CA TYR D 486 -33.86 15.48 -3.24
C TYR D 486 -34.60 16.71 -3.75
N LEU D 487 -34.88 16.75 -5.05
CA LEU D 487 -35.51 17.94 -5.67
C LEU D 487 -36.89 18.29 -5.09
N GLU D 488 -37.71 17.28 -4.79
CA GLU D 488 -39.05 17.52 -4.28
C GLU D 488 -39.02 18.09 -2.85
N GLU D 489 -38.17 17.53 -1.99
CA GLU D 489 -38.07 17.95 -0.59
C GLU D 489 -37.54 19.37 -0.52
N ILE D 490 -36.60 19.68 -1.43
CA ILE D 490 -36.00 21.01 -1.50
C ILE D 490 -37.00 22.01 -2.06
N ALA D 491 -37.69 21.63 -3.13
CA ALA D 491 -38.76 22.46 -3.68
C ALA D 491 -39.79 22.80 -2.59
N THR D 492 -40.13 21.81 -1.78
CA THR D 492 -41.06 22.02 -0.70
C THR D 492 -40.57 23.09 0.27
N GLN D 493 -39.30 23.00 0.67
CA GLN D 493 -38.76 23.96 1.62
C GLN D 493 -38.74 25.35 1.05
N MET D 494 -38.50 25.48 -0.25
CA MET D 494 -38.46 26.81 -0.85
C MET D 494 -39.83 27.45 -0.82
N ARG D 495 -40.84 26.63 -1.09
CA ARG D 495 -42.24 27.03 -1.03
C ARG D 495 -42.63 27.35 0.42
N THR D 496 -42.33 26.42 1.33
CA THR D 496 -42.60 26.57 2.75
C THR D 496 -41.99 27.86 3.30
N HIS D 497 -40.74 28.15 2.96
CA HIS D 497 -40.08 29.35 3.49
C HIS D 497 -40.10 30.54 2.55
N SER D 498 -40.90 30.46 1.47
CA SER D 498 -41.10 31.58 0.54
C SER D 498 -39.73 32.16 0.11
N ILE D 499 -38.86 31.29 -0.42
CA ILE D 499 -37.47 31.67 -0.74
C ILE D 499 -37.40 32.28 -2.12
N ASN D 500 -36.98 33.54 -2.17
CA ASN D 500 -36.99 34.30 -3.43
C ASN D 500 -35.68 34.26 -4.19
N ALA D 501 -34.59 33.95 -3.50
CA ALA D 501 -33.27 33.85 -4.16
C ALA D 501 -32.34 33.00 -3.33
N LEU D 502 -31.25 32.57 -3.97
CA LEU D 502 -30.29 31.66 -3.37
C LEU D 502 -28.85 32.09 -3.70
N LEU D 503 -28.05 32.28 -2.65
CA LEU D 503 -26.61 32.46 -2.77
C LEU D 503 -25.92 31.21 -2.24
N ILE D 504 -25.14 30.53 -3.09
CA ILE D 504 -24.36 29.37 -2.66
C ILE D 504 -22.88 29.67 -2.62
N ILE D 505 -22.30 29.58 -1.43
CA ILE D 505 -20.87 29.72 -1.27
C ILE D 505 -20.27 28.30 -1.25
N GLY D 506 -19.49 27.94 -2.26
CA GLY D 506 -18.92 26.59 -2.30
C GLY D 506 -18.14 26.20 -3.53
N GLY D 507 -17.86 24.92 -3.67
CA GLY D 507 -16.92 24.45 -4.66
C GLY D 507 -17.57 23.90 -5.91
N PHE D 508 -16.96 22.89 -6.49
CA PHE D 508 -17.43 22.33 -7.71
C PHE D 508 -18.82 21.75 -7.52
N GLU D 509 -19.11 21.14 -6.37
CA GLU D 509 -20.48 20.62 -6.14
C GLU D 509 -21.55 21.72 -6.09
N ALA D 510 -21.17 22.91 -5.64
CA ALA D 510 -22.06 24.06 -5.73
C ALA D 510 -22.46 24.31 -7.17
N TYR D 511 -21.50 24.17 -8.07
CA TYR D 511 -21.72 24.43 -9.48
C TYR D 511 -22.60 23.33 -10.07
N LEU D 512 -22.28 22.07 -9.77
CA LEU D 512 -23.12 20.94 -10.18
C LEU D 512 -24.50 21.09 -9.63
N GLY D 513 -24.60 21.54 -8.39
CA GLY D 513 -25.89 21.83 -7.78
C GLY D 513 -26.69 22.81 -8.59
N LEU D 514 -26.08 23.92 -8.98
CA LEU D 514 -26.78 24.93 -9.77
C LEU D 514 -27.27 24.33 -11.09
N LEU D 515 -26.45 23.48 -11.70
CA LEU D 515 -26.81 22.85 -12.95
C LEU D 515 -28.07 22.00 -12.79
N GLU D 516 -28.11 21.26 -11.70
CA GLU D 516 -29.24 20.42 -11.41
C GLU D 516 -30.50 21.25 -11.20
N LEU D 517 -30.39 22.32 -10.42
CA LEU D 517 -31.54 23.16 -10.11
C LEU D 517 -32.03 23.88 -11.36
N SER D 518 -31.10 24.31 -12.20
CA SER D 518 -31.47 24.89 -13.49
C SER D 518 -32.29 23.92 -14.34
N ALA D 519 -31.83 22.69 -14.43
CA ALA D 519 -32.50 21.65 -15.17
C ALA D 519 -33.87 21.30 -14.58
N ALA D 520 -33.98 21.40 -13.26
CA ALA D 520 -35.22 21.08 -12.57
C ALA D 520 -36.30 22.20 -12.61
N ARG D 521 -36.01 23.32 -13.26
CA ARG D 521 -36.96 24.43 -13.33
C ARG D 521 -38.30 24.12 -13.99
N GLU D 522 -38.30 23.25 -14.99
CA GLU D 522 -39.51 23.02 -15.75
C GLU D 522 -40.50 22.22 -14.89
N LYS D 523 -39.98 21.27 -14.10
CA LYS D 523 -40.80 20.42 -13.25
C LYS D 523 -41.10 21.03 -11.88
N HIS D 524 -40.29 22.01 -11.47
CA HIS D 524 -40.47 22.69 -10.20
C HIS D 524 -40.32 24.20 -10.35
N GLU D 525 -41.42 24.93 -10.17
CA GLU D 525 -41.41 26.39 -10.34
C GLU D 525 -40.66 27.13 -9.24
N GLU D 526 -40.51 26.43 -8.12
CA GLU D 526 -39.84 26.98 -6.97
C GLU D 526 -38.38 27.32 -7.25
N PHE D 527 -37.79 26.66 -8.25
CA PHE D 527 -36.44 27.00 -8.67
C PHE D 527 -36.37 28.09 -9.72
N CYS D 528 -37.49 28.68 -10.12
CA CYS D 528 -37.46 29.76 -11.11
C CYS D 528 -37.23 31.09 -10.40
N VAL D 529 -36.09 31.15 -9.72
CA VAL D 529 -35.66 32.30 -8.96
C VAL D 529 -34.20 32.60 -9.31
N PRO D 530 -33.74 33.82 -9.02
CA PRO D 530 -32.32 34.08 -9.24
C PRO D 530 -31.43 33.28 -8.26
N MET D 531 -30.41 32.64 -8.82
CA MET D 531 -29.46 31.84 -8.07
C MET D 531 -28.05 32.19 -8.49
N VAL D 532 -27.17 32.40 -7.54
CA VAL D 532 -25.79 32.71 -7.82
C VAL D 532 -24.87 32.00 -6.84
N MET D 533 -23.67 31.66 -7.29
CA MET D 533 -22.67 31.03 -6.44
C MET D 533 -21.38 31.84 -6.47
N VAL D 534 -20.71 31.88 -5.33
CA VAL D 534 -19.33 32.34 -5.29
C VAL D 534 -18.40 31.15 -5.01
N PRO D 535 -17.19 31.16 -5.59
CA PRO D 535 -16.34 29.99 -5.42
C PRO D 535 -15.58 29.96 -4.10
N ALA D 536 -15.80 28.90 -3.33
CA ALA D 536 -15.06 28.69 -2.12
C ALA D 536 -14.58 27.26 -2.11
N THR D 537 -13.26 27.12 -2.17
CA THR D 537 -12.62 25.82 -2.14
C THR D 537 -11.12 26.03 -2.08
N VAL D 538 -10.46 25.15 -1.36
CA VAL D 538 -9.03 25.18 -1.26
C VAL D 538 -8.37 24.86 -2.61
N SER D 539 -9.08 24.08 -3.43
CA SER D 539 -8.51 23.55 -4.67
C SER D 539 -8.41 24.53 -5.84
N ASN D 540 -9.20 25.60 -5.82
CA ASN D 540 -9.30 26.53 -6.94
C ASN D 540 -9.64 25.85 -8.28
N ASN D 541 -10.63 24.97 -8.26
CA ASN D 541 -11.03 24.24 -9.45
C ASN D 541 -12.46 24.56 -9.90
N VAL D 542 -12.97 25.73 -9.56
CA VAL D 542 -14.31 26.11 -9.98
C VAL D 542 -14.29 26.82 -11.33
N PRO D 543 -14.99 26.26 -12.32
CA PRO D 543 -15.01 26.97 -13.60
C PRO D 543 -15.67 28.34 -13.50
N GLY D 544 -15.08 29.32 -14.18
CA GLY D 544 -15.55 30.71 -14.10
C GLY D 544 -14.82 31.57 -13.10
N SER D 545 -13.84 31.04 -12.40
CA SER D 545 -13.04 31.89 -11.53
C SER D 545 -11.57 31.54 -11.55
N ASP D 546 -10.73 32.56 -11.51
CA ASP D 546 -9.29 32.36 -11.49
C ASP D 546 -8.86 32.02 -10.06
N PHE D 547 -9.69 32.44 -9.10
CA PHE D 547 -9.40 32.25 -7.69
C PHE D 547 -10.64 31.77 -6.95
N SER D 548 -10.41 30.97 -5.92
CA SER D 548 -11.45 30.58 -5.04
C SER D 548 -11.08 30.89 -3.58
N ILE D 549 -12.12 31.18 -2.79
CA ILE D 549 -11.98 31.49 -1.39
C ILE D 549 -11.44 30.28 -0.68
N GLY D 550 -10.27 30.44 -0.08
CA GLY D 550 -9.65 29.38 0.72
C GLY D 550 -8.29 28.97 0.21
N ALA D 551 -8.05 29.17 -1.07
CA ALA D 551 -6.85 28.60 -1.68
C ALA D 551 -5.58 29.29 -1.20
N ASP D 552 -5.64 30.61 -1.03
CA ASP D 552 -4.53 31.40 -0.42
C ASP D 552 -4.16 30.90 0.98
N THR D 553 -5.16 30.53 1.76
CA THR D 553 -4.91 30.01 3.08
C THR D 553 -4.16 28.69 2.99
N ALA D 554 -4.64 27.80 2.14
CA ALA D 554 -3.98 26.53 1.91
C ALA D 554 -2.55 26.74 1.43
N LEU D 555 -2.35 27.65 0.47
CA LEU D 555 -1.01 27.90 -0.07
C LEU D 555 -0.06 28.34 1.01
N ASN D 556 -0.57 29.15 1.93
CA ASN D 556 0.26 29.62 3.01
C ASN D 556 0.63 28.49 3.95
N THR D 557 -0.27 27.53 4.12
CA THR D 557 0.02 26.38 4.98
C THR D 557 1.05 25.47 4.31
N ILE D 558 0.85 25.19 3.03
CA ILE D 558 1.77 24.37 2.26
C ILE D 558 3.16 25.00 2.27
N THR D 559 3.20 26.30 2.04
CA THR D 559 4.45 27.04 1.95
C THR D 559 5.18 26.98 3.29
N ASP D 560 4.47 27.18 4.38
CA ASP D 560 5.11 27.10 5.68
C ASP D 560 5.62 25.68 5.97
N THR D 561 4.80 24.70 5.64
CA THR D 561 5.20 23.31 5.83
C THR D 561 6.42 22.94 4.99
N CYS D 562 6.46 23.43 3.76
CA CYS D 562 7.62 23.18 2.94
C CYS D 562 8.88 23.87 3.44
N ASP D 563 8.76 25.08 3.97
CA ASP D 563 9.91 25.78 4.54
C ASP D 563 10.54 24.91 5.57
N ARG D 564 9.70 24.30 6.39
CA ARG D 564 10.19 23.45 7.45
C ARG D 564 10.85 22.19 6.94
N ILE D 565 10.22 21.56 5.94
CA ILE D 565 10.73 20.31 5.41
C ILE D 565 12.10 20.53 4.77
N LYS D 566 12.22 21.64 4.05
CA LYS D 566 13.47 22.05 3.46
C LYS D 566 14.57 22.24 4.51
N GLN D 567 14.21 22.77 5.68
CA GLN D 567 15.18 22.97 6.74
C GLN D 567 15.66 21.63 7.24
N SER D 568 14.72 20.77 7.55
CA SER D 568 15.03 19.40 7.90
C SER D 568 15.98 18.77 6.89
N ALA D 569 15.73 18.92 5.59
CA ALA D 569 16.63 18.38 4.56
C ALA D 569 17.99 19.04 4.56
N SER D 570 18.05 20.35 4.78
CA SER D 570 19.31 21.06 4.85
C SER D 570 20.11 20.75 6.11
N GLY D 571 19.46 20.21 7.13
CA GLY D 571 20.15 19.81 8.35
C GLY D 571 20.87 18.50 8.13
N THR D 572 20.24 17.63 7.35
CA THR D 572 20.73 16.27 7.11
C THR D 572 21.73 16.31 5.97
N LYS D 573 21.45 17.16 4.99
CA LYS D 573 22.18 17.21 3.73
C LYS D 573 22.02 15.97 2.86
N ARG D 574 22.04 16.21 1.56
CA ARG D 574 21.87 15.17 0.54
C ARG D 574 20.56 14.44 0.69
N ARG D 575 19.49 15.20 0.76
CA ARG D 575 18.19 14.61 0.91
C ARG D 575 17.19 15.29 0.03
N VAL D 576 16.28 14.51 -0.52
CA VAL D 576 15.20 15.02 -1.33
C VAL D 576 13.88 14.58 -0.72
N PHE D 577 12.98 15.54 -0.50
CA PHE D 577 11.63 15.21 -0.09
C PHE D 577 10.68 15.14 -1.27
N ILE D 578 9.92 14.06 -1.30
CA ILE D 578 8.78 13.94 -2.21
C ILE D 578 7.51 14.18 -1.42
N ILE D 579 6.76 15.21 -1.80
CA ILE D 579 5.63 15.72 -0.98
C ILE D 579 4.36 15.73 -1.78
N GLU D 580 3.35 15.02 -1.31
CA GLU D 580 2.03 15.01 -1.95
C GLU D 580 1.15 16.11 -1.42
N THR D 581 0.56 16.89 -2.33
CA THR D 581 -0.37 17.96 -1.98
C THR D 581 -1.80 17.68 -2.43
N MET D 582 -2.74 18.48 -1.92
CA MET D 582 -4.14 18.34 -2.25
C MET D 582 -4.45 19.07 -3.55
N GLY D 583 -5.71 19.04 -3.92
CA GLY D 583 -6.21 19.79 -5.04
C GLY D 583 -7.03 18.94 -5.98
N GLY D 584 -7.13 17.65 -5.75
CA GLY D 584 -7.81 16.76 -6.66
C GLY D 584 -6.99 16.60 -7.95
N TYR D 585 -7.66 16.77 -9.08
CA TYR D 585 -6.99 16.84 -10.35
C TYR D 585 -6.49 18.27 -10.60
N CYS D 586 -6.83 19.21 -9.74
CA CYS D 586 -6.44 20.60 -9.94
C CYS D 586 -5.04 20.87 -9.41
N GLY D 587 -4.15 21.27 -10.30
CA GLY D 587 -2.73 21.44 -10.03
C GLY D 587 -2.38 22.75 -9.39
N TYR D 588 -3.38 23.56 -9.09
CA TYR D 588 -3.09 24.90 -8.58
C TYR D 588 -2.26 24.93 -7.32
N LEU D 589 -2.62 24.11 -6.34
CA LEU D 589 -1.91 24.13 -5.05
C LEU D 589 -0.49 23.59 -5.21
N ALA D 590 -0.31 22.52 -5.98
CA ALA D 590 1.04 21.95 -6.13
C ALA D 590 1.93 22.92 -6.88
N ASN D 591 1.35 23.56 -7.88
CA ASN D 591 2.11 24.43 -8.72
C ASN D 591 2.45 25.72 -8.02
N MET D 592 1.48 26.38 -7.42
CA MET D 592 1.74 27.66 -6.81
C MET D 592 2.55 27.43 -5.54
N GLY D 593 2.17 26.44 -4.76
CA GLY D 593 2.98 26.00 -3.64
C GLY D 593 4.43 25.69 -4.03
N GLY D 594 4.62 24.94 -5.12
CA GLY D 594 5.96 24.68 -5.64
C GLY D 594 6.76 25.96 -5.85
N LEU D 595 6.14 26.94 -6.49
CA LEU D 595 6.79 28.22 -6.73
C LEU D 595 7.12 28.98 -5.45
N ALA D 596 6.15 29.07 -4.55
CA ALA D 596 6.36 29.78 -3.31
C ALA D 596 7.40 29.13 -2.39
N ALA D 597 7.52 27.80 -2.47
CA ALA D 597 8.40 27.04 -1.60
C ALA D 597 9.78 26.87 -2.20
N GLY D 598 9.94 27.21 -3.47
CA GLY D 598 11.20 26.98 -4.15
C GLY D 598 11.46 25.52 -4.44
N ALA D 599 10.42 24.80 -4.81
CA ALA D 599 10.58 23.40 -5.12
C ALA D 599 11.38 23.27 -6.39
N ASP D 600 11.97 22.12 -6.55
CA ASP D 600 12.69 21.78 -7.77
C ASP D 600 11.79 21.19 -8.85
N ALA D 601 10.58 20.77 -8.49
CA ALA D 601 9.65 20.16 -9.41
C ALA D 601 8.25 20.06 -8.77
N ALA D 602 7.21 20.06 -9.61
CA ALA D 602 5.84 19.94 -9.18
C ALA D 602 5.05 19.21 -10.24
N TYR D 603 4.74 17.95 -9.99
CA TYR D 603 4.05 17.14 -10.96
C TYR D 603 2.56 17.37 -10.82
N ILE D 604 1.91 17.69 -11.94
CA ILE D 604 0.49 17.91 -11.94
C ILE D 604 -0.24 17.19 -13.07
N PHE D 605 -1.54 17.07 -12.92
CA PHE D 605 -2.35 16.35 -13.86
C PHE D 605 -2.42 17.06 -15.17
N GLU D 606 -2.42 18.38 -15.10
CA GLU D 606 -2.66 19.17 -16.31
C GLU D 606 -1.48 19.16 -17.28
N GLU D 607 -0.35 18.59 -16.88
CA GLU D 607 0.83 18.50 -17.74
C GLU D 607 1.40 17.09 -17.69
N PRO D 608 1.06 16.29 -18.71
CA PRO D 608 1.58 14.94 -18.71
C PRO D 608 3.10 14.92 -18.57
N PHE D 609 3.58 13.91 -17.87
CA PHE D 609 5.00 13.72 -17.72
C PHE D 609 5.26 12.24 -17.82
N ASP D 610 6.43 11.88 -18.30
CA ASP D 610 6.74 10.47 -18.52
C ASP D 610 8.05 10.15 -17.81
N ILE D 611 8.49 8.90 -17.93
CA ILE D 611 9.71 8.51 -17.24
C ILE D 611 10.88 9.29 -17.66
N ARG D 612 10.90 9.79 -18.89
CA ARG D 612 12.04 10.62 -19.34
C ARG D 612 12.09 11.93 -18.60
N ASP D 613 10.92 12.55 -18.42
CA ASP D 613 10.82 13.76 -17.63
C ASP D 613 11.30 13.53 -16.21
N LEU D 614 10.89 12.40 -15.62
CA LEU D 614 11.28 12.05 -14.26
C LEU D 614 12.80 11.81 -14.13
N GLN D 615 13.36 11.00 -15.02
CA GLN D 615 14.80 10.72 -15.07
C GLN D 615 15.59 12.04 -15.17
N SER D 616 15.07 12.95 -15.98
CA SER D 616 15.72 14.18 -16.24
C SER D 616 15.81 15.03 -15.00
N ASN D 617 14.73 15.10 -14.22
CA ASN D 617 14.79 15.86 -12.97
C ASN D 617 15.70 15.20 -11.94
N VAL D 618 15.78 13.87 -11.98
CA VAL D 618 16.67 13.15 -11.06
C VAL D 618 18.10 13.50 -11.39
N GLU D 619 18.40 13.53 -12.68
CA GLU D 619 19.75 13.86 -13.11
C GLU D 619 20.06 15.29 -12.75
N HIS D 620 19.11 16.19 -12.93
CA HIS D 620 19.33 17.57 -12.51
C HIS D 620 19.64 17.64 -11.02
N LEU D 621 18.81 16.99 -10.20
CA LEU D 621 19.04 17.00 -8.76
C LEU D 621 20.37 16.39 -8.38
N THR D 622 20.72 15.29 -9.01
CA THR D 622 22.03 14.71 -8.75
C THR D 622 23.14 15.71 -9.05
N GLU D 623 23.04 16.48 -10.13
CA GLU D 623 24.01 17.58 -10.36
C GLU D 623 24.00 18.59 -9.22
N LYS D 624 22.81 18.94 -8.74
CA LYS D 624 22.66 19.95 -7.70
C LYS D 624 23.36 19.53 -6.40
N MET D 625 23.49 18.22 -6.16
CA MET D 625 24.13 17.73 -4.95
C MET D 625 25.63 17.97 -4.96
N LYS D 626 26.20 18.24 -6.12
CA LYS D 626 27.60 18.69 -6.23
C LYS D 626 27.80 20.13 -5.76
N THR D 627 26.73 20.90 -5.64
CA THR D 627 26.80 22.27 -5.14
C THR D 627 26.67 22.29 -3.62
N THR D 628 26.56 23.50 -3.08
CA THR D 628 26.35 23.68 -1.65
C THR D 628 24.92 23.37 -1.20
N ILE D 629 23.95 23.59 -2.08
CA ILE D 629 22.54 23.45 -1.74
C ILE D 629 22.07 22.00 -1.90
N GLN D 630 22.35 21.20 -0.89
CA GLN D 630 22.24 19.74 -1.01
C GLN D 630 20.91 19.25 -0.47
N ARG D 631 19.86 19.89 -0.93
CA ARG D 631 18.52 19.55 -0.57
C ARG D 631 17.74 19.50 -1.84
N GLY D 632 16.63 18.80 -1.78
CA GLY D 632 15.64 18.90 -2.84
C GLY D 632 14.22 18.75 -2.40
N LEU D 633 13.33 19.34 -3.17
CA LEU D 633 11.92 19.35 -2.85
C LEU D 633 11.13 19.10 -4.12
N VAL D 634 10.40 17.99 -4.11
CA VAL D 634 9.56 17.63 -5.24
C VAL D 634 8.13 17.55 -4.77
N LEU D 635 7.23 18.32 -5.37
CA LEU D 635 5.78 18.26 -5.05
C LEU D 635 5.02 17.40 -6.07
N ARG D 636 4.05 16.66 -5.58
CA ARG D 636 3.23 15.81 -6.44
C ARG D 636 1.77 16.03 -6.09
N ASN D 637 1.03 16.63 -7.00
CA ASN D 637 -0.42 16.72 -6.84
C ASN D 637 -0.95 15.29 -6.67
N GLU D 638 -1.87 15.14 -5.74
CA GLU D 638 -2.37 13.82 -5.32
C GLU D 638 -2.97 12.94 -6.45
N SER D 639 -3.58 13.56 -7.45
CA SER D 639 -4.19 12.83 -8.54
C SER D 639 -3.52 13.03 -9.87
N CYS D 640 -2.25 13.43 -9.86
CA CYS D 640 -1.54 13.78 -11.10
C CYS D 640 -1.31 12.60 -12.04
N SER D 641 -1.30 11.37 -11.54
CA SER D 641 -1.08 10.21 -12.41
C SER D 641 -1.52 8.97 -11.72
N GLU D 642 -2.18 8.06 -12.44
CA GLU D 642 -2.65 6.81 -11.81
C GLU D 642 -1.52 5.82 -11.55
N ASN D 643 -0.55 5.75 -12.44
CA ASN D 643 0.62 4.90 -12.26
C ASN D 643 1.77 5.55 -11.53
N TYR D 644 2.06 6.80 -11.85
CA TYR D 644 3.19 7.46 -11.22
C TYR D 644 2.77 8.10 -9.91
N THR D 645 2.62 7.22 -8.91
CA THR D 645 2.12 7.60 -7.61
C THR D 645 3.20 8.30 -6.78
N THR D 646 2.83 8.79 -5.61
CA THR D 646 3.82 9.35 -4.73
C THR D 646 4.91 8.31 -4.40
N ASP D 647 4.53 7.04 -4.16
CA ASP D 647 5.52 6.02 -3.87
C ASP D 647 6.40 5.76 -5.09
N PHE D 648 5.79 5.70 -6.26
CA PHE D 648 6.55 5.43 -7.48
C PHE D 648 7.69 6.40 -7.61
N ILE D 649 7.36 7.67 -7.51
CA ILE D 649 8.35 8.71 -7.63
C ILE D 649 9.37 8.55 -6.51
N TYR D 650 8.90 8.35 -5.29
CA TYR D 650 9.80 8.14 -4.15
C TYR D 650 10.82 7.02 -4.44
N GLN D 651 10.33 5.98 -5.07
CA GLN D 651 11.16 4.83 -5.37
C GLN D 651 12.18 5.10 -6.46
N LEU D 652 11.77 5.83 -7.49
CA LEU D 652 12.65 6.15 -8.59
C LEU D 652 13.77 7.05 -8.12
N TYR D 653 13.42 8.14 -7.45
CA TYR D 653 14.41 9.09 -6.97
C TYR D 653 15.34 8.42 -6.01
N SER D 654 14.79 7.61 -5.13
CA SER D 654 15.58 6.90 -4.20
C SER D 654 16.61 5.97 -4.86
N GLU D 655 16.15 5.15 -5.80
CA GLU D 655 17.01 4.18 -6.46
C GLU D 655 18.08 4.82 -7.32
N GLU D 656 17.66 5.77 -8.16
CA GLU D 656 18.58 6.50 -9.04
C GLU D 656 19.40 7.55 -8.28
N GLY D 657 19.01 7.90 -7.07
CA GLY D 657 19.81 8.80 -6.25
C GLY D 657 20.83 8.07 -5.39
N LYS D 658 20.81 6.75 -5.42
CA LYS D 658 21.69 6.00 -4.52
C LYS D 658 23.13 6.43 -4.64
N GLY D 659 23.75 6.58 -3.48
CA GLY D 659 25.11 7.04 -3.41
C GLY D 659 25.27 8.53 -3.53
N VAL D 660 24.19 9.24 -3.80
CA VAL D 660 24.26 10.69 -3.92
C VAL D 660 23.29 11.38 -2.97
N PHE D 661 22.06 10.88 -2.90
CA PHE D 661 21.10 11.42 -1.94
C PHE D 661 20.09 10.36 -1.56
N ASP D 662 19.39 10.58 -0.47
CA ASP D 662 18.28 9.73 -0.11
C ASP D 662 16.96 10.53 -0.13
N CYS D 663 15.82 9.84 0.00
CA CYS D 663 14.50 10.52 -0.03
C CYS D 663 13.64 10.21 1.15
N ARG D 664 12.70 11.10 1.39
CA ARG D 664 11.62 10.81 2.25
C ARG D 664 10.36 11.26 1.56
N LYS D 665 9.25 10.60 1.86
CA LYS D 665 7.94 11.03 1.34
C LYS D 665 7.06 11.47 2.47
N ASN D 666 6.21 12.44 2.19
CA ASN D 666 5.32 12.99 3.17
C ASN D 666 4.04 13.30 2.42
N VAL D 667 2.90 12.82 2.91
CA VAL D 667 1.60 13.24 2.39
C VAL D 667 1.01 14.25 3.33
N LEU D 668 0.92 15.51 2.92
CA LEU D 668 0.51 16.58 3.84
C LEU D 668 -0.88 16.36 4.41
N GLY D 669 -1.84 15.94 3.61
CA GLY D 669 -3.15 15.61 4.11
C GLY D 669 -4.02 16.82 4.41
N HIS D 670 -5.05 16.59 5.20
CA HIS D 670 -6.02 17.60 5.57
C HIS D 670 -5.49 18.89 6.23
N MET D 671 -4.32 18.82 6.86
CA MET D 671 -3.77 20.00 7.54
C MET D 671 -3.49 21.11 6.54
N GLN D 672 -3.34 20.79 5.27
CA GLN D 672 -3.21 21.82 4.23
C GLN D 672 -4.38 22.76 4.15
N GLN D 673 -5.58 22.26 4.43
CA GLN D 673 -6.76 23.12 4.41
C GLN D 673 -6.42 24.35 5.25
N GLY D 674 -5.69 24.14 6.35
CA GLY D 674 -5.21 25.22 7.23
C GLY D 674 -6.33 25.47 8.23
N GLY D 675 -6.24 26.57 8.94
CA GLY D 675 -7.22 26.95 9.98
C GLY D 675 -7.94 28.27 9.69
N ALA D 676 -7.59 29.34 10.41
CA ALA D 676 -8.19 30.65 10.18
C ALA D 676 -7.79 31.12 8.82
N PRO D 677 -8.71 31.78 8.11
CA PRO D 677 -8.37 32.24 6.79
C PRO D 677 -7.34 33.36 6.79
N SER D 678 -6.56 33.37 5.75
CA SER D 678 -5.63 34.47 5.48
C SER D 678 -6.39 35.73 5.19
N PRO D 679 -5.74 36.88 5.36
CA PRO D 679 -6.36 38.18 5.02
C PRO D 679 -6.93 38.28 3.60
N PHE D 680 -6.23 37.73 2.64
CA PHE D 680 -6.75 37.64 1.29
C PHE D 680 -8.06 36.85 1.27
N ASP D 681 -8.11 35.67 1.89
CA ASP D 681 -9.34 34.87 1.83
C ASP D 681 -10.49 35.50 2.60
N ARG D 682 -10.19 36.18 3.70
CA ARG D 682 -11.22 36.91 4.41
C ARG D 682 -11.86 37.96 3.52
N ASN D 683 -11.01 38.77 2.92
CA ASN D 683 -11.47 39.86 2.10
C ASN D 683 -12.07 39.43 0.79
N PHE D 684 -11.50 38.40 0.17
CA PHE D 684 -12.10 37.82 -1.02
C PHE D 684 -13.51 37.39 -0.64
N GLY D 685 -13.62 36.56 0.38
CA GLY D 685 -14.94 36.07 0.81
C GLY D 685 -15.94 37.20 1.01
N THR D 686 -15.50 38.22 1.73
CA THR D 686 -16.33 39.35 2.04
C THR D 686 -16.78 40.13 0.80
N LYS D 687 -15.81 40.50 -0.03
CA LYS D 687 -16.08 41.34 -1.18
C LYS D 687 -16.91 40.64 -2.21
N ILE D 688 -16.51 39.43 -2.57
CA ILE D 688 -17.20 38.72 -3.65
C ILE D 688 -18.64 38.42 -3.22
N SER D 689 -18.89 38.16 -1.94
CA SER D 689 -20.25 37.83 -1.50
C SER D 689 -21.14 39.06 -1.53
N ALA D 690 -20.59 40.18 -1.09
CA ALA D 690 -21.26 41.46 -1.16
C ALA D 690 -21.71 41.72 -2.59
N ARG D 691 -20.83 41.45 -3.53
CA ARG D 691 -21.12 41.69 -4.93
C ARG D 691 -22.24 40.78 -5.44
N ALA D 692 -22.25 39.54 -4.96
CA ALA D 692 -23.27 38.56 -5.34
C ALA D 692 -24.63 38.97 -4.82
N MET D 693 -24.64 39.53 -3.62
CA MET D 693 -25.88 40.02 -3.03
C MET D 693 -26.45 41.23 -3.79
N GLU D 694 -25.58 42.13 -4.25
CA GLU D 694 -26.01 43.24 -5.07
C GLU D 694 -26.70 42.75 -6.33
N TRP D 695 -26.15 41.70 -6.90
CA TRP D 695 -26.71 41.13 -8.12
C TRP D 695 -28.05 40.51 -7.87
N ILE D 696 -28.21 39.89 -6.71
CA ILE D 696 -29.47 39.29 -6.33
C ILE D 696 -30.55 40.36 -6.15
N THR D 697 -30.23 41.38 -5.36
CA THR D 697 -31.13 42.50 -5.16
C THR D 697 -31.55 43.14 -6.48
N ALA D 698 -30.59 43.31 -7.39
CA ALA D 698 -30.84 43.91 -8.70
C ALA D 698 -31.76 43.02 -9.53
N LYS D 699 -31.52 41.72 -9.55
CA LYS D 699 -32.40 40.79 -10.27
C LYS D 699 -33.82 40.81 -9.72
N LEU D 700 -33.94 40.97 -8.40
CA LEU D 700 -35.26 40.96 -7.77
C LEU D 700 -36.07 42.22 -8.14
N LYS D 701 -35.40 43.31 -8.46
CA LYS D 701 -36.05 44.50 -9.03
C LYS D 701 -36.49 44.33 -10.51
N GLU D 702 -37.24 43.26 -10.81
CA GLU D 702 -37.61 42.90 -12.19
C GLU D 702 -38.78 41.91 -12.20
N THR D 711 -38.10 32.79 -15.84
CA THR D 711 -36.66 32.84 -15.54
C THR D 711 -35.82 31.94 -16.50
N THR D 712 -34.68 32.49 -16.93
CA THR D 712 -33.83 31.90 -17.99
C THR D 712 -32.38 31.61 -17.56
N ASP D 713 -31.52 31.27 -18.52
CA ASP D 713 -30.11 30.92 -18.25
C ASP D 713 -29.33 31.96 -17.45
N ASP D 714 -29.54 33.24 -17.77
CA ASP D 714 -28.78 34.32 -17.14
C ASP D 714 -29.17 34.63 -15.69
N SER D 715 -30.09 33.87 -15.11
CA SER D 715 -30.44 34.06 -13.72
C SER D 715 -29.79 33.01 -12.84
N ILE D 716 -29.05 32.06 -13.43
CA ILE D 716 -28.29 31.06 -12.66
C ILE D 716 -26.82 31.16 -13.02
N CYS D 717 -26.02 31.74 -12.12
CA CYS D 717 -24.68 32.21 -12.47
C CYS D 717 -23.59 31.86 -11.48
N VAL D 718 -22.36 31.84 -11.98
CA VAL D 718 -21.19 31.81 -11.12
C VAL D 718 -20.58 33.19 -11.13
N LEU D 719 -20.41 33.77 -9.96
CA LEU D 719 -19.70 35.03 -9.85
C LEU D 719 -18.23 34.73 -9.61
N GLY D 720 -17.42 34.88 -10.63
CA GLY D 720 -16.02 34.53 -10.54
C GLY D 720 -15.12 35.68 -10.91
N ILE D 721 -13.83 35.49 -10.63
CA ILE D 721 -12.81 36.44 -11.04
C ILE D 721 -12.22 36.05 -12.39
N SER D 722 -12.19 36.99 -13.34
CA SER D 722 -11.60 36.77 -14.66
C SER D 722 -10.74 37.97 -15.02
N LYS D 723 -9.42 37.81 -14.90
CA LYS D 723 -8.42 38.85 -15.27
C LYS D 723 -8.86 40.28 -15.04
N ARG D 724 -8.74 40.75 -13.80
CA ARG D 724 -9.05 42.14 -13.43
C ARG D 724 -10.52 42.33 -13.08
N ASN D 725 -11.38 41.48 -13.62
CA ASN D 725 -12.82 41.67 -13.49
C ASN D 725 -13.47 40.57 -12.70
N VAL D 726 -14.48 40.93 -11.94
CA VAL D 726 -15.41 39.95 -11.36
C VAL D 726 -16.67 39.91 -12.20
N ILE D 727 -17.05 38.73 -12.68
CA ILE D 727 -18.11 38.59 -13.65
C ILE D 727 -19.09 37.47 -13.42
N PHE D 728 -20.33 37.70 -13.82
CA PHE D 728 -21.40 36.73 -13.69
C PHE D 728 -21.54 35.91 -14.95
N GLN D 729 -21.33 34.62 -14.84
CA GLN D 729 -21.41 33.75 -16.02
C GLN D 729 -22.46 32.68 -15.82
N PRO D 730 -23.42 32.60 -16.75
CA PRO D 730 -24.42 31.53 -16.70
C PRO D 730 -23.77 30.16 -16.58
N VAL D 731 -24.27 29.33 -15.66
CA VAL D 731 -23.75 27.99 -15.55
C VAL D 731 -23.88 27.20 -16.86
N ALA D 732 -24.92 27.47 -17.64
CA ALA D 732 -25.08 26.79 -18.94
C ALA D 732 -23.90 27.07 -19.87
N GLU D 733 -23.37 28.28 -19.82
CA GLU D 733 -22.21 28.66 -20.64
C GLU D 733 -20.90 28.09 -20.10
N LEU D 734 -20.86 27.76 -18.82
CA LEU D 734 -19.65 27.19 -18.22
C LEU D 734 -19.47 25.71 -18.47
N LYS D 735 -20.51 25.01 -18.90
CA LYS D 735 -20.42 23.58 -19.16
C LYS D 735 -19.37 23.26 -20.22
N LYS D 736 -19.38 24.01 -21.30
CA LYS D 736 -18.48 23.85 -22.43
C LYS D 736 -17.02 24.02 -21.97
N GLN D 737 -16.83 24.86 -20.96
CA GLN D 737 -15.53 25.20 -20.42
C GLN D 737 -15.05 24.29 -19.27
N THR D 738 -15.75 23.19 -19.02
CA THR D 738 -15.49 22.38 -17.84
C THR D 738 -15.17 20.96 -18.24
N ASP D 739 -14.20 20.37 -17.54
CA ASP D 739 -13.94 18.93 -17.59
C ASP D 739 -14.62 18.23 -16.43
N PHE D 740 -15.79 17.64 -16.67
CA PHE D 740 -16.61 17.06 -15.60
C PHE D 740 -16.03 15.80 -15.02
N GLU D 741 -15.26 15.08 -15.81
CA GLU D 741 -14.65 13.84 -15.36
C GLU D 741 -13.62 14.10 -14.25
N HIS D 742 -12.83 15.16 -14.42
CA HIS D 742 -11.77 15.48 -13.46
C HIS D 742 -12.08 16.69 -12.56
N ARG D 743 -13.30 17.23 -12.71
CA ARG D 743 -13.76 18.41 -11.97
C ARG D 743 -12.74 19.54 -11.99
N ILE D 744 -12.26 19.89 -13.17
CA ILE D 744 -11.43 21.09 -13.30
C ILE D 744 -11.85 21.89 -14.50
N PRO D 745 -11.49 23.16 -14.54
CA PRO D 745 -11.72 23.95 -15.73
C PRO D 745 -10.87 23.46 -16.88
N LYS D 746 -11.31 23.71 -18.12
CA LYS D 746 -10.53 23.35 -19.31
C LYS D 746 -9.35 24.27 -19.55
N GLU D 747 -9.52 25.54 -19.23
CA GLU D 747 -8.49 26.53 -19.45
C GLU D 747 -8.17 27.07 -18.07
N GLN D 748 -6.91 27.00 -17.69
CA GLN D 748 -6.49 27.46 -16.37
C GLN D 748 -5.36 28.44 -16.54
N TRP D 749 -5.60 29.65 -16.08
CA TRP D 749 -4.70 30.76 -16.36
C TRP D 749 -3.27 30.52 -15.92
N TRP D 750 -3.12 29.83 -14.79
CA TRP D 750 -1.83 29.70 -14.10
C TRP D 750 -0.85 28.75 -14.81
N LEU D 751 -1.33 27.95 -15.75
CA LEU D 751 -0.44 27.09 -16.54
C LEU D 751 0.61 27.82 -17.38
N LYS D 752 0.36 29.09 -17.69
CA LYS D 752 1.35 29.91 -18.36
C LYS D 752 2.60 30.14 -17.47
N LEU D 753 2.44 29.98 -16.16
CA LEU D 753 3.58 30.09 -15.23
C LEU D 753 4.47 28.85 -15.11
N ARG D 754 4.12 27.75 -15.74
CA ARG D 754 4.89 26.51 -15.54
C ARG D 754 6.38 26.66 -15.81
N PRO D 755 6.76 27.42 -16.86
CA PRO D 755 8.20 27.58 -17.07
C PRO D 755 8.97 28.16 -15.89
N LEU D 756 8.30 28.93 -15.03
CA LEU D 756 8.97 29.59 -13.91
C LEU D 756 9.63 28.65 -12.93
N MET D 757 9.05 27.46 -12.70
CA MET D 757 9.58 26.54 -11.70
C MET D 757 10.96 26.03 -12.11
N LYS D 758 11.07 25.69 -13.40
CA LYS D 758 12.35 25.24 -14.00
C LYS D 758 13.40 26.29 -13.73
N ILE D 759 13.09 27.51 -14.15
CA ILE D 759 14.01 28.64 -14.09
C ILE D 759 14.38 28.95 -12.66
N LEU D 760 13.38 29.15 -11.84
CA LEU D 760 13.62 29.65 -10.51
C LEU D 760 14.27 28.64 -9.66
N ALA D 761 14.26 27.34 -9.99
CA ALA D 761 15.05 26.36 -9.22
C ALA D 761 16.45 26.15 -9.82
#